data_8XBM
#
_entry.id   8XBM
#
_cell.length_a   1.00
_cell.length_b   1.00
_cell.length_c   1.00
_cell.angle_alpha   90.00
_cell.angle_beta   90.00
_cell.angle_gamma   90.00
#
_symmetry.space_group_name_H-M   'P 1'
#
loop_
_entity.id
_entity.type
_entity.pdbx_description
1 polymer 'Gap junction alpha-1 protein'
2 non-polymer '[(2R)-2-octanoyloxy-3-[oxidanyl-[(1R,2R,3S,4R,5R,6S)-2,3,6-tris(oxidanyl)-4,5-diphosphonooxy-cyclohexyl]oxy-phosphoryl]oxy-propyl] octanoate'
#
_entity_poly.entity_id   1
_entity_poly.type   'polypeptide(L)'
_entity_poly.pdbx_seq_one_letter_code
;(ACE)GDWSALGKLLDKVQAYSTAGGKVWLSVLFIFRILLLGTAVESAWGDEQSAFRCNTQQPGCENVCYDKSFPISHVR
FWVLQIIFVSVPTLLYLAHVFYVMRKEEKLNKKEEELKVAQTDGVNVDMHLKQIEIKKFKYGIEEHGKVKMRGGLLRTYI
ISILFKSIFEVAFLLIQWYIYGFSLSAVYTCKRDPCPHQVDCFLSRPTEKTIFIIFMLVVSLVSLALNIIELFYVFFKGV
KDRVKGKSDPYHATSGALSPA
;
_entity_poly.pdbx_strand_id   A,B,C,D,E,F,G,H,I,J,K,L
#
loop_
_chem_comp.id
_chem_comp.type
_chem_comp.name
_chem_comp.formula
ACE non-polymer 'ACETYL GROUP' 'C2 H4 O'
PIO non-polymer '[(2R)-2-octanoyloxy-3-[oxidanyl-[(1R,2R,3S,4R,5R,6S)-2,3,6-tris(oxidanyl)-4,5-diphosphonooxy-cyclohexyl]oxy-phosphoryl]oxy-propyl] octanoate' 'C25 H49 O19 P3'
#
# COMPACT_ATOMS: atom_id res chain seq x y z
N GLY A 2 12.96 37.53 4.29
CA GLY A 2 14.11 37.44 5.17
C GLY A 2 14.12 38.50 6.25
N ASP A 3 15.31 38.75 6.81
CA ASP A 3 15.49 39.74 7.87
C ASP A 3 16.71 40.61 7.61
N TRP A 4 17.09 40.76 6.34
CA TRP A 4 18.28 41.52 5.97
C TRP A 4 18.08 43.04 6.07
N SER A 5 16.99 43.50 6.71
CA SER A 5 16.71 44.92 6.74
C SER A 5 17.77 45.69 7.55
N ALA A 6 18.19 45.14 8.70
CA ALA A 6 19.12 45.86 9.55
C ALA A 6 20.49 46.00 8.90
N LEU A 7 21.01 44.90 8.34
CA LEU A 7 22.31 44.94 7.68
C LEU A 7 22.27 45.85 6.46
N GLY A 8 21.18 45.80 5.69
CA GLY A 8 21.04 46.69 4.55
C GLY A 8 21.00 48.15 4.96
N LYS A 9 20.28 48.45 6.05
CA LYS A 9 20.24 49.83 6.55
C LYS A 9 21.63 50.30 6.98
N LEU A 10 22.37 49.43 7.68
CA LEU A 10 23.70 49.82 8.13
C LEU A 10 24.64 50.04 6.95
N LEU A 11 24.53 49.19 5.92
CA LEU A 11 25.36 49.39 4.73
C LEU A 11 24.96 50.65 3.98
N ASP A 12 23.67 50.97 3.95
CA ASP A 12 23.23 52.23 3.37
C ASP A 12 23.78 53.42 4.15
N LYS A 13 23.87 53.28 5.46
CA LYS A 13 24.48 54.34 6.28
C LYS A 13 25.97 54.48 5.96
N VAL A 14 26.68 53.36 5.81
CA VAL A 14 28.13 53.43 5.62
C VAL A 14 28.54 53.82 4.21
N GLN A 15 27.69 53.60 3.20
CA GLN A 15 28.11 53.88 1.83
C GLN A 15 28.24 55.38 1.55
N ALA A 16 27.79 56.24 2.45
CA ALA A 16 27.83 57.68 2.18
C ALA A 16 29.26 58.18 1.98
N TYR A 17 30.19 57.74 2.82
CA TYR A 17 31.58 58.16 2.74
C TYR A 17 32.44 56.94 2.45
N SER A 18 32.76 56.73 1.18
CA SER A 18 33.61 55.62 0.77
C SER A 18 34.20 55.93 -0.60
N THR A 19 35.24 55.19 -0.95
CA THR A 19 35.87 55.35 -2.26
C THR A 19 34.96 54.75 -3.34
N ALA A 20 35.29 55.08 -4.59
CA ALA A 20 34.48 54.59 -5.71
C ALA A 20 34.48 53.07 -5.79
N GLY A 21 35.65 52.46 -5.60
CA GLY A 21 35.72 51.00 -5.59
C GLY A 21 34.88 50.39 -4.49
N GLY A 22 34.90 51.02 -3.31
CA GLY A 22 34.05 50.54 -2.22
C GLY A 22 32.57 50.65 -2.56
N LYS A 23 32.17 51.75 -3.19
CA LYS A 23 30.78 51.91 -3.58
C LYS A 23 30.37 50.86 -4.61
N VAL A 24 31.23 50.58 -5.59
CA VAL A 24 30.93 49.55 -6.57
C VAL A 24 30.82 48.19 -5.92
N TRP A 25 31.72 47.90 -4.97
CA TRP A 25 31.66 46.63 -4.26
C TRP A 25 30.37 46.50 -3.46
N LEU A 26 29.96 47.58 -2.79
CA LEU A 26 28.70 47.56 -2.05
C LEU A 26 27.52 47.35 -2.99
N SER A 27 27.55 47.99 -4.15
CA SER A 27 26.46 47.83 -5.11
C SER A 27 26.36 46.39 -5.61
N VAL A 28 27.50 45.79 -5.97
CA VAL A 28 27.46 44.42 -6.47
C VAL A 28 27.07 43.45 -5.36
N LEU A 29 27.51 43.71 -4.13
CA LEU A 29 27.09 42.88 -3.00
C LEU A 29 25.58 42.97 -2.78
N PHE A 30 25.02 44.18 -2.88
CA PHE A 30 23.57 44.33 -2.72
C PHE A 30 22.80 43.65 -3.84
N ILE A 31 23.30 43.75 -5.08
CA ILE A 31 22.53 43.27 -6.23
C ILE A 31 22.65 41.76 -6.35
N PHE A 32 23.88 41.26 -6.55
CA PHE A 32 24.06 39.86 -6.89
C PHE A 32 24.11 38.94 -5.68
N ARG A 33 24.77 39.36 -4.60
CA ARG A 33 24.93 38.48 -3.45
C ARG A 33 23.64 38.35 -2.65
N ILE A 34 22.93 39.45 -2.42
CA ILE A 34 21.78 39.46 -1.52
C ILE A 34 20.49 39.28 -2.30
N LEU A 35 20.23 40.17 -3.25
CA LEU A 35 18.94 40.18 -3.95
C LEU A 35 18.73 38.88 -4.72
N LEU A 36 19.75 38.44 -5.47
CA LEU A 36 19.60 37.25 -6.29
C LEU A 36 19.38 36.00 -5.43
N LEU A 37 20.13 35.87 -4.34
CA LEU A 37 19.98 34.70 -3.47
C LEU A 37 18.59 34.67 -2.84
N GLY A 38 18.10 35.82 -2.37
CA GLY A 38 16.79 35.85 -1.75
C GLY A 38 15.66 35.60 -2.72
N THR A 39 15.78 36.13 -3.94
CA THR A 39 14.66 36.09 -4.88
C THR A 39 14.42 34.69 -5.42
N ALA A 40 15.42 34.10 -6.07
CA ALA A 40 15.19 32.88 -6.82
C ALA A 40 16.12 31.73 -6.44
N VAL A 41 17.33 32.05 -6.00
CA VAL A 41 18.32 31.00 -5.74
C VAL A 41 17.88 30.10 -4.59
N GLU A 42 17.38 30.71 -3.50
CA GLU A 42 17.03 29.93 -2.32
C GLU A 42 15.83 29.02 -2.56
N SER A 43 15.02 29.30 -3.59
CA SER A 43 13.87 28.45 -3.86
C SER A 43 14.28 27.11 -4.47
N ALA A 44 15.44 27.06 -5.13
CA ALA A 44 15.90 25.80 -5.70
C ALA A 44 16.16 24.76 -4.62
N TRP A 45 16.79 25.16 -3.53
CA TRP A 45 17.01 24.26 -2.40
C TRP A 45 15.79 24.21 -1.50
N GLY A 46 14.62 23.93 -2.07
CA GLY A 46 13.39 23.89 -1.31
C GLY A 46 12.97 22.49 -0.94
N ASP A 47 13.36 21.51 -1.74
CA ASP A 47 13.01 20.12 -1.50
C ASP A 47 14.22 19.22 -1.71
N GLU A 48 15.39 19.67 -1.29
CA GLU A 48 16.59 18.84 -1.40
C GLU A 48 16.57 17.66 -0.44
N GLN A 49 15.63 17.63 0.50
CA GLN A 49 15.48 16.53 1.44
C GLN A 49 14.34 15.59 1.09
N SER A 50 13.20 16.12 0.67
CA SER A 50 12.05 15.28 0.35
C SER A 50 12.23 14.57 -0.99
N ALA A 51 12.85 15.21 -1.96
CA ALA A 51 13.05 14.59 -3.27
C ALA A 51 14.22 13.63 -3.28
N PHE A 52 15.08 13.65 -2.27
CA PHE A 52 16.19 12.71 -2.18
C PHE A 52 15.66 11.32 -1.88
N ARG A 53 16.13 10.33 -2.64
CA ARG A 53 15.69 8.95 -2.45
C ARG A 53 16.81 8.01 -2.85
N CYS A 54 16.78 6.81 -2.26
CA CYS A 54 17.79 5.79 -2.50
C CYS A 54 17.13 4.50 -2.97
N ASN A 55 17.94 3.62 -3.54
CA ASN A 55 17.45 2.35 -4.08
C ASN A 55 17.66 1.24 -3.05
N THR A 56 16.86 1.31 -1.99
CA THR A 56 16.87 0.28 -0.96
C THR A 56 15.60 0.37 -0.15
N GLN A 57 15.32 -0.70 0.60
CA GLN A 57 14.19 -0.74 1.52
C GLN A 57 14.65 -0.94 2.96
N GLN A 58 15.92 -0.71 3.24
CA GLN A 58 16.42 -0.76 4.61
C GLN A 58 15.99 0.48 5.36
N PRO A 59 15.29 0.37 6.49
CA PRO A 59 14.84 1.56 7.20
C PRO A 59 16.00 2.40 7.70
N GLY A 60 15.87 3.72 7.56
CA GLY A 60 16.82 4.66 8.08
C GLY A 60 18.06 4.89 7.24
N CYS A 61 18.18 4.21 6.09
CA CYS A 61 19.36 4.41 5.26
C CYS A 61 19.32 5.73 4.51
N GLU A 62 18.12 6.21 4.15
CA GLU A 62 18.01 7.45 3.40
C GLU A 62 18.52 8.64 4.19
N ASN A 63 18.16 8.74 5.46
CA ASN A 63 18.62 9.85 6.29
C ASN A 63 20.14 9.83 6.44
N VAL A 64 20.71 8.65 6.69
CA VAL A 64 22.15 8.53 6.85
C VAL A 64 22.87 8.92 5.56
N CYS A 65 22.36 8.45 4.41
CA CYS A 65 23.00 8.77 3.14
C CYS A 65 22.90 10.27 2.83
N TYR A 66 21.75 10.89 3.12
CA TYR A 66 21.65 12.33 2.91
C TYR A 66 22.61 13.10 3.80
N ASP A 67 22.71 12.71 5.08
CA ASP A 67 23.64 13.37 5.98
C ASP A 67 25.08 13.20 5.50
N LYS A 68 25.41 12.03 4.95
CA LYS A 68 26.73 11.82 4.39
C LYS A 68 26.96 12.70 3.17
N SER A 69 25.95 12.86 2.33
CA SER A 69 26.14 13.55 1.06
C SER A 69 26.29 15.06 1.24
N PHE A 70 25.47 15.66 2.11
CA PHE A 70 25.44 17.11 2.29
C PHE A 70 25.75 17.45 3.73
N PRO A 71 27.02 17.64 4.08
CA PRO A 71 27.36 18.09 5.44
C PRO A 71 26.72 19.42 5.80
N ILE A 72 26.62 20.34 4.85
CA ILE A 72 25.99 21.64 5.08
C ILE A 72 25.47 22.17 3.75
N SER A 73 24.24 22.67 3.77
CA SER A 73 23.61 23.15 2.54
C SER A 73 24.34 24.36 1.99
N HIS A 74 24.28 24.51 0.66
CA HIS A 74 24.97 25.61 0.01
C HIS A 74 24.37 26.96 0.40
N VAL A 75 23.05 27.02 0.57
CA VAL A 75 22.39 28.29 0.87
C VAL A 75 22.87 28.82 2.23
N ARG A 76 22.93 27.94 3.23
CA ARG A 76 23.42 28.35 4.54
C ARG A 76 24.88 28.75 4.49
N PHE A 77 25.69 28.02 3.70
CA PHE A 77 27.09 28.38 3.54
C PHE A 77 27.24 29.77 2.93
N TRP A 78 26.44 30.08 1.92
CA TRP A 78 26.51 31.39 1.28
C TRP A 78 26.02 32.49 2.22
N VAL A 79 25.00 32.20 3.03
CA VAL A 79 24.54 33.18 4.01
C VAL A 79 25.64 33.48 5.02
N LEU A 80 26.29 32.42 5.52
CA LEU A 80 27.40 32.62 6.46
C LEU A 80 28.53 33.42 5.82
N GLN A 81 28.84 33.12 4.55
CA GLN A 81 29.88 33.87 3.85
C GLN A 81 29.51 35.35 3.73
N ILE A 82 28.27 35.63 3.36
CA ILE A 82 27.83 37.02 3.23
C ILE A 82 27.94 37.74 4.57
N ILE A 83 27.54 37.07 5.65
CA ILE A 83 27.66 37.67 6.97
C ILE A 83 29.12 37.93 7.32
N PHE A 84 30.00 36.97 7.02
CA PHE A 84 31.40 37.08 7.40
C PHE A 84 32.23 38.00 6.49
N VAL A 85 31.66 38.48 5.39
CA VAL A 85 32.40 39.40 4.54
C VAL A 85 31.71 40.77 4.58
N SER A 86 31.17 41.13 5.75
CA SER A 86 30.57 42.45 5.94
C SER A 86 30.98 43.14 7.24
N VAL A 87 31.60 42.44 8.18
CA VAL A 87 31.96 43.07 9.46
C VAL A 87 32.97 44.20 9.31
N PRO A 88 34.08 44.04 8.58
CA PRO A 88 35.09 45.11 8.56
C PRO A 88 34.57 46.45 8.04
N THR A 89 33.59 46.44 7.13
CA THR A 89 32.96 47.69 6.73
C THR A 89 32.27 48.36 7.91
N LEU A 90 31.60 47.57 8.75
CA LEU A 90 30.98 48.13 9.95
C LEU A 90 32.04 48.65 10.92
N LEU A 91 33.18 47.98 11.01
CA LEU A 91 34.28 48.49 11.84
C LEU A 91 34.77 49.85 11.34
N TYR A 92 34.92 49.98 10.02
CA TYR A 92 35.30 51.26 9.44
C TYR A 92 34.25 52.32 9.73
N LEU A 93 32.98 51.95 9.65
CA LEU A 93 31.90 52.89 9.98
C LEU A 93 32.00 53.35 11.43
N ALA A 94 32.29 52.42 12.35
CA ALA A 94 32.43 52.77 13.75
C ALA A 94 33.61 53.73 13.95
N HIS A 95 34.72 53.47 13.28
CA HIS A 95 35.87 54.37 13.40
C HIS A 95 35.55 55.76 12.85
N VAL A 96 34.81 55.81 11.75
CA VAL A 96 34.39 57.10 11.19
C VAL A 96 33.49 57.85 12.18
N PHE A 97 32.58 57.13 12.83
CA PHE A 97 31.73 57.77 13.83
C PHE A 97 32.53 58.28 15.02
N TYR A 98 33.57 57.52 15.42
CA TYR A 98 34.46 58.00 16.48
C TYR A 98 35.17 59.28 16.06
N VAL A 99 35.63 59.34 14.81
CA VAL A 99 36.26 60.56 14.29
C VAL A 99 35.27 61.71 14.32
N MET A 100 34.01 61.45 13.96
CA MET A 100 32.98 62.49 14.00
C MET A 100 32.76 63.00 15.41
N ARG A 101 32.73 62.09 16.39
CA ARG A 101 32.58 62.51 17.78
C ARG A 101 33.75 63.38 18.22
N LYS A 102 34.97 62.99 17.87
CA LYS A 102 36.14 63.79 18.21
C LYS A 102 36.05 65.18 17.56
N GLU A 103 35.59 65.22 16.30
CA GLU A 103 35.43 66.50 15.60
C GLU A 103 34.41 67.38 16.32
N GLU A 104 33.29 66.80 16.74
CA GLU A 104 32.27 67.58 17.43
C GLU A 104 32.79 68.14 18.75
N LYS A 105 33.51 67.32 19.51
CA LYS A 105 34.05 67.81 20.78
C LYS A 105 35.09 68.90 20.56
N LEU A 106 35.97 68.73 19.57
CA LEU A 106 36.97 69.76 19.29
C LEU A 106 36.32 71.05 18.82
N ASN A 107 35.27 70.95 18.00
CA ASN A 107 34.53 72.14 17.57
C ASN A 107 33.89 72.83 18.76
N LYS A 108 33.32 72.06 19.70
CA LYS A 108 32.75 72.67 20.89
C LYS A 108 33.82 73.41 21.70
N LYS A 109 34.99 72.79 21.86
CA LYS A 109 36.07 73.45 22.62
C LYS A 109 36.53 74.72 21.92
N GLU A 110 36.64 74.71 20.59
CA GLU A 110 37.13 75.90 19.92
C GLU A 110 36.08 76.99 19.96
N GLU A 111 34.79 76.64 19.80
CA GLU A 111 33.74 77.63 19.94
C GLU A 111 33.76 78.25 21.31
N GLU A 112 34.09 77.44 22.34
CA GLU A 112 34.25 77.97 23.69
C GLU A 112 35.39 78.97 23.74
N LEU A 113 36.51 78.66 23.08
CA LEU A 113 37.67 79.54 23.13
C LEU A 113 37.35 80.90 22.51
N LYS A 114 36.67 80.90 21.36
CA LYS A 114 36.38 82.14 20.64
C LYS A 114 35.35 82.98 21.40
N MET A 125 47.98 80.18 21.57
CA MET A 125 48.56 78.94 21.08
C MET A 125 47.52 77.82 21.03
N HIS A 126 46.40 78.03 21.71
CA HIS A 126 45.32 77.04 21.70
C HIS A 126 44.75 76.88 20.31
N LEU A 127 44.63 77.98 19.56
CA LEU A 127 44.17 77.89 18.18
C LEU A 127 45.12 77.04 17.35
N LYS A 128 46.44 77.18 17.58
CA LYS A 128 47.41 76.41 16.82
C LYS A 128 47.22 74.91 17.04
N GLN A 129 47.08 74.50 18.31
CA GLN A 129 46.93 73.07 18.59
C GLN A 129 45.57 72.55 18.11
N ILE A 130 44.53 73.38 18.21
CA ILE A 130 43.22 72.97 17.69
C ILE A 130 43.31 72.73 16.19
N GLU A 131 43.96 73.64 15.46
CA GLU A 131 44.10 73.50 14.02
C GLU A 131 44.96 72.29 13.66
N ILE A 132 46.05 72.06 14.41
CA ILE A 132 46.91 70.92 14.10
C ILE A 132 46.18 69.60 14.38
N LYS A 133 45.33 69.57 15.41
CA LYS A 133 44.55 68.37 15.67
C LYS A 133 43.47 68.17 14.62
N LYS A 134 42.91 69.27 14.10
CA LYS A 134 41.87 69.15 13.09
C LYS A 134 42.46 68.72 11.75
N PHE A 135 43.69 69.12 11.48
CA PHE A 135 44.37 68.68 10.26
C PHE A 135 44.86 67.24 10.39
N LYS A 136 45.31 66.84 11.59
CA LYS A 136 45.84 65.49 11.76
C LYS A 136 44.77 64.44 11.51
N TYR A 137 43.55 64.68 12.00
CA TYR A 137 42.44 63.78 11.76
C TYR A 137 41.74 64.04 10.43
N GLY A 138 42.21 65.03 9.66
CA GLY A 138 41.59 65.35 8.38
C GLY A 138 40.20 65.92 8.47
N ILE A 139 39.94 66.75 9.48
CA ILE A 139 38.63 67.36 9.69
C ILE A 139 38.83 68.86 9.59
N GLU A 140 38.54 69.41 8.41
CA GLU A 140 38.71 70.84 8.16
C GLU A 140 37.41 71.53 7.75
N GLU A 141 36.63 70.92 6.86
CA GLU A 141 35.47 71.56 6.26
C GLU A 141 34.17 71.24 6.98
N HIS A 142 34.24 70.54 8.12
CA HIS A 142 33.06 70.17 8.90
C HIS A 142 32.07 69.35 8.05
N GLY A 143 32.54 68.18 7.63
CA GLY A 143 31.72 67.30 6.81
C GLY A 143 32.46 66.75 5.59
N LYS A 144 33.77 66.95 5.55
CA LYS A 144 34.61 66.50 4.45
C LYS A 144 35.80 65.70 5.00
N VAL A 145 35.50 64.73 5.86
CA VAL A 145 36.54 63.93 6.50
C VAL A 145 37.38 63.23 5.44
N LYS A 146 38.69 63.38 5.55
CA LYS A 146 39.65 62.80 4.62
C LYS A 146 40.35 61.62 5.27
N MET A 147 40.91 60.75 4.44
CA MET A 147 41.62 59.57 4.91
C MET A 147 43.10 59.90 5.06
N ARG A 148 43.59 59.86 6.30
CA ARG A 148 44.98 60.18 6.58
C ARG A 148 45.36 59.65 7.94
N GLY A 149 46.43 58.85 7.99
CA GLY A 149 46.99 58.38 9.24
C GLY A 149 46.33 57.14 9.82
N GLY A 150 45.15 57.31 10.41
CA GLY A 150 44.48 56.19 11.06
C GLY A 150 43.36 55.59 10.24
N LEU A 151 42.58 56.46 9.58
CA LEU A 151 41.50 55.97 8.73
C LEU A 151 42.06 55.14 7.57
N LEU A 152 43.18 55.58 6.99
CA LEU A 152 43.80 54.82 5.91
C LEU A 152 44.24 53.44 6.39
N ARG A 153 44.85 53.38 7.58
CA ARG A 153 45.27 52.10 8.13
C ARG A 153 44.09 51.18 8.38
N THR A 154 43.02 51.72 8.96
CA THR A 154 41.82 50.92 9.19
C THR A 154 41.22 50.43 7.89
N TYR A 155 41.19 51.29 6.87
CA TYR A 155 40.65 50.89 5.57
C TYR A 155 41.47 49.77 4.96
N ILE A 156 42.80 49.87 5.02
CA ILE A 156 43.65 48.85 4.44
C ILE A 156 43.48 47.53 5.16
N ILE A 157 43.46 47.56 6.50
CA ILE A 157 43.33 46.31 7.24
C ILE A 157 41.95 45.70 7.02
N SER A 158 40.91 46.53 6.87
CA SER A 158 39.58 46.02 6.56
C SER A 158 39.55 45.33 5.20
N ILE A 159 40.18 45.95 4.20
CA ILE A 159 40.23 45.33 2.87
C ILE A 159 40.96 43.99 2.93
N LEU A 160 42.09 43.95 3.63
CA LEU A 160 42.85 42.69 3.74
C LEU A 160 42.03 41.61 4.44
N PHE A 161 41.35 41.97 5.54
CA PHE A 161 40.54 41.00 6.25
C PHE A 161 39.41 40.47 5.37
N LYS A 162 38.75 41.35 4.63
CA LYS A 162 37.69 40.91 3.74
C LYS A 162 38.23 39.94 2.69
N SER A 163 39.37 40.28 2.09
CA SER A 163 39.94 39.40 1.06
C SER A 163 40.31 38.04 1.62
N ILE A 164 40.94 38.00 2.80
CA ILE A 164 41.37 36.72 3.35
C ILE A 164 40.17 35.89 3.77
N PHE A 165 39.12 36.52 4.31
CA PHE A 165 37.91 35.78 4.64
C PHE A 165 37.29 35.16 3.39
N GLU A 166 37.21 35.94 2.30
CA GLU A 166 36.61 35.42 1.08
C GLU A 166 37.41 34.25 0.52
N VAL A 167 38.74 34.38 0.49
CA VAL A 167 39.56 33.30 -0.07
C VAL A 167 39.48 32.06 0.82
N ALA A 168 39.41 32.24 2.14
CA ALA A 168 39.29 31.09 3.03
C ALA A 168 37.97 30.36 2.81
N PHE A 169 36.88 31.11 2.69
CA PHE A 169 35.59 30.46 2.42
C PHE A 169 35.60 29.74 1.09
N LEU A 170 36.20 30.34 0.07
CA LEU A 170 36.29 29.68 -1.24
C LEU A 170 37.09 28.39 -1.15
N LEU A 171 38.20 28.40 -0.43
CA LEU A 171 39.00 27.19 -0.28
C LEU A 171 38.24 26.11 0.47
N ILE A 172 37.50 26.49 1.51
CA ILE A 172 36.71 25.51 2.26
C ILE A 172 35.67 24.87 1.36
N GLN A 173 34.97 25.69 0.56
CA GLN A 173 33.96 25.14 -0.34
C GLN A 173 34.59 24.23 -1.37
N TRP A 174 35.76 24.60 -1.91
CA TRP A 174 36.43 23.75 -2.88
C TRP A 174 36.80 22.40 -2.27
N TYR A 175 37.31 22.42 -1.03
CA TYR A 175 37.71 21.16 -0.40
C TYR A 175 36.50 20.28 -0.10
N ILE A 176 35.40 20.87 0.36
CA ILE A 176 34.28 20.05 0.82
C ILE A 176 33.53 19.44 -0.35
N TYR A 177 32.94 20.28 -1.20
CA TYR A 177 32.05 19.83 -2.26
C TYR A 177 32.74 19.73 -3.62
N GLY A 178 33.43 20.78 -4.03
CA GLY A 178 33.89 20.87 -5.41
C GLY A 178 33.15 22.00 -6.12
N PHE A 179 32.85 21.81 -7.40
CA PHE A 179 32.06 22.80 -8.11
C PHE A 179 31.03 22.17 -9.04
N SER A 180 30.60 20.95 -8.76
CA SER A 180 29.56 20.30 -9.54
C SER A 180 28.92 19.20 -8.70
N LEU A 181 27.70 18.84 -9.07
CA LEU A 181 26.94 17.80 -8.38
C LEU A 181 26.57 16.71 -9.38
N SER A 182 27.12 15.51 -9.19
CA SER A 182 26.79 14.39 -10.04
C SER A 182 25.36 13.92 -9.77
N ALA A 183 24.71 13.42 -10.82
CA ALA A 183 23.32 13.00 -10.71
C ALA A 183 23.14 11.77 -9.84
N VAL A 184 24.18 10.95 -9.68
CA VAL A 184 24.11 9.72 -8.90
C VAL A 184 25.20 9.76 -7.84
N TYR A 185 24.84 9.43 -6.61
CA TYR A 185 25.76 9.41 -5.48
C TYR A 185 25.85 8.00 -4.91
N THR A 186 27.06 7.60 -4.54
CA THR A 186 27.30 6.29 -3.96
C THR A 186 27.44 6.43 -2.44
N CYS A 187 26.64 5.65 -1.71
CA CYS A 187 26.56 5.76 -0.25
C CYS A 187 27.03 4.45 0.37
N LYS A 188 27.93 4.56 1.35
CA LYS A 188 28.46 3.39 2.07
C LYS A 188 28.61 3.79 3.53
N ARG A 189 27.59 3.49 4.33
CA ARG A 189 27.57 3.83 5.75
C ARG A 189 26.45 3.05 6.40
N ASP A 190 26.66 2.67 7.66
CA ASP A 190 25.67 1.90 8.38
C ASP A 190 24.39 2.73 8.57
N PRO A 191 23.22 2.08 8.60
CA PRO A 191 22.97 0.64 8.51
C PRO A 191 22.75 0.14 7.09
N CYS A 192 23.09 0.92 6.06
CA CYS A 192 22.90 0.50 4.69
C CYS A 192 23.77 -0.71 4.38
N PRO A 193 23.20 -1.83 3.92
CA PRO A 193 24.02 -3.01 3.64
C PRO A 193 24.82 -2.84 2.35
N HIS A 194 26.13 -3.10 2.45
CA HIS A 194 27.06 -3.02 1.31
C HIS A 194 26.99 -1.59 0.77
N GLN A 195 26.85 -1.40 -0.55
CA GLN A 195 26.74 -0.07 -1.14
C GLN A 195 25.38 0.10 -1.77
N VAL A 196 24.87 1.33 -1.72
CA VAL A 196 23.56 1.66 -2.27
C VAL A 196 23.71 2.86 -3.19
N ASP A 197 22.72 3.04 -4.06
CA ASP A 197 22.68 4.14 -5.01
C ASP A 197 21.58 5.12 -4.60
N CYS A 198 21.93 6.40 -4.52
CA CYS A 198 21.00 7.46 -4.18
C CYS A 198 21.05 8.53 -5.26
N PHE A 199 19.91 9.17 -5.49
CA PHE A 199 19.75 10.13 -6.57
C PHE A 199 19.42 11.50 -6.01
N LEU A 200 20.13 12.52 -6.49
CA LEU A 200 19.96 13.88 -5.99
C LEU A 200 18.72 14.52 -6.63
N SER A 201 18.54 15.81 -6.40
CA SER A 201 17.42 16.57 -6.95
C SER A 201 17.94 17.83 -7.61
N ARG A 202 17.51 18.07 -8.85
CA ARG A 202 17.90 19.24 -9.63
C ARG A 202 19.41 19.47 -9.67
N PRO A 203 20.19 18.49 -10.13
CA PRO A 203 21.65 18.70 -10.19
C PRO A 203 22.06 19.85 -11.10
N THR A 204 21.39 20.02 -12.24
CA THR A 204 21.86 20.96 -13.25
C THR A 204 21.70 22.40 -12.78
N GLU A 205 20.53 22.74 -12.21
CA GLU A 205 20.33 24.09 -11.71
C GLU A 205 21.31 24.41 -10.59
N LYS A 206 21.55 23.45 -9.70
CA LYS A 206 22.47 23.68 -8.60
C LYS A 206 23.89 23.90 -9.12
N THR A 207 24.32 23.11 -10.11
CA THR A 207 25.64 23.33 -10.70
C THR A 207 25.75 24.70 -11.34
N ILE A 208 24.71 25.11 -12.07
CA ILE A 208 24.73 26.41 -12.73
C ILE A 208 24.85 27.52 -11.71
N PHE A 209 24.05 27.44 -10.64
CA PHE A 209 24.08 28.50 -9.63
C PHE A 209 25.39 28.50 -8.85
N ILE A 210 25.98 27.33 -8.62
CA ILE A 210 27.28 27.27 -7.95
C ILE A 210 28.34 27.95 -8.80
N ILE A 211 28.35 27.67 -10.11
CA ILE A 211 29.31 28.31 -11.01
C ILE A 211 29.09 29.82 -11.03
N PHE A 212 27.83 30.24 -11.05
CA PHE A 212 27.53 31.68 -11.06
C PHE A 212 28.05 32.36 -9.80
N MET A 213 27.82 31.74 -8.63
CA MET A 213 28.31 32.31 -7.39
C MET A 213 29.83 32.34 -7.34
N LEU A 214 30.49 31.30 -7.87
CA LEU A 214 31.94 31.32 -7.94
C LEU A 214 32.46 32.48 -8.79
N VAL A 215 31.81 32.71 -9.94
CA VAL A 215 32.20 33.83 -10.80
C VAL A 215 32.01 35.15 -10.08
N VAL A 216 30.88 35.31 -9.37
CA VAL A 216 30.61 36.55 -8.66
C VAL A 216 31.67 36.78 -7.57
N SER A 217 32.02 35.73 -6.83
CA SER A 217 33.03 35.85 -5.79
C SER A 217 34.38 36.24 -6.37
N LEU A 218 34.76 35.64 -7.50
CA LEU A 218 36.03 36.01 -8.12
C LEU A 218 36.01 37.47 -8.59
N VAL A 219 34.88 37.92 -9.14
CA VAL A 219 34.78 39.31 -9.58
C VAL A 219 34.93 40.25 -8.39
N SER A 220 34.28 39.93 -7.27
CA SER A 220 34.40 40.76 -6.09
C SER A 220 35.83 40.80 -5.58
N LEU A 221 36.52 39.64 -5.60
CA LEU A 221 37.92 39.60 -5.17
C LEU A 221 38.77 40.52 -6.04
N ALA A 222 38.60 40.44 -7.36
CA ALA A 222 39.36 41.30 -8.26
C ALA A 222 39.04 42.77 -8.00
N LEU A 223 37.76 43.08 -7.76
CA LEU A 223 37.37 44.47 -7.53
C LEU A 223 38.04 45.03 -6.28
N ASN A 224 38.05 44.26 -5.18
CA ASN A 224 38.68 44.79 -3.97
C ASN A 224 40.19 44.84 -4.10
N ILE A 225 40.80 43.94 -4.89
CA ILE A 225 42.22 44.05 -5.16
C ILE A 225 42.53 45.35 -5.90
N ILE A 226 41.71 45.69 -6.90
CA ILE A 226 41.88 46.94 -7.63
C ILE A 226 41.71 48.13 -6.69
N GLU A 227 40.71 48.06 -5.81
CA GLU A 227 40.50 49.15 -4.85
C GLU A 227 41.72 49.33 -3.94
N LEU A 228 42.29 48.23 -3.46
CA LEU A 228 43.48 48.32 -2.62
C LEU A 228 44.65 48.93 -3.38
N PHE A 229 44.85 48.52 -4.63
CA PHE A 229 45.94 49.09 -5.41
C PHE A 229 45.74 50.59 -5.63
N TYR A 230 44.51 51.00 -5.94
CA TYR A 230 44.23 52.40 -6.16
C TYR A 230 44.43 53.23 -4.90
N VAL A 231 44.00 52.71 -3.75
CA VAL A 231 44.17 53.47 -2.51
C VAL A 231 45.64 53.55 -2.12
N PHE A 232 46.42 52.49 -2.39
CA PHE A 232 47.85 52.57 -2.15
C PHE A 232 48.51 53.63 -3.03
N PHE A 233 48.12 53.68 -4.32
CA PHE A 233 48.66 54.72 -5.20
C PHE A 233 48.27 56.11 -4.72
N LYS A 234 47.03 56.27 -4.26
CA LYS A 234 46.60 57.57 -3.73
C LYS A 234 47.41 57.96 -2.51
N GLY A 235 47.68 57.00 -1.63
CA GLY A 235 48.54 57.28 -0.48
C GLY A 235 49.94 57.68 -0.89
N VAL A 236 50.49 57.01 -1.90
CA VAL A 236 51.82 57.38 -2.38
C VAL A 236 51.81 58.77 -3.01
N LYS A 237 50.67 59.18 -3.57
CA LYS A 237 50.58 60.50 -4.20
C LYS A 237 50.99 61.61 -3.24
N ASP A 238 50.61 61.51 -1.97
CA ASP A 238 50.96 62.53 -0.99
C ASP A 238 52.46 62.54 -0.72
N GLY B 2 8.81 38.88 -2.21
CA GLY B 2 10.16 38.94 -2.74
C GLY B 2 11.05 39.93 -2.02
N ASP B 3 12.13 40.35 -2.70
CA ASP B 3 13.10 41.30 -2.14
C ASP B 3 13.45 42.37 -3.15
N TRP B 4 12.56 42.65 -4.09
CA TRP B 4 12.81 43.62 -5.15
C TRP B 4 12.74 45.07 -4.67
N SER B 5 12.71 45.31 -3.35
CA SER B 5 12.55 46.66 -2.83
C SER B 5 13.75 47.54 -3.19
N ALA B 6 14.97 47.02 -3.06
CA ALA B 6 16.14 47.84 -3.29
C ALA B 6 16.28 48.24 -4.75
N LEU B 7 16.11 47.28 -5.66
CA LEU B 7 16.21 47.58 -7.08
C LEU B 7 15.09 48.54 -7.51
N GLY B 8 13.88 48.33 -7.00
CA GLY B 8 12.79 49.26 -7.29
C GLY B 8 13.07 50.66 -6.79
N LYS B 9 13.63 50.78 -5.59
CA LYS B 9 13.99 52.09 -5.06
C LYS B 9 15.05 52.76 -5.92
N LEU B 10 16.05 52.01 -6.35
CA LEU B 10 17.10 52.60 -7.18
C LEU B 10 16.56 53.03 -8.54
N LEU B 11 15.65 52.24 -9.12
CA LEU B 11 15.04 52.64 -10.38
C LEU B 11 14.14 53.85 -10.20
N ASP B 12 13.45 53.95 -9.07
CA ASP B 12 12.67 55.15 -8.77
C ASP B 12 13.58 56.37 -8.64
N LYS B 13 14.77 56.17 -8.07
CA LYS B 13 15.73 57.27 -8.00
C LYS B 13 16.22 57.68 -9.38
N VAL B 14 16.49 56.70 -10.25
CA VAL B 14 17.06 57.03 -11.56
C VAL B 14 16.04 57.57 -12.55
N GLN B 15 14.75 57.25 -12.39
CA GLN B 15 13.77 57.69 -13.38
C GLN B 15 13.53 59.19 -13.37
N ALA B 16 14.05 59.92 -12.39
CA ALA B 16 13.78 61.36 -12.31
C ALA B 16 14.32 62.11 -13.52
N TYR B 17 15.53 61.78 -13.97
CA TYR B 17 16.16 62.44 -15.11
C TYR B 17 16.40 61.40 -16.20
N SER B 18 15.47 61.32 -17.15
CA SER B 18 15.59 60.39 -18.26
C SER B 18 14.70 60.87 -19.39
N THR B 19 14.96 60.34 -20.59
CA THR B 19 14.14 60.68 -21.75
C THR B 19 12.78 60.00 -21.64
N ALA B 20 11.85 60.44 -22.49
CA ALA B 20 10.49 59.89 -22.47
C ALA B 20 10.50 58.40 -22.77
N GLY B 21 11.28 57.98 -23.78
CA GLY B 21 11.38 56.56 -24.08
C GLY B 21 11.92 55.75 -22.91
N GLY B 22 12.93 56.31 -22.22
CA GLY B 22 13.44 55.63 -21.04
C GLY B 22 12.40 55.51 -19.94
N LYS B 23 11.60 56.56 -19.74
CA LYS B 23 10.55 56.50 -18.73
C LYS B 23 9.50 55.46 -19.09
N VAL B 24 9.12 55.38 -20.36
CA VAL B 24 8.15 54.38 -20.78
C VAL B 24 8.71 52.98 -20.60
N TRP B 25 10.00 52.79 -20.93
CA TRP B 25 10.64 51.49 -20.74
C TRP B 25 10.67 51.10 -19.26
N LEU B 26 10.99 52.06 -18.40
CA LEU B 26 10.99 51.79 -16.96
C LEU B 26 9.59 51.43 -16.48
N SER B 27 8.57 52.13 -16.98
CA SER B 27 7.20 51.84 -16.57
C SER B 27 6.78 50.44 -16.99
N VAL B 28 7.06 50.05 -18.24
CA VAL B 28 6.67 48.73 -18.70
C VAL B 28 7.47 47.65 -17.98
N LEU B 29 8.75 47.91 -17.67
CA LEU B 29 9.53 46.96 -16.89
C LEU B 29 8.94 46.78 -15.50
N PHE B 30 8.52 47.88 -14.86
CA PHE B 30 7.92 47.77 -13.54
C PHE B 30 6.59 47.03 -13.58
N ILE B 31 5.78 47.29 -14.60
CA ILE B 31 4.43 46.74 -14.62
C ILE B 31 4.43 45.29 -15.06
N PHE B 32 4.91 45.02 -16.27
CA PHE B 32 4.75 43.69 -16.85
C PHE B 32 5.87 42.73 -16.43
N ARG B 33 7.11 43.19 -16.37
CA ARG B 33 8.21 42.28 -16.07
C ARG B 33 8.25 41.89 -14.60
N ILE B 34 8.04 42.85 -13.70
CA ILE B 34 8.23 42.61 -12.26
C ILE B 34 6.91 42.25 -11.59
N LEU B 35 5.92 43.14 -11.70
CA LEU B 35 4.67 42.97 -10.98
C LEU B 35 3.95 41.70 -11.42
N LEU B 36 3.84 41.48 -12.73
CA LEU B 36 3.11 40.33 -13.24
C LEU B 36 3.78 39.02 -12.82
N LEU B 37 5.11 38.95 -12.93
CA LEU B 37 5.83 37.73 -12.56
C LEU B 37 5.66 37.43 -11.08
N GLY B 38 5.77 38.45 -10.23
CA GLY B 38 5.63 38.22 -8.79
C GLY B 38 4.23 37.84 -8.38
N THR B 39 3.22 38.45 -9.01
CA THR B 39 1.85 38.28 -8.55
C THR B 39 1.32 36.88 -8.86
N ALA B 40 1.29 36.51 -10.14
CA ALA B 40 0.58 35.31 -10.54
C ALA B 40 1.42 34.31 -11.33
N VAL B 41 2.40 34.81 -12.09
CA VAL B 41 3.18 33.93 -12.96
C VAL B 41 3.98 32.91 -12.16
N GLU B 42 4.64 33.36 -11.08
CA GLU B 42 5.50 32.47 -10.33
C GLU B 42 4.72 31.39 -9.59
N SER B 43 3.41 31.58 -9.38
CA SER B 43 2.63 30.56 -8.69
C SER B 43 2.37 29.35 -9.58
N ALA B 44 2.38 29.54 -10.91
CA ALA B 44 2.17 28.41 -11.81
C ALA B 44 3.28 27.36 -11.66
N TRP B 45 4.53 27.80 -11.57
CA TRP B 45 5.64 26.89 -11.34
C TRP B 45 5.79 26.59 -9.85
N GLY B 46 4.72 26.15 -9.21
CA GLY B 46 4.75 25.86 -7.80
C GLY B 46 4.91 24.38 -7.49
N ASP B 47 4.46 23.52 -8.41
CA ASP B 47 4.54 22.09 -8.23
C ASP B 47 5.01 21.41 -9.51
N GLU B 48 5.95 22.04 -10.22
CA GLU B 48 6.50 21.43 -11.43
C GLU B 48 7.35 20.21 -11.12
N GLN B 49 7.69 19.97 -9.86
CA GLN B 49 8.47 18.82 -9.44
C GLN B 49 7.63 17.72 -8.83
N SER B 50 6.65 18.07 -7.99
CA SER B 50 5.84 17.05 -7.33
C SER B 50 4.80 16.47 -8.27
N ALA B 51 4.25 17.26 -9.19
CA ALA B 51 3.26 16.76 -10.13
C ALA B 51 3.88 16.01 -11.30
N PHE B 52 5.18 16.12 -11.50
CA PHE B 52 5.86 15.38 -12.55
C PHE B 52 5.91 13.90 -12.20
N ARG B 53 5.53 13.05 -13.15
CA ARG B 53 5.52 11.61 -12.92
C ARG B 53 5.79 10.89 -14.23
N CYS B 54 6.32 9.68 -14.12
CA CYS B 54 6.67 8.86 -15.27
C CYS B 54 5.98 7.51 -15.18
N ASN B 55 5.93 6.81 -16.31
CA ASN B 55 5.27 5.50 -16.39
C ASN B 55 6.31 4.39 -16.24
N THR B 56 6.81 4.26 -15.01
CA THR B 56 7.75 3.20 -14.68
C THR B 56 7.78 3.02 -13.17
N GLN B 57 8.33 1.88 -12.75
CA GLN B 57 8.55 1.60 -11.34
C GLN B 57 10.04 1.40 -11.02
N GLN B 58 10.91 1.82 -11.92
CA GLN B 58 12.34 1.77 -11.65
C GLN B 58 12.73 2.89 -10.70
N PRO B 59 13.34 2.60 -9.55
CA PRO B 59 13.67 3.66 -8.59
C PRO B 59 14.67 4.65 -9.18
N GLY B 60 14.42 5.93 -8.90
CA GLY B 60 15.33 6.99 -9.28
C GLY B 60 15.21 7.48 -10.72
N CYS B 61 14.32 6.90 -11.52
CA CYS B 61 14.20 7.33 -12.90
C CYS B 61 13.48 8.67 -13.03
N GLU B 62 12.55 8.96 -12.11
CA GLU B 62 11.79 10.20 -12.17
C GLU B 62 12.68 11.42 -12.00
N ASN B 63 13.59 11.38 -11.02
CA ASN B 63 14.50 12.51 -10.81
C ASN B 63 15.39 12.73 -12.02
N VAL B 64 15.94 11.65 -12.57
CA VAL B 64 16.81 11.77 -13.74
C VAL B 64 16.07 12.34 -14.92
N CYS B 65 14.83 11.87 -15.16
CA CYS B 65 14.06 12.36 -16.28
C CYS B 65 13.68 13.84 -16.09
N TYR B 66 13.33 14.23 -14.87
CA TYR B 66 13.03 15.65 -14.64
C TYR B 66 14.26 16.51 -14.87
N ASP B 67 15.42 16.07 -14.37
CA ASP B 67 16.64 16.84 -14.59
C ASP B 67 16.97 16.95 -16.07
N LYS B 68 16.71 15.87 -16.82
CA LYS B 68 16.91 15.92 -18.27
C LYS B 68 15.95 16.90 -18.93
N SER B 69 14.71 16.93 -18.48
CA SER B 69 13.68 17.71 -19.15
C SER B 69 13.85 19.21 -18.92
N PHE B 70 14.16 19.62 -17.69
CA PHE B 70 14.24 21.03 -17.32
C PHE B 70 15.64 21.33 -16.79
N PRO B 71 16.57 21.72 -17.66
CA PRO B 71 17.89 22.14 -17.17
C PRO B 71 17.83 23.32 -16.22
N ILE B 72 16.91 24.27 -16.44
CA ILE B 72 16.75 25.42 -15.58
C ILE B 72 15.33 25.93 -15.72
N SER B 73 14.68 26.21 -14.59
CA SER B 73 13.29 26.64 -14.59
C SER B 73 13.14 27.99 -15.28
N HIS B 74 11.96 28.20 -15.88
CA HIS B 74 11.70 29.44 -16.59
C HIS B 74 11.69 30.64 -15.66
N VAL B 75 11.15 30.47 -14.44
CA VAL B 75 11.04 31.59 -13.51
C VAL B 75 12.43 32.11 -13.14
N ARG B 76 13.36 31.20 -12.83
CA ARG B 76 14.71 31.62 -12.51
C ARG B 76 15.40 32.26 -13.71
N PHE B 77 15.15 31.73 -14.91
CA PHE B 77 15.71 32.32 -16.11
C PHE B 77 15.22 33.75 -16.30
N TRP B 78 13.92 33.98 -16.09
CA TRP B 78 13.36 35.32 -16.24
C TRP B 78 13.88 36.26 -15.16
N VAL B 79 14.07 35.76 -13.94
CA VAL B 79 14.64 36.59 -12.88
C VAL B 79 16.06 37.01 -13.24
N LEU B 80 16.85 36.06 -13.73
CA LEU B 80 18.21 36.39 -14.15
C LEU B 80 18.21 37.39 -15.30
N GLN B 81 17.29 37.23 -16.25
CA GLN B 81 17.20 38.19 -17.35
C GLN B 81 16.85 39.58 -16.84
N ILE B 82 15.88 39.67 -15.93
CA ILE B 82 15.49 40.97 -15.39
C ILE B 82 16.67 41.62 -14.67
N ILE B 83 17.43 40.83 -13.91
CA ILE B 83 18.61 41.36 -13.23
C ILE B 83 19.63 41.86 -14.24
N PHE B 84 19.86 41.08 -15.30
CA PHE B 84 20.89 41.41 -16.28
C PHE B 84 20.49 42.50 -17.26
N VAL B 85 19.24 42.94 -17.26
CA VAL B 85 18.84 44.02 -18.16
C VAL B 85 18.48 45.25 -17.32
N SER B 86 19.20 45.44 -16.21
CA SER B 86 19.01 46.62 -15.38
C SER B 86 20.30 47.30 -14.93
N VAL B 87 21.46 46.67 -15.11
CA VAL B 87 22.71 47.27 -14.65
C VAL B 87 23.06 48.57 -15.38
N PRO B 88 23.00 48.64 -16.72
CA PRO B 88 23.45 49.87 -17.39
C PRO B 88 22.69 51.12 -16.98
N THR B 89 21.42 50.99 -16.62
CA THR B 89 20.69 52.14 -16.08
C THR B 89 21.34 52.62 -14.78
N LEU B 90 21.75 51.69 -13.93
CA LEU B 90 22.44 52.06 -12.70
C LEU B 90 23.79 52.70 -13.00
N LEU B 91 24.48 52.23 -14.04
CA LEU B 91 25.73 52.87 -14.45
C LEU B 91 25.49 54.31 -14.88
N TYR B 92 24.43 54.54 -15.66
CA TYR B 92 24.08 55.90 -16.05
C TYR B 92 23.76 56.75 -14.84
N LEU B 93 23.05 56.18 -13.86
CA LEU B 93 22.75 56.89 -12.63
C LEU B 93 24.03 57.28 -11.89
N ALA B 94 24.99 56.37 -11.83
CA ALA B 94 26.26 56.67 -11.18
C ALA B 94 27.00 57.79 -11.89
N HIS B 95 27.00 57.76 -13.23
CA HIS B 95 27.66 58.83 -13.98
C HIS B 95 26.96 60.18 -13.74
N VAL B 96 25.63 60.17 -13.67
CA VAL B 96 24.89 61.40 -13.37
C VAL B 96 25.26 61.92 -11.99
N PHE B 97 25.38 61.02 -11.01
CA PHE B 97 25.78 61.45 -9.67
C PHE B 97 27.19 62.02 -9.66
N TYR B 98 28.10 61.43 -10.46
CA TYR B 98 29.43 61.99 -10.60
C TYR B 98 29.39 63.40 -11.18
N VAL B 99 28.54 63.61 -12.19
CA VAL B 99 28.38 64.94 -12.78
C VAL B 99 27.85 65.91 -11.72
N MET B 100 26.91 65.45 -10.89
CA MET B 100 26.38 66.30 -9.82
C MET B 100 27.47 66.69 -8.83
N ARG B 101 28.32 65.73 -8.47
CA ARG B 101 29.43 66.04 -7.57
C ARG B 101 30.37 67.08 -8.17
N LYS B 102 30.70 66.91 -9.45
CA LYS B 102 31.55 67.89 -10.12
C LYS B 102 30.89 69.26 -10.14
N GLU B 103 29.58 69.30 -10.38
CA GLU B 103 28.85 70.57 -10.38
C GLU B 103 28.91 71.23 -9.00
N GLU B 104 28.73 70.44 -7.93
CA GLU B 104 28.76 71.00 -6.59
C GLU B 104 30.14 71.56 -6.26
N LYS B 105 31.20 70.83 -6.64
CA LYS B 105 32.55 71.33 -6.36
C LYS B 105 32.85 72.60 -7.15
N LEU B 106 32.44 72.64 -8.42
CA LEU B 106 32.68 73.84 -9.23
C LEU B 106 31.88 75.03 -8.70
N ASN B 107 30.65 74.78 -8.24
CA ASN B 107 29.87 75.85 -7.64
C ASN B 107 30.53 76.37 -6.37
N LYS B 108 31.08 75.46 -5.55
CA LYS B 108 31.80 75.90 -4.35
C LYS B 108 33.00 76.76 -4.71
N LYS B 109 33.77 76.34 -5.73
CA LYS B 109 34.93 77.13 -6.13
C LYS B 109 34.53 78.50 -6.66
N GLU B 110 33.44 78.57 -7.44
CA GLU B 110 33.07 79.87 -7.98
C GLU B 110 32.52 80.77 -6.88
N GLU B 111 31.74 80.20 -5.94
CA GLU B 111 31.27 80.99 -4.80
C GLU B 111 32.46 81.53 -4.01
N GLU B 112 33.53 80.73 -3.90
CA GLU B 112 34.75 81.21 -3.27
C GLU B 112 35.34 82.39 -4.04
N LEU B 113 35.36 82.29 -5.37
CA LEU B 113 35.95 83.37 -6.17
C LEU B 113 35.20 84.68 -5.99
N LYS B 114 33.87 84.63 -5.97
CA LYS B 114 33.06 85.84 -5.89
C LYS B 114 33.15 86.46 -4.49
N MET B 125 39.83 85.83 -15.55
CA MET B 125 39.76 84.73 -16.50
C MET B 125 39.23 83.46 -15.85
N HIS B 126 39.24 83.44 -14.51
CA HIS B 126 38.72 82.28 -13.79
C HIS B 126 37.23 82.11 -14.03
N LEU B 127 36.49 83.21 -14.12
CA LEU B 127 35.07 83.12 -14.45
C LEU B 127 34.87 82.49 -15.83
N LYS B 128 35.73 82.84 -16.79
CA LYS B 128 35.61 82.29 -18.14
C LYS B 128 35.77 80.77 -18.13
N GLN B 129 36.79 80.26 -17.43
CA GLN B 129 37.01 78.83 -17.41
C GLN B 129 35.94 78.11 -16.60
N ILE B 130 35.46 78.74 -15.53
CA ILE B 130 34.36 78.15 -14.76
C ILE B 130 33.12 78.01 -15.63
N GLU B 131 32.79 79.06 -16.39
CA GLU B 131 31.63 79.01 -17.27
C GLU B 131 31.81 78.00 -18.39
N ILE B 132 33.02 77.91 -18.96
CA ILE B 132 33.22 76.96 -20.04
C ILE B 132 33.14 75.52 -19.52
N LYS B 133 33.60 75.28 -18.28
CA LYS B 133 33.47 73.95 -17.72
C LYS B 133 32.03 73.64 -17.36
N LYS B 134 31.26 74.65 -16.96
CA LYS B 134 29.86 74.41 -16.62
C LYS B 134 29.04 74.17 -17.87
N PHE B 135 29.41 74.78 -18.98
CA PHE B 135 28.72 74.53 -20.25
C PHE B 135 29.14 73.20 -20.85
N LYS B 136 30.41 72.82 -20.69
CA LYS B 136 30.88 71.56 -21.29
C LYS B 136 30.16 70.37 -20.69
N TYR B 137 29.96 70.37 -19.37
CA TYR B 137 29.22 69.31 -18.70
C TYR B 137 27.71 69.52 -18.76
N GLY B 138 27.25 70.61 -19.36
CA GLY B 138 25.83 70.88 -19.44
C GLY B 138 25.18 71.21 -18.11
N ILE B 139 25.88 71.93 -17.24
CA ILE B 139 25.36 72.28 -15.92
C ILE B 139 25.31 73.81 -15.87
N GLU B 140 24.13 74.37 -16.14
CA GLU B 140 23.94 75.82 -16.15
C GLU B 140 22.91 76.30 -15.16
N GLU B 141 21.77 75.62 -15.05
CA GLU B 141 20.63 76.08 -14.26
C GLU B 141 20.61 75.51 -12.86
N HIS B 142 21.65 74.77 -12.46
CA HIS B 142 21.73 74.15 -11.14
C HIS B 142 20.54 73.23 -10.88
N GLY B 143 20.45 72.18 -11.69
CA GLY B 143 19.37 71.22 -11.58
C GLY B 143 18.73 70.88 -12.90
N LYS B 144 19.34 71.29 -13.99
CA LYS B 144 18.84 71.06 -15.34
C LYS B 144 19.95 70.45 -16.21
N VAL B 145 20.57 69.39 -15.68
CA VAL B 145 21.68 68.75 -16.37
C VAL B 145 21.23 68.26 -17.75
N LYS B 146 21.99 68.63 -18.78
CA LYS B 146 21.70 68.26 -20.15
C LYS B 146 22.66 67.18 -20.62
N MET B 147 22.26 66.47 -21.67
CA MET B 147 23.07 65.40 -22.24
C MET B 147 23.95 65.97 -23.34
N ARG B 148 25.26 65.94 -23.14
CA ARG B 148 26.19 66.49 -24.12
C ARG B 148 27.58 65.94 -23.84
N GLY B 149 28.19 65.34 -24.85
CA GLY B 149 29.58 64.91 -24.77
C GLY B 149 29.78 63.54 -24.13
N GLY B 150 29.68 63.46 -22.81
CA GLY B 150 29.95 62.23 -22.11
C GLY B 150 28.70 61.49 -21.69
N LEU B 151 27.70 62.24 -21.21
CA LEU B 151 26.44 61.63 -20.82
C LEU B 151 25.76 60.97 -22.02
N LEU B 152 25.81 61.63 -23.18
CA LEU B 152 25.23 61.05 -24.39
C LEU B 152 25.93 59.74 -24.76
N ARG B 153 27.26 59.71 -24.68
CA ARG B 153 28.00 58.50 -24.99
C ARG B 153 27.64 57.37 -24.02
N THR B 154 27.57 57.69 -22.73
CA THR B 154 27.20 56.69 -21.74
C THR B 154 25.78 56.18 -21.98
N TYR B 155 24.86 57.07 -22.32
CA TYR B 155 23.49 56.66 -22.59
C TYR B 155 23.42 55.73 -23.79
N ILE B 156 24.15 56.06 -24.86
CA ILE B 156 24.13 55.23 -26.07
C ILE B 156 24.71 53.86 -25.77
N ILE B 157 25.85 53.81 -25.08
CA ILE B 157 26.47 52.52 -24.81
C ILE B 157 25.60 51.69 -23.86
N SER B 158 24.92 52.34 -22.91
CA SER B 158 23.98 51.63 -22.03
C SER B 158 22.83 51.03 -22.82
N ILE B 159 22.27 51.80 -23.76
CA ILE B 159 21.17 51.27 -24.58
C ILE B 159 21.64 50.07 -25.41
N LEU B 160 22.83 50.19 -26.01
CA LEU B 160 23.35 49.08 -26.81
C LEU B 160 23.59 47.83 -25.96
N PHE B 161 24.16 48.01 -24.76
CA PHE B 161 24.40 46.88 -23.89
C PHE B 161 23.10 46.21 -23.47
N LYS B 162 22.09 47.01 -23.13
CA LYS B 162 20.80 46.44 -22.77
C LYS B 162 20.21 45.64 -23.92
N SER B 163 20.26 46.20 -25.14
CA SER B 163 19.70 45.49 -26.29
C SER B 163 20.43 44.18 -26.55
N ILE B 164 21.76 44.19 -26.49
CA ILE B 164 22.50 42.97 -26.80
C ILE B 164 22.28 41.92 -25.71
N PHE B 165 22.18 42.34 -24.45
CA PHE B 165 21.87 41.38 -23.39
C PHE B 165 20.51 40.74 -23.61
N GLU B 166 19.51 41.55 -23.96
CA GLU B 166 18.17 41.00 -24.17
C GLU B 166 18.15 40.02 -25.33
N VAL B 167 18.79 40.38 -26.44
CA VAL B 167 18.77 39.48 -27.60
C VAL B 167 19.54 38.21 -27.31
N ALA B 168 20.64 38.30 -26.54
CA ALA B 168 21.39 37.10 -26.19
C ALA B 168 20.56 36.17 -25.32
N PHE B 169 19.86 36.72 -24.33
CA PHE B 169 19.00 35.88 -23.49
C PHE B 169 17.89 35.24 -24.30
N LEU B 170 17.30 36.00 -25.22
CA LEU B 170 16.24 35.44 -26.07
C LEU B 170 16.77 34.29 -26.92
N LEU B 171 17.96 34.46 -27.50
CA LEU B 171 18.54 33.39 -28.31
C LEU B 171 18.84 32.16 -27.47
N ILE B 172 19.35 32.35 -26.25
CA ILE B 172 19.62 31.21 -25.38
C ILE B 172 18.34 30.45 -25.07
N GLN B 173 17.27 31.18 -24.74
CA GLN B 173 16.00 30.53 -24.44
C GLN B 173 15.47 29.79 -25.66
N TRP B 174 15.59 30.39 -26.85
CA TRP B 174 15.13 29.71 -28.06
C TRP B 174 15.91 28.42 -28.30
N TYR B 175 17.23 28.45 -28.10
CA TYR B 175 18.02 27.25 -28.34
C TYR B 175 17.69 26.16 -27.32
N ILE B 176 17.50 26.52 -26.05
CA ILE B 176 17.37 25.50 -25.01
C ILE B 176 16.00 24.84 -25.08
N TYR B 177 14.93 25.62 -24.87
CA TYR B 177 13.58 25.08 -24.73
C TYR B 177 12.78 25.18 -26.02
N GLY B 178 12.72 26.35 -26.63
CA GLY B 178 11.78 26.60 -27.70
C GLY B 178 10.75 27.61 -27.25
N PHE B 179 9.50 27.45 -27.67
CA PHE B 179 8.45 28.34 -27.19
C PHE B 179 7.14 27.59 -26.90
N SER B 180 7.22 26.30 -26.62
CA SER B 180 6.04 25.53 -26.24
C SER B 180 6.48 24.29 -25.46
N LEU B 181 5.56 23.74 -24.69
CA LEU B 181 5.80 22.55 -23.88
C LEU B 181 4.80 21.48 -24.27
N SER B 182 5.30 20.38 -24.84
CA SER B 182 4.43 19.27 -25.20
C SER B 182 3.95 18.55 -23.93
N ALA B 183 2.74 18.00 -24.01
CA ALA B 183 2.14 17.35 -22.84
C ALA B 183 2.85 16.06 -22.46
N VAL B 184 3.55 15.42 -23.40
CA VAL B 184 4.23 14.16 -23.16
C VAL B 184 5.69 14.33 -23.54
N TYR B 185 6.58 13.86 -22.67
CA TYR B 185 8.02 13.94 -22.89
C TYR B 185 8.61 12.54 -22.91
N THR B 186 9.57 12.33 -23.82
CA THR B 186 10.24 11.05 -23.94
C THR B 186 11.61 11.11 -23.27
N CYS B 187 11.86 10.19 -22.37
CA CYS B 187 13.07 10.20 -21.55
C CYS B 187 13.90 8.95 -21.85
N LYS B 188 15.20 9.15 -22.09
CA LYS B 188 16.13 8.06 -22.38
C LYS B 188 17.45 8.39 -21.69
N ARG B 189 17.63 7.87 -20.48
CA ARG B 189 18.82 8.13 -19.68
C ARG B 189 18.84 7.14 -18.54
N ASP B 190 20.05 6.73 -18.15
CA ASP B 190 20.19 5.76 -17.07
C ASP B 190 19.67 6.35 -15.76
N PRO B 191 19.13 5.51 -14.86
CA PRO B 191 18.97 4.06 -14.96
C PRO B 191 17.65 3.60 -15.58
N CYS B 192 16.93 4.49 -16.25
CA CYS B 192 15.65 4.12 -16.85
C CYS B 192 15.88 3.09 -17.96
N PRO B 193 15.24 1.92 -17.91
CA PRO B 193 15.46 0.91 -18.95
C PRO B 193 14.76 1.29 -20.25
N HIS B 194 15.51 1.25 -21.35
CA HIS B 194 15.01 1.56 -22.69
C HIS B 194 14.44 2.97 -22.66
N GLN B 195 13.24 3.22 -23.18
CA GLN B 195 12.63 4.54 -23.16
C GLN B 195 11.37 4.51 -22.30
N VAL B 196 11.12 5.63 -21.62
CA VAL B 196 9.97 5.76 -20.74
C VAL B 196 9.20 7.02 -21.13
N ASP B 197 7.95 7.07 -20.70
CA ASP B 197 7.08 8.21 -20.96
C ASP B 197 6.82 8.96 -19.65
N CYS B 198 7.02 10.28 -19.68
CA CYS B 198 6.80 11.14 -18.53
C CYS B 198 5.85 12.26 -18.94
N PHE B 199 5.04 12.71 -17.98
CA PHE B 199 3.99 13.69 -18.24
C PHE B 199 4.26 14.95 -17.43
N LEU B 200 4.18 16.10 -18.09
CA LEU B 200 4.46 17.38 -17.45
C LEU B 200 3.26 17.83 -16.63
N SER B 201 3.31 19.06 -16.13
CA SER B 201 2.24 19.65 -15.33
C SER B 201 1.88 21.02 -15.90
N ARG B 202 0.59 21.25 -16.11
CA ARG B 202 0.08 22.51 -16.63
C ARG B 202 0.80 22.99 -17.89
N PRO B 203 0.84 22.18 -18.96
CA PRO B 203 1.53 22.65 -20.18
C PRO B 203 0.91 23.89 -20.79
N THR B 204 -0.43 24.01 -20.76
CA THR B 204 -1.10 25.08 -21.50
C THR B 204 -0.83 26.44 -20.88
N GLU B 205 -0.95 26.55 -19.56
CA GLU B 205 -0.67 27.81 -18.89
C GLU B 205 0.78 28.23 -19.10
N LYS B 206 1.70 27.28 -19.01
CA LYS B 206 3.11 27.60 -19.19
C LYS B 206 3.38 28.08 -20.61
N THR B 207 2.77 27.43 -21.62
CA THR B 207 2.94 27.90 -22.99
C THR B 207 2.38 29.31 -23.16
N ILE B 208 1.20 29.58 -22.60
CA ILE B 208 0.59 30.89 -22.72
C ILE B 208 1.50 31.95 -22.10
N PHE B 209 2.02 31.68 -20.90
CA PHE B 209 2.86 32.67 -20.23
C PHE B 209 4.19 32.85 -20.95
N ILE B 210 4.74 31.78 -21.52
CA ILE B 210 5.98 31.91 -22.30
C ILE B 210 5.76 32.81 -23.51
N ILE B 211 4.64 32.60 -24.22
CA ILE B 211 4.34 33.45 -25.38
C ILE B 211 4.14 34.89 -24.94
N PHE B 212 3.47 35.10 -23.81
CA PHE B 212 3.25 36.46 -23.31
C PHE B 212 4.58 37.15 -23.00
N MET B 213 5.49 36.43 -22.32
CA MET B 213 6.79 37.01 -21.99
C MET B 213 7.60 37.30 -23.25
N LEU B 214 7.52 36.43 -24.26
CA LEU B 214 8.21 36.68 -25.52
C LEU B 214 7.69 37.96 -26.17
N VAL B 215 6.36 38.14 -26.17
CA VAL B 215 5.78 39.36 -26.74
C VAL B 215 6.25 40.58 -25.99
N VAL B 216 6.27 40.51 -24.65
CA VAL B 216 6.71 41.64 -23.85
C VAL B 216 8.16 41.99 -24.14
N SER B 217 9.02 40.97 -24.25
CA SER B 217 10.42 41.21 -24.55
C SER B 217 10.59 41.87 -25.91
N LEU B 218 9.85 41.39 -26.92
CA LEU B 218 9.93 42.01 -28.25
C LEU B 218 9.48 43.46 -28.21
N VAL B 219 8.40 43.75 -27.46
CA VAL B 219 7.92 45.12 -27.35
C VAL B 219 8.97 46.01 -26.71
N SER B 220 9.63 45.51 -25.65
CA SER B 220 10.68 46.29 -25.00
C SER B 220 11.85 46.54 -25.95
N LEU B 221 12.22 45.53 -26.74
CA LEU B 221 13.30 45.70 -27.71
C LEU B 221 12.96 46.79 -28.72
N ALA B 222 11.73 46.76 -29.25
CA ALA B 222 11.31 47.78 -30.19
C ALA B 222 11.31 49.16 -29.55
N LEU B 223 10.86 49.24 -28.29
CA LEU B 223 10.81 50.52 -27.61
C LEU B 223 12.20 51.12 -27.42
N ASN B 224 13.18 50.30 -27.01
CA ASN B 224 14.51 50.86 -26.83
C ASN B 224 15.17 51.17 -28.17
N ILE B 225 14.84 50.43 -29.23
CA ILE B 225 15.33 50.80 -30.57
C ILE B 225 14.79 52.18 -30.96
N ILE B 226 13.50 52.42 -30.73
CA ILE B 226 12.91 53.73 -31.02
C ILE B 226 13.59 54.82 -30.19
N GLU B 227 13.85 54.53 -28.92
CA GLU B 227 14.52 55.51 -28.06
C GLU B 227 15.91 55.84 -28.59
N LEU B 228 16.66 54.83 -29.02
CA LEU B 228 17.99 55.07 -29.59
C LEU B 228 17.90 55.92 -30.86
N PHE B 229 16.95 55.62 -31.73
CA PHE B 229 16.82 56.42 -32.95
C PHE B 229 16.47 57.87 -32.63
N TYR B 230 15.55 58.07 -31.68
CA TYR B 230 15.16 59.41 -31.30
C TYR B 230 16.33 60.19 -30.69
N VAL B 231 17.11 59.54 -29.83
CA VAL B 231 18.23 60.26 -29.22
C VAL B 231 19.31 60.55 -30.25
N PHE B 232 19.52 59.67 -31.23
CA PHE B 232 20.45 59.97 -32.31
C PHE B 232 19.98 61.17 -33.12
N PHE B 233 18.68 61.23 -33.42
CA PHE B 233 18.15 62.39 -34.14
C PHE B 233 18.32 63.67 -33.34
N LYS B 234 18.07 63.59 -32.03
CA LYS B 234 18.25 64.77 -31.17
C LYS B 234 19.71 65.22 -31.16
N GLY B 235 20.64 64.27 -31.11
CA GLY B 235 22.05 64.63 -31.20
C GLY B 235 22.40 65.29 -32.53
N VAL B 236 21.84 64.77 -33.62
CA VAL B 236 22.08 65.39 -34.93
C VAL B 236 21.49 66.79 -34.99
N LYS B 237 20.40 67.04 -34.24
CA LYS B 237 19.77 68.35 -34.25
C LYS B 237 20.76 69.46 -33.92
N ASP B 238 21.66 69.22 -32.98
CA ASP B 238 22.64 70.23 -32.59
C ASP B 238 23.63 70.48 -33.72
N GLY C 2 1.06 39.88 -1.77
CA GLY C 2 1.28 40.19 -3.17
C GLY C 2 2.32 41.28 -3.38
N ASP C 3 2.28 41.91 -4.55
CA ASP C 3 3.21 42.96 -4.92
C ASP C 3 2.47 44.15 -5.55
N TRP C 4 1.20 44.33 -5.22
CA TRP C 4 0.39 45.38 -5.80
C TRP C 4 0.70 46.77 -5.24
N SER C 5 1.81 46.91 -4.52
CA SER C 5 2.11 48.20 -3.88
C SER C 5 2.39 49.28 -4.92
N ALA C 6 3.14 48.98 -5.96
CA ALA C 6 3.51 49.99 -6.94
C ALA C 6 2.31 50.49 -7.71
N LEU C 7 1.48 49.57 -8.22
CA LEU C 7 0.29 49.96 -8.96
C LEU C 7 -0.68 50.74 -8.07
N GLY C 8 -0.85 50.30 -6.82
CA GLY C 8 -1.69 51.04 -5.90
C GLY C 8 -1.18 52.45 -5.63
N LYS C 9 0.13 52.59 -5.47
CA LYS C 9 0.72 53.90 -5.27
C LYS C 9 0.50 54.79 -6.49
N LEU C 10 0.68 54.25 -7.70
CA LEU C 10 0.47 55.05 -8.89
C LEU C 10 -0.99 55.46 -9.04
N LEU C 11 -1.92 54.56 -8.72
CA LEU C 11 -3.33 54.92 -8.77
C LEU C 11 -3.69 55.96 -7.71
N ASP C 12 -3.07 55.87 -6.53
CA ASP C 12 -3.26 56.90 -5.52
C ASP C 12 -2.73 58.25 -5.99
N LYS C 13 -1.63 58.23 -6.75
CA LYS C 13 -1.11 59.47 -7.34
C LYS C 13 -2.07 60.03 -8.38
N VAL C 14 -2.65 59.16 -9.22
CA VAL C 14 -3.48 59.65 -10.31
C VAL C 14 -4.88 60.06 -9.85
N GLN C 15 -5.38 59.53 -8.73
CA GLN C 15 -6.75 59.84 -8.34
C GLN C 15 -6.94 61.29 -7.87
N ALA C 16 -5.85 62.03 -7.69
CA ALA C 16 -5.97 63.40 -7.16
C ALA C 16 -6.78 64.29 -8.10
N TYR C 17 -6.53 64.20 -9.40
CA TYR C 17 -7.21 65.03 -10.40
C TYR C 17 -7.99 64.10 -11.33
N SER C 18 -9.28 63.91 -11.05
CA SER C 18 -10.14 63.08 -11.88
C SER C 18 -11.58 63.47 -11.62
N THR C 19 -12.45 63.06 -12.53
CA THR C 19 -13.88 63.32 -12.38
C THR C 19 -14.46 62.42 -11.29
N ALA C 20 -15.68 62.73 -10.87
CA ALA C 20 -16.32 61.97 -9.80
C ALA C 20 -16.53 60.51 -10.22
N GLY C 21 -16.97 60.29 -11.46
CA GLY C 21 -17.13 58.92 -11.94
C GLY C 21 -15.82 58.17 -11.95
N GLY C 22 -14.74 58.83 -12.35
CA GLY C 22 -13.43 58.19 -12.30
C GLY C 22 -13.01 57.83 -10.89
N LYS C 23 -13.28 58.72 -9.94
CA LYS C 23 -12.95 58.43 -8.55
C LYS C 23 -13.75 57.24 -8.03
N VAL C 24 -15.04 57.18 -8.35
CA VAL C 24 -15.86 56.04 -7.92
C VAL C 24 -15.36 54.75 -8.56
N TRP C 25 -14.98 54.81 -9.84
CA TRP C 25 -14.44 53.63 -10.51
C TRP C 25 -13.14 53.17 -9.86
N LEU C 26 -12.26 54.12 -9.52
CA LEU C 26 -11.02 53.76 -8.84
C LEU C 26 -11.30 53.15 -7.47
N SER C 27 -12.29 53.69 -6.75
CA SER C 27 -12.62 53.16 -5.44
C SER C 27 -13.14 51.72 -5.54
N VAL C 28 -14.05 51.46 -6.49
CA VAL C 28 -14.60 50.12 -6.62
C VAL C 28 -13.53 49.15 -7.10
N LEU C 29 -12.63 49.62 -7.98
CA LEU C 29 -11.52 48.78 -8.41
C LEU C 29 -10.61 48.41 -7.24
N PHE C 30 -10.32 49.38 -6.38
CA PHE C 30 -9.48 49.11 -5.22
C PHE C 30 -10.17 48.15 -4.24
N ILE C 31 -11.46 48.33 -4.02
CA ILE C 31 -12.16 47.56 -2.99
C ILE C 31 -12.47 46.16 -3.48
N PHE C 32 -13.25 46.04 -4.54
CA PHE C 32 -13.78 44.73 -4.94
C PHE C 32 -12.83 43.95 -5.83
N ARG C 33 -12.15 44.62 -6.77
CA ARG C 33 -11.30 43.89 -7.70
C ARG C 33 -10.00 43.44 -7.06
N ILE C 34 -9.36 44.29 -6.25
CA ILE C 34 -8.03 44.00 -5.73
C ILE C 34 -8.11 43.39 -4.34
N LEU C 35 -8.74 44.11 -3.41
CA LEU C 35 -8.75 43.68 -2.01
C LEU C 35 -9.44 42.33 -1.84
N LEU C 36 -10.62 42.17 -2.46
CA LEU C 36 -11.37 40.94 -2.30
C LEU C 36 -10.63 39.75 -2.89
N LEU C 37 -10.04 39.91 -4.07
CA LEU C 37 -9.32 38.81 -4.70
C LEU C 37 -8.11 38.41 -3.86
N GLY C 38 -7.36 39.38 -3.34
CA GLY C 38 -6.19 39.05 -2.54
C GLY C 38 -6.54 38.42 -1.21
N THR C 39 -7.61 38.88 -0.58
CA THR C 39 -7.91 38.45 0.79
C THR C 39 -8.40 37.00 0.83
N ALA C 40 -9.50 36.71 0.14
CA ALA C 40 -10.16 35.43 0.33
C ALA C 40 -10.37 34.64 -0.96
N VAL C 41 -10.54 35.33 -2.08
CA VAL C 41 -10.87 34.65 -3.33
C VAL C 41 -9.73 33.74 -3.78
N GLU C 42 -8.48 34.23 -3.71
CA GLU C 42 -7.35 33.46 -4.21
C GLU C 42 -7.08 32.22 -3.36
N SER C 43 -7.57 32.17 -2.13
CA SER C 43 -7.34 31.00 -1.29
C SER C 43 -8.20 29.81 -1.74
N ALA C 44 -9.33 30.08 -2.39
CA ALA C 44 -10.17 28.98 -2.86
C ALA C 44 -9.44 28.13 -3.90
N TRP C 45 -8.73 28.77 -4.83
CA TRP C 45 -7.94 28.05 -5.81
C TRP C 45 -6.57 27.69 -5.25
N GLY C 46 -6.55 27.04 -4.09
CA GLY C 46 -5.31 26.67 -3.45
C GLY C 46 -4.91 25.24 -3.69
N ASP C 47 -5.89 24.37 -3.92
CA ASP C 47 -5.64 22.96 -4.15
C ASP C 47 -6.48 22.45 -5.31
N GLU C 48 -6.63 23.26 -6.35
CA GLU C 48 -7.36 22.83 -7.53
C GLU C 48 -6.62 21.76 -8.32
N GLN C 49 -5.36 21.51 -8.01
CA GLN C 49 -4.56 20.47 -8.66
C GLN C 49 -4.42 19.21 -7.82
N SER C 50 -4.20 19.36 -6.52
CA SER C 50 -4.01 18.18 -5.67
C SER C 50 -5.32 17.48 -5.37
N ALA C 51 -6.42 18.22 -5.23
CA ALA C 51 -7.72 17.61 -4.96
C ALA C 51 -8.37 17.04 -6.21
N PHE C 52 -7.89 17.38 -7.39
CA PHE C 52 -8.42 16.83 -8.63
C PHE C 52 -8.04 15.36 -8.74
N ARG C 53 -9.01 14.51 -9.06
CA ARG C 53 -8.76 13.08 -9.19
C ARG C 53 -9.72 12.49 -10.20
N CYS C 54 -9.31 11.39 -10.81
CA CYS C 54 -10.09 10.70 -11.83
C CYS C 54 -10.30 9.25 -11.44
N ASN C 55 -11.27 8.62 -12.09
CA ASN C 55 -11.64 7.23 -11.80
C ASN C 55 -10.93 6.30 -12.79
N THR C 56 -9.62 6.19 -12.62
CA THR C 56 -8.81 5.29 -13.43
C THR C 56 -7.49 5.03 -12.73
N GLN C 57 -6.81 3.98 -13.17
CA GLN C 57 -5.46 3.66 -12.69
C GLN C 57 -4.44 3.69 -13.81
N GLN C 58 -4.78 4.31 -14.94
CA GLN C 58 -3.82 4.49 -16.02
C GLN C 58 -2.84 5.61 -15.65
N PRO C 59 -1.54 5.36 -15.64
CA PRO C 59 -0.58 6.40 -15.26
C PRO C 59 -0.62 7.58 -16.22
N GLY C 60 -0.56 8.78 -15.65
CA GLY C 60 -0.46 10.00 -16.42
C GLY C 60 -1.77 10.54 -16.97
N CYS C 61 -2.89 9.86 -16.73
CA CYS C 61 -4.17 10.34 -17.24
C CYS C 61 -4.68 11.54 -16.46
N GLU C 62 -4.38 11.62 -15.16
CA GLU C 62 -4.88 12.71 -14.34
C GLU C 62 -4.32 14.06 -14.80
N ASN C 63 -3.01 14.12 -15.07
CA ASN C 63 -2.41 15.37 -15.53
C ASN C 63 -3.00 15.81 -16.86
N VAL C 64 -3.16 14.88 -17.80
CA VAL C 64 -3.72 15.20 -19.10
C VAL C 64 -5.15 15.72 -18.96
N CYS C 65 -5.96 15.04 -18.14
CA CYS C 65 -7.34 15.46 -17.97
C CYS C 65 -7.43 16.84 -17.29
N TYR C 66 -6.57 17.10 -16.31
CA TYR C 66 -6.57 18.42 -15.69
C TYR C 66 -6.18 19.50 -16.69
N ASP C 67 -5.14 19.24 -17.50
CA ASP C 67 -4.73 20.21 -18.51
C ASP C 67 -5.85 20.45 -19.51
N LYS C 68 -6.59 19.40 -19.87
CA LYS C 68 -7.73 19.56 -20.76
C LYS C 68 -8.83 20.39 -20.12
N SER C 69 -9.07 20.18 -18.82
CA SER C 69 -10.21 20.82 -18.18
C SER C 69 -9.98 22.31 -17.94
N PHE C 70 -8.78 22.69 -17.49
CA PHE C 70 -8.47 24.07 -17.13
C PHE C 70 -7.32 24.58 -17.99
N PRO C 71 -7.60 25.17 -19.15
CA PRO C 71 -6.53 25.78 -19.94
C PRO C 71 -5.79 26.88 -19.20
N ILE C 72 -6.49 27.67 -18.38
CA ILE C 72 -5.87 28.73 -17.60
C ILE C 72 -6.73 28.99 -16.38
N SER C 73 -6.10 29.10 -15.21
CA SER C 73 -6.83 29.29 -13.97
C SER C 73 -7.55 30.62 -13.96
N HIS C 74 -8.68 30.67 -13.23
CA HIS C 74 -9.47 31.88 -13.16
C HIS C 74 -8.72 33.01 -12.45
N VAL C 75 -7.94 32.68 -11.42
CA VAL C 75 -7.24 33.71 -10.66
C VAL C 75 -6.24 34.44 -11.54
N ARG C 76 -5.47 33.68 -12.33
CA ARG C 76 -4.51 34.30 -13.25
C ARG C 76 -5.21 35.12 -14.31
N PHE C 77 -6.36 34.62 -14.81
CA PHE C 77 -7.13 35.38 -15.80
C PHE C 77 -7.59 36.70 -15.22
N TRP C 78 -8.08 36.70 -13.98
CA TRP C 78 -8.55 37.92 -13.35
C TRP C 78 -7.40 38.88 -13.08
N VAL C 79 -6.23 38.35 -12.70
CA VAL C 79 -5.06 39.21 -12.49
C VAL C 79 -4.67 39.88 -13.81
N LEU C 80 -4.64 39.11 -14.90
CA LEU C 80 -4.32 39.68 -16.20
C LEU C 80 -5.34 40.74 -16.60
N GLN C 81 -6.63 40.48 -16.34
CA GLN C 81 -7.66 41.46 -16.64
C GLN C 81 -7.46 42.75 -15.85
N ILE C 82 -7.18 42.62 -14.56
CA ILE C 82 -6.95 43.80 -13.72
C ILE C 82 -5.76 44.60 -14.24
N ILE C 83 -4.69 43.91 -14.63
CA ILE C 83 -3.53 44.60 -15.19
C ILE C 83 -3.90 45.31 -16.48
N PHE C 84 -4.66 44.65 -17.35
CA PHE C 84 -4.99 45.20 -18.66
C PHE C 84 -6.08 46.26 -18.63
N VAL C 85 -6.73 46.48 -17.50
CA VAL C 85 -7.76 47.52 -17.43
C VAL C 85 -7.26 48.62 -16.48
N SER C 86 -5.95 48.87 -16.49
CA SER C 86 -5.37 49.96 -15.70
C SER C 86 -4.37 50.82 -16.45
N VAL C 87 -3.91 50.40 -17.63
CA VAL C 87 -2.88 51.19 -18.35
C VAL C 87 -3.39 52.56 -18.78
N PRO C 88 -4.57 52.69 -19.40
CA PRO C 88 -4.97 54.02 -19.92
C PRO C 88 -5.06 55.10 -18.84
N THR C 89 -5.39 54.74 -17.60
CA THR C 89 -5.33 55.72 -16.52
C THR C 89 -3.91 56.22 -16.31
N LEU C 90 -2.93 55.32 -16.39
CA LEU C 90 -1.53 55.74 -16.29
C LEU C 90 -1.13 56.62 -17.47
N LEU C 91 -1.66 56.33 -18.66
CA LEU C 91 -1.40 57.19 -19.81
C LEU C 91 -1.95 58.60 -19.58
N TYR C 92 -3.17 58.69 -19.03
CA TYR C 92 -3.74 59.99 -18.70
C TYR C 92 -2.89 60.70 -17.67
N LEU C 93 -2.39 59.96 -16.67
CA LEU C 93 -1.50 60.55 -15.67
C LEU C 93 -0.24 61.11 -16.31
N ALA C 94 0.34 60.37 -17.25
CA ALA C 94 1.53 60.84 -17.94
C ALA C 94 1.25 62.11 -18.73
N HIS C 95 0.10 62.16 -19.42
CA HIS C 95 -0.24 63.37 -20.16
C HIS C 95 -0.45 64.56 -19.22
N VAL C 96 -1.06 64.31 -18.06
CA VAL C 96 -1.23 65.38 -17.07
C VAL C 96 0.12 65.88 -16.58
N PHE C 97 1.06 64.97 -16.35
CA PHE C 97 2.40 65.37 -15.93
C PHE C 97 3.10 66.18 -17.02
N TYR C 98 2.90 65.80 -18.29
CA TYR C 98 3.45 66.59 -19.39
C TYR C 98 2.86 67.99 -19.40
N VAL C 99 1.55 68.11 -19.18
CA VAL C 99 0.92 69.43 -19.08
C VAL C 99 1.52 70.23 -17.94
N MET C 100 1.77 69.58 -16.80
CA MET C 100 2.38 70.26 -15.67
C MET C 100 3.77 70.77 -16.01
N ARG C 101 4.57 69.95 -16.72
CA ARG C 101 5.90 70.40 -17.14
C ARG C 101 5.81 71.61 -18.06
N LYS C 102 4.88 71.58 -19.02
CA LYS C 102 4.70 72.72 -19.91
C LYS C 102 4.30 73.97 -19.13
N GLU C 103 3.42 73.79 -18.13
CA GLU C 103 3.01 74.91 -17.29
C GLU C 103 4.19 75.49 -16.53
N GLU C 104 5.04 74.63 -15.97
CA GLU C 104 6.20 75.11 -15.22
C GLU C 104 7.15 75.89 -16.12
N LYS C 105 7.41 75.37 -17.32
CA LYS C 105 8.31 76.06 -18.25
C LYS C 105 7.73 77.41 -18.67
N LEU C 106 6.43 77.45 -18.97
CA LEU C 106 5.81 78.71 -19.36
C LEU C 106 5.82 79.72 -18.22
N ASN C 107 5.59 79.24 -16.99
CA ASN C 107 5.68 80.13 -15.83
C ASN C 107 7.08 80.68 -15.66
N LYS C 108 8.10 79.83 -15.87
CA LYS C 108 9.47 80.32 -15.78
C LYS C 108 9.74 81.39 -16.84
N LYS C 109 9.28 81.16 -18.07
CA LYS C 109 9.49 82.16 -19.12
C LYS C 109 8.77 83.47 -18.81
N GLU C 110 7.55 83.40 -18.27
CA GLU C 110 6.85 84.65 -18.00
C GLU C 110 7.47 85.37 -16.82
N GLU C 111 7.91 84.64 -15.79
CA GLU C 111 8.62 85.26 -14.69
C GLU C 111 9.88 85.95 -15.19
N GLU C 112 10.55 85.35 -16.18
CA GLU C 112 11.70 85.99 -16.80
C GLU C 112 11.29 87.28 -17.48
N LEU C 113 10.16 87.27 -18.20
CA LEU C 113 9.74 88.47 -18.91
C LEU C 113 9.46 89.62 -17.95
N LYS C 114 8.79 89.35 -16.84
CA LYS C 114 8.41 90.40 -15.89
C LYS C 114 9.63 90.94 -15.15
N MET C 125 3.55 92.08 -26.51
CA MET C 125 2.73 91.05 -27.13
C MET C 125 3.08 89.66 -26.57
N HIS C 126 4.23 89.57 -25.91
CA HIS C 126 4.63 88.30 -25.31
C HIS C 126 3.68 87.89 -24.20
N LEU C 127 3.18 88.86 -23.43
CA LEU C 127 2.17 88.54 -22.42
C LEU C 127 0.91 87.98 -23.05
N LYS C 128 0.51 88.52 -24.20
CA LYS C 128 -0.69 88.02 -24.88
C LYS C 128 -0.54 86.56 -25.27
N GLN C 129 0.60 86.20 -25.88
CA GLN C 129 0.79 84.82 -26.31
C GLN C 129 0.96 83.88 -25.11
N ILE C 130 1.62 84.37 -24.05
CA ILE C 130 1.73 83.55 -22.84
C ILE C 130 0.36 83.25 -22.26
N GLU C 131 -0.50 84.27 -22.19
CA GLU C 131 -1.84 84.08 -21.66
C GLU C 131 -2.68 83.18 -22.55
N ILE C 132 -2.55 83.32 -23.87
CA ILE C 132 -3.34 82.48 -24.77
C ILE C 132 -2.87 81.03 -24.68
N LYS C 133 -1.56 80.80 -24.49
CA LYS C 133 -1.09 79.44 -24.33
C LYS C 133 -1.51 78.86 -22.98
N LYS C 134 -1.60 79.70 -21.95
CA LYS C 134 -2.01 79.21 -20.64
C LYS C 134 -3.49 78.90 -20.62
N PHE C 135 -4.28 79.64 -21.39
CA PHE C 135 -5.71 79.34 -21.50
C PHE C 135 -5.95 78.13 -22.38
N LYS C 136 -5.16 77.96 -23.45
CA LYS C 136 -5.38 76.85 -24.37
C LYS C 136 -5.20 75.51 -23.66
N TYR C 137 -4.16 75.40 -22.82
CA TYR C 137 -3.93 74.20 -22.05
C TYR C 137 -4.74 74.15 -20.76
N GLY C 138 -5.54 75.18 -20.49
CA GLY C 138 -6.35 75.22 -19.27
C GLY C 138 -5.55 75.35 -18.00
N ILE C 139 -4.46 76.12 -18.03
CA ILE C 139 -3.61 76.32 -16.86
C ILE C 139 -3.66 77.80 -16.53
N GLU C 140 -4.51 78.18 -15.57
CA GLU C 140 -4.68 79.56 -15.16
C GLU C 140 -4.35 79.81 -13.70
N GLU C 141 -4.81 78.94 -12.80
CA GLU C 141 -4.75 79.16 -11.37
C GLU C 141 -3.52 78.51 -10.73
N HIS C 142 -2.62 77.94 -11.54
CA HIS C 142 -1.42 77.27 -11.04
C HIS C 142 -1.76 76.14 -10.06
N GLY C 143 -2.47 75.15 -10.59
CA GLY C 143 -2.88 74.01 -9.78
C GLY C 143 -4.33 73.63 -9.97
N LYS C 144 -4.98 74.21 -10.98
CA LYS C 144 -6.39 73.97 -11.29
C LYS C 144 -6.55 73.60 -12.75
N VAL C 145 -5.73 72.64 -13.20
CA VAL C 145 -5.74 72.24 -14.60
C VAL C 145 -7.13 71.75 -14.99
N LYS C 146 -7.65 72.30 -16.09
CA LYS C 146 -8.96 71.97 -16.61
C LYS C 146 -8.82 71.10 -17.85
N MET C 147 -9.91 70.39 -18.17
CA MET C 147 -9.94 69.51 -19.34
C MET C 147 -10.47 70.28 -20.53
N ARG C 148 -9.62 70.47 -21.54
CA ARG C 148 -10.01 71.22 -22.73
C ARG C 148 -9.04 70.90 -23.86
N GLY C 149 -9.58 70.46 -25.00
CA GLY C 149 -8.78 70.27 -26.19
C GLY C 149 -8.08 68.93 -26.29
N GLY C 150 -6.99 68.77 -25.53
CA GLY C 150 -6.21 67.55 -25.63
C GLY C 150 -6.46 66.58 -24.48
N LEU C 151 -6.57 67.13 -23.27
CA LEU C 151 -6.86 66.29 -22.11
C LEU C 151 -8.21 65.60 -22.27
N LEU C 152 -9.21 66.31 -22.79
CA LEU C 152 -10.52 65.71 -23.01
C LEU C 152 -10.44 64.56 -24.01
N ARG C 153 -9.68 64.76 -25.10
CA ARG C 153 -9.52 63.71 -26.10
C ARG C 153 -8.84 62.50 -25.50
N THR C 154 -7.77 62.71 -24.72
CA THR C 154 -7.07 61.61 -24.09
C THR C 154 -7.97 60.88 -23.11
N TYR C 155 -8.77 61.62 -22.34
CA TYR C 155 -9.68 61.01 -21.39
C TYR C 155 -10.72 60.14 -22.11
N ILE C 156 -11.29 60.65 -23.20
CA ILE C 156 -12.30 59.89 -23.94
C ILE C 156 -11.70 58.63 -24.53
N ILE C 157 -10.51 58.73 -25.15
CA ILE C 157 -9.92 57.55 -25.75
C ILE C 157 -9.52 56.54 -24.68
N SER C 158 -9.07 57.02 -23.51
CA SER C 158 -8.76 56.11 -22.40
C SER C 158 -10.00 55.36 -21.94
N ILE C 159 -11.13 56.07 -21.80
CA ILE C 159 -12.37 55.41 -21.39
C ILE C 159 -12.78 54.36 -22.41
N LEU C 160 -12.71 54.71 -23.70
CA LEU C 160 -13.10 53.75 -24.74
C LEU C 160 -12.18 52.52 -24.72
N PHE C 161 -10.88 52.73 -24.57
CA PHE C 161 -9.95 51.60 -24.52
C PHE C 161 -10.23 50.70 -23.33
N LYS C 162 -10.49 51.29 -22.17
CA LYS C 162 -10.82 50.50 -20.99
C LYS C 162 -12.07 49.67 -21.22
N SER C 163 -13.11 50.30 -21.78
CA SER C 163 -14.36 49.58 -22.02
C SER C 163 -14.17 48.42 -22.99
N ILE C 164 -13.44 48.65 -24.09
CA ILE C 164 -13.28 47.59 -25.08
C ILE C 164 -12.42 46.46 -24.52
N PHE C 165 -11.39 46.80 -23.73
CA PHE C 165 -10.60 45.74 -23.10
C PHE C 165 -11.46 44.89 -22.18
N GLU C 166 -12.30 45.53 -21.37
CA GLU C 166 -13.14 44.78 -20.44
C GLU C 166 -14.11 43.87 -21.18
N VAL C 167 -14.76 44.39 -22.23
CA VAL C 167 -15.74 43.58 -22.95
C VAL C 167 -15.04 42.43 -23.68
N ALA C 168 -13.82 42.67 -24.20
CA ALA C 168 -13.09 41.59 -24.86
C ALA C 168 -12.73 40.49 -23.88
N PHE C 169 -12.25 40.86 -22.69
CA PHE C 169 -11.93 39.85 -21.69
C PHE C 169 -13.17 39.07 -21.27
N LEU C 170 -14.29 39.77 -21.10
CA LEU C 170 -15.54 39.09 -20.75
C LEU C 170 -15.96 38.09 -21.83
N LEU C 171 -15.86 38.49 -23.10
CA LEU C 171 -16.22 37.58 -24.18
C LEU C 171 -15.30 36.38 -24.22
N ILE C 172 -14.00 36.58 -24.00
CA ILE C 172 -13.06 35.46 -23.98
C ILE C 172 -13.42 34.48 -22.88
N GLN C 173 -13.71 35.01 -21.68
CA GLN C 173 -14.07 34.13 -20.57
C GLN C 173 -15.37 33.37 -20.88
N TRP C 174 -16.34 34.05 -21.47
CA TRP C 174 -17.59 33.37 -21.83
C TRP C 174 -17.35 32.25 -22.82
N TYR C 175 -16.51 32.49 -23.82
CA TYR C 175 -16.26 31.45 -24.82
C TYR C 175 -15.51 30.26 -24.22
N ILE C 176 -14.54 30.53 -23.36
CA ILE C 176 -13.66 29.44 -22.89
C ILE C 176 -14.40 28.56 -21.89
N TYR C 177 -14.79 29.13 -20.75
CA TYR C 177 -15.34 28.37 -19.64
C TYR C 177 -16.86 28.39 -19.58
N GLY C 178 -17.46 29.58 -19.65
CA GLY C 178 -18.87 29.72 -19.35
C GLY C 178 -19.04 30.52 -18.07
N PHE C 179 -20.03 30.16 -17.26
CA PHE C 179 -20.20 30.83 -15.98
C PHE C 179 -20.58 29.86 -14.87
N SER C 180 -20.25 28.59 -15.01
CA SER C 180 -20.49 27.60 -13.95
C SER C 180 -19.55 26.44 -14.16
N LEU C 181 -19.34 25.68 -13.07
CA LEU C 181 -18.47 24.51 -13.08
C LEU C 181 -19.27 23.30 -12.62
N SER C 182 -19.47 22.35 -13.51
CA SER C 182 -20.17 21.12 -13.16
C SER C 182 -19.30 20.26 -12.24
N ALA C 183 -19.96 19.52 -11.35
CA ALA C 183 -19.24 18.71 -10.38
C ALA C 183 -18.50 17.54 -11.00
N VAL C 184 -18.92 17.08 -12.18
CA VAL C 184 -18.32 15.94 -12.86
C VAL C 184 -17.91 16.37 -14.25
N TYR C 185 -16.69 16.02 -14.64
CA TYR C 185 -16.15 16.37 -15.95
C TYR C 185 -15.81 15.08 -16.71
N THR C 186 -16.10 15.09 -18.01
CA THR C 186 -15.82 13.94 -18.87
C THR C 186 -14.55 14.22 -19.66
N CYS C 187 -13.60 13.28 -19.58
CA CYS C 187 -12.28 13.45 -20.18
C CYS C 187 -12.07 12.39 -21.25
N LYS C 188 -11.62 12.82 -22.43
CA LYS C 188 -11.36 11.91 -23.55
C LYS C 188 -10.11 12.43 -24.26
N ARG C 189 -8.95 11.90 -23.90
CA ARG C 189 -7.67 12.30 -24.45
C ARG C 189 -6.64 11.26 -24.06
N ASP C 190 -5.67 11.04 -24.95
CA ASP C 190 -4.63 10.06 -24.69
C ASP C 190 -3.79 10.47 -23.48
N PRO C 191 -3.27 9.50 -22.72
CA PRO C 191 -3.37 8.05 -22.90
C PRO C 191 -4.56 7.42 -22.17
N CYS C 192 -5.54 8.20 -21.74
CA CYS C 192 -6.70 7.65 -21.04
C CYS C 192 -7.49 6.74 -21.97
N PRO C 193 -7.72 5.48 -21.61
CA PRO C 193 -8.47 4.58 -22.50
C PRO C 193 -9.96 4.91 -22.50
N HIS C 194 -10.52 5.06 -23.70
CA HIS C 194 -11.94 5.35 -23.91
C HIS C 194 -12.26 6.65 -23.17
N GLN C 195 -13.33 6.71 -22.37
CA GLN C 195 -13.67 7.90 -21.63
C GLN C 195 -13.57 7.62 -20.13
N VAL C 196 -13.17 8.64 -19.37
CA VAL C 196 -13.00 8.52 -17.93
C VAL C 196 -13.76 9.65 -17.26
N ASP C 197 -14.04 9.47 -15.98
CA ASP C 197 -14.74 10.45 -15.17
C ASP C 197 -13.78 11.07 -14.16
N CYS C 198 -13.76 12.40 -14.12
CA CYS C 198 -12.92 13.15 -13.20
C CYS C 198 -13.79 14.12 -12.41
N PHE C 199 -13.40 14.37 -11.16
CA PHE C 199 -14.19 15.17 -10.24
C PHE C 199 -13.42 16.40 -9.83
N LEU C 200 -14.07 17.57 -9.89
CA LEU C 200 -13.43 18.84 -9.58
C LEU C 200 -13.35 19.03 -8.07
N SER C 201 -12.94 20.22 -7.65
CA SER C 201 -12.82 20.57 -6.24
C SER C 201 -13.54 21.89 -5.98
N ARG C 202 -14.39 21.91 -4.97
CA ARG C 202 -15.16 23.09 -4.57
C ARG C 202 -15.88 23.76 -5.74
N PRO C 203 -16.75 23.03 -6.46
CA PRO C 203 -17.47 23.67 -7.57
C PRO C 203 -18.36 24.82 -7.14
N THR C 204 -19.02 24.71 -5.99
CA THR C 204 -20.03 25.69 -5.61
C THR C 204 -19.42 27.05 -5.29
N GLU C 205 -18.35 27.05 -4.49
CA GLU C 205 -17.68 28.30 -4.16
C GLU C 205 -17.14 28.97 -5.42
N LYS C 206 -16.55 28.19 -6.32
CA LYS C 206 -16.00 28.75 -7.55
C LYS C 206 -17.11 29.36 -8.42
N THR C 207 -18.26 28.67 -8.52
CA THR C 207 -19.37 29.24 -9.28
C THR C 207 -19.86 30.54 -8.65
N ILE C 208 -19.97 30.56 -7.32
CA ILE C 208 -20.45 31.77 -6.64
C ILE C 208 -19.50 32.93 -6.90
N PHE C 209 -18.19 32.69 -6.78
CA PHE C 209 -17.23 33.76 -6.98
C PHE C 209 -17.17 34.20 -8.44
N ILE C 210 -17.34 33.28 -9.38
CA ILE C 210 -17.39 33.66 -10.79
C ILE C 210 -18.57 34.57 -11.06
N ILE C 211 -19.74 34.22 -10.52
CA ILE C 211 -20.93 35.07 -10.71
C ILE C 211 -20.71 36.44 -10.07
N PHE C 212 -20.09 36.45 -8.89
CA PHE C 212 -19.81 37.73 -8.21
C PHE C 212 -18.90 38.61 -9.05
N MET C 213 -17.83 38.02 -9.60
CA MET C 213 -16.91 38.80 -10.43
C MET C 213 -17.59 39.29 -11.71
N LEU C 214 -18.46 38.47 -12.29
CA LEU C 214 -19.21 38.91 -13.47
C LEU C 214 -20.09 40.12 -13.14
N VAL C 215 -20.77 40.07 -12.00
CA VAL C 215 -21.60 41.20 -11.58
C VAL C 215 -20.76 42.45 -11.38
N VAL C 216 -19.60 42.30 -10.73
CA VAL C 216 -18.72 43.44 -10.49
C VAL C 216 -18.26 44.05 -11.81
N SER C 217 -17.87 43.20 -12.77
CA SER C 217 -17.43 43.69 -14.06
C SER C 217 -18.54 44.44 -14.78
N LEU C 218 -19.76 43.90 -14.74
CA LEU C 218 -20.88 44.59 -15.38
C LEU C 218 -21.14 45.94 -14.72
N VAL C 219 -21.04 46.00 -13.39
CA VAL C 219 -21.26 47.26 -12.69
C VAL C 219 -20.20 48.28 -13.09
N SER C 220 -18.94 47.85 -13.20
CA SER C 220 -17.88 48.75 -13.61
C SER C 220 -18.11 49.25 -15.04
N LEU C 221 -18.55 48.36 -15.93
CA LEU C 221 -18.85 48.76 -17.31
C LEU C 221 -19.93 49.84 -17.33
N ALA C 222 -21.01 49.63 -16.58
CA ALA C 222 -22.08 50.62 -16.53
C ALA C 222 -21.57 51.95 -15.95
N LEU C 223 -20.73 51.87 -14.93
CA LEU C 223 -20.21 53.08 -14.31
C LEU C 223 -19.37 53.90 -15.28
N ASN C 224 -18.49 53.24 -16.04
CA ASN C 224 -17.68 54.01 -16.98
C ASN C 224 -18.51 54.51 -18.17
N ILE C 225 -19.56 53.78 -18.55
CA ILE C 225 -20.47 54.29 -19.57
C ILE C 225 -21.14 55.58 -19.09
N ILE C 226 -21.60 55.58 -17.83
CA ILE C 226 -22.20 56.79 -17.26
C ILE C 226 -21.19 57.92 -17.21
N GLU C 227 -19.95 57.62 -16.84
CA GLU C 227 -18.92 58.64 -16.80
C GLU C 227 -18.67 59.25 -18.19
N LEU C 228 -18.63 58.39 -19.22
CA LEU C 228 -18.45 58.89 -20.57
C LEU C 228 -19.60 59.79 -21.00
N PHE C 229 -20.84 59.37 -20.70
CA PHE C 229 -21.99 60.20 -21.06
C PHE C 229 -21.93 61.55 -20.34
N TYR C 230 -21.59 61.54 -19.06
CA TYR C 230 -21.52 62.79 -18.31
C TYR C 230 -20.44 63.70 -18.84
N VAL C 231 -19.27 63.15 -19.18
CA VAL C 231 -18.20 64.01 -19.69
C VAL C 231 -18.55 64.55 -21.07
N PHE C 232 -19.25 63.77 -21.89
CA PHE C 232 -19.71 64.29 -23.18
C PHE C 232 -20.70 65.44 -22.98
N PHE C 233 -21.63 65.28 -22.03
CA PHE C 233 -22.56 66.37 -21.76
C PHE C 233 -21.83 67.61 -21.25
N LYS C 234 -20.83 67.43 -20.40
CA LYS C 234 -20.05 68.56 -19.91
C LYS C 234 -19.32 69.26 -21.05
N GLY C 235 -18.77 68.48 -21.99
CA GLY C 235 -18.14 69.08 -23.15
C GLY C 235 -19.12 69.86 -24.01
N VAL C 236 -20.33 69.33 -24.18
CA VAL C 236 -21.35 70.03 -24.94
C VAL C 236 -21.76 71.31 -24.22
N LYS C 237 -21.67 71.34 -22.89
CA LYS C 237 -22.07 72.52 -22.13
C LYS C 237 -21.32 73.77 -22.60
N ASP C 238 -20.04 73.63 -22.92
CA ASP C 238 -19.25 74.76 -23.38
C ASP C 238 -19.73 75.25 -24.75
N GLY D 2 -2.55 39.52 5.15
CA GLY D 2 -3.65 39.94 4.31
C GLY D 2 -3.35 41.20 3.52
N ASP D 3 -4.41 41.87 3.07
CA ASP D 3 -4.30 43.10 2.28
C ASP D 3 -5.26 44.17 2.78
N TRP D 4 -5.62 44.11 4.06
CA TRP D 4 -6.59 45.05 4.64
C TRP D 4 -6.00 46.44 4.89
N SER D 5 -4.81 46.73 4.36
CA SER D 5 -4.16 48.00 4.64
C SER D 5 -4.96 49.18 4.08
N ALA D 6 -5.46 49.06 2.86
CA ALA D 6 -6.15 50.17 2.22
C ALA D 6 -7.45 50.51 2.94
N LEU D 7 -8.27 49.48 3.23
CA LEU D 7 -9.53 49.71 3.92
C LEU D 7 -9.29 50.26 5.32
N GLY D 8 -8.28 49.74 6.02
CA GLY D 8 -7.94 50.27 7.33
C GLY D 8 -7.51 51.72 7.28
N LYS D 9 -6.71 52.08 6.27
CA LYS D 9 -6.29 53.47 6.11
C LYS D 9 -7.49 54.37 5.84
N LEU D 10 -8.41 53.92 4.99
CA LEU D 10 -9.58 54.75 4.68
C LEU D 10 -10.47 54.91 5.92
N LEU D 11 -10.62 53.85 6.71
CA LEU D 11 -11.40 53.96 7.94
C LEU D 11 -10.71 54.87 8.96
N ASP D 12 -9.38 54.82 9.02
CA ASP D 12 -8.64 55.74 9.88
C ASP D 12 -8.84 57.19 9.41
N LYS D 13 -8.92 57.40 8.10
CA LYS D 13 -9.22 58.73 7.59
C LYS D 13 -10.62 59.18 7.97
N VAL D 14 -11.60 58.28 7.88
CA VAL D 14 -12.99 58.68 8.12
C VAL D 14 -13.33 58.82 9.60
N GLN D 15 -12.60 58.15 10.49
CA GLN D 15 -12.96 58.20 11.91
C GLN D 15 -12.71 59.56 12.55
N ALA D 16 -12.03 60.47 11.85
CA ALA D 16 -11.70 61.76 12.46
C ALA D 16 -12.94 62.56 12.83
N TYR D 17 -13.94 62.59 11.94
CA TYR D 17 -15.18 63.33 12.15
C TYR D 17 -16.34 62.34 12.17
N SER D 18 -16.73 61.93 13.37
CA SER D 18 -17.85 61.01 13.53
C SER D 18 -18.38 61.13 14.96
N THR D 19 -19.60 60.63 15.15
CA THR D 19 -20.20 60.62 16.47
C THR D 19 -19.52 59.58 17.36
N ALA D 20 -19.79 59.67 18.66
CA ALA D 20 -19.17 58.74 19.60
C ALA D 20 -19.57 57.30 19.32
N GLY D 21 -20.86 57.07 19.03
CA GLY D 21 -21.30 55.73 18.68
C GLY D 21 -20.62 55.20 17.44
N GLY D 22 -20.43 56.06 16.43
CA GLY D 22 -19.70 55.66 15.25
C GLY D 22 -18.26 55.30 15.54
N LYS D 23 -17.61 56.07 16.41
CA LYS D 23 -16.23 55.77 16.79
C LYS D 23 -16.15 54.44 17.52
N VAL D 24 -17.09 54.17 18.43
CA VAL D 24 -17.09 52.89 19.14
C VAL D 24 -17.33 51.74 18.17
N TRP D 25 -18.24 51.93 17.21
CA TRP D 25 -18.48 50.90 16.21
C TRP D 25 -17.25 50.63 15.36
N LEU D 26 -16.55 51.69 14.96
CA LEU D 26 -15.32 51.52 14.19
C LEU D 26 -14.27 50.79 15.02
N SER D 27 -14.16 51.11 16.31
CA SER D 27 -13.18 50.46 17.17
C SER D 27 -13.48 48.97 17.30
N VAL D 28 -14.75 48.61 17.54
CA VAL D 28 -15.08 47.20 17.71
C VAL D 28 -14.91 46.46 16.38
N LEU D 29 -15.23 47.12 15.26
CA LEU D 29 -15.01 46.51 13.95
C LEU D 29 -13.53 46.23 13.72
N PHE D 30 -12.68 47.19 14.09
CA PHE D 30 -11.23 47.00 13.92
C PHE D 30 -10.71 45.89 14.82
N ILE D 31 -11.19 45.83 16.06
CA ILE D 31 -10.62 44.90 17.03
C ILE D 31 -11.14 43.49 16.81
N PHE D 32 -12.45 43.30 16.91
CA PHE D 32 -13.01 41.95 16.92
C PHE D 32 -13.26 41.39 15.53
N ARG D 33 -13.75 42.22 14.60
CA ARG D 33 -14.10 41.70 13.28
C ARG D 33 -12.86 41.43 12.43
N ILE D 34 -11.89 42.33 12.45
CA ILE D 34 -10.74 42.25 11.54
C ILE D 34 -9.56 41.56 12.21
N LEU D 35 -9.11 42.10 13.34
CA LEU D 35 -7.90 41.61 13.98
C LEU D 35 -8.06 40.15 14.41
N LEU D 36 -9.17 39.84 15.06
CA LEU D 36 -9.38 38.48 15.57
C LEU D 36 -9.45 37.46 14.44
N LEU D 37 -10.18 37.80 13.37
CA LEU D 37 -10.30 36.88 12.24
C LEU D 37 -8.95 36.63 11.58
N GLY D 38 -8.17 37.68 11.39
CA GLY D 38 -6.87 37.52 10.73
C GLY D 38 -5.87 36.76 11.59
N THR D 39 -5.89 36.99 12.91
CA THR D 39 -4.85 36.44 13.77
C THR D 39 -5.01 34.94 13.95
N ALA D 40 -6.15 34.50 14.48
CA ALA D 40 -6.27 33.11 14.92
C ALA D 40 -7.46 32.38 14.30
N VAL D 41 -8.54 33.09 13.99
CA VAL D 41 -9.75 32.43 13.51
C VAL D 41 -9.52 31.76 12.17
N GLU D 42 -8.85 32.44 11.25
CA GLU D 42 -8.68 31.90 9.90
C GLU D 42 -7.76 30.69 9.88
N SER D 43 -6.94 30.49 10.91
CA SER D 43 -6.06 29.33 10.94
C SER D 43 -6.83 28.05 11.22
N ALA D 44 -7.98 28.14 11.89
CA ALA D 44 -8.77 26.94 12.17
C ALA D 44 -9.26 26.29 10.89
N TRP D 45 -9.72 27.10 9.93
CA TRP D 45 -10.14 26.58 8.63
C TRP D 45 -8.93 26.43 7.71
N GLY D 46 -7.92 25.72 8.16
CA GLY D 46 -6.72 25.55 7.37
C GLY D 46 -6.66 24.21 6.66
N ASP D 47 -7.32 23.21 7.22
CA ASP D 47 -7.33 21.87 6.65
C ASP D 47 -8.74 21.29 6.68
N GLU D 48 -9.75 22.12 6.42
CA GLU D 48 -11.12 21.63 6.36
C GLU D 48 -11.37 20.74 5.15
N GLN D 49 -10.45 20.71 4.19
CA GLN D 49 -10.56 19.86 3.01
C GLN D 49 -9.72 18.60 3.11
N SER D 50 -8.49 18.70 3.61
CA SER D 50 -7.63 17.53 3.67
C SER D 50 -8.01 16.59 4.81
N ALA D 51 -8.47 17.13 5.93
CA ALA D 51 -8.88 16.30 7.06
C ALA D 51 -10.26 15.69 6.88
N PHE D 52 -11.04 16.18 5.93
CA PHE D 52 -12.36 15.61 5.66
C PHE D 52 -12.22 14.24 5.01
N ARG D 53 -12.94 13.26 5.54
CA ARG D 53 -12.86 11.90 5.01
C ARG D 53 -14.20 11.21 5.21
N CYS D 54 -14.47 10.22 4.35
CA CYS D 54 -15.72 9.48 4.38
C CYS D 54 -15.43 7.99 4.50
N ASN D 55 -16.47 7.24 4.87
CA ASN D 55 -16.35 5.79 5.08
C ASN D 55 -16.80 5.05 3.82
N THR D 56 -15.98 5.17 2.79
CA THR D 56 -16.23 4.45 1.54
C THR D 56 -14.95 4.39 0.73
N GLN D 57 -14.94 3.49 -0.26
CA GLN D 57 -13.82 3.38 -1.20
C GLN D 57 -14.27 3.65 -2.63
N GLN D 58 -15.43 4.27 -2.81
CA GLN D 58 -15.89 4.67 -4.13
C GLN D 58 -15.13 5.91 -4.57
N PRO D 59 -14.45 5.88 -5.72
CA PRO D 59 -13.67 7.05 -6.14
C PRO D 59 -14.56 8.26 -6.39
N GLY D 60 -14.08 9.42 -5.95
CA GLY D 60 -14.75 10.68 -6.20
C GLY D 60 -15.90 11.02 -5.28
N CYS D 61 -16.24 10.14 -4.33
CA CYS D 61 -17.36 10.43 -3.43
C CYS D 61 -17.00 11.48 -2.39
N GLU D 62 -15.72 11.53 -1.98
CA GLU D 62 -15.31 12.48 -0.95
C GLU D 62 -15.47 13.92 -1.42
N ASN D 63 -15.05 14.22 -2.65
CA ASN D 63 -15.18 15.58 -3.18
C ASN D 63 -16.65 15.99 -3.27
N VAL D 64 -17.50 15.09 -3.77
CA VAL D 64 -18.92 15.39 -3.91
C VAL D 64 -19.55 15.64 -2.54
N CYS D 65 -19.22 14.80 -1.56
CA CYS D 65 -19.78 14.97 -0.23
C CYS D 65 -19.31 16.27 0.43
N TYR D 66 -18.04 16.62 0.25
CA TYR D 66 -17.56 17.89 0.80
C TYR D 66 -18.26 19.07 0.14
N ASP D 67 -18.41 19.03 -1.18
CA ASP D 67 -19.11 20.11 -1.87
C ASP D 67 -20.56 20.22 -1.39
N LYS D 68 -21.20 19.07 -1.14
CA LYS D 68 -22.55 19.09 -0.60
C LYS D 68 -22.59 19.69 0.80
N SER D 69 -21.59 19.37 1.63
CA SER D 69 -21.64 19.76 3.03
C SER D 69 -21.38 21.26 3.21
N PHE D 70 -20.40 21.80 2.49
CA PHE D 70 -19.99 23.20 2.65
C PHE D 70 -20.16 23.95 1.33
N PRO D 71 -21.33 24.54 1.09
CA PRO D 71 -21.49 25.37 -0.10
C PRO D 71 -20.52 26.54 -0.17
N ILE D 72 -20.19 27.14 0.98
CA ILE D 72 -19.25 28.25 1.03
C ILE D 72 -18.66 28.29 2.43
N SER D 73 -17.33 28.44 2.51
CA SER D 73 -16.64 28.44 3.78
C SER D 73 -17.05 29.63 4.63
N HIS D 74 -16.99 29.44 5.95
CA HIS D 74 -17.38 30.49 6.87
C HIS D 74 -16.45 31.69 6.79
N VAL D 75 -15.15 31.45 6.60
CA VAL D 75 -14.17 32.54 6.58
C VAL D 75 -14.46 33.47 5.41
N ARG D 76 -14.71 32.91 4.23
CA ARG D 76 -15.04 33.72 3.07
C ARG D 76 -16.35 34.47 3.26
N PHE D 77 -17.34 33.81 3.89
CA PHE D 77 -18.60 34.47 4.17
C PHE D 77 -18.39 35.67 5.09
N TRP D 78 -17.58 35.51 6.13
CA TRP D 78 -17.32 36.60 7.06
C TRP D 78 -16.54 37.73 6.39
N VAL D 79 -15.60 37.39 5.51
CA VAL D 79 -14.86 38.41 4.77
C VAL D 79 -15.82 39.22 3.89
N LEU D 80 -16.71 38.52 3.18
CA LEU D 80 -17.70 39.21 2.35
C LEU D 80 -18.60 40.10 3.19
N GLN D 81 -19.02 39.61 4.37
CA GLN D 81 -19.85 40.42 5.26
C GLN D 81 -19.11 41.68 5.71
N ILE D 82 -17.84 41.53 6.11
CA ILE D 82 -17.06 42.68 6.55
C ILE D 82 -16.94 43.70 5.42
N ILE D 83 -16.71 43.22 4.19
CA ILE D 83 -16.62 44.13 3.05
C ILE D 83 -17.94 44.84 2.83
N PHE D 84 -19.05 44.11 2.92
CA PHE D 84 -20.36 44.66 2.63
C PHE D 84 -20.95 45.51 3.75
N VAL D 85 -20.31 45.57 4.91
CA VAL D 85 -20.80 46.42 5.99
C VAL D 85 -19.78 47.53 6.25
N SER D 86 -19.14 48.00 5.18
CA SER D 86 -18.20 49.12 5.28
C SER D 86 -18.37 50.18 4.21
N VAL D 87 -19.13 49.91 3.14
CA VAL D 87 -19.27 50.90 2.06
C VAL D 87 -19.96 52.19 2.51
N PRO D 88 -21.09 52.15 3.21
CA PRO D 88 -21.78 53.42 3.52
C PRO D 88 -20.95 54.41 4.32
N THR D 89 -20.04 53.93 5.17
CA THR D 89 -19.11 54.83 5.84
C THR D 89 -18.24 55.56 4.83
N LEU D 90 -17.77 54.85 3.81
CA LEU D 90 -16.99 55.49 2.75
C LEU D 90 -17.84 56.49 1.97
N LEU D 91 -19.13 56.18 1.76
CA LEU D 91 -20.01 57.14 1.11
C LEU D 91 -20.15 58.41 1.93
N TYR D 92 -20.30 58.26 3.25
CA TYR D 92 -20.36 59.43 4.13
C TYR D 92 -19.06 60.22 4.06
N LEU D 93 -17.92 59.52 4.02
CA LEU D 93 -16.63 60.19 3.89
C LEU D 93 -16.56 60.99 2.59
N ALA D 94 -17.05 60.42 1.50
CA ALA D 94 -17.05 61.12 0.21
C ALA D 94 -17.93 62.36 0.28
N HIS D 95 -19.10 62.26 0.91
CA HIS D 95 -19.96 63.43 1.03
C HIS D 95 -19.31 64.52 1.89
N VAL D 96 -18.61 64.11 2.96
CA VAL D 96 -17.89 65.08 3.78
C VAL D 96 -16.81 65.77 2.98
N PHE D 97 -16.09 65.01 2.14
CA PHE D 97 -15.07 65.62 1.29
C PHE D 97 -15.68 66.59 0.29
N TYR D 98 -16.85 66.25 -0.25
CA TYR D 98 -17.55 67.18 -1.13
C TYR D 98 -17.92 68.47 -0.40
N VAL D 99 -18.39 68.35 0.84
CA VAL D 99 -18.69 69.52 1.65
C VAL D 99 -17.44 70.35 1.88
N MET D 100 -16.31 69.69 2.12
CA MET D 100 -15.04 70.41 2.30
C MET D 100 -14.65 71.17 1.04
N ARG D 101 -14.83 70.54 -0.13
CA ARG D 101 -14.53 71.23 -1.40
C ARG D 101 -15.40 72.45 -1.57
N LYS D 102 -16.71 72.32 -1.28
CA LYS D 102 -17.61 73.46 -1.38
C LYS D 102 -17.18 74.56 -0.42
N GLU D 103 -16.77 74.20 0.79
CA GLU D 103 -16.30 75.17 1.76
C GLU D 103 -15.07 75.90 1.25
N GLU D 104 -14.13 75.18 0.65
CA GLU D 104 -12.91 75.81 0.16
C GLU D 104 -13.22 76.77 -0.98
N LYS D 105 -14.11 76.37 -1.89
CA LYS D 105 -14.47 77.27 -3.00
C LYS D 105 -15.19 78.51 -2.49
N LEU D 106 -16.11 78.36 -1.54
CA LEU D 106 -16.82 79.52 -0.99
C LEU D 106 -15.86 80.43 -0.24
N ASN D 107 -14.90 79.87 0.49
CA ASN D 107 -13.90 80.69 1.16
C ASN D 107 -13.05 81.46 0.15
N LYS D 108 -12.69 80.81 -0.96
CA LYS D 108 -11.94 81.52 -1.99
C LYS D 108 -12.74 82.68 -2.57
N LYS D 109 -14.03 82.45 -2.84
CA LYS D 109 -14.87 83.51 -3.37
C LYS D 109 -15.02 84.67 -2.39
N GLU D 110 -15.17 84.36 -1.09
CA GLU D 110 -15.35 85.45 -0.14
C GLU D 110 -14.04 86.21 0.05
N GLU D 111 -12.91 85.49 0.07
CA GLU D 111 -11.62 86.18 0.14
C GLU D 111 -11.43 87.10 -1.05
N GLU D 112 -11.93 86.67 -2.22
CA GLU D 112 -11.91 87.52 -3.40
C GLU D 112 -12.74 88.78 -3.18
N LEU D 113 -13.93 88.61 -2.57
CA LEU D 113 -14.81 89.76 -2.37
C LEU D 113 -14.18 90.79 -1.46
N LYS D 114 -13.54 90.35 -0.38
CA LYS D 114 -12.97 91.26 0.61
C LYS D 114 -11.73 91.96 0.05
N MET D 125 -24.64 92.67 -0.37
CA MET D 125 -25.54 91.55 -0.18
C MET D 125 -24.84 90.22 -0.43
N HIS D 126 -23.68 90.28 -1.08
CA HIS D 126 -22.90 89.07 -1.34
C HIS D 126 -22.43 88.44 -0.03
N LEU D 127 -22.05 89.27 0.95
CA LEU D 127 -21.68 88.74 2.25
C LEU D 127 -22.84 88.00 2.89
N LYS D 128 -24.06 88.52 2.74
CA LYS D 128 -25.23 87.87 3.32
C LYS D 128 -25.44 86.47 2.74
N GLN D 129 -25.36 86.35 1.42
CA GLN D 129 -25.58 85.05 0.80
C GLN D 129 -24.42 84.10 1.10
N ILE D 130 -23.20 84.62 1.16
CA ILE D 130 -22.06 83.77 1.53
C ILE D 130 -22.25 83.21 2.93
N GLU D 131 -22.67 84.06 3.88
CA GLU D 131 -22.89 83.62 5.24
C GLU D 131 -24.05 82.63 5.33
N ILE D 132 -25.13 82.87 4.59
CA ILE D 132 -26.27 81.96 4.65
C ILE D 132 -25.89 80.61 4.04
N LYS D 133 -25.05 80.60 3.00
CA LYS D 133 -24.61 79.32 2.44
C LYS D 133 -23.64 78.61 3.37
N LYS D 134 -22.84 79.38 4.12
CA LYS D 134 -21.89 78.75 5.04
C LYS D 134 -22.62 78.18 6.25
N PHE D 135 -23.72 78.82 6.66
CA PHE D 135 -24.53 78.30 7.76
C PHE D 135 -25.37 77.10 7.31
N LYS D 136 -25.88 77.14 6.07
CA LYS D 136 -26.73 76.05 5.60
C LYS D 136 -25.98 74.73 5.56
N TYR D 137 -24.73 74.75 5.10
CA TYR D 137 -23.89 73.56 5.09
C TYR D 137 -23.19 73.31 6.42
N GLY D 138 -23.41 74.16 7.41
CA GLY D 138 -22.78 74.00 8.70
C GLY D 138 -21.28 74.19 8.70
N ILE D 139 -20.77 75.14 7.91
CA ILE D 139 -19.35 75.41 7.81
C ILE D 139 -19.15 76.85 8.28
N GLU D 140 -18.77 77.01 9.55
CA GLU D 140 -18.56 78.33 10.13
C GLU D 140 -17.15 78.54 10.66
N GLU D 141 -16.58 77.55 11.34
CA GLU D 141 -15.31 77.71 12.04
C GLU D 141 -14.12 77.25 11.22
N HIS D 142 -14.33 76.88 9.95
CA HIS D 142 -13.26 76.40 9.07
C HIS D 142 -12.56 75.18 9.66
N GLY D 143 -13.32 74.11 9.82
CA GLY D 143 -12.81 72.87 10.37
C GLY D 143 -13.68 72.27 11.45
N LYS D 144 -14.90 72.78 11.58
CA LYS D 144 -15.87 72.33 12.58
C LYS D 144 -17.20 72.02 11.89
N VAL D 145 -17.14 71.24 10.81
CA VAL D 145 -18.33 70.92 10.03
C VAL D 145 -19.35 70.22 10.92
N LYS D 146 -20.58 70.74 10.90
CA LYS D 146 -21.69 70.21 11.69
C LYS D 146 -22.65 69.44 10.80
N MET D 147 -23.45 68.58 11.42
CA MET D 147 -24.42 67.77 10.71
C MET D 147 -25.75 68.51 10.68
N ARG D 148 -26.20 68.90 9.49
CA ARG D 148 -27.45 69.63 9.35
C ARG D 148 -27.92 69.55 7.90
N GLY D 149 -29.15 69.09 7.71
CA GLY D 149 -29.77 69.10 6.39
C GLY D 149 -29.43 67.91 5.52
N GLY D 150 -28.24 67.89 4.94
CA GLY D 150 -27.86 66.83 4.03
C GLY D 150 -26.97 65.78 4.66
N LEU D 151 -26.01 66.22 5.45
CA LEU D 151 -25.12 65.29 6.14
C LEU D 151 -25.91 64.38 7.08
N LEU D 152 -26.89 64.95 7.79
CA LEU D 152 -27.73 64.14 8.68
C LEU D 152 -28.50 63.09 7.90
N ARG D 153 -29.07 63.47 6.75
CA ARG D 153 -29.80 62.51 5.92
C ARG D 153 -28.89 61.40 5.44
N THR D 154 -27.69 61.76 4.96
CA THR D 154 -26.74 60.75 4.49
C THR D 154 -26.34 59.82 5.63
N TYR D 155 -26.11 60.38 6.82
CA TYR D 155 -25.73 59.56 7.97
C TYR D 155 -26.84 58.58 8.34
N ILE D 156 -28.09 59.05 8.34
CA ILE D 156 -29.21 58.17 8.69
C ILE D 156 -29.35 57.05 7.66
N ILE D 157 -29.29 57.40 6.37
CA ILE D 157 -29.46 56.37 5.35
C ILE D 157 -28.30 55.38 5.38
N SER D 158 -27.08 55.86 5.69
CA SER D 158 -25.94 54.96 5.82
C SER D 158 -26.14 53.99 6.98
N ILE D 159 -26.63 54.48 8.12
CA ILE D 159 -26.87 53.61 9.26
C ILE D 159 -27.92 52.56 8.91
N LEU D 160 -29.00 52.98 8.26
CA LEU D 160 -30.05 52.03 7.89
C LEU D 160 -29.53 50.98 6.92
N PHE D 161 -28.74 51.40 5.91
CA PHE D 161 -28.19 50.45 4.96
C PHE D 161 -27.27 49.44 5.65
N LYS D 162 -26.42 49.92 6.56
CA LYS D 162 -25.54 49.01 7.29
C LYS D 162 -26.36 48.00 8.10
N SER D 163 -27.39 48.47 8.79
CA SER D 163 -28.19 47.56 9.60
C SER D 163 -28.89 46.51 8.74
N ILE D 164 -29.47 46.92 7.62
CA ILE D 164 -30.20 45.96 6.79
C ILE D 164 -29.25 44.97 6.14
N PHE D 165 -28.05 45.42 5.74
CA PHE D 165 -27.06 44.48 5.21
C PHE D 165 -26.66 43.45 6.26
N GLU D 166 -26.42 43.90 7.49
CA GLU D 166 -26.02 42.96 8.54
C GLU D 166 -27.12 41.95 8.82
N VAL D 167 -28.37 42.41 8.93
CA VAL D 167 -29.45 41.47 9.24
C VAL D 167 -29.68 40.51 8.08
N ALA D 168 -29.53 40.97 6.84
CA ALA D 168 -29.68 40.09 5.70
C ALA D 168 -28.60 39.00 5.69
N PHE D 169 -27.36 39.39 5.96
CA PHE D 169 -26.29 38.38 6.03
C PHE D 169 -26.53 37.38 7.14
N LEU D 170 -26.99 37.87 8.30
CA LEU D 170 -27.29 36.97 9.41
C LEU D 170 -28.38 35.98 9.04
N LEU D 171 -29.44 36.46 8.39
CA LEU D 171 -30.52 35.57 7.98
C LEU D 171 -30.04 34.53 6.98
N ILE D 172 -29.20 34.95 6.02
CA ILE D 172 -28.67 34.00 5.04
C ILE D 172 -27.86 32.91 5.74
N GLN D 173 -26.99 33.31 6.68
CA GLN D 173 -26.19 32.32 7.39
C GLN D 173 -27.08 31.39 8.20
N TRP D 174 -28.12 31.92 8.84
CA TRP D 174 -29.03 31.06 9.60
C TRP D 174 -29.72 30.05 8.70
N TYR D 175 -30.16 30.48 7.52
CA TYR D 175 -30.85 29.56 6.62
C TYR D 175 -29.92 28.48 6.08
N ILE D 176 -28.68 28.86 5.74
CA ILE D 176 -27.79 27.92 5.06
C ILE D 176 -27.27 26.87 6.03
N TYR D 177 -26.52 27.31 7.04
CA TYR D 177 -25.81 26.40 7.93
C TYR D 177 -26.53 26.15 9.25
N GLY D 178 -26.94 27.22 9.93
CA GLY D 178 -27.40 27.11 11.30
C GLY D 178 -26.42 27.80 12.23
N PHE D 179 -26.22 27.24 13.41
CA PHE D 179 -25.22 27.79 14.33
C PHE D 179 -24.42 26.71 15.04
N SER D 180 -24.32 25.52 14.46
CA SER D 180 -23.50 24.46 15.03
C SER D 180 -23.15 23.47 13.93
N LEU D 181 -22.09 22.71 14.17
CA LEU D 181 -21.59 21.71 13.22
C LEU D 181 -21.56 20.35 13.92
N SER D 182 -22.39 19.42 13.47
CA SER D 182 -22.39 18.09 14.02
C SER D 182 -21.14 17.34 13.61
N ALA D 183 -20.67 16.45 14.49
CA ALA D 183 -19.44 15.72 14.24
C ALA D 183 -19.55 14.73 13.09
N VAL D 184 -20.76 14.27 12.78
CA VAL D 184 -20.99 13.29 11.72
C VAL D 184 -22.00 13.86 10.74
N TYR D 185 -21.70 13.75 9.45
CA TYR D 185 -22.56 14.24 8.39
C TYR D 185 -23.00 13.08 7.49
N THR D 186 -24.25 13.10 7.08
CA THR D 186 -24.81 12.08 6.21
C THR D 186 -24.86 12.60 4.78
N CYS D 187 -24.28 11.85 3.86
CA CYS D 187 -24.12 12.28 2.47
C CYS D 187 -24.90 11.32 1.57
N LYS D 188 -25.71 11.89 0.67
CA LYS D 188 -26.50 11.11 -0.29
C LYS D 188 -26.50 11.87 -1.61
N ARG D 189 -25.57 11.50 -2.48
CA ARG D 189 -25.41 12.15 -3.79
C ARG D 189 -24.51 11.29 -4.64
N ASP D 190 -24.77 11.29 -5.95
CA ASP D 190 -23.99 10.48 -6.86
C ASP D 190 -22.54 10.96 -6.89
N PRO D 191 -21.58 10.06 -7.11
CA PRO D 191 -21.72 8.62 -7.36
C PRO D 191 -21.68 7.75 -6.11
N CYS D 192 -21.84 8.34 -4.92
CA CYS D 192 -21.80 7.57 -3.70
C CYS D 192 -22.97 6.58 -3.65
N PRO D 193 -22.73 5.29 -3.49
CA PRO D 193 -23.84 4.32 -3.47
C PRO D 193 -24.60 4.39 -2.16
N HIS D 194 -25.92 4.51 -2.27
CA HIS D 194 -26.83 4.55 -1.11
C HIS D 194 -26.41 5.74 -0.25
N GLN D 195 -26.28 5.58 1.06
CA GLN D 195 -25.85 6.66 1.95
C GLN D 195 -24.50 6.31 2.57
N VAL D 196 -23.68 7.34 2.79
CA VAL D 196 -22.36 7.17 3.35
C VAL D 196 -22.21 8.12 4.54
N ASP D 197 -21.24 7.82 5.39
CA ASP D 197 -20.95 8.62 6.57
C ASP D 197 -19.62 9.34 6.37
N CYS D 198 -19.62 10.65 6.61
CA CYS D 198 -18.43 11.48 6.50
C CYS D 198 -18.23 12.24 7.80
N PHE D 199 -16.97 12.48 8.15
CA PHE D 199 -16.62 13.08 9.42
C PHE D 199 -15.91 14.42 9.19
N LEU D 200 -16.35 15.45 9.91
CA LEU D 200 -15.81 16.79 9.75
C LEU D 200 -14.47 16.90 10.48
N SER D 201 -13.95 18.12 10.55
CA SER D 201 -12.69 18.41 11.24
C SER D 201 -12.89 19.57 12.19
N ARG D 202 -12.44 19.39 13.44
CA ARG D 202 -12.54 20.40 14.48
C ARG D 202 -13.94 21.00 14.62
N PRO D 203 -14.97 20.17 14.88
CA PRO D 203 -16.32 20.74 15.02
C PRO D 203 -16.45 21.70 16.20
N THR D 204 -15.78 21.41 17.32
CA THR D 204 -16.02 22.18 18.54
C THR D 204 -15.47 23.61 18.42
N GLU D 205 -14.25 23.75 17.92
CA GLU D 205 -13.68 25.08 17.74
C GLU D 205 -14.51 25.90 16.76
N LYS D 206 -14.95 25.28 15.68
CA LYS D 206 -15.76 25.99 14.70
C LYS D 206 -17.09 26.44 15.28
N THR D 207 -17.73 25.58 16.08
CA THR D 207 -18.97 25.99 16.74
C THR D 207 -18.73 27.15 17.70
N ILE D 208 -17.64 27.08 18.47
CA ILE D 208 -17.35 28.16 19.43
C ILE D 208 -17.14 29.47 18.70
N PHE D 209 -16.36 29.45 17.61
CA PHE D 209 -16.08 30.68 16.89
C PHE D 209 -17.33 31.21 16.18
N ILE D 210 -18.19 30.32 15.68
CA ILE D 210 -19.44 30.76 15.07
C ILE D 210 -20.31 31.48 16.10
N ILE D 211 -20.42 30.90 17.30
CA ILE D 211 -21.22 31.54 18.34
C ILE D 211 -20.61 32.88 18.73
N PHE D 212 -19.28 32.95 18.81
CA PHE D 212 -18.62 34.21 19.14
C PHE D 212 -18.91 35.28 18.09
N MET D 213 -18.82 34.92 16.82
CA MET D 213 -19.10 35.88 15.75
C MET D 213 -20.55 36.32 15.76
N LEU D 214 -21.47 35.39 16.06
CA LEU D 214 -22.88 35.77 16.17
C LEU D 214 -23.09 36.79 17.29
N VAL D 215 -22.44 36.56 18.44
CA VAL D 215 -22.56 37.51 19.54
C VAL D 215 -22.00 38.86 19.15
N VAL D 216 -20.85 38.88 18.47
CA VAL D 216 -20.25 40.14 18.06
C VAL D 216 -21.17 40.89 17.10
N SER D 217 -21.76 40.18 16.14
CA SER D 217 -22.67 40.80 15.19
C SER D 217 -23.89 41.39 15.89
N LEU D 218 -24.46 40.66 16.85
CA LEU D 218 -25.59 41.19 17.60
C LEU D 218 -25.22 42.43 18.39
N VAL D 219 -24.03 42.43 19.00
CA VAL D 219 -23.58 43.60 19.75
C VAL D 219 -23.43 44.80 18.83
N SER D 220 -22.87 44.59 17.64
CA SER D 220 -22.72 45.69 16.69
C SER D 220 -24.08 46.22 16.25
N LEU D 221 -25.04 45.31 16.02
CA LEU D 221 -26.39 45.74 15.65
C LEU D 221 -27.01 46.61 16.72
N ALA D 222 -26.89 46.17 17.99
CA ALA D 222 -27.44 46.98 19.09
C ALA D 222 -26.73 48.32 19.18
N LEU D 223 -25.41 48.34 18.98
CA LEU D 223 -24.67 49.59 19.06
C LEU D 223 -25.12 50.59 18.01
N ASN D 224 -25.30 50.13 16.76
CA ASN D 224 -25.72 51.08 15.74
C ASN D 224 -27.18 51.49 15.91
N ILE D 225 -28.02 50.62 16.49
CA ILE D 225 -29.38 51.02 16.82
C ILE D 225 -29.35 52.15 17.86
N ILE D 226 -28.51 52.01 18.88
CA ILE D 226 -28.38 53.05 19.89
C ILE D 226 -27.86 54.34 19.27
N GLU D 227 -26.90 54.23 18.35
CA GLU D 227 -26.38 55.42 17.68
C GLU D 227 -27.47 56.13 16.87
N LEU D 228 -28.30 55.36 16.17
CA LEU D 228 -29.39 55.95 15.41
C LEU D 228 -30.39 56.66 16.33
N PHE D 229 -30.73 56.03 17.45
CA PHE D 229 -31.66 56.66 18.38
C PHE D 229 -31.08 57.96 18.94
N TYR D 230 -29.79 57.94 19.30
CA TYR D 230 -29.16 59.13 19.84
C TYR D 230 -29.11 60.26 18.81
N VAL D 231 -28.78 59.93 17.56
CA VAL D 231 -28.71 60.98 16.55
C VAL D 231 -30.10 61.53 16.23
N PHE D 232 -31.14 60.68 16.28
CA PHE D 232 -32.49 61.19 16.11
C PHE D 232 -32.88 62.14 17.24
N PHE D 233 -32.52 61.77 18.48
CA PHE D 233 -32.80 62.67 19.60
C PHE D 233 -32.04 63.99 19.45
N LYS D 234 -30.79 63.94 19.01
CA LYS D 234 -30.03 65.15 18.79
C LYS D 234 -30.66 66.03 17.71
N GLY D 235 -31.16 65.41 16.64
CA GLY D 235 -31.86 66.16 15.62
C GLY D 235 -33.12 66.81 16.15
N VAL D 236 -33.87 66.09 17.00
CA VAL D 236 -35.08 66.66 17.60
C VAL D 236 -34.71 67.81 18.53
N LYS D 237 -33.52 67.77 19.13
CA LYS D 237 -33.11 68.83 20.06
C LYS D 237 -33.18 70.21 19.41
N ASP D 238 -32.81 70.31 18.14
CA ASP D 238 -32.85 71.58 17.43
C ASP D 238 -34.28 72.06 17.24
N GLY E 2 1.59 38.16 11.66
CA GLY E 2 0.30 38.44 12.24
C GLY E 2 -0.28 39.77 11.80
N ASP E 3 -1.23 40.28 12.58
CA ASP E 3 -1.89 41.55 12.30
C ASP E 3 -2.00 42.41 13.55
N TRP E 4 -1.08 42.22 14.50
CA TRP E 4 -1.11 42.94 15.76
C TRP E 4 -0.65 44.39 15.64
N SER E 5 -0.51 44.92 14.42
CA SER E 5 0.01 46.26 14.23
C SER E 5 -0.92 47.32 14.83
N ALA E 6 -2.23 47.18 14.61
CA ALA E 6 -3.17 48.20 15.06
C ALA E 6 -3.23 48.26 16.59
N LEU E 7 -3.35 47.10 17.24
CA LEU E 7 -3.41 47.07 18.69
C LEU E 7 -2.11 47.57 19.30
N GLY E 8 -0.97 47.19 18.71
CA GLY E 8 0.31 47.70 19.19
C GLY E 8 0.43 49.20 19.05
N LYS E 9 -0.05 49.74 17.92
CA LYS E 9 -0.03 51.19 17.73
C LYS E 9 -0.90 51.89 18.76
N LEU E 10 -2.09 51.34 19.03
CA LEU E 10 -2.98 51.97 20.00
C LEU E 10 -2.38 51.91 21.41
N LEU E 11 -1.73 50.80 21.75
CA LEU E 11 -1.07 50.71 23.06
C LEU E 11 0.12 51.66 23.15
N ASP E 12 0.85 51.84 22.05
CA ASP E 12 1.92 52.82 22.02
C ASP E 12 1.37 54.24 22.21
N LYS E 13 0.19 54.50 21.65
CA LYS E 13 -0.45 55.80 21.87
C LYS E 13 -0.85 55.98 23.33
N VAL E 14 -1.39 54.93 23.95
CA VAL E 14 -1.92 55.07 25.31
C VAL E 14 -0.81 55.07 26.37
N GLN E 15 0.35 54.48 26.09
CA GLN E 15 1.38 54.40 27.12
C GLN E 15 2.00 55.74 27.48
N ALA E 16 1.72 56.79 26.71
CA ALA E 16 2.36 58.09 26.96
C ALA E 16 2.00 58.63 28.34
N TYR E 17 0.74 58.54 28.73
CA TYR E 17 0.26 59.05 30.01
C TYR E 17 -0.27 57.88 30.83
N SER E 18 0.57 57.34 31.71
CA SER E 18 0.18 56.24 32.57
C SER E 18 1.12 56.19 33.76
N THR E 19 0.70 55.48 34.79
CA THR E 19 1.52 55.30 35.97
C THR E 19 2.67 54.33 35.67
N ALA E 20 3.65 54.30 36.57
CA ALA E 20 4.82 53.44 36.37
C ALA E 20 4.42 51.97 36.31
N GLY E 21 3.53 51.55 37.21
CA GLY E 21 3.05 50.17 37.17
C GLY E 21 2.35 49.84 35.87
N GLY E 22 1.55 50.78 35.36
CA GLY E 22 0.92 50.57 34.07
C GLY E 22 1.91 50.44 32.94
N LYS E 23 2.96 51.26 32.96
CA LYS E 23 4.00 51.17 31.94
C LYS E 23 4.73 49.84 32.01
N VAL E 24 5.04 49.36 33.21
CA VAL E 24 5.70 48.07 33.35
C VAL E 24 4.79 46.95 32.86
N TRP E 25 3.50 47.03 33.18
CA TRP E 25 2.55 46.03 32.70
C TRP E 25 2.46 46.03 31.18
N LEU E 26 2.42 47.21 30.57
CA LEU E 26 2.40 47.29 29.12
C LEU E 26 3.68 46.71 28.51
N SER E 27 4.82 46.97 29.14
CA SER E 27 6.09 46.45 28.63
C SER E 27 6.11 44.92 28.69
N VAL E 28 5.69 44.34 29.82
CA VAL E 28 5.72 42.89 29.94
C VAL E 28 4.69 42.26 29.00
N LEU E 29 3.54 42.91 28.81
CA LEU E 29 2.55 42.42 27.86
C LEU E 29 3.11 42.42 26.44
N PHE E 30 3.83 43.49 26.07
CA PHE E 30 4.42 43.55 24.73
C PHE E 30 5.51 42.50 24.56
N ILE E 31 6.33 42.29 25.58
CA ILE E 31 7.50 41.42 25.43
C ILE E 31 7.09 39.96 25.51
N PHE E 32 6.52 39.54 26.64
CA PHE E 32 6.30 38.12 26.88
C PHE E 32 5.00 37.60 26.29
N ARG E 33 3.91 38.38 26.38
CA ARG E 33 2.62 37.89 25.91
C ARG E 33 2.53 37.88 24.39
N ILE E 34 3.01 38.94 23.73
CA ILE E 34 2.81 39.10 22.29
C ILE E 34 4.01 38.59 21.52
N LEU E 35 5.20 39.13 21.80
CA LEU E 35 6.39 38.81 21.01
C LEU E 35 6.73 37.33 21.11
N LEU E 36 6.74 36.78 22.34
CA LEU E 36 7.12 35.40 22.52
C LEU E 36 6.15 34.44 21.84
N LEU E 37 4.85 34.71 21.96
CA LEU E 37 3.85 33.84 21.34
C LEU E 37 3.97 33.87 19.83
N GLY E 38 4.17 35.05 19.24
CA GLY E 38 4.28 35.14 17.80
C GLY E 38 5.54 34.52 17.25
N THR E 39 6.66 34.68 17.97
CA THR E 39 7.96 34.26 17.44
C THR E 39 8.09 32.74 17.41
N ALA E 40 7.98 32.09 18.56
CA ALA E 40 8.34 30.68 18.64
C ALA E 40 7.24 29.78 19.19
N VAL E 41 6.39 30.33 20.07
CA VAL E 41 5.40 29.50 20.74
C VAL E 41 4.38 28.94 19.75
N GLU E 42 3.90 29.79 18.83
CA GLU E 42 2.85 29.36 17.91
C GLU E 42 3.35 28.32 16.92
N SER E 43 4.67 28.21 16.72
CA SER E 43 5.18 27.22 15.78
C SER E 43 5.09 25.80 16.35
N ALA E 44 5.07 25.67 17.68
CA ALA E 44 4.96 24.34 18.28
C ALA E 44 3.63 23.69 17.92
N TRP E 45 2.54 24.45 17.97
CA TRP E 45 1.23 23.94 17.58
C TRP E 45 1.05 24.05 16.07
N GLY E 46 1.99 23.51 15.31
CA GLY E 46 1.94 23.58 13.87
C GLY E 46 1.40 22.32 13.23
N ASP E 47 1.59 21.18 13.90
CA ASP E 47 1.13 19.90 13.38
C ASP E 47 0.47 19.08 14.48
N GLU E 48 -0.31 19.75 15.34
CA GLU E 48 -1.03 19.04 16.38
C GLU E 48 -2.16 18.19 15.84
N GLN E 49 -2.51 18.35 14.56
CA GLN E 49 -3.56 17.58 13.91
C GLN E 49 -3.00 16.47 13.03
N SER E 50 -1.95 16.75 12.26
CA SER E 50 -1.40 15.74 11.36
C SER E 50 -0.58 14.69 12.10
N ALA E 51 0.12 15.08 13.15
CA ALA E 51 0.92 14.13 13.92
C ALA E 51 0.09 13.31 14.88
N PHE E 52 -1.15 13.71 15.15
CA PHE E 52 -2.03 12.94 16.03
C PHE E 52 -2.45 11.65 15.34
N ARG E 53 -2.34 10.53 16.05
CA ARG E 53 -2.71 9.24 15.48
C ARG E 53 -3.19 8.32 16.59
N CYS E 54 -4.02 7.36 16.21
CA CYS E 54 -4.61 6.41 17.14
C CYS E 54 -4.30 4.98 16.70
N ASN E 55 -4.47 4.05 17.64
CA ASN E 55 -4.17 2.64 17.39
C ASN E 55 -5.45 1.90 17.00
N THR E 56 -5.94 2.21 15.81
CA THR E 56 -7.11 1.54 15.26
C THR E 56 -7.14 1.74 13.76
N GLN E 57 -7.96 0.91 13.09
CA GLN E 57 -8.20 1.04 11.66
C GLN E 57 -9.66 1.31 11.35
N GLN E 58 -10.43 1.72 12.35
CA GLN E 58 -11.81 2.12 12.13
C GLN E 58 -11.86 3.50 11.47
N PRO E 59 -12.49 3.65 10.31
CA PRO E 59 -12.51 4.96 9.65
C PRO E 59 -13.22 6.01 10.49
N GLY E 60 -12.65 7.21 10.51
CA GLY E 60 -13.25 8.35 11.17
C GLY E 60 -13.06 8.43 12.66
N CYS E 61 -12.38 7.46 13.27
CA CYS E 61 -12.19 7.50 14.72
C CYS E 61 -11.15 8.54 15.13
N GLU E 62 -10.14 8.79 14.28
CA GLU E 62 -9.09 9.73 14.62
C GLU E 62 -9.63 11.15 14.77
N ASN E 63 -10.49 11.58 13.84
CA ASN E 63 -11.06 12.93 13.93
C ASN E 63 -11.90 13.08 15.18
N VAL E 64 -12.73 12.09 15.49
CA VAL E 64 -13.59 12.15 16.67
C VAL E 64 -12.74 12.21 17.93
N CYS E 65 -11.70 11.39 18.01
CA CYS E 65 -10.85 11.38 19.20
C CYS E 65 -10.09 12.70 19.35
N TYR E 66 -9.61 13.27 18.25
CA TYR E 66 -8.94 14.57 18.34
C TYR E 66 -9.91 15.65 18.80
N ASP E 67 -11.13 15.66 18.26
CA ASP E 67 -12.12 16.64 18.69
C ASP E 67 -12.45 16.48 20.17
N LYS E 68 -12.51 15.23 20.64
CA LYS E 68 -12.74 14.98 22.05
C LYS E 68 -11.58 15.48 22.91
N SER E 69 -10.34 15.29 22.43
CA SER E 69 -9.18 15.60 23.24
C SER E 69 -8.95 17.11 23.37
N PHE E 70 -9.09 17.86 22.28
CA PHE E 70 -8.79 19.28 22.26
C PHE E 70 -10.04 20.06 21.87
N PRO E 71 -10.87 20.46 22.84
CA PRO E 71 -12.01 21.32 22.50
C PRO E 71 -11.62 22.63 21.86
N ILE E 72 -10.50 23.22 22.28
CA ILE E 72 -10.01 24.47 21.70
C ILE E 72 -8.50 24.53 21.91
N SER E 73 -7.78 24.90 20.86
CA SER E 73 -6.32 24.94 20.92
C SER E 73 -5.84 25.99 21.90
N HIS E 74 -4.67 25.74 22.49
CA HIS E 74 -4.13 26.67 23.47
C HIS E 74 -3.76 28.00 22.85
N VAL E 75 -3.25 28.00 21.62
CA VAL E 75 -2.83 29.24 20.97
C VAL E 75 -4.01 30.17 20.78
N ARG E 76 -5.13 29.63 20.30
CA ARG E 76 -6.33 30.46 20.12
C ARG E 76 -6.85 30.95 21.46
N PHE E 77 -6.80 30.11 22.49
CA PHE E 77 -7.23 30.52 23.82
C PHE E 77 -6.38 31.69 24.33
N TRP E 78 -5.06 31.61 24.13
CA TRP E 78 -4.17 32.68 24.57
C TRP E 78 -4.38 33.95 23.77
N VAL E 79 -4.66 33.82 22.48
CA VAL E 79 -4.96 35.00 21.66
C VAL E 79 -6.24 35.68 22.16
N LEU E 80 -7.27 34.88 22.43
CA LEU E 80 -8.51 35.44 22.97
C LEU E 80 -8.28 36.11 24.30
N GLN E 81 -7.47 35.50 25.17
CA GLN E 81 -7.16 36.10 26.47
C GLN E 81 -6.44 37.44 26.29
N ILE E 82 -5.45 37.49 25.40
CA ILE E 82 -4.72 38.73 25.15
C ILE E 82 -5.67 39.81 24.66
N ILE E 83 -6.58 39.46 23.76
CA ILE E 83 -7.55 40.43 23.26
C ILE E 83 -8.45 40.91 24.40
N PHE E 84 -8.91 40.00 25.25
CA PHE E 84 -9.85 40.34 26.30
C PHE E 84 -9.21 41.02 27.51
N VAL E 85 -7.88 41.11 27.57
CA VAL E 85 -7.24 41.80 28.69
C VAL E 85 -6.55 43.05 28.15
N SER E 86 -7.16 43.68 27.14
CA SER E 86 -6.63 44.94 26.60
C SER E 86 -7.69 46.01 26.39
N VAL E 87 -8.98 45.68 26.44
CA VAL E 87 -10.01 46.69 26.17
C VAL E 87 -10.03 47.82 27.21
N PRO E 88 -10.00 47.55 28.52
CA PRO E 88 -10.14 48.66 29.48
C PRO E 88 -9.06 49.73 29.35
N THR E 89 -7.85 49.36 28.93
CA THR E 89 -6.84 50.38 28.66
C THR E 89 -7.29 51.30 27.53
N LEU E 90 -7.91 50.74 26.48
CA LEU E 90 -8.44 51.56 25.41
C LEU E 90 -9.58 52.44 25.90
N LEU E 91 -10.40 51.93 26.82
CA LEU E 91 -11.46 52.76 27.41
C LEU E 91 -10.86 53.94 28.16
N TYR E 92 -9.81 53.69 28.93
CA TYR E 92 -9.12 54.79 29.63
C TYR E 92 -8.55 55.78 28.65
N LEU E 93 -7.98 55.29 27.54
CA LEU E 93 -7.46 56.19 26.49
C LEU E 93 -8.58 57.05 25.92
N ALA E 94 -9.74 56.46 25.68
CA ALA E 94 -10.87 57.23 25.16
C ALA E 94 -11.31 58.30 26.14
N HIS E 95 -11.36 57.96 27.43
CA HIS E 95 -11.74 58.96 28.42
C HIS E 95 -10.71 60.09 28.50
N VAL E 96 -9.42 59.75 28.38
CA VAL E 96 -8.38 60.78 28.36
C VAL E 96 -8.55 61.69 27.16
N PHE E 97 -8.88 61.11 25.99
CA PHE E 97 -9.10 61.93 24.81
C PHE E 97 -10.32 62.84 24.98
N TYR E 98 -11.36 62.34 25.64
CA TYR E 98 -12.52 63.19 25.95
C TYR E 98 -12.12 64.34 26.85
N VAL E 99 -11.29 64.08 27.86
CA VAL E 99 -10.79 65.14 28.73
C VAL E 99 -10.00 66.16 27.93
N MET E 100 -9.19 65.68 26.98
CA MET E 100 -8.42 66.60 26.13
C MET E 100 -9.33 67.47 25.29
N ARG E 101 -10.41 66.89 24.74
CA ARG E 101 -11.36 67.69 23.96
C ARG E 101 -12.02 68.76 24.83
N LYS E 102 -12.42 68.39 26.05
CA LYS E 102 -13.01 69.36 26.96
C LYS E 102 -12.01 70.48 27.29
N GLU E 103 -10.74 70.11 27.49
CA GLU E 103 -9.70 71.11 27.75
C GLU E 103 -9.55 72.06 26.58
N GLU E 104 -9.55 71.53 25.35
CA GLU E 104 -9.39 72.38 24.19
C GLU E 104 -10.56 73.35 24.04
N LYS E 105 -11.78 72.85 24.26
CA LYS E 105 -12.94 73.73 24.16
C LYS E 105 -12.93 74.82 25.24
N LEU E 106 -12.57 74.44 26.47
CA LEU E 106 -12.51 75.43 27.54
C LEU E 106 -11.41 76.46 27.29
N ASN E 107 -10.27 76.02 26.74
CA ASN E 107 -9.21 76.96 26.37
C ASN E 107 -9.68 77.92 25.28
N LYS E 108 -10.42 77.41 24.30
CA LYS E 108 -10.95 78.29 23.27
C LYS E 108 -11.91 79.32 23.86
N LYS E 109 -12.79 78.89 24.77
CA LYS E 109 -13.72 79.83 25.39
C LYS E 109 -12.99 80.89 26.21
N GLU E 110 -11.95 80.48 26.95
CA GLU E 110 -11.26 81.48 27.77
C GLU E 110 -10.45 82.43 26.90
N GLU E 111 -9.84 81.93 25.83
CA GLU E 111 -9.14 82.80 24.90
C GLU E 111 -10.11 83.81 24.30
N GLU E 112 -11.35 83.37 24.04
CA GLU E 112 -12.38 84.29 23.57
C GLU E 112 -12.67 85.36 24.61
N LEU E 113 -12.75 84.96 25.89
CA LEU E 113 -13.07 85.93 26.93
C LEU E 113 -11.99 87.00 27.04
N LYS E 114 -10.73 86.62 26.98
CA LYS E 114 -9.62 87.55 27.16
C LYS E 114 -9.50 88.49 25.95
N MET E 125 -16.47 87.03 36.75
CA MET E 125 -16.72 85.75 37.42
C MET E 125 -16.52 84.58 36.46
N HIS E 126 -16.49 84.88 35.16
CA HIS E 126 -16.28 83.83 34.17
C HIS E 126 -14.88 83.22 34.31
N LEU E 127 -13.89 84.04 34.64
CA LEU E 127 -12.55 83.50 34.90
C LEU E 127 -12.56 82.54 36.08
N LYS E 128 -13.33 82.86 37.12
CA LYS E 128 -13.40 81.99 38.29
C LYS E 128 -13.95 80.62 37.92
N GLN E 129 -15.05 80.57 37.16
CA GLN E 129 -15.65 79.30 36.81
C GLN E 129 -14.77 78.54 35.82
N ILE E 130 -14.10 79.25 34.91
CA ILE E 130 -13.17 78.59 33.99
C ILE E 130 -12.04 77.93 34.77
N GLU E 131 -11.48 78.65 35.74
CA GLU E 131 -10.39 78.09 36.54
C GLU E 131 -10.87 76.92 37.40
N ILE E 132 -12.07 77.02 37.97
CA ILE E 132 -12.56 75.93 38.80
C ILE E 132 -12.84 74.69 37.95
N LYS E 133 -13.31 74.87 36.71
CA LYS E 133 -13.52 73.73 35.83
C LYS E 133 -12.19 73.15 35.37
N LYS E 134 -11.17 73.99 35.20
CA LYS E 134 -9.87 73.48 34.77
C LYS E 134 -9.17 72.74 35.89
N PHE E 135 -9.41 73.15 37.13
CA PHE E 135 -8.86 72.43 38.28
C PHE E 135 -9.63 71.15 38.55
N LYS E 136 -10.95 71.16 38.36
CA LYS E 136 -11.76 69.97 38.65
C LYS E 136 -11.35 68.81 37.76
N TYR E 137 -11.12 69.07 36.48
CA TYR E 137 -10.66 68.04 35.56
C TYR E 137 -9.14 67.83 35.61
N GLY E 138 -8.43 68.59 36.44
CA GLY E 138 -6.99 68.45 36.53
C GLY E 138 -6.23 68.91 35.30
N ILE E 139 -6.69 69.96 34.65
CA ILE E 139 -6.07 70.48 33.43
C ILE E 139 -5.62 71.90 33.75
N GLU E 140 -4.35 72.05 34.10
CA GLU E 140 -3.78 73.35 34.46
C GLU E 140 -2.63 73.77 33.57
N GLU E 141 -1.70 72.86 33.26
CA GLU E 141 -0.46 73.19 32.58
C GLU E 141 -0.55 72.98 31.07
N HIS E 142 -1.72 72.65 30.54
CA HIS E 142 -1.92 72.41 29.11
C HIS E 142 -1.01 71.30 28.61
N GLY E 143 -1.22 70.10 29.15
CA GLY E 143 -0.43 68.94 28.77
C GLY E 143 0.07 68.14 29.95
N LYS E 144 -0.46 68.43 31.14
CA LYS E 144 -0.08 67.76 32.38
C LYS E 144 -1.33 67.27 33.10
N VAL E 145 -2.20 66.58 32.37
CA VAL E 145 -3.46 66.10 32.92
C VAL E 145 -3.18 65.19 34.12
N LYS E 146 -3.85 65.49 35.23
CA LYS E 146 -3.71 64.75 36.47
C LYS E 146 -4.94 63.88 36.69
N MET E 147 -4.78 62.87 37.53
CA MET E 147 -5.86 61.93 37.86
C MET E 147 -6.59 62.44 39.09
N ARG E 148 -7.86 62.81 38.93
CA ARG E 148 -8.65 63.32 40.05
C ARG E 148 -10.12 63.24 39.69
N GLY E 149 -10.90 62.60 40.55
CA GLY E 149 -12.35 62.58 40.40
C GLY E 149 -12.88 61.51 39.48
N GLY E 150 -12.77 61.72 38.17
CA GLY E 150 -13.32 60.80 37.20
C GLY E 150 -12.29 59.88 36.58
N LEU E 151 -11.12 60.43 36.26
CA LEU E 151 -10.05 59.62 35.69
C LEU E 151 -9.61 58.55 36.68
N LEU E 152 -9.52 58.90 37.97
CA LEU E 152 -9.15 57.92 38.98
C LEU E 152 -10.17 56.79 39.06
N ARG E 153 -11.46 57.13 39.01
CA ARG E 153 -12.52 56.12 39.05
C ARG E 153 -12.43 55.20 37.83
N THR E 154 -12.23 55.79 36.65
CA THR E 154 -12.11 54.99 35.43
C THR E 154 -10.88 54.08 35.51
N TYR E 155 -9.77 54.60 36.02
CA TYR E 155 -8.56 53.79 36.15
C TYR E 155 -8.77 52.61 37.09
N ILE E 156 -9.43 52.86 38.23
CA ILE E 156 -9.65 51.79 39.20
C ILE E 156 -10.58 50.73 38.60
N ILE E 157 -11.66 51.15 37.95
CA ILE E 157 -12.58 50.16 37.40
C ILE E 157 -11.93 49.39 36.26
N SER E 158 -11.07 50.04 35.47
CA SER E 158 -10.34 49.34 34.42
C SER E 158 -9.40 48.29 35.01
N ILE E 159 -8.69 48.64 36.08
CA ILE E 159 -7.80 47.67 36.73
C ILE E 159 -8.59 46.47 37.24
N LEU E 160 -9.73 46.75 37.89
CA LEU E 160 -10.54 45.65 38.43
C LEU E 160 -11.08 44.76 37.31
N PHE E 161 -11.54 45.36 36.22
CA PHE E 161 -12.04 44.57 35.10
C PHE E 161 -10.95 43.70 34.50
N LYS E 162 -9.75 44.26 34.32
CA LYS E 162 -8.64 43.47 33.80
C LYS E 162 -8.32 42.30 34.71
N SER E 163 -8.26 42.54 36.02
CA SER E 163 -7.95 41.47 36.96
C SER E 163 -8.99 40.36 36.93
N ILE E 164 -10.28 40.74 36.91
CA ILE E 164 -11.32 39.72 36.94
C ILE E 164 -11.35 38.94 35.63
N PHE E 165 -11.11 39.61 34.50
CA PHE E 165 -11.03 38.88 33.23
C PHE E 165 -9.88 37.87 33.25
N GLU E 166 -8.72 38.29 33.75
CA GLU E 166 -7.58 37.38 33.77
C GLU E 166 -7.85 36.18 34.68
N VAL E 167 -8.41 36.41 35.86
CA VAL E 167 -8.66 35.30 36.77
C VAL E 167 -9.74 34.36 36.21
N ALA E 168 -10.74 34.93 35.53
CA ALA E 168 -11.77 34.08 34.92
C ALA E 168 -11.18 33.20 33.83
N PHE E 169 -10.33 33.77 32.97
CA PHE E 169 -9.70 32.96 31.93
C PHE E 169 -8.82 31.88 32.54
N LEU E 170 -8.07 32.21 33.59
CA LEU E 170 -7.23 31.21 34.25
C LEU E 170 -8.08 30.08 34.81
N LEU E 171 -9.20 30.40 35.46
CA LEU E 171 -10.06 29.37 36.01
C LEU E 171 -10.64 28.48 34.91
N ILE E 172 -11.04 29.09 33.79
CA ILE E 172 -11.58 28.30 32.69
C ILE E 172 -10.53 27.33 32.16
N GLN E 173 -9.30 27.82 31.98
CA GLN E 173 -8.24 26.94 31.50
C GLN E 173 -7.96 25.83 32.48
N TRP E 174 -7.95 26.13 33.79
CA TRP E 174 -7.73 25.09 34.79
C TRP E 174 -8.81 24.03 34.73
N TYR E 175 -10.07 24.45 34.58
CA TYR E 175 -11.16 23.47 34.55
C TYR E 175 -11.10 22.61 33.30
N ILE E 176 -10.78 23.21 32.15
CA ILE E 176 -10.89 22.46 30.89
C ILE E 176 -9.74 21.47 30.76
N TYR E 177 -8.51 21.97 30.71
CA TYR E 177 -7.34 21.15 30.41
C TYR E 177 -6.57 20.72 31.65
N GLY E 178 -6.23 21.65 32.52
CA GLY E 178 -5.29 21.39 33.58
C GLY E 178 -4.02 22.18 33.35
N PHE E 179 -2.87 21.60 33.68
CA PHE E 179 -1.61 22.26 33.40
C PHE E 179 -0.54 21.30 32.90
N SER E 180 -0.94 20.17 32.31
CA SER E 180 0.01 19.23 31.73
C SER E 180 -0.72 18.38 30.70
N LEU E 181 0.06 17.80 29.79
CA LEU E 181 -0.46 16.95 28.72
C LEU E 181 0.21 15.59 28.81
N SER E 182 -0.57 14.56 29.13
CA SER E 182 -0.04 13.21 29.17
C SER E 182 0.27 12.71 27.77
N ALA E 183 1.29 11.86 27.67
CA ALA E 183 1.74 11.37 26.37
C ALA E 183 0.73 10.44 25.72
N VAL E 184 -0.14 9.80 26.49
CA VAL E 184 -1.12 8.85 25.98
C VAL E 184 -2.50 9.30 26.44
N TYR E 185 -3.46 9.31 25.51
CA TYR E 185 -4.83 9.71 25.78
C TYR E 185 -5.77 8.55 25.49
N THR E 186 -6.77 8.38 26.35
CA THR E 186 -7.76 7.33 26.19
C THR E 186 -9.04 7.91 25.61
N CYS E 187 -9.50 7.32 24.51
CA CYS E 187 -10.64 7.84 23.75
C CYS E 187 -11.77 6.82 23.79
N LYS E 188 -12.97 7.29 24.11
CA LYS E 188 -14.16 6.44 24.15
C LYS E 188 -15.33 7.26 23.62
N ARG E 189 -15.60 7.11 22.32
CA ARG E 189 -16.66 7.86 21.65
C ARG E 189 -16.91 7.20 20.30
N ASP E 190 -18.17 7.23 19.86
CA ASP E 190 -18.52 6.61 18.59
C ASP E 190 -17.81 7.34 17.44
N PRO E 191 -17.49 6.63 16.35
CA PRO E 191 -17.72 5.21 16.10
C PRO E 191 -16.59 4.29 16.55
N CYS E 192 -15.67 4.77 17.38
CA CYS E 192 -14.56 3.94 17.85
C CYS E 192 -15.09 2.79 18.68
N PRO E 193 -14.78 1.54 18.33
CA PRO E 193 -15.28 0.40 19.11
C PRO E 193 -14.55 0.26 20.44
N HIS E 194 -15.32 0.16 21.52
CA HIS E 194 -14.80 -0.01 22.88
C HIS E 194 -13.88 1.18 23.17
N GLN E 195 -12.67 0.97 23.68
CA GLN E 195 -11.75 2.05 23.97
C GLN E 195 -10.51 1.90 23.09
N VAL E 196 -9.94 3.04 22.69
CA VAL E 196 -8.77 3.07 21.83
C VAL E 196 -7.72 3.96 22.46
N ASP E 197 -6.48 3.78 22.03
CA ASP E 197 -5.35 4.56 22.52
C ASP E 197 -4.87 5.50 21.42
N CYS E 198 -4.72 6.78 21.78
CA CYS E 198 -4.24 7.80 20.86
C CYS E 198 -3.05 8.51 21.49
N PHE E 199 -2.12 8.94 20.65
CA PHE E 199 -0.86 9.52 21.09
C PHE E 199 -0.76 10.96 20.61
N LEU E 200 -0.39 11.86 21.52
CA LEU E 200 -0.31 13.28 21.22
C LEU E 200 1.00 13.58 20.49
N SER E 201 1.27 14.87 20.29
CA SER E 201 2.48 15.33 19.63
C SER E 201 3.17 16.38 20.49
N ARG E 202 4.47 16.21 20.71
CA ARG E 202 5.29 17.13 21.50
C ARG E 202 4.66 17.47 22.86
N PRO E 203 4.39 16.47 23.70
CA PRO E 203 3.81 16.80 25.01
C PRO E 203 4.71 17.65 25.89
N THR E 204 6.03 17.42 25.85
CA THR E 204 6.93 18.07 26.80
C THR E 204 7.04 19.56 26.53
N GLU E 205 7.23 19.94 25.26
CA GLU E 205 7.32 21.35 24.92
C GLU E 205 6.02 22.08 25.26
N LYS E 206 4.88 21.45 24.98
CA LYS E 206 3.60 22.08 25.29
C LYS E 206 3.42 22.26 26.79
N THR E 207 3.80 21.26 27.59
CA THR E 207 3.72 21.42 29.04
C THR E 207 4.63 22.55 29.52
N ILE E 208 5.85 22.62 28.99
CA ILE E 208 6.78 23.66 29.41
C ILE E 208 6.21 25.04 29.09
N PHE E 209 5.67 25.20 27.88
CA PHE E 209 5.14 26.51 27.49
C PHE E 209 3.88 26.86 28.27
N ILE E 210 3.05 25.86 28.60
CA ILE E 210 1.86 26.12 29.42
C ILE E 210 2.28 26.62 30.80
N ILE E 211 3.27 25.97 31.40
CA ILE E 211 3.74 26.40 32.72
C ILE E 211 4.33 27.81 32.64
N PHE E 212 5.07 28.09 31.56
CA PHE E 212 5.65 29.43 31.39
C PHE E 212 4.56 30.49 31.29
N MET E 213 3.52 30.22 30.51
CA MET E 213 2.43 31.18 30.36
C MET E 213 1.68 31.36 31.68
N LEU E 214 1.49 30.29 32.44
CA LEU E 214 0.87 30.40 33.75
C LEU E 214 1.68 31.31 34.67
N VAL E 215 3.00 31.13 34.68
CA VAL E 215 3.86 31.98 35.50
C VAL E 215 3.75 33.43 35.06
N VAL E 216 3.75 33.68 33.76
CA VAL E 216 3.66 35.05 33.25
C VAL E 216 2.33 35.69 33.67
N SER E 217 1.24 34.93 33.56
CA SER E 217 -0.06 35.44 33.96
C SER E 217 -0.10 35.78 35.44
N LEU E 218 0.46 34.91 36.28
CA LEU E 218 0.49 35.19 37.71
C LEU E 218 1.32 36.44 38.01
N VAL E 219 2.45 36.60 37.31
CA VAL E 219 3.29 37.79 37.52
C VAL E 219 2.52 39.05 37.14
N SER E 220 1.80 39.01 36.02
CA SER E 220 1.01 40.16 35.60
C SER E 220 -0.08 40.48 36.62
N LEU E 221 -0.73 39.43 37.16
CA LEU E 221 -1.76 39.65 38.18
C LEU E 221 -1.18 40.35 39.40
N ALA E 222 -0.02 39.87 39.88
CA ALA E 222 0.62 40.49 41.03
C ALA E 222 1.00 41.93 40.71
N LEU E 223 1.50 42.19 39.51
CA LEU E 223 1.90 43.54 39.13
C LEU E 223 0.72 44.50 39.15
N ASN E 224 -0.41 44.09 38.59
CA ASN E 224 -1.56 45.01 38.60
C ASN E 224 -2.16 45.15 39.99
N ILE E 225 -2.05 44.12 40.83
CA ILE E 225 -2.47 44.28 42.23
C ILE E 225 -1.62 45.33 42.93
N ILE E 226 -0.30 45.28 42.72
CA ILE E 226 0.60 46.28 43.29
C ILE E 226 0.27 47.67 42.76
N GLU E 227 -0.02 47.77 41.47
CA GLU E 227 -0.39 49.06 40.89
C GLU E 227 -1.66 49.61 41.52
N LEU E 228 -2.66 48.76 41.74
CA LEU E 228 -3.89 49.20 42.38
C LEU E 228 -3.63 49.67 43.80
N PHE E 229 -2.82 48.93 44.56
CA PHE E 229 -2.51 49.35 45.92
C PHE E 229 -1.79 50.70 45.94
N TYR E 230 -0.82 50.87 45.04
CA TYR E 230 -0.08 52.12 44.98
C TYR E 230 -0.98 53.29 44.61
N VAL E 231 -1.88 53.09 43.65
CA VAL E 231 -2.76 54.20 43.26
C VAL E 231 -3.76 54.52 44.37
N PHE E 232 -4.21 53.50 45.11
CA PHE E 232 -5.08 53.79 46.26
C PHE E 232 -4.33 54.59 47.32
N PHE E 233 -3.07 54.23 47.59
CA PHE E 233 -2.28 55.01 48.55
C PHE E 233 -2.09 56.44 48.07
N LYS E 234 -1.82 56.62 46.77
CA LYS E 234 -1.66 57.96 46.23
C LYS E 234 -2.94 58.77 46.37
N GLY E 235 -4.10 58.14 46.13
CA GLY E 235 -5.36 58.82 46.34
C GLY E 235 -5.58 59.21 47.79
N VAL E 236 -5.20 58.33 48.72
CA VAL E 236 -5.32 58.66 50.14
C VAL E 236 -4.37 59.79 50.52
N LYS E 237 -3.25 59.92 49.81
CA LYS E 237 -2.28 60.98 50.12
C LYS E 237 -2.94 62.36 50.09
N ASP E 238 -3.84 62.59 49.15
CA ASP E 238 -4.52 63.89 49.05
C ASP E 238 -5.44 64.11 50.23
N GLY F 2 9.35 37.16 11.22
CA GLY F 2 9.17 37.18 12.67
C GLY F 2 8.46 38.42 13.16
N ASP F 3 8.62 38.72 14.45
CA ASP F 3 7.99 39.87 15.09
C ASP F 3 8.98 40.63 15.96
N TRP F 4 10.27 40.54 15.64
CA TRP F 4 11.31 41.18 16.42
C TRP F 4 11.39 42.69 16.23
N SER F 5 10.38 43.30 15.59
CA SER F 5 10.44 44.72 15.29
C SER F 5 10.43 45.57 16.56
N ALA F 6 9.59 45.22 17.52
CA ALA F 6 9.46 46.04 18.73
C ALA F 6 10.74 46.01 19.57
N LEU F 7 11.28 44.81 19.79
CA LEU F 7 12.50 44.69 20.58
C LEU F 7 13.67 45.37 19.87
N GLY F 8 13.76 45.23 18.55
CA GLY F 8 14.79 45.91 17.80
C GLY F 8 14.67 47.42 17.89
N LYS F 9 13.45 47.93 17.81
CA LYS F 9 13.23 49.37 17.95
C LYS F 9 13.65 49.85 19.33
N LEU F 10 13.29 49.10 20.38
CA LEU F 10 13.66 49.51 21.73
C LEU F 10 15.17 49.48 21.92
N LEU F 11 15.84 48.47 21.36
CA LEU F 11 17.30 48.43 21.45
C LEU F 11 17.95 49.55 20.66
N ASP F 12 17.36 49.92 19.51
CA ASP F 12 17.85 51.07 18.77
C ASP F 12 17.68 52.36 19.57
N LYS F 13 16.58 52.44 20.33
CA LYS F 13 16.39 53.60 21.21
C LYS F 13 17.43 53.63 22.32
N VAL F 14 17.73 52.47 22.91
CA VAL F 14 18.64 52.45 24.06
C VAL F 14 20.11 52.57 23.67
N GLN F 15 20.49 52.21 22.45
CA GLN F 15 21.90 52.24 22.09
C GLN F 15 22.47 53.65 21.98
N ALA F 16 21.63 54.69 22.01
CA ALA F 16 22.11 56.04 21.83
C ALA F 16 23.10 56.45 22.91
N TYR F 17 22.79 56.12 24.17
CA TYR F 17 23.63 56.48 25.31
C TYR F 17 24.11 55.19 25.97
N SER F 18 25.31 54.74 25.61
CA SER F 18 25.90 53.54 26.19
C SER F 18 27.40 53.59 25.99
N THR F 19 28.11 52.76 26.75
CA THR F 19 29.55 52.66 26.61
C THR F 19 29.91 51.93 25.32
N ALA F 20 31.18 52.01 24.95
CA ALA F 20 31.64 51.37 23.71
C ALA F 20 31.45 49.86 23.77
N GLY F 21 31.78 49.24 24.90
CA GLY F 21 31.56 47.81 25.04
C GLY F 21 30.09 47.43 24.91
N GLY F 22 29.21 48.25 25.50
CA GLY F 22 27.78 48.01 25.33
C GLY F 22 27.33 48.11 23.89
N LYS F 23 27.86 49.10 23.16
CA LYS F 23 27.51 49.25 21.76
C LYS F 23 27.98 48.05 20.95
N VAL F 24 29.20 47.57 21.21
CA VAL F 24 29.70 46.40 20.49
C VAL F 24 28.86 45.17 20.83
N TRP F 25 28.47 45.02 22.09
CA TRP F 25 27.62 43.90 22.47
C TRP F 25 26.27 43.96 21.77
N LEU F 26 25.68 45.16 21.70
CA LEU F 26 24.41 45.32 20.99
C LEU F 26 24.57 44.99 19.52
N SER F 27 25.68 45.41 18.91
CA SER F 27 25.91 45.14 17.49
C SER F 27 26.03 43.64 17.24
N VAL F 28 26.81 42.93 18.07
CA VAL F 28 26.98 41.50 17.85
C VAL F 28 25.68 40.76 18.14
N LEU F 29 24.90 41.22 19.12
CA LEU F 29 23.60 40.62 19.38
C LEU F 29 22.66 40.79 18.19
N PHE F 30 22.67 41.98 17.59
CA PHE F 30 21.83 42.22 16.42
C PHE F 30 22.27 41.38 15.23
N ILE F 31 23.57 41.26 15.02
CA ILE F 31 24.07 40.61 13.81
C ILE F 31 23.99 39.09 13.92
N PHE F 32 24.69 38.52 14.91
CA PHE F 32 24.83 37.07 14.97
C PHE F 32 23.68 36.38 15.68
N ARG F 33 23.18 36.96 16.77
CA ARG F 33 22.13 36.28 17.54
C ARG F 33 20.78 36.34 16.84
N ILE F 34 20.42 37.50 16.29
CA ILE F 34 19.08 37.70 15.76
C ILE F 34 19.04 37.44 14.26
N LEU F 35 19.86 38.17 13.50
CA LEU F 35 19.81 38.10 12.04
C LEU F 35 20.12 36.70 11.54
N LEU F 36 21.20 36.10 12.07
CA LEU F 36 21.62 34.78 11.59
C LEU F 36 20.57 33.72 11.90
N LEU F 37 20.00 33.75 13.10
CA LEU F 37 19.00 32.76 13.48
C LEU F 37 17.75 32.89 12.61
N GLY F 38 17.29 34.12 12.36
CA GLY F 38 16.11 34.31 11.54
C GLY F 38 16.32 33.94 10.09
N THR F 39 17.50 34.25 9.55
CA THR F 39 17.72 34.09 8.11
C THR F 39 17.81 32.62 7.72
N ALA F 40 18.77 31.89 8.28
CA ALA F 40 19.08 30.56 7.77
C ALA F 40 19.02 29.46 8.82
N VAL F 41 19.34 29.81 10.08
CA VAL F 41 19.43 28.78 11.11
C VAL F 41 18.09 28.12 11.37
N GLU F 42 17.02 28.92 11.46
CA GLU F 42 15.72 28.38 11.79
C GLU F 42 15.15 27.49 10.69
N SER F 43 15.65 27.61 9.46
CA SER F 43 15.15 26.78 8.38
C SER F 43 15.64 25.33 8.50
N ALA F 44 16.78 25.13 9.16
CA ALA F 44 17.30 23.77 9.34
C ALA F 44 16.34 22.92 10.17
N TRP F 45 15.80 23.48 11.24
CA TRP F 45 14.81 22.78 12.06
C TRP F 45 13.42 22.95 11.46
N GLY F 46 13.27 22.61 10.18
CA GLY F 46 11.98 22.76 9.51
C GLY F 46 11.21 21.46 9.42
N ASP F 47 11.93 20.34 9.41
CA ASP F 47 11.31 19.02 9.29
C ASP F 47 11.95 18.05 10.28
N GLU F 48 12.28 18.52 11.49
CA GLU F 48 12.83 17.64 12.50
C GLU F 48 11.80 16.65 13.03
N GLN F 49 10.53 16.82 12.70
CA GLN F 49 9.47 15.91 13.12
C GLN F 49 9.04 14.97 12.02
N SER F 50 8.90 15.46 10.79
CA SER F 50 8.44 14.62 9.69
C SER F 50 9.53 13.68 9.19
N ALA F 51 10.79 14.12 9.20
CA ALA F 51 11.89 13.29 8.75
C ALA F 51 12.33 12.28 9.80
N PHE F 52 11.92 12.44 11.05
CA PHE F 52 12.25 11.50 12.10
C PHE F 52 11.49 10.19 11.88
N ARG F 53 12.21 9.07 11.95
CA ARG F 53 11.58 7.77 11.74
C ARG F 53 12.33 6.72 12.56
N CYS F 54 11.61 5.65 12.90
CA CYS F 54 12.15 4.56 13.71
C CYS F 54 11.98 3.24 12.97
N ASN F 55 12.74 2.24 13.43
CA ASN F 55 12.74 0.91 12.81
C ASN F 55 11.78 0.00 13.56
N THR F 56 10.49 0.28 13.42
CA THR F 56 9.45 -0.55 14.01
C THR F 56 8.13 -0.27 13.31
N GLN F 57 7.18 -1.19 13.51
CA GLN F 57 5.82 -1.02 13.01
C GLN F 57 4.80 -0.98 14.14
N GLN F 58 5.25 -0.77 15.37
CA GLN F 58 4.34 -0.59 16.50
C GLN F 58 3.70 0.79 16.43
N PRO F 59 2.38 0.90 16.41
CA PRO F 59 1.75 2.21 16.31
C PRO F 59 2.06 3.08 17.53
N GLY F 60 2.33 4.36 17.26
CA GLY F 60 2.54 5.34 18.31
C GLY F 60 3.93 5.37 18.92
N CYS F 61 4.84 4.50 18.48
CA CYS F 61 6.17 4.49 19.07
C CYS F 61 7.01 5.67 18.58
N GLU F 62 6.78 6.12 17.34
CA GLU F 62 7.57 7.21 16.78
C GLU F 62 7.36 8.51 17.56
N ASN F 63 6.12 8.84 17.90
CA ASN F 63 5.85 10.06 18.65
C ASN F 63 6.49 10.00 20.03
N VAL F 64 6.37 8.87 20.71
CA VAL F 64 6.95 8.72 22.04
C VAL F 64 8.47 8.85 21.98
N CYS F 65 9.10 8.21 20.99
CA CYS F 65 10.55 8.28 20.88
C CYS F 65 11.01 9.70 20.55
N TYR F 66 10.28 10.41 19.68
CA TYR F 66 10.66 11.79 19.40
C TYR F 66 10.52 12.67 20.64
N ASP F 67 9.44 12.50 21.39
CA ASP F 67 9.26 13.27 22.61
C ASP F 67 10.37 12.97 23.61
N LYS F 68 10.80 11.71 23.68
CA LYS F 68 11.90 11.35 24.55
C LYS F 68 13.20 11.99 24.09
N SER F 69 13.43 12.04 22.78
CA SER F 69 14.71 12.49 22.26
C SER F 69 14.89 14.00 22.39
N PHE F 70 13.85 14.78 22.09
CA PHE F 70 13.92 16.24 22.08
C PHE F 70 12.92 16.81 23.07
N PRO F 71 13.31 17.01 24.32
CA PRO F 71 12.40 17.68 25.28
C PRO F 71 12.00 19.07 24.84
N ILE F 72 12.91 19.82 24.21
CA ILE F 72 12.62 21.16 23.71
C ILE F 72 13.56 21.47 22.57
N SER F 73 13.01 22.01 21.49
CA SER F 73 13.80 22.30 20.30
C SER F 73 14.84 23.36 20.57
N HIS F 74 15.97 23.28 19.85
CA HIS F 74 17.05 24.23 20.04
C HIS F 74 16.64 25.64 19.65
N VAL F 75 15.84 25.79 18.60
CA VAL F 75 15.46 27.12 18.12
C VAL F 75 14.66 27.85 19.19
N ARG F 76 13.69 27.16 19.80
CA ARG F 76 12.90 27.77 20.86
C ARG F 76 13.76 28.09 22.07
N PHE F 77 14.71 27.21 22.40
CA PHE F 77 15.62 27.48 23.51
C PHE F 77 16.44 28.73 23.25
N TRP F 78 16.95 28.90 22.03
CA TRP F 78 17.74 30.07 21.70
C TRP F 78 16.89 31.33 21.69
N VAL F 79 15.63 31.23 21.24
CA VAL F 79 14.74 32.39 21.28
C VAL F 79 14.49 32.81 22.73
N LEU F 80 14.23 31.83 23.60
CA LEU F 80 14.03 32.15 25.01
C LEU F 80 15.29 32.77 25.62
N GLN F 81 16.46 32.25 25.26
CA GLN F 81 17.70 32.83 25.76
C GLN F 81 17.87 34.28 25.30
N ILE F 82 17.60 34.54 24.02
CA ILE F 82 17.72 35.90 23.51
C ILE F 82 16.77 36.83 24.23
N ILE F 83 15.54 36.38 24.48
CA ILE F 83 14.58 37.20 25.23
C ILE F 83 15.08 37.46 26.64
N PHE F 84 15.62 36.43 27.30
CA PHE F 84 16.04 36.55 28.69
C PHE F 84 17.37 37.26 28.88
N VAL F 85 18.10 37.57 27.81
CA VAL F 85 19.35 38.29 27.96
C VAL F 85 19.20 39.67 27.32
N SER F 86 18.00 40.25 27.42
CA SER F 86 17.75 41.60 26.94
C SER F 86 16.99 42.49 27.90
N VAL F 87 16.39 41.95 28.96
CA VAL F 87 15.59 42.77 29.88
C VAL F 87 16.42 43.82 30.61
N PRO F 88 17.57 43.49 31.21
CA PRO F 88 18.29 44.51 32.00
C PRO F 88 18.68 45.75 31.22
N THR F 89 18.96 45.62 29.91
CA THR F 89 19.20 46.81 29.10
C THR F 89 17.96 47.70 29.07
N LEU F 90 16.78 47.10 28.97
CA LEU F 90 15.54 47.88 29.00
C LEU F 90 15.35 48.52 30.38
N LEU F 91 15.74 47.83 31.44
CA LEU F 91 15.68 48.43 32.78
C LEU F 91 16.58 49.65 32.87
N TYR F 92 17.80 49.55 32.32
CA TYR F 92 18.70 50.70 32.29
C TYR F 92 18.09 51.84 31.48
N LEU F 93 17.46 51.51 30.35
CA LEU F 93 16.79 52.53 29.55
C LEU F 93 15.69 53.23 30.34
N ALA F 94 14.92 52.46 31.10
CA ALA F 94 13.86 53.06 31.92
C ALA F 94 14.45 53.98 32.98
N HIS F 95 15.55 53.57 33.61
CA HIS F 95 16.17 54.43 34.61
C HIS F 95 16.70 55.71 33.98
N VAL F 96 17.27 55.60 32.78
CA VAL F 96 17.75 56.79 32.07
C VAL F 96 16.59 57.73 31.76
N PHE F 97 15.45 57.17 31.34
CA PHE F 97 14.28 58.00 31.07
C PHE F 97 13.77 58.68 32.34
N TYR F 98 13.83 57.97 33.47
CA TYR F 98 13.48 58.60 34.75
C TYR F 98 14.41 59.75 35.08
N VAL F 99 15.71 59.57 34.84
CA VAL F 99 16.67 60.66 35.05
C VAL F 99 16.34 61.84 34.15
N MET F 100 15.95 61.56 32.90
CA MET F 100 15.59 62.64 31.97
C MET F 100 14.36 63.39 32.47
N ARG F 101 13.37 62.67 32.99
CA ARG F 101 12.18 63.33 33.56
C ARG F 101 12.55 64.22 34.73
N LYS F 102 13.40 63.72 35.62
CA LYS F 102 13.86 64.53 36.75
C LYS F 102 14.60 65.78 36.27
N GLU F 103 15.43 65.62 35.24
CA GLU F 103 16.15 66.76 34.67
C GLU F 103 15.18 67.80 34.11
N GLU F 104 14.15 67.34 33.40
CA GLU F 104 13.19 68.27 32.82
C GLU F 104 12.44 69.03 33.91
N LYS F 105 12.02 68.32 34.96
CA LYS F 105 11.30 69.00 36.04
C LYS F 105 12.20 70.01 36.76
N LEU F 106 13.45 69.63 37.02
CA LEU F 106 14.37 70.56 37.68
C LEU F 106 14.67 71.77 36.81
N ASN F 107 14.80 71.56 35.50
CA ASN F 107 14.98 72.68 34.59
C ASN F 107 13.77 73.61 34.59
N LYS F 108 12.57 73.03 34.64
CA LYS F 108 11.37 73.87 34.71
C LYS F 108 11.36 74.69 36.00
N LYS F 109 11.70 74.07 37.12
CA LYS F 109 11.73 74.80 38.39
C LYS F 109 12.77 75.91 38.37
N GLU F 110 13.95 75.65 37.80
CA GLU F 110 14.96 76.70 37.81
C GLU F 110 14.59 77.83 36.85
N GLU F 111 14.01 77.50 35.69
CA GLU F 111 13.52 78.53 34.79
C GLU F 111 12.47 79.39 35.49
N GLU F 112 11.64 78.76 36.33
CA GLU F 112 10.67 79.51 37.11
C GLU F 112 11.38 80.46 38.07
N LEU F 113 12.45 79.98 38.73
CA LEU F 113 13.16 80.82 39.69
C LEU F 113 13.75 82.05 39.02
N LYS F 114 14.36 81.89 37.85
CA LYS F 114 15.03 82.99 37.17
C LYS F 114 14.02 84.00 36.62
N MET F 125 19.82 80.78 47.73
CA MET F 125 20.32 79.44 48.05
C MET F 125 19.64 78.38 47.20
N HIS F 126 18.52 78.75 46.57
CA HIS F 126 17.83 77.81 45.70
C HIS F 126 18.68 77.43 44.49
N LEU F 127 19.44 78.39 43.96
CA LEU F 127 20.36 78.08 42.87
C LEU F 127 21.39 77.06 43.31
N LYS F 128 21.89 77.19 44.54
CA LYS F 128 22.90 76.26 45.05
C LYS F 128 22.35 74.83 45.08
N GLN F 129 21.15 74.64 45.62
CA GLN F 129 20.59 73.30 45.72
C GLN F 129 20.22 72.76 44.34
N ILE F 130 19.75 73.63 43.44
CA ILE F 130 19.45 73.19 42.08
C ILE F 130 20.72 72.69 41.39
N GLU F 131 21.82 73.44 41.55
CA GLU F 131 23.08 73.04 40.94
C GLU F 131 23.62 71.75 41.56
N ILE F 132 23.50 71.61 42.89
CA ILE F 132 24.01 70.41 43.54
C ILE F 132 23.17 69.19 43.12
N LYS F 133 21.86 69.36 42.92
CA LYS F 133 21.04 68.25 42.45
C LYS F 133 21.35 67.93 40.99
N LYS F 134 21.69 68.93 40.19
CA LYS F 134 21.99 68.68 38.79
C LYS F 134 23.35 68.00 38.65
N PHE F 135 24.28 68.30 39.55
CA PHE F 135 25.58 67.62 39.54
C PHE F 135 25.47 66.22 40.10
N LYS F 136 24.63 66.02 41.12
CA LYS F 136 24.52 64.69 41.73
C LYS F 136 24.00 63.66 40.74
N TYR F 137 23.01 64.03 39.94
CA TYR F 137 22.49 63.15 38.90
C TYR F 137 23.32 63.20 37.62
N GLY F 138 24.37 64.01 37.57
CA GLY F 138 25.19 64.13 36.38
C GLY F 138 24.49 64.77 35.20
N ILE F 139 23.65 65.77 35.44
CA ILE F 139 22.92 66.45 34.38
C ILE F 139 23.36 67.90 34.40
N GLU F 140 24.29 68.25 33.54
CA GLU F 140 24.84 69.61 33.47
C GLU F 140 24.65 70.27 32.12
N GLU F 141 24.89 69.54 31.03
CA GLU F 141 24.92 70.11 29.68
C GLU F 141 23.59 69.97 28.96
N HIS F 142 22.54 69.48 29.63
CA HIS F 142 21.23 69.30 29.03
C HIS F 142 21.31 68.38 27.80
N GLY F 143 21.70 67.14 28.05
CA GLY F 143 21.83 66.16 26.99
C GLY F 143 23.13 65.38 27.03
N LYS F 144 23.87 65.51 28.13
CA LYS F 144 25.15 64.85 28.32
C LYS F 144 25.16 64.12 29.65
N VAL F 145 24.11 63.32 29.89
CA VAL F 145 23.96 62.61 31.15
C VAL F 145 25.17 61.70 31.37
N LYS F 146 25.77 61.82 32.55
CA LYS F 146 26.94 61.04 32.93
C LYS F 146 26.54 59.97 33.94
N MET F 147 27.39 58.95 34.05
CA MET F 147 27.15 57.84 34.96
C MET F 147 27.82 58.13 36.29
N ARG F 148 27.03 58.28 37.35
CA ARG F 148 27.56 58.60 38.66
C ARG F 148 26.51 58.30 39.71
N GLY F 149 26.87 57.48 40.70
CA GLY F 149 26.02 57.22 41.84
C GLY F 149 24.99 56.12 41.63
N GLY F 150 23.92 56.43 40.91
CA GLY F 150 22.83 55.48 40.72
C GLY F 150 22.87 54.79 39.38
N LEU F 151 23.15 55.55 38.33
CA LEU F 151 23.25 54.97 36.99
C LEU F 151 24.37 53.93 36.93
N LEU F 152 25.50 54.21 37.58
CA LEU F 152 26.60 53.26 37.61
C LEU F 152 26.19 51.97 38.31
N ARG F 153 25.48 52.09 39.43
CA ARG F 153 25.02 50.91 40.16
C ARG F 153 24.05 50.09 39.31
N THR F 154 23.12 50.77 38.65
CA THR F 154 22.16 50.06 37.79
C THR F 154 22.87 49.38 36.64
N TYR F 155 23.87 50.05 36.04
CA TYR F 155 24.62 49.45 34.94
C TYR F 155 25.37 48.21 35.40
N ILE F 156 26.01 48.27 36.57
CA ILE F 156 26.76 47.13 37.07
C ILE F 156 25.83 45.96 37.36
N ILE F 157 24.71 46.23 38.02
CA ILE F 157 23.80 45.13 38.35
C ILE F 157 23.18 44.54 37.09
N SER F 158 22.92 45.38 36.07
CA SER F 158 22.42 44.88 34.81
C SER F 158 23.43 43.96 34.12
N ILE F 159 24.71 44.37 34.13
CA ILE F 159 25.75 43.53 33.53
C ILE F 159 25.84 42.19 34.25
N LEU F 160 25.81 42.23 35.59
CA LEU F 160 25.90 40.98 36.36
C LEU F 160 24.70 40.07 36.08
N PHE F 161 23.50 40.65 36.03
CA PHE F 161 22.31 39.85 35.74
C PHE F 161 22.39 39.21 34.36
N LYS F 162 22.83 39.98 33.37
CA LYS F 162 22.98 39.43 32.02
C LYS F 162 23.97 38.27 32.01
N SER F 163 25.11 38.45 32.68
CA SER F 163 26.12 37.40 32.69
C SER F 163 25.60 36.14 33.37
N ILE F 164 24.93 36.28 34.51
CA ILE F 164 24.46 35.10 35.22
C ILE F 164 23.35 34.40 34.45
N PHE F 165 22.47 35.15 33.78
CA PHE F 165 21.45 34.53 32.95
C PHE F 165 22.09 33.73 31.83
N GLU F 166 23.09 34.30 31.16
CA GLU F 166 23.73 33.60 30.06
C GLU F 166 24.41 32.32 30.53
N VAL F 167 25.14 32.39 31.65
CA VAL F 167 25.84 31.20 32.13
C VAL F 167 24.85 30.14 32.58
N ALA F 168 23.72 30.56 33.18
CA ALA F 168 22.70 29.59 33.59
C ALA F 168 22.11 28.88 32.39
N PHE F 169 21.78 29.63 31.34
CA PHE F 169 21.24 29.00 30.14
C PHE F 169 22.24 28.06 29.51
N LEU F 170 23.52 28.46 29.48
CA LEU F 170 24.55 27.57 28.92
C LEU F 170 24.66 26.28 29.72
N LEU F 171 24.63 26.37 31.06
CA LEU F 171 24.70 25.17 31.89
C LEU F 171 23.50 24.28 31.66
N ILE F 172 22.31 24.86 31.53
CA ILE F 172 21.10 24.06 31.29
C ILE F 172 21.24 23.31 29.97
N GLN F 173 21.68 24.01 28.92
CA GLN F 173 21.84 23.35 27.63
C GLN F 173 22.88 22.25 27.70
N TRP F 174 23.99 22.48 28.41
CA TRP F 174 25.00 21.44 28.54
C TRP F 174 24.45 20.21 29.25
N TYR F 175 23.67 20.42 30.31
CA TYR F 175 23.12 19.27 31.04
C TYR F 175 22.10 18.50 30.21
N ILE F 176 21.25 19.21 29.46
CA ILE F 176 20.15 18.53 28.78
C ILE F 176 20.66 17.75 27.57
N TYR F 177 21.22 18.46 26.59
CA TYR F 177 21.59 17.86 25.31
C TYR F 177 23.06 17.50 25.22
N GLY F 178 23.95 18.43 25.54
CA GLY F 178 25.35 18.27 25.23
C GLY F 178 25.77 19.28 24.18
N PHE F 179 26.66 18.88 23.28
CA PHE F 179 27.05 19.77 22.19
C PHE F 179 27.19 19.02 20.86
N SER F 180 26.52 17.88 20.71
CA SER F 180 26.55 17.15 19.44
C SER F 180 25.32 16.25 19.38
N LEU F 181 24.95 15.87 18.17
CA LEU F 181 23.81 14.99 17.91
C LEU F 181 24.28 13.76 17.16
N SER F 182 24.19 12.61 17.81
CA SER F 182 24.55 11.36 17.14
C SER F 182 23.52 11.00 16.07
N ALA F 183 23.99 10.35 15.01
CA ALA F 183 23.12 10.01 13.89
C ALA F 183 22.09 8.96 14.25
N VAL F 184 22.34 8.14 15.27
CA VAL F 184 21.43 7.07 15.67
C VAL F 184 21.11 7.25 17.14
N TYR F 185 19.82 7.15 17.48
CA TYR F 185 19.34 7.30 18.85
C TYR F 185 18.66 6.01 19.29
N THR F 186 18.90 5.63 20.54
CA THR F 186 18.30 4.43 21.11
C THR F 186 17.12 4.83 22.00
N CYS F 187 15.96 4.22 21.73
CA CYS F 187 14.72 4.58 22.40
C CYS F 187 14.20 3.39 23.19
N LYS F 188 13.85 3.62 24.45
CA LYS F 188 13.31 2.58 25.33
C LYS F 188 12.23 3.22 26.18
N ARG F 189 10.98 3.10 25.73
CA ARG F 189 9.84 3.69 26.41
C ARG F 189 8.57 3.08 25.82
N ASP F 190 7.56 2.92 26.66
CA ASP F 190 6.31 2.32 26.21
C ASP F 190 5.65 3.22 25.16
N PRO F 191 4.91 2.64 24.21
CA PRO F 191 4.63 1.21 24.03
C PRO F 191 5.63 0.47 23.14
N CYS F 192 6.80 1.06 22.88
CA CYS F 192 7.78 0.41 22.03
C CYS F 192 8.28 -0.87 22.70
N PRO F 193 8.19 -2.02 22.03
CA PRO F 193 8.65 -3.27 22.67
C PRO F 193 10.17 -3.36 22.69
N HIS F 194 10.71 -3.65 23.87
CA HIS F 194 12.16 -3.80 24.10
C HIS F 194 12.82 -2.48 23.68
N GLN F 195 13.89 -2.52 22.88
CA GLN F 195 14.56 -1.32 22.42
C GLN F 195 14.43 -1.20 20.92
N VAL F 196 14.34 0.04 20.44
CA VAL F 196 14.19 0.31 19.01
C VAL F 196 15.24 1.33 18.60
N ASP F 197 15.51 1.39 17.30
CA ASP F 197 16.47 2.32 16.73
C ASP F 197 15.74 3.39 15.94
N CYS F 198 16.06 4.65 16.21
CA CYS F 198 15.48 5.79 15.52
C CYS F 198 16.60 6.65 14.96
N PHE F 199 16.32 7.29 13.82
CA PHE F 199 17.33 8.05 13.08
C PHE F 199 16.91 9.50 13.01
N LEU F 200 17.85 10.41 13.32
CA LEU F 200 17.58 11.83 13.35
C LEU F 200 17.59 12.39 11.92
N SER F 201 17.52 13.72 11.81
CA SER F 201 17.55 14.41 10.53
C SER F 201 18.60 15.51 10.58
N ARG F 202 19.46 15.55 9.55
CA ARG F 202 20.51 16.55 9.43
C ARG F 202 21.35 16.71 10.70
N PRO F 203 21.98 15.63 11.19
CA PRO F 203 22.80 15.78 12.41
C PRO F 203 23.97 16.73 12.23
N THR F 204 24.61 16.72 11.07
CA THR F 204 25.87 17.46 10.90
C THR F 204 25.63 18.97 10.93
N GLU F 205 24.63 19.44 10.19
CA GLU F 205 24.32 20.86 10.19
C GLU F 205 23.93 21.33 11.59
N LYS F 206 23.13 20.54 12.30
CA LYS F 206 22.73 20.92 13.64
C LYS F 206 23.91 20.99 14.58
N THR F 207 24.83 20.02 14.49
CA THR F 207 26.03 20.08 15.32
C THR F 207 26.87 21.32 15.01
N ILE F 208 27.03 21.63 13.72
CA ILE F 208 27.82 22.80 13.33
C ILE F 208 27.20 24.07 13.89
N PHE F 209 25.88 24.21 13.76
CA PHE F 209 25.23 25.42 14.23
C PHE F 209 25.24 25.51 15.75
N ILE F 210 25.14 24.37 16.45
CA ILE F 210 25.23 24.38 17.90
C ILE F 210 26.61 24.86 18.35
N ILE F 211 27.66 24.35 17.70
CA ILE F 211 29.01 24.80 18.05
C ILE F 211 29.18 26.28 17.76
N PHE F 212 28.63 26.74 16.63
CA PHE F 212 28.73 28.16 16.29
C PHE F 212 28.05 29.03 17.35
N MET F 213 26.85 28.63 17.78
CA MET F 213 26.13 29.39 18.80
C MET F 213 26.87 29.37 20.12
N LEU F 214 27.48 28.24 20.48
CA LEU F 214 28.28 28.18 21.69
C LEU F 214 29.45 29.16 21.63
N VAL F 215 30.14 29.20 20.48
CA VAL F 215 31.25 30.14 20.33
C VAL F 215 30.76 31.58 20.46
N VAL F 216 29.62 31.90 19.83
CA VAL F 216 29.09 33.25 19.90
C VAL F 216 28.75 33.63 21.34
N SER F 217 28.13 32.71 22.07
CA SER F 217 27.79 32.98 23.47
C SER F 217 29.03 33.21 24.31
N LEU F 218 30.07 32.40 24.11
CA LEU F 218 31.31 32.61 24.86
C LEU F 218 31.94 33.95 24.53
N VAL F 219 31.91 34.35 23.25
CA VAL F 219 32.46 35.64 22.86
C VAL F 219 31.70 36.77 23.53
N SER F 220 30.37 36.67 23.56
CA SER F 220 29.56 37.70 24.22
C SER F 220 29.87 37.77 25.72
N LEU F 221 30.04 36.61 26.35
CA LEU F 221 30.39 36.58 27.77
C LEU F 221 31.71 37.30 28.03
N ALA F 222 32.72 37.00 27.21
CA ALA F 222 34.01 37.66 27.36
C ALA F 222 33.89 39.15 27.13
N LEU F 223 33.08 39.56 26.15
CA LEU F 223 32.93 40.98 25.85
C LEU F 223 32.30 41.72 27.02
N ASN F 224 31.25 41.16 27.62
CA ASN F 224 30.64 41.87 28.75
C ASN F 224 31.53 41.84 29.99
N ILE F 225 32.34 40.78 30.15
CA ILE F 225 33.32 40.79 31.24
C ILE F 225 34.31 41.93 31.05
N ILE F 226 34.81 42.12 29.82
CA ILE F 226 35.73 43.22 29.53
C ILE F 226 35.04 44.56 29.79
N GLU F 227 33.78 44.69 29.39
CA GLU F 227 33.05 45.92 29.63
C GLU F 227 32.93 46.22 31.13
N LEU F 228 32.63 45.19 31.93
CA LEU F 228 32.54 45.38 33.37
C LEU F 228 33.88 45.81 33.95
N PHE F 229 34.97 45.18 33.53
CA PHE F 229 36.28 45.57 34.04
C PHE F 229 36.62 47.01 33.67
N TYR F 230 36.32 47.40 32.42
CA TYR F 230 36.61 48.76 31.99
C TYR F 230 35.78 49.78 32.76
N VAL F 231 34.49 49.48 33.00
CA VAL F 231 33.68 50.45 33.73
C VAL F 231 34.10 50.53 35.19
N PHE F 232 34.55 49.42 35.78
CA PHE F 232 35.09 49.48 37.13
C PHE F 232 36.35 50.34 37.19
N PHE F 233 37.24 50.18 36.20
CA PHE F 233 38.44 51.02 36.16
C PHE F 233 38.07 52.50 36.00
N LYS F 234 37.08 52.78 35.14
CA LYS F 234 36.64 54.17 34.97
C LYS F 234 36.07 54.73 36.27
N GLY F 235 35.32 53.93 37.00
CA GLY F 235 34.82 54.38 38.30
C GLY F 235 35.95 54.65 39.28
N VAL F 236 36.97 53.79 39.29
CA VAL F 236 38.12 54.01 40.17
C VAL F 236 38.89 55.27 39.76
N LYS F 237 38.84 55.63 38.47
CA LYS F 237 39.55 56.82 38.00
C LYS F 237 39.15 58.07 38.77
N ASP F 238 37.86 58.19 39.09
CA ASP F 238 37.38 59.36 39.84
C ASP F 238 37.93 59.35 41.26
N GLY G 2 2.49 -39.44 -5.79
CA GLY G 2 3.44 -39.59 -6.87
C GLY G 2 2.99 -40.62 -7.91
N ASP G 3 3.95 -41.13 -8.68
CA ASP G 3 3.69 -42.10 -9.73
C ASP G 3 4.70 -43.25 -9.69
N TRP G 4 5.26 -43.52 -8.51
CA TRP G 4 6.28 -44.55 -8.35
C TRP G 4 5.71 -45.97 -8.38
N SER G 5 4.45 -46.13 -8.78
CA SER G 5 3.83 -47.46 -8.74
C SER G 5 4.50 -48.43 -9.70
N ALA G 6 4.81 -47.98 -10.92
CA ALA G 6 5.36 -48.88 -11.93
C ALA G 6 6.76 -49.35 -11.53
N LEU G 7 7.63 -48.43 -11.12
CA LEU G 7 8.97 -48.80 -10.71
C LEU G 7 8.95 -49.70 -9.49
N GLY G 8 8.08 -49.40 -8.52
CA GLY G 8 7.94 -50.26 -7.36
C GLY G 8 7.47 -51.65 -7.72
N LYS G 9 6.51 -51.76 -8.65
CA LYS G 9 6.04 -53.06 -9.10
C LYS G 9 7.17 -53.84 -9.78
N LEU G 10 7.95 -53.17 -10.63
CA LEU G 10 9.05 -53.86 -11.30
C LEU G 10 10.11 -54.32 -10.32
N LEU G 11 10.41 -53.50 -9.30
CA LEU G 11 11.36 -53.91 -8.28
C LEU G 11 10.83 -55.07 -7.45
N ASP G 12 9.52 -55.07 -7.17
CA ASP G 12 8.91 -56.20 -6.48
C ASP G 12 9.00 -57.46 -7.32
N LYS G 13 8.87 -57.32 -8.64
CA LYS G 13 9.06 -58.47 -9.53
C LYS G 13 10.49 -58.97 -9.50
N VAL G 14 11.46 -58.06 -9.50
CA VAL G 14 12.86 -58.47 -9.60
C VAL G 14 13.43 -59.00 -8.28
N GLN G 15 12.85 -58.59 -7.13
CA GLN G 15 13.44 -59.00 -5.86
C GLN G 15 13.27 -60.49 -5.56
N ALA G 16 12.47 -61.21 -6.36
CA ALA G 16 12.21 -62.61 -6.06
C ALA G 16 13.47 -63.45 -6.12
N TYR G 17 14.31 -63.23 -7.13
CA TYR G 17 15.56 -63.98 -7.31
C TYR G 17 16.73 -63.01 -7.21
N SER G 18 17.32 -62.91 -6.03
CA SER G 18 18.46 -62.04 -5.81
C SER G 18 19.21 -62.52 -4.58
N THR G 19 20.45 -62.05 -4.44
CA THR G 19 21.26 -62.39 -3.28
C THR G 19 20.74 -61.62 -2.06
N ALA G 20 21.22 -62.03 -0.88
CA ALA G 20 20.77 -61.40 0.36
C ALA G 20 21.16 -59.93 0.40
N GLY G 21 22.38 -59.60 -0.02
CA GLY G 21 22.79 -58.22 -0.07
C GLY G 21 21.93 -57.40 -1.02
N GLY G 22 21.57 -57.97 -2.17
CA GLY G 22 20.68 -57.28 -3.08
C GLY G 22 19.31 -57.05 -2.47
N LYS G 23 18.79 -58.03 -1.75
CA LYS G 23 17.49 -57.86 -1.09
C LYS G 23 17.55 -56.76 -0.03
N VAL G 24 18.62 -56.72 0.75
CA VAL G 24 18.76 -55.67 1.76
C VAL G 24 18.87 -54.31 1.10
N TRP G 25 19.62 -54.22 0.00
CA TRP G 25 19.73 -52.96 -0.73
C TRP G 25 18.37 -52.52 -1.27
N LEU G 26 17.60 -53.45 -1.83
CA LEU G 26 16.27 -53.10 -2.31
C LEU G 26 15.38 -52.63 -1.16
N SER G 27 15.47 -53.29 -0.01
CA SER G 27 14.65 -52.90 1.13
C SER G 27 14.99 -51.50 1.61
N VAL G 28 16.29 -51.19 1.73
CA VAL G 28 16.68 -49.85 2.20
C VAL G 28 16.33 -48.80 1.16
N LEU G 29 16.45 -49.13 -0.13
CA LEU G 29 16.03 -48.20 -1.18
C LEU G 29 14.54 -47.92 -1.09
N PHE G 30 13.73 -48.95 -0.87
CA PHE G 30 12.29 -48.76 -0.76
C PHE G 30 11.94 -47.94 0.48
N ILE G 31 12.61 -48.18 1.60
CA ILE G 31 12.22 -47.55 2.86
C ILE G 31 12.72 -46.12 2.93
N PHE G 32 14.04 -45.93 2.87
CA PHE G 32 14.61 -44.63 3.15
C PHE G 32 14.66 -43.72 1.92
N ARG G 33 14.98 -44.26 0.75
CA ARG G 33 15.13 -43.42 -0.43
C ARG G 33 13.78 -42.96 -0.97
N ILE G 34 12.79 -43.86 -1.04
CA ILE G 34 11.53 -43.57 -1.70
C ILE G 34 10.48 -43.09 -0.70
N LEU G 35 10.21 -43.93 0.30
CA LEU G 35 9.12 -43.64 1.24
C LEU G 35 9.36 -42.35 2.00
N LEU G 36 10.58 -42.18 2.54
CA LEU G 36 10.89 -41.00 3.34
C LEU G 36 10.81 -39.73 2.51
N LEU G 37 11.35 -39.75 1.29
CA LEU G 37 11.32 -38.57 0.44
C LEU G 37 9.89 -38.18 0.09
N GLY G 38 9.06 -39.16 -0.26
CA GLY G 38 7.69 -38.87 -0.62
C GLY G 38 6.84 -38.38 0.54
N THR G 39 7.07 -38.95 1.73
CA THR G 39 6.19 -38.66 2.87
C THR G 39 6.41 -37.25 3.40
N ALA G 40 7.63 -36.95 3.84
CA ALA G 40 7.84 -35.72 4.60
C ALA G 40 8.93 -34.82 4.01
N VAL G 41 9.93 -35.40 3.36
CA VAL G 41 11.07 -34.62 2.90
C VAL G 41 10.64 -33.62 1.83
N GLU G 42 9.82 -34.07 0.87
CA GLU G 42 9.45 -33.19 -0.24
C GLU G 42 8.56 -32.04 0.20
N SER G 43 7.93 -32.13 1.37
CA SER G 43 7.08 -31.03 1.83
C SER G 43 7.91 -29.85 2.32
N ALA G 44 9.15 -30.09 2.75
CA ALA G 44 10.00 -29.00 3.20
C ALA G 44 10.30 -28.03 2.07
N TRP G 45 10.59 -28.54 0.87
CA TRP G 45 10.81 -27.69 -0.29
C TRP G 45 9.48 -27.33 -0.94
N GLY G 46 8.56 -26.79 -0.17
CA GLY G 46 7.25 -26.43 -0.69
C GLY G 46 7.11 -24.96 -1.00
N ASP G 47 7.87 -24.12 -0.31
CA ASP G 47 7.83 -22.68 -0.51
C ASP G 47 9.24 -22.10 -0.55
N GLU G 48 10.17 -22.82 -1.18
CA GLU G 48 11.52 -22.31 -1.32
C GLU G 48 11.61 -21.12 -2.28
N GLN G 49 10.54 -20.86 -3.04
CA GLN G 49 10.49 -19.73 -3.96
C GLN G 49 9.70 -18.55 -3.41
N SER G 50 8.55 -18.81 -2.77
CA SER G 50 7.73 -17.71 -2.27
C SER G 50 8.31 -17.09 -1.00
N ALA G 51 8.94 -17.90 -0.14
CA ALA G 51 9.53 -17.38 1.08
C ALA G 51 10.88 -16.71 0.85
N PHE G 52 11.50 -16.93 -0.30
CA PHE G 52 12.77 -16.28 -0.62
C PHE G 52 12.54 -14.80 -0.85
N ARG G 53 13.37 -13.96 -0.21
CA ARG G 53 13.24 -12.52 -0.35
C ARG G 53 14.61 -11.88 -0.19
N CYS G 54 14.76 -10.70 -0.79
CA CYS G 54 16.01 -9.96 -0.77
C CYS G 54 15.78 -8.56 -0.22
N ASN G 55 16.87 -7.92 0.17
CA ASN G 55 16.82 -6.58 0.76
C ASN G 55 17.08 -5.52 -0.30
N THR G 56 16.11 -5.38 -1.20
CA THR G 56 16.18 -4.35 -2.24
C THR G 56 14.78 -4.11 -2.78
N GLN G 57 14.64 -2.99 -3.50
CA GLN G 57 13.39 -2.66 -4.19
C GLN G 57 13.61 -2.55 -5.70
N GLN G 58 14.72 -3.06 -6.21
CA GLN G 58 14.94 -3.10 -7.64
C GLN G 58 14.09 -4.20 -8.27
N PRO G 59 13.24 -3.88 -9.24
CA PRO G 59 12.39 -4.92 -9.83
C PRO G 59 13.20 -6.01 -10.52
N GLY G 60 12.77 -7.25 -10.33
CA GLY G 60 13.37 -8.39 -11.00
C GLY G 60 14.64 -8.92 -10.40
N CYS G 61 15.14 -8.33 -9.32
CA CYS G 61 16.38 -8.81 -8.71
C CYS G 61 16.16 -10.11 -7.93
N GLU G 62 14.98 -10.28 -7.35
CA GLU G 62 14.71 -11.48 -6.56
C GLU G 62 14.76 -12.75 -7.41
N ASN G 63 14.15 -12.72 -8.59
CA ASN G 63 14.17 -13.89 -9.46
C ASN G 63 15.59 -14.23 -9.89
N VAL G 64 16.37 -13.22 -10.27
CA VAL G 64 17.74 -13.44 -10.70
C VAL G 64 18.58 -14.03 -9.57
N CYS G 65 18.42 -13.48 -8.36
CA CYS G 65 19.19 -13.98 -7.22
C CYS G 65 18.79 -15.40 -6.86
N TYR G 66 17.50 -15.73 -6.92
CA TYR G 66 17.09 -17.10 -6.66
C TYR G 66 17.65 -18.06 -7.70
N ASP G 67 17.60 -17.68 -8.98
CA ASP G 67 18.16 -18.53 -10.03
C ASP G 67 19.66 -18.72 -9.83
N LYS G 68 20.35 -17.67 -9.37
CA LYS G 68 21.77 -17.79 -9.09
C LYS G 68 22.02 -18.73 -7.91
N SER G 69 21.18 -18.67 -6.89
CA SER G 69 21.42 -19.41 -5.66
C SER G 69 21.17 -20.90 -5.83
N PHE G 70 20.08 -21.27 -6.51
CA PHE G 70 19.67 -22.67 -6.65
C PHE G 70 19.61 -23.04 -8.13
N PRO G 71 20.72 -23.53 -8.70
CA PRO G 71 20.66 -24.01 -10.09
C PRO G 71 19.67 -25.14 -10.29
N ILE G 72 19.52 -26.03 -9.31
CA ILE G 72 18.57 -27.14 -9.40
C ILE G 72 18.21 -27.56 -7.98
N SER G 73 16.91 -27.74 -7.75
CA SER G 73 16.42 -28.08 -6.42
C SER G 73 16.93 -29.45 -5.98
N HIS G 74 17.09 -29.61 -4.67
CA HIS G 74 17.60 -30.87 -4.13
C HIS G 74 16.64 -32.02 -4.37
N VAL G 75 15.33 -31.76 -4.28
CA VAL G 75 14.34 -32.83 -4.44
C VAL G 75 14.42 -33.42 -5.84
N ARG G 76 14.50 -32.55 -6.85
CA ARG G 76 14.62 -33.03 -8.23
C ARG G 76 15.93 -33.77 -8.44
N PHE G 77 17.01 -33.28 -7.83
CA PHE G 77 18.29 -33.97 -7.93
C PHE G 77 18.21 -35.37 -7.34
N TRP G 78 17.57 -35.50 -6.18
CA TRP G 78 17.44 -36.81 -5.53
C TRP G 78 16.54 -37.73 -6.34
N VAL G 79 15.48 -37.20 -6.95
CA VAL G 79 14.62 -38.01 -7.80
C VAL G 79 15.40 -38.53 -8.99
N LEU G 80 16.18 -37.66 -9.63
CA LEU G 80 17.01 -38.10 -10.75
C LEU G 80 18.03 -39.15 -10.32
N GLN G 81 18.63 -38.98 -9.15
CA GLN G 81 19.57 -39.97 -8.64
C GLN G 81 18.89 -41.32 -8.42
N ILE G 82 17.70 -41.31 -7.80
CA ILE G 82 16.97 -42.55 -7.58
C ILE G 82 16.66 -43.23 -8.89
N ILE G 83 16.24 -42.46 -9.89
CA ILE G 83 15.95 -43.04 -11.20
C ILE G 83 17.22 -43.65 -11.81
N PHE G 84 18.34 -42.94 -11.70
CA PHE G 84 19.58 -43.36 -12.34
C PHE G 84 20.31 -44.47 -11.58
N VAL G 85 19.87 -44.83 -10.38
CA VAL G 85 20.50 -45.93 -9.65
C VAL G 85 19.51 -47.09 -9.54
N SER G 86 18.69 -47.28 -10.58
CA SER G 86 17.77 -48.40 -10.62
C SER G 86 17.74 -49.15 -11.95
N VAL G 87 18.33 -48.60 -13.02
CA VAL G 87 18.28 -49.25 -14.32
C VAL G 87 18.99 -50.60 -14.34
N PRO G 88 20.24 -50.74 -13.84
CA PRO G 88 20.94 -52.02 -13.99
C PRO G 88 20.21 -53.19 -13.36
N THR G 89 19.46 -52.98 -12.27
CA THR G 89 18.64 -54.04 -11.73
C THR G 89 17.59 -54.51 -12.74
N LEU G 90 16.99 -53.56 -13.45
CA LEU G 90 16.04 -53.92 -14.51
C LEU G 90 16.73 -54.67 -15.65
N LEU G 91 17.97 -54.29 -15.97
CA LEU G 91 18.73 -55.03 -16.98
C LEU G 91 18.96 -56.46 -16.55
N TYR G 92 19.33 -56.66 -15.27
CA TYR G 92 19.50 -58.01 -14.75
C TYR G 92 18.19 -58.79 -14.82
N LEU G 93 17.07 -58.13 -14.50
CA LEU G 93 15.76 -58.76 -14.59
C LEU G 93 15.47 -59.20 -16.03
N ALA G 94 15.80 -58.34 -17.00
CA ALA G 94 15.58 -58.70 -18.40
C ALA G 94 16.43 -59.89 -18.81
N HIS G 95 17.69 -59.93 -18.36
CA HIS G 95 18.54 -61.08 -18.67
C HIS G 95 18.00 -62.35 -18.04
N VAL G 96 17.49 -62.26 -16.81
CA VAL G 96 16.89 -63.43 -16.16
C VAL G 96 15.67 -63.91 -16.95
N PHE G 97 14.85 -62.98 -17.42
CA PHE G 97 13.69 -63.36 -18.23
C PHE G 97 14.12 -64.02 -19.54
N TYR G 98 15.20 -63.54 -20.14
CA TYR G 98 15.74 -64.18 -21.34
C TYR G 98 16.18 -65.61 -21.04
N VAL G 99 16.85 -65.80 -19.88
CA VAL G 99 17.25 -67.15 -19.47
C VAL G 99 16.03 -68.03 -19.29
N MET G 100 14.96 -67.48 -18.70
CA MET G 100 13.73 -68.24 -18.52
C MET G 100 13.12 -68.66 -19.86
N ARG G 101 13.13 -67.74 -20.83
CA ARG G 101 12.63 -68.07 -22.16
C ARG G 101 13.44 -69.19 -22.80
N LYS G 102 14.77 -69.11 -22.69
CA LYS G 102 15.62 -70.18 -23.22
C LYS G 102 15.33 -71.50 -22.53
N GLU G 103 15.12 -71.47 -21.21
CA GLU G 103 14.78 -72.68 -20.47
C GLU G 103 13.47 -73.27 -20.96
N GLU G 104 12.46 -72.44 -21.19
CA GLU G 104 11.17 -72.94 -21.64
C GLU G 104 11.28 -73.57 -23.01
N LYS G 105 12.03 -72.93 -23.93
CA LYS G 105 12.19 -73.50 -25.26
C LYS G 105 12.95 -74.82 -25.21
N LEU G 106 14.01 -74.89 -24.41
CA LEU G 106 14.77 -76.14 -24.30
C LEU G 106 13.93 -77.24 -23.68
N ASN G 107 13.10 -76.91 -22.69
CA ASN G 107 12.20 -77.89 -22.10
C ASN G 107 11.20 -78.39 -23.13
N LYS G 108 10.67 -77.49 -23.96
CA LYS G 108 9.75 -77.91 -25.02
C LYS G 108 10.43 -78.87 -25.98
N LYS G 109 11.67 -78.55 -26.39
CA LYS G 109 12.39 -79.42 -27.31
C LYS G 109 12.66 -80.79 -26.69
N GLU G 110 13.03 -80.82 -25.41
CA GLU G 110 13.33 -82.13 -24.81
C GLU G 110 12.05 -82.93 -24.62
N GLU G 111 10.95 -82.27 -24.24
CA GLU G 111 9.67 -82.97 -24.14
C GLU G 111 9.29 -83.55 -25.50
N GLU G 112 9.60 -82.82 -26.57
CA GLU G 112 9.37 -83.34 -27.91
C GLU G 112 10.21 -84.59 -28.16
N LEU G 113 11.48 -84.57 -27.74
CA LEU G 113 12.36 -85.70 -27.98
C LEU G 113 11.86 -86.96 -27.27
N LYS G 114 11.41 -86.82 -26.02
CA LYS G 114 10.97 -87.97 -25.24
C LYS G 114 9.65 -88.53 -25.75
N MET G 125 22.32 -88.84 -28.38
CA MET G 125 23.26 -87.79 -28.04
C MET G 125 22.55 -86.45 -27.83
N HIS G 126 21.29 -86.36 -28.28
CA HIS G 126 20.52 -85.15 -28.08
C HIS G 126 20.27 -84.89 -26.60
N LEU G 127 20.03 -85.95 -25.83
CA LEU G 127 19.88 -85.79 -24.39
C LEU G 127 21.15 -85.21 -23.77
N LYS G 128 22.32 -85.66 -24.24
CA LYS G 128 23.58 -85.15 -23.69
C LYS G 128 23.72 -83.65 -23.92
N GLN G 129 23.44 -83.19 -25.14
CA GLN G 129 23.59 -81.76 -25.42
C GLN G 129 22.51 -80.95 -24.71
N ILE G 130 21.30 -81.49 -24.59
CA ILE G 130 20.26 -80.79 -23.84
C ILE G 130 20.68 -80.61 -22.38
N GLU G 131 21.21 -81.67 -21.78
CA GLU G 131 21.65 -81.60 -20.39
C GLU G 131 22.84 -80.65 -20.23
N ILE G 132 23.78 -80.66 -21.18
CA ILE G 132 24.93 -79.77 -21.05
C ILE G 132 24.50 -78.32 -21.23
N LYS G 133 23.51 -78.05 -22.08
CA LYS G 133 23.01 -76.69 -22.22
C LYS G 133 22.22 -76.26 -20.98
N LYS G 134 21.52 -77.20 -20.35
CA LYS G 134 20.75 -76.87 -19.16
C LYS G 134 21.67 -76.62 -17.96
N PHE G 135 22.81 -77.32 -17.92
CA PHE G 135 23.79 -77.08 -16.86
C PHE G 135 24.56 -75.79 -17.11
N LYS G 136 24.87 -75.49 -18.38
CA LYS G 136 25.67 -74.31 -18.69
C LYS G 136 24.94 -73.03 -18.26
N TYR G 137 23.64 -72.97 -18.51
CA TYR G 137 22.84 -71.82 -18.08
C TYR G 137 22.36 -71.95 -16.64
N GLY G 138 22.71 -73.02 -15.95
CA GLY G 138 22.30 -73.22 -14.57
C GLY G 138 20.81 -73.44 -14.38
N ILE G 139 20.17 -74.15 -15.31
CA ILE G 139 18.74 -74.42 -15.25
C ILE G 139 18.58 -75.93 -15.14
N GLU G 140 18.40 -76.43 -13.93
CA GLU G 140 18.27 -77.86 -13.67
C GLU G 140 16.95 -78.23 -13.02
N GLU G 141 16.52 -77.47 -12.01
CA GLU G 141 15.37 -77.83 -11.19
C GLU G 141 14.08 -77.19 -11.66
N HIS G 142 14.09 -76.49 -12.79
CA HIS G 142 12.91 -75.83 -13.35
C HIS G 142 12.33 -74.83 -12.36
N GLY G 143 13.14 -73.80 -12.05
CA GLY G 143 12.74 -72.78 -11.12
C GLY G 143 13.78 -72.46 -10.08
N LYS G 144 15.00 -72.96 -10.28
CA LYS G 144 16.12 -72.75 -9.36
C LYS G 144 17.33 -72.26 -10.15
N VAL G 145 17.11 -71.22 -10.96
CA VAL G 145 18.18 -70.67 -11.80
C VAL G 145 19.34 -70.23 -10.93
N LYS G 146 20.54 -70.68 -11.28
CA LYS G 146 21.77 -70.37 -10.56
C LYS G 146 22.59 -69.37 -11.36
N MET G 147 23.50 -68.68 -10.67
CA MET G 147 24.36 -67.70 -11.29
C MET G 147 25.66 -68.37 -11.72
N ARG G 148 25.91 -68.43 -13.03
CA ARG G 148 27.10 -69.06 -13.55
C ARG G 148 27.34 -68.60 -14.98
N GLY G 149 28.54 -68.08 -15.25
CA GLY G 149 28.94 -67.74 -16.59
C GLY G 149 28.50 -66.37 -17.07
N GLY G 150 27.23 -66.23 -17.42
CA GLY G 150 26.73 -64.97 -17.96
C GLY G 150 25.97 -64.14 -16.94
N LEU G 151 25.13 -64.80 -16.14
CA LEU G 151 24.40 -64.08 -15.10
C LEU G 151 25.34 -63.45 -14.10
N LEU G 152 26.41 -64.15 -13.74
CA LEU G 152 27.39 -63.59 -12.81
C LEU G 152 28.06 -62.35 -13.39
N ARG G 153 28.42 -62.40 -14.67
CA ARG G 153 29.04 -61.26 -15.33
C ARG G 153 28.08 -60.08 -15.36
N THR G 154 26.81 -60.32 -15.72
CA THR G 154 25.83 -59.25 -15.75
C THR G 154 25.63 -58.66 -14.36
N TYR G 155 25.57 -59.51 -13.33
CA TYR G 155 25.41 -59.03 -11.97
C TYR G 155 26.57 -58.15 -11.54
N ILE G 156 27.80 -58.58 -11.86
CA ILE G 156 28.97 -57.80 -11.47
C ILE G 156 28.99 -56.45 -12.18
N ILE G 157 28.70 -56.45 -13.49
CA ILE G 157 28.74 -55.18 -14.22
C ILE G 157 27.61 -54.27 -13.75
N SER G 158 26.45 -54.83 -13.40
CA SER G 158 25.37 -54.02 -12.85
C SER G 158 25.76 -53.38 -11.53
N ILE G 159 26.41 -54.15 -10.64
CA ILE G 159 26.85 -53.59 -9.36
C ILE G 159 27.86 -52.47 -9.59
N LEU G 160 28.82 -52.68 -10.50
CA LEU G 160 29.81 -51.65 -10.77
C LEU G 160 29.17 -50.39 -11.34
N PHE G 161 28.23 -50.55 -12.27
CA PHE G 161 27.55 -49.39 -12.84
C PHE G 161 26.77 -48.62 -11.78
N LYS G 162 26.07 -49.34 -10.90
CA LYS G 162 25.33 -48.67 -9.84
C LYS G 162 26.28 -47.89 -8.94
N SER G 163 27.40 -48.50 -8.56
CA SER G 163 28.34 -47.82 -7.67
C SER G 163 28.92 -46.57 -8.33
N ILE G 164 29.30 -46.66 -9.60
CA ILE G 164 29.92 -45.50 -10.25
C ILE G 164 28.89 -44.39 -10.46
N PHE G 165 27.64 -44.75 -10.77
CA PHE G 165 26.60 -43.73 -10.88
C PHE G 165 26.40 -43.01 -9.55
N GLU G 166 26.34 -43.77 -8.45
CA GLU G 166 26.13 -43.14 -7.15
C GLU G 166 27.28 -42.22 -6.79
N VAL G 167 28.51 -42.66 -7.00
CA VAL G 167 29.66 -41.83 -6.63
C VAL G 167 29.72 -40.59 -7.51
N ALA G 168 29.36 -40.72 -8.80
CA ALA G 168 29.35 -39.56 -9.68
C ALA G 168 28.31 -38.53 -9.23
N PHE G 169 27.12 -38.99 -8.88
CA PHE G 169 26.09 -38.07 -8.40
C PHE G 169 26.53 -37.39 -7.10
N LEU G 170 27.15 -38.15 -6.20
CA LEU G 170 27.64 -37.57 -4.95
C LEU G 170 28.69 -36.49 -5.22
N LEU G 171 29.62 -36.77 -6.13
CA LEU G 171 30.64 -35.77 -6.46
C LEU G 171 30.03 -34.52 -7.07
N ILE G 172 29.04 -34.70 -7.95
CA ILE G 172 28.38 -33.54 -8.56
C ILE G 172 27.72 -32.68 -7.49
N GLN G 173 27.00 -33.33 -6.56
CA GLN G 173 26.34 -32.58 -5.49
C GLN G 173 27.37 -31.86 -4.61
N TRP G 174 28.48 -32.52 -4.31
CA TRP G 174 29.51 -31.87 -3.50
C TRP G 174 30.08 -30.65 -4.21
N TYR G 175 30.32 -30.75 -5.52
CA TYR G 175 30.88 -29.62 -6.24
C TYR G 175 29.89 -28.45 -6.33
N ILE G 176 28.61 -28.75 -6.55
CA ILE G 176 27.65 -27.69 -6.82
C ILE G 176 27.31 -26.94 -5.54
N TYR G 177 26.70 -27.64 -4.57
CA TYR G 177 26.17 -27.00 -3.37
C TYR G 177 27.10 -27.10 -2.17
N GLY G 178 27.58 -28.30 -1.86
CA GLY G 178 28.26 -28.54 -0.61
C GLY G 178 27.43 -29.46 0.25
N PHE G 179 27.42 -29.23 1.56
CA PHE G 179 26.57 -30.04 2.44
C PHE G 179 25.91 -29.19 3.53
N SER G 180 25.75 -27.89 3.30
CA SER G 180 25.06 -27.04 4.25
C SER G 180 24.55 -25.80 3.52
N LEU G 181 23.55 -25.15 4.11
CA LEU G 181 22.94 -23.95 3.55
C LEU G 181 23.05 -22.83 4.57
N SER G 182 23.83 -21.80 4.25
CA SER G 182 23.93 -20.64 5.14
C SER G 182 22.64 -19.83 5.12
N ALA G 183 22.34 -19.22 6.27
CA ALA G 183 21.09 -18.48 6.42
C ALA G 183 21.05 -17.22 5.56
N VAL G 184 22.20 -16.67 5.20
CA VAL G 184 22.29 -15.44 4.41
C VAL G 184 23.12 -15.71 3.17
N TYR G 185 22.62 -15.27 2.01
CA TYR G 185 23.29 -15.46 0.74
C TYR G 185 23.61 -14.10 0.12
N THR G 186 24.78 -13.99 -0.48
CA THR G 186 25.22 -12.76 -1.13
C THR G 186 25.04 -12.89 -2.63
N CYS G 187 24.32 -11.94 -3.23
CA CYS G 187 23.95 -11.98 -4.63
C CYS G 187 24.60 -10.82 -5.36
N LYS G 188 25.24 -11.11 -6.49
CA LYS G 188 25.88 -10.09 -7.32
C LYS G 188 25.66 -10.47 -8.78
N ARG G 189 24.61 -9.92 -9.37
CA ARG G 189 24.24 -10.21 -10.76
C ARG G 189 23.24 -9.17 -11.21
N ASP G 190 23.29 -8.83 -12.50
CA ASP G 190 22.39 -7.82 -13.03
C ASP G 190 20.94 -8.32 -12.96
N PRO G 191 19.97 -7.41 -12.78
CA PRO G 191 20.11 -5.94 -12.67
C PRO G 191 20.28 -5.44 -11.24
N CYS G 192 20.62 -6.30 -10.29
CA CYS G 192 20.79 -5.88 -8.90
C CYS G 192 21.97 -4.92 -8.80
N PRO G 193 21.78 -3.71 -8.27
CA PRO G 193 22.90 -2.77 -8.17
C PRO G 193 23.87 -3.16 -7.06
N HIS G 194 25.15 -3.22 -7.41
CA HIS G 194 26.23 -3.55 -6.46
C HIS G 194 25.93 -4.93 -5.88
N GLN G 195 26.00 -5.12 -4.57
CA GLN G 195 25.69 -6.40 -3.94
C GLN G 195 24.47 -6.25 -3.05
N VAL G 196 23.67 -7.31 -2.97
CA VAL G 196 22.46 -7.32 -2.18
C VAL G 196 22.48 -8.56 -1.28
N ASP G 197 21.66 -8.50 -0.23
CA ASP G 197 21.53 -9.60 0.72
C ASP G 197 20.18 -10.27 0.56
N CYS G 198 20.19 -11.59 0.44
CA CYS G 198 18.98 -12.38 0.31
C CYS G 198 18.98 -13.47 1.38
N PHE G 199 17.78 -13.82 1.84
CA PHE G 199 17.61 -14.74 2.96
C PHE G 199 16.85 -15.97 2.50
N LEU G 200 17.37 -17.14 2.85
CA LEU G 200 16.79 -18.42 2.44
C LEU G 200 15.59 -18.75 3.31
N SER G 201 15.04 -19.96 3.15
CA SER G 201 13.91 -20.44 3.92
C SER G 201 14.23 -21.80 4.50
N ARG G 202 13.99 -21.96 5.80
CA ARG G 202 14.23 -23.20 6.51
C ARG G 202 15.63 -23.78 6.28
N PRO G 203 16.69 -23.04 6.57
CA PRO G 203 18.04 -23.59 6.35
C PRO G 203 18.33 -24.82 7.19
N THR G 204 17.85 -24.86 8.44
CA THR G 204 18.26 -25.91 9.37
C THR G 204 17.68 -27.26 8.96
N GLU G 205 16.38 -27.30 8.64
CA GLU G 205 15.76 -28.54 8.21
C GLU G 205 16.41 -29.06 6.94
N LYS G 206 16.70 -28.16 5.99
CA LYS G 206 17.32 -28.59 4.75
C LYS G 206 18.71 -29.15 5.00
N THR G 207 19.49 -28.51 5.87
CA THR G 207 20.81 -29.06 6.19
C THR G 207 20.70 -30.43 6.84
N ILE G 208 19.76 -30.59 7.77
CA ILE G 208 19.59 -31.87 8.45
C ILE G 208 19.24 -32.96 7.44
N PHE G 209 18.31 -32.67 6.53
CA PHE G 209 17.89 -33.67 5.57
C PHE G 209 18.99 -33.98 4.56
N ILE G 210 19.78 -32.97 4.19
CA ILE G 210 20.91 -33.21 3.29
C ILE G 210 21.92 -34.15 3.94
N ILE G 211 22.23 -33.91 5.22
CA ILE G 211 23.17 -34.78 5.92
C ILE G 211 22.60 -36.19 6.03
N PHE G 212 21.30 -36.30 6.30
CA PHE G 212 20.67 -37.61 6.39
C PHE G 212 20.77 -38.37 5.07
N MET G 213 20.49 -37.69 3.96
CA MET G 213 20.57 -38.33 2.65
C MET G 213 22.00 -38.74 2.32
N LEU G 214 22.98 -37.90 2.70
CA LEU G 214 24.38 -38.27 2.49
C LEU G 214 24.74 -39.53 3.25
N VAL G 215 24.29 -39.63 4.51
CA VAL G 215 24.56 -40.82 5.30
C VAL G 215 23.92 -42.05 4.66
N VAL G 216 22.67 -41.90 4.19
CA VAL G 216 21.99 -43.03 3.56
C VAL G 216 22.73 -43.48 2.31
N SER G 217 23.17 -42.52 1.49
CA SER G 217 23.91 -42.87 0.28
C SER G 217 25.21 -43.60 0.61
N LEU G 218 25.94 -43.13 1.63
CA LEU G 218 27.17 -43.80 2.01
C LEU G 218 26.89 -45.22 2.50
N VAL G 219 25.82 -45.40 3.27
CA VAL G 219 25.46 -46.73 3.75
C VAL G 219 25.15 -47.66 2.58
N SER G 220 24.41 -47.16 1.59
CA SER G 220 24.09 -47.98 0.42
C SER G 220 25.36 -48.34 -0.35
N LEU G 221 26.29 -47.39 -0.48
CA LEU G 221 27.55 -47.67 -1.16
C LEU G 221 28.31 -48.78 -0.46
N ALA G 222 28.41 -48.70 0.87
CA ALA G 222 29.10 -49.74 1.63
C ALA G 222 28.39 -51.09 1.48
N LEU G 223 27.06 -51.08 1.49
CA LEU G 223 26.31 -52.32 1.36
C LEU G 223 26.56 -53.00 0.02
N ASN G 224 26.55 -52.22 -1.07
CA ASN G 224 26.80 -52.86 -2.37
C ASN G 224 28.25 -53.28 -2.52
N ILE G 225 29.18 -52.57 -1.89
CA ILE G 225 30.58 -53.02 -1.88
C ILE G 225 30.68 -54.38 -1.19
N ILE G 226 30.02 -54.52 -0.04
CA ILE G 226 30.02 -55.80 0.68
C ILE G 226 29.39 -56.89 -0.19
N GLU G 227 28.30 -56.57 -0.88
CA GLU G 227 27.65 -57.54 -1.74
C GLU G 227 28.59 -58.00 -2.86
N LEU G 228 29.32 -57.05 -3.47
CA LEU G 228 30.26 -57.40 -4.52
C LEU G 228 31.37 -58.31 -3.98
N PHE G 229 31.90 -57.98 -2.80
CA PHE G 229 32.95 -58.82 -2.23
C PHE G 229 32.44 -60.23 -1.94
N TYR G 230 31.23 -60.33 -1.40
CA TYR G 230 30.66 -61.64 -1.09
C TYR G 230 30.42 -62.45 -2.36
N VAL G 231 29.91 -61.82 -3.41
CA VAL G 231 29.66 -62.57 -4.64
C VAL G 231 30.98 -62.98 -5.30
N PHE G 232 32.02 -62.16 -5.20
CA PHE G 232 33.32 -62.58 -5.70
C PHE G 232 33.85 -63.78 -4.94
N PHE G 233 33.71 -63.76 -3.60
CA PHE G 233 34.14 -64.92 -2.82
C PHE G 233 33.35 -66.17 -3.18
N LYS G 234 32.04 -66.03 -3.39
CA LYS G 234 31.22 -67.16 -3.80
C LYS G 234 31.66 -67.70 -5.15
N GLY G 235 31.99 -66.82 -6.09
CA GLY G 235 32.52 -67.27 -7.36
C GLY G 235 33.83 -68.00 -7.22
N VAL G 236 34.71 -67.52 -6.36
CA VAL G 236 35.99 -68.20 -6.12
C VAL G 236 35.76 -69.56 -5.47
N LYS G 237 34.68 -69.70 -4.70
CA LYS G 237 34.39 -70.97 -4.03
C LYS G 237 34.34 -72.13 -5.02
N ASP G 238 33.76 -71.91 -6.20
CA ASP G 238 33.66 -72.95 -7.21
C ASP G 238 35.04 -73.33 -7.75
N GLY H 2 -0.56 -39.90 1.41
CA GLY H 2 0.82 -40.29 1.68
C GLY H 2 1.29 -41.46 0.84
N ASP H 3 2.34 -42.13 1.29
CA ASP H 3 2.93 -43.27 0.59
C ASP H 3 3.21 -44.43 1.54
N TRP H 4 2.46 -44.51 2.64
CA TRP H 4 2.66 -45.54 3.65
C TRP H 4 2.16 -46.91 3.22
N SER H 5 1.83 -47.10 1.95
CA SER H 5 1.25 -48.36 1.49
C SER H 5 2.24 -49.51 1.64
N ALA H 6 3.51 -49.29 1.27
CA ALA H 6 4.48 -50.38 1.28
C ALA H 6 4.77 -50.83 2.71
N LEU H 7 5.03 -49.88 3.61
CA LEU H 7 5.31 -50.23 5.00
C LEU H 7 4.10 -50.91 5.65
N GLY H 8 2.90 -50.41 5.37
CA GLY H 8 1.71 -51.04 5.89
C GLY H 8 1.53 -52.46 5.38
N LYS H 9 1.81 -52.68 4.09
CA LYS H 9 1.74 -54.03 3.54
C LYS H 9 2.74 -54.96 4.20
N LEU H 10 3.97 -54.48 4.41
CA LEU H 10 4.99 -55.31 5.04
C LEU H 10 4.61 -55.64 6.49
N LEU H 11 4.05 -54.67 7.21
CA LEU H 11 3.61 -54.93 8.58
C LEU H 11 2.43 -55.90 8.60
N ASP H 12 1.53 -55.80 7.62
CA ASP H 12 0.45 -56.77 7.51
C ASP H 12 0.99 -58.16 7.23
N LYS H 13 2.07 -58.25 6.45
CA LYS H 13 2.71 -59.54 6.21
C LYS H 13 3.33 -60.09 7.49
N VAL H 14 3.99 -59.22 8.28
CA VAL H 14 4.71 -59.71 9.45
C VAL H 14 3.79 -60.01 10.63
N GLN H 15 2.60 -59.39 10.70
CA GLN H 15 1.76 -59.60 11.88
C GLN H 15 1.17 -61.00 11.96
N ALA H 16 1.30 -61.82 10.91
CA ALA H 16 0.68 -63.13 10.91
C ALA H 16 1.23 -64.02 12.03
N TYR H 17 2.55 -64.02 12.21
CA TYR H 17 3.21 -64.83 13.23
C TYR H 17 3.89 -63.91 14.23
N SER H 18 3.21 -63.62 15.34
CA SER H 18 3.76 -62.78 16.39
C SER H 18 3.01 -63.06 17.68
N THR H 19 3.61 -62.64 18.79
CA THR H 19 2.98 -62.78 20.09
C THR H 19 1.82 -61.80 20.23
N ALA H 20 0.99 -62.03 21.25
CA ALA H 20 -0.17 -61.16 21.47
C ALA H 20 0.24 -59.73 21.74
N GLY H 21 1.28 -59.53 22.56
CA GLY H 21 1.77 -58.19 22.81
C GLY H 21 2.26 -57.51 21.55
N GLY H 22 2.95 -58.26 20.68
CA GLY H 22 3.38 -57.70 19.41
C GLY H 22 2.22 -57.31 18.52
N LYS H 23 1.17 -58.14 18.51
CA LYS H 23 -0.01 -57.80 17.71
C LYS H 23 -0.70 -56.54 18.23
N VAL H 24 -0.80 -56.41 19.56
CA VAL H 24 -1.41 -55.21 20.13
C VAL H 24 -0.56 -53.99 19.81
N TRP H 25 0.77 -54.12 19.89
CA TRP H 25 1.64 -53.00 19.55
C TRP H 25 1.50 -52.61 18.09
N LEU H 26 1.41 -53.60 17.20
CA LEU H 26 1.19 -53.29 15.78
C LEU H 26 -0.14 -52.60 15.57
N SER H 27 -1.18 -53.04 16.27
CA SER H 27 -2.49 -52.42 16.12
C SER H 27 -2.48 -50.97 16.58
N VAL H 28 -1.86 -50.70 17.74
CA VAL H 28 -1.84 -49.32 18.23
C VAL H 28 -0.97 -48.44 17.34
N LEU H 29 0.13 -49.00 16.82
CA LEU H 29 0.96 -48.26 15.88
C LEU H 29 0.18 -47.91 14.62
N PHE H 30 -0.60 -48.85 14.10
CA PHE H 30 -1.39 -48.58 12.91
C PHE H 30 -2.48 -47.55 13.18
N ILE H 31 -3.12 -47.62 14.34
CA ILE H 31 -4.28 -46.77 14.61
C ILE H 31 -3.84 -45.36 15.00
N PHE H 32 -3.08 -45.25 16.09
CA PHE H 32 -2.81 -43.93 16.66
C PHE H 32 -1.59 -43.26 16.02
N ARG H 33 -0.53 -44.01 15.74
CA ARG H 33 0.68 -43.38 15.22
C ARG H 33 0.53 -42.98 13.75
N ILE H 34 -0.07 -43.84 12.93
CA ILE H 34 -0.10 -43.61 11.48
C ILE H 34 -1.39 -42.93 11.06
N LEU H 35 -2.53 -43.57 11.38
CA LEU H 35 -3.82 -43.08 10.90
C LEU H 35 -4.12 -41.68 11.44
N LEU H 36 -3.92 -41.47 12.74
CA LEU H 36 -4.24 -40.18 13.35
C LEU H 36 -3.37 -39.07 12.79
N LEU H 37 -2.07 -39.33 12.63
CA LEU H 37 -1.16 -38.31 12.11
C LEU H 37 -1.53 -37.93 10.68
N GLY H 38 -1.83 -38.93 9.84
CA GLY H 38 -2.18 -38.64 8.46
C GLY H 38 -3.50 -37.93 8.31
N THR H 39 -4.48 -38.29 9.13
CA THR H 39 -5.83 -37.78 8.93
C THR H 39 -5.95 -36.31 9.32
N ALA H 40 -5.65 -35.97 10.57
CA ALA H 40 -5.96 -34.65 11.07
C ALA H 40 -4.77 -33.91 11.65
N VAL H 41 -3.80 -34.63 12.22
CA VAL H 41 -2.70 -33.98 12.92
C VAL H 41 -1.83 -33.18 11.96
N GLU H 42 -1.52 -33.75 10.79
CA GLU H 42 -0.63 -33.07 9.86
C GLU H 42 -1.25 -31.81 9.26
N SER H 43 -2.58 -31.68 9.30
CA SER H 43 -3.22 -30.49 8.76
C SER H 43 -3.00 -29.27 9.65
N ALA H 44 -2.78 -29.48 10.95
CA ALA H 44 -2.54 -28.37 11.85
C ALA H 44 -1.27 -27.61 11.47
N TRP H 45 -0.20 -28.34 11.15
CA TRP H 45 1.04 -27.72 10.70
C TRP H 45 0.98 -27.43 9.21
N GLY H 46 -0.06 -26.72 8.77
CA GLY H 46 -0.23 -26.41 7.36
C GLY H 46 0.22 -25.01 7.00
N ASP H 47 0.16 -24.10 7.97
CA ASP H 47 0.56 -22.71 7.74
C ASP H 47 1.41 -22.20 8.90
N GLU H 48 2.29 -23.06 9.43
CA GLU H 48 3.18 -22.63 10.49
C GLU H 48 4.23 -21.63 10.00
N GLN H 49 4.38 -21.46 8.70
CA GLN H 49 5.32 -20.51 8.12
C GLN H 49 4.66 -19.23 7.65
N SER H 50 3.49 -19.33 7.01
CA SER H 50 2.83 -18.13 6.50
C SER H 50 2.17 -17.32 7.60
N ALA H 51 1.62 -17.99 8.63
CA ALA H 51 0.97 -17.29 9.72
C ALA H 51 1.97 -16.72 10.74
N PHE H 52 3.22 -17.16 10.70
CA PHE H 52 4.25 -16.63 11.59
C PHE H 52 4.58 -15.19 11.20
N ARG H 53 4.60 -14.30 12.18
CA ARG H 53 4.90 -12.90 11.91
C ARG H 53 5.58 -12.29 13.14
N CYS H 54 6.36 -11.25 12.90
CA CYS H 54 7.10 -10.56 13.94
C CYS H 54 6.76 -9.08 13.95
N ASN H 55 7.09 -8.42 15.05
CA ASN H 55 6.79 -7.00 15.23
C ASN H 55 8.01 -6.15 14.85
N THR H 56 8.29 -6.13 13.56
CA THR H 56 9.38 -5.31 13.03
C THR H 56 9.17 -5.11 11.54
N GLN H 57 9.88 -4.12 10.99
CA GLN H 57 9.90 -3.87 9.55
C GLN H 57 11.29 -4.03 8.97
N GLN H 58 12.20 -4.67 9.69
CA GLN H 58 13.52 -4.96 9.15
C GLN H 58 13.43 -6.12 8.17
N PRO H 59 13.87 -5.95 6.92
CA PRO H 59 13.76 -7.04 5.94
C PRO H 59 14.57 -8.25 6.36
N GLY H 60 13.98 -9.44 6.16
CA GLY H 60 14.66 -10.70 6.39
C GLY H 60 14.71 -11.16 7.82
N CYS H 61 14.15 -10.41 8.76
CA CYS H 61 14.19 -10.83 10.17
C CYS H 61 13.20 -11.96 10.45
N GLU H 62 12.07 -11.99 9.73
CA GLU H 62 11.06 -13.02 9.97
C GLU H 62 11.59 -14.41 9.65
N ASN H 63 12.28 -14.56 8.53
CA ASN H 63 12.83 -15.87 8.16
C ASN H 63 13.85 -16.34 9.19
N VAL H 64 14.75 -15.43 9.61
CA VAL H 64 15.77 -15.78 10.58
C VAL H 64 15.13 -16.19 11.91
N CYS H 65 14.13 -15.44 12.36
CA CYS H 65 13.48 -15.76 13.62
C CYS H 65 12.73 -17.09 13.55
N TYR H 66 12.07 -17.37 12.42
CA TYR H 66 11.40 -18.65 12.28
C TYR H 66 12.40 -19.81 12.28
N ASP H 67 13.53 -19.65 11.57
CA ASP H 67 14.55 -20.69 11.56
C ASP H 67 15.11 -20.91 12.97
N LYS H 68 15.26 -19.82 13.73
CA LYS H 68 15.72 -19.94 15.11
C LYS H 68 14.70 -20.67 15.97
N SER H 69 13.41 -20.40 15.76
CA SER H 69 12.38 -20.93 16.64
C SER H 69 12.14 -22.41 16.41
N PHE H 70 12.09 -22.85 15.16
CA PHE H 70 11.76 -24.24 14.80
C PHE H 70 12.92 -24.86 14.02
N PRO H 71 13.89 -25.48 14.71
CA PRO H 71 14.95 -26.19 13.99
C PRO H 71 14.42 -27.30 13.10
N ILE H 72 13.37 -28.00 13.52
CA ILE H 72 12.77 -29.07 12.72
C ILE H 72 11.32 -29.22 13.14
N SER H 73 10.42 -29.30 12.16
CA SER H 73 9.00 -29.39 12.44
C SER H 73 8.66 -30.68 13.17
N HIS H 74 7.60 -30.62 13.99
CA HIS H 74 7.19 -31.78 14.76
C HIS H 74 6.71 -32.91 13.88
N VAL H 75 6.01 -32.59 12.79
CA VAL H 75 5.46 -33.63 11.92
C VAL H 75 6.58 -34.46 11.31
N ARG H 76 7.63 -33.79 10.81
CA ARG H 76 8.77 -34.50 10.24
C ARG H 76 9.49 -35.32 11.30
N PHE H 77 9.60 -34.77 12.51
CA PHE H 77 10.22 -35.52 13.60
C PHE H 77 9.45 -36.80 13.91
N TRP H 78 8.12 -36.69 13.96
CA TRP H 78 7.29 -37.87 14.24
C TRP H 78 7.35 -38.88 13.11
N VAL H 79 7.42 -38.41 11.86
CA VAL H 79 7.56 -39.33 10.73
C VAL H 79 8.88 -40.08 10.83
N LEU H 80 9.96 -39.37 11.14
CA LEU H 80 11.26 -40.02 11.30
C LEU H 80 11.24 -41.02 12.45
N GLN H 81 10.57 -40.67 13.55
CA GLN H 81 10.45 -41.60 14.67
C GLN H 81 9.69 -42.86 14.27
N ILE H 82 8.58 -42.69 13.57
CA ILE H 82 7.79 -43.85 13.13
C ILE H 82 8.63 -44.73 12.22
N ILE H 83 9.39 -44.13 11.31
CA ILE H 83 10.25 -44.93 10.44
C ILE H 83 11.31 -45.67 11.24
N PHE H 84 11.91 -45.00 12.23
CA PHE H 84 13.00 -45.58 13.00
C PHE H 84 12.54 -46.56 14.07
N VAL H 85 11.25 -46.70 14.31
CA VAL H 85 10.77 -47.68 15.30
C VAL H 85 9.97 -48.76 14.57
N SER H 86 10.40 -49.09 13.34
CA SER H 86 9.78 -50.18 12.59
C SER H 86 10.76 -51.13 11.93
N VAL H 87 12.05 -50.80 11.86
CA VAL H 87 13.02 -51.67 11.19
C VAL H 87 13.17 -53.03 11.88
N PRO H 88 13.35 -53.12 13.20
CA PRO H 88 13.62 -54.44 13.81
C PRO H 88 12.51 -55.46 13.57
N THR H 89 11.25 -55.03 13.46
CA THR H 89 10.19 -55.94 13.08
C THR H 89 10.44 -56.54 11.70
N LEU H 90 10.89 -55.70 10.76
CA LEU H 90 11.24 -56.21 9.44
C LEU H 90 12.42 -57.17 9.49
N LEU H 91 13.39 -56.90 10.37
CA LEU H 91 14.50 -57.83 10.55
C LEU H 91 14.01 -59.18 11.06
N TYR H 92 13.10 -59.17 12.02
CA TYR H 92 12.50 -60.42 12.51
C TYR H 92 11.76 -61.13 11.40
N LEU H 93 11.04 -60.39 10.56
CA LEU H 93 10.35 -60.98 9.42
C LEU H 93 11.33 -61.64 8.46
N ALA H 94 12.47 -60.98 8.20
CA ALA H 94 13.48 -61.57 7.33
C ALA H 94 14.04 -62.85 7.93
N HIS H 95 14.30 -62.86 9.23
CA HIS H 95 14.81 -64.07 9.86
C HIS H 95 13.79 -65.21 9.79
N VAL H 96 12.50 -64.87 9.97
CA VAL H 96 11.45 -65.88 9.85
C VAL H 96 11.41 -66.45 8.43
N PHE H 97 11.56 -65.58 7.43
CA PHE H 97 11.58 -66.06 6.05
C PHE H 97 12.79 -66.95 5.79
N TYR H 98 13.94 -66.62 6.39
CA TYR H 98 15.11 -67.48 6.28
C TYR H 98 14.82 -68.85 6.90
N VAL H 99 14.17 -68.87 8.05
CA VAL H 99 13.80 -70.14 8.69
C VAL H 99 12.86 -70.92 7.78
N MET H 100 11.92 -70.24 7.13
CA MET H 100 11.02 -70.91 6.21
C MET H 100 11.77 -71.53 5.03
N ARG H 101 12.75 -70.80 4.49
CA ARG H 101 13.55 -71.33 3.39
C ARG H 101 14.32 -72.59 3.84
N LYS H 102 14.91 -72.53 5.03
CA LYS H 102 15.61 -73.71 5.55
C LYS H 102 14.66 -74.88 5.73
N GLU H 103 13.45 -74.61 6.21
CA GLU H 103 12.45 -75.66 6.37
C GLU H 103 12.08 -76.27 5.03
N GLU H 104 11.90 -75.45 4.00
CA GLU H 104 11.54 -75.98 2.69
C GLU H 104 12.66 -76.84 2.12
N LYS H 105 13.91 -76.40 2.26
CA LYS H 105 15.03 -77.20 1.75
C LYS H 105 15.15 -78.51 2.51
N LEU H 106 15.00 -78.49 3.83
CA LEU H 106 15.09 -79.73 4.60
C LEU H 106 13.94 -80.67 4.25
N ASN H 107 12.74 -80.13 4.03
CA ASN H 107 11.62 -80.97 3.61
C ASN H 107 11.89 -81.60 2.25
N LYS H 108 12.48 -80.83 1.33
CA LYS H 108 12.83 -81.39 0.02
C LYS H 108 13.84 -82.53 0.17
N LYS H 109 14.86 -82.34 1.02
CA LYS H 109 15.85 -83.38 1.21
C LYS H 109 15.24 -84.64 1.84
N GLU H 110 14.33 -84.46 2.81
CA GLU H 110 13.76 -85.65 3.44
C GLU H 110 12.82 -86.36 2.48
N GLU H 111 12.04 -85.60 1.70
CA GLU H 111 11.19 -86.22 0.69
C GLU H 111 12.04 -87.01 -0.30
N GLU H 112 13.23 -86.49 -0.62
CA GLU H 112 14.15 -87.24 -1.46
C GLU H 112 14.58 -88.53 -0.80
N LEU H 113 14.87 -88.49 0.50
CA LEU H 113 15.33 -89.68 1.20
C LEU H 113 14.26 -90.78 1.19
N LYS H 114 13.01 -90.40 1.43
CA LYS H 114 11.93 -91.39 1.53
C LYS H 114 11.60 -91.97 0.15
N MET H 125 20.21 -93.24 9.73
CA MET H 125 20.58 -92.17 10.65
C MET H 125 20.26 -90.80 10.07
N HIS H 126 20.02 -90.75 8.77
CA HIS H 126 19.67 -89.48 8.14
C HIS H 126 18.34 -88.96 8.64
N LEU H 127 17.38 -89.86 8.90
CA LEU H 127 16.12 -89.43 9.49
C LEU H 127 16.33 -88.81 10.86
N LYS H 128 17.25 -89.38 11.66
CA LYS H 128 17.52 -88.84 12.98
C LYS H 128 18.04 -87.41 12.92
N GLN H 129 19.00 -87.15 12.03
CA GLN H 129 19.56 -85.81 11.93
C GLN H 129 18.55 -84.83 11.32
N ILE H 130 17.74 -85.30 10.37
CA ILE H 130 16.70 -84.44 9.81
C ILE H 130 15.71 -84.03 10.91
N GLU H 131 15.29 -84.99 11.73
CA GLU H 131 14.36 -84.68 12.81
C GLU H 131 14.99 -83.77 13.86
N ILE H 132 16.26 -83.99 14.19
CA ILE H 132 16.90 -83.13 15.19
C ILE H 132 17.06 -81.72 14.65
N LYS H 133 17.33 -81.56 13.35
CA LYS H 133 17.42 -80.22 12.78
C LYS H 133 16.06 -79.57 12.70
N LYS H 134 14.99 -80.36 12.48
CA LYS H 134 13.67 -79.78 12.40
C LYS H 134 13.17 -79.37 13.78
N PHE H 135 13.58 -80.09 14.82
CA PHE H 135 13.24 -79.71 16.18
C PHE H 135 14.06 -78.52 16.66
N LYS H 136 15.34 -78.46 16.26
CA LYS H 136 16.20 -77.37 16.73
C LYS H 136 15.68 -76.01 16.24
N TYR H 137 15.24 -75.94 14.99
CA TYR H 137 14.68 -74.72 14.45
C TYR H 137 13.19 -74.56 14.79
N GLY H 138 12.61 -75.52 15.50
CA GLY H 138 11.19 -75.45 15.85
C GLY H 138 10.25 -75.58 14.69
N ILE H 139 10.58 -76.41 13.71
CA ILE H 139 9.76 -76.61 12.52
C ILE H 139 9.33 -78.08 12.52
N GLU H 140 8.13 -78.35 13.02
CA GLU H 140 7.61 -79.70 13.10
C GLU H 140 6.31 -79.90 12.32
N GLU H 141 5.37 -78.96 12.42
CA GLU H 141 4.03 -79.13 11.87
C GLU H 141 3.88 -78.53 10.48
N HIS H 142 4.97 -78.04 9.88
CA HIS H 142 4.95 -77.44 8.55
C HIS H 142 3.98 -76.26 8.50
N GLY H 143 4.31 -75.23 9.30
CA GLY H 143 3.49 -74.04 9.36
C GLY H 143 3.20 -73.58 10.77
N LYS H 144 3.90 -74.16 11.74
CA LYS H 144 3.74 -73.85 13.16
C LYS H 144 5.10 -73.54 13.78
N VAL H 145 5.86 -72.65 13.12
CA VAL H 145 7.19 -72.31 13.58
C VAL H 145 7.13 -71.76 14.99
N LYS H 146 7.97 -72.31 15.87
CA LYS H 146 8.03 -71.92 17.27
C LYS H 146 9.30 -71.12 17.52
N MET H 147 9.29 -70.36 18.62
CA MET H 147 10.42 -69.53 18.99
C MET H 147 11.33 -70.33 19.93
N ARG H 148 12.55 -70.61 19.47
CA ARG H 148 13.49 -71.38 20.28
C ARG H 148 14.90 -71.18 19.72
N GLY H 149 15.81 -70.77 20.59
CA GLY H 149 17.22 -70.68 20.23
C GLY H 149 17.63 -69.39 19.54
N GLY H 150 17.30 -69.26 18.26
CA GLY H 150 17.71 -68.11 17.50
C GLY H 150 16.62 -67.08 17.31
N LEU H 151 15.40 -67.55 17.04
CA LEU H 151 14.27 -66.65 16.88
C LEU H 151 14.02 -65.88 18.17
N LEU H 152 14.12 -66.55 19.32
CA LEU H 152 13.94 -65.88 20.59
C LEU H 152 14.98 -64.79 20.80
N ARG H 153 16.24 -65.08 20.47
CA ARG H 153 17.30 -64.09 20.60
C ARG H 153 17.04 -62.89 19.69
N THR H 154 16.66 -63.15 18.44
CA THR H 154 16.37 -62.06 17.52
C THR H 154 15.19 -61.23 18.01
N TYR H 155 14.15 -61.89 18.54
CA TYR H 155 13.00 -61.16 19.06
C TYR H 155 13.38 -60.27 20.23
N ILE H 156 14.20 -60.79 21.15
CA ILE H 156 14.60 -60.01 22.31
C ILE H 156 15.44 -58.80 21.89
N ILE H 157 16.40 -59.02 20.98
CA ILE H 157 17.25 -57.91 20.58
C ILE H 157 16.44 -56.88 19.79
N SER H 158 15.45 -57.32 19.00
CA SER H 158 14.57 -56.38 18.30
C SER H 158 13.77 -55.54 19.28
N ILE H 159 13.22 -56.17 20.33
CA ILE H 159 12.47 -55.42 21.33
C ILE H 159 13.35 -54.39 22.01
N LEU H 160 14.57 -54.79 22.39
CA LEU H 160 15.48 -53.87 23.04
C LEU H 160 15.85 -52.70 22.13
N PHE H 161 16.13 -52.99 20.86
CA PHE H 161 16.46 -51.92 19.92
C PHE H 161 15.31 -50.95 19.75
N LYS H 162 14.08 -51.47 19.63
CA LYS H 162 12.92 -50.60 19.51
C LYS H 162 12.78 -49.70 20.73
N SER H 163 12.92 -50.28 21.93
CA SER H 163 12.77 -49.50 23.14
C SER H 163 13.83 -48.40 23.24
N ILE H 164 15.08 -48.74 22.92
CA ILE H 164 16.14 -47.74 23.06
C ILE H 164 15.97 -46.64 22.01
N PHE H 165 15.55 -46.99 20.80
CA PHE H 165 15.28 -45.96 19.79
C PHE H 165 14.18 -45.02 20.25
N GLU H 166 13.10 -45.58 20.80
CA GLU H 166 11.99 -44.73 21.24
C GLU H 166 12.43 -43.80 22.37
N VAL H 167 13.17 -44.32 23.35
CA VAL H 167 13.57 -43.48 24.47
C VAL H 167 14.57 -42.41 24.01
N ALA H 168 15.45 -42.75 23.05
CA ALA H 168 16.38 -41.76 22.53
C ALA H 168 15.65 -40.64 21.82
N PHE H 169 14.66 -40.98 20.98
CA PHE H 169 13.90 -39.94 20.30
C PHE H 169 13.14 -39.06 21.30
N LEU H 170 12.57 -39.68 22.33
CA LEU H 170 11.86 -38.91 23.35
C LEU H 170 12.80 -37.94 24.05
N LEU H 171 14.00 -38.40 24.42
CA LEU H 171 14.97 -37.53 25.08
C LEU H 171 15.38 -36.37 24.16
N ILE H 172 15.59 -36.66 22.87
CA ILE H 172 15.97 -35.60 21.94
C ILE H 172 14.87 -34.55 21.86
N GLN H 173 13.61 -35.00 21.75
CA GLN H 173 12.51 -34.05 21.69
C GLN H 173 12.40 -33.23 22.96
N TRP H 174 12.60 -33.87 24.12
CA TRP H 174 12.56 -33.13 25.38
C TRP H 174 13.65 -32.07 25.44
N TYR H 175 14.86 -32.41 24.99
CA TYR H 175 15.95 -31.44 25.04
C TYR H 175 15.71 -30.28 24.09
N ILE H 176 15.20 -30.55 22.88
CA ILE H 176 15.12 -29.51 21.87
C ILE H 176 13.99 -28.54 22.18
N TYR H 177 12.75 -29.04 22.19
CA TYR H 177 11.57 -28.19 22.30
C TYR H 177 11.02 -28.11 23.72
N GLY H 178 10.80 -29.25 24.36
CA GLY H 178 10.04 -29.29 25.59
C GLY H 178 8.74 -30.02 25.36
N PHE H 179 7.66 -29.56 26.01
CA PHE H 179 6.36 -30.17 25.77
C PHE H 179 5.25 -29.13 25.70
N SER H 180 5.57 -27.88 25.38
CA SER H 180 4.56 -26.84 25.22
C SER H 180 5.14 -25.73 24.35
N LEU H 181 4.24 -24.96 23.75
CA LEU H 181 4.61 -23.84 22.87
C LEU H 181 3.98 -22.56 23.42
N SER H 182 4.83 -21.64 23.87
CA SER H 182 4.33 -20.36 24.34
C SER H 182 3.83 -19.51 23.19
N ALA H 183 2.81 -18.69 23.48
CA ALA H 183 2.18 -17.89 22.43
C ALA H 183 3.09 -16.80 21.89
N VAL H 184 4.09 -16.37 22.67
CA VAL H 184 4.99 -15.29 22.27
C VAL H 184 6.42 -15.81 22.38
N TYR H 185 7.21 -15.57 21.34
CA TYR H 185 8.60 -15.99 21.28
C TYR H 185 9.51 -14.78 21.16
N THR H 186 10.64 -14.82 21.86
CA THR H 186 11.62 -13.73 21.83
C THR H 186 12.77 -14.12 20.92
N CYS H 187 13.07 -13.26 19.96
CA CYS H 187 14.06 -13.54 18.93
C CYS H 187 15.20 -12.54 19.04
N LYS H 188 16.44 -13.06 19.03
CA LYS H 188 17.64 -12.22 19.11
C LYS H 188 18.69 -12.85 18.20
N ARG H 189 18.75 -12.36 16.97
CA ARG H 189 19.68 -12.87 15.96
C ARG H 189 19.72 -11.89 14.81
N ASP H 190 20.89 -11.78 14.19
CA ASP H 190 21.06 -10.85 13.09
C ASP H 190 20.17 -11.26 11.90
N PRO H 191 19.69 -10.30 11.12
CA PRO H 191 19.91 -8.84 11.20
C PRO H 191 18.89 -8.11 12.05
N CYS H 192 18.10 -8.80 12.86
CA CYS H 192 17.09 -8.15 13.70
C CYS H 192 17.77 -7.24 14.71
N PRO H 193 17.43 -5.95 14.75
CA PRO H 193 18.08 -5.04 15.71
C PRO H 193 17.56 -5.28 17.13
N HIS H 194 18.50 -5.45 18.06
CA HIS H 194 18.20 -5.65 19.48
C HIS H 194 17.32 -6.89 19.59
N GLN H 195 16.21 -6.85 20.34
CA GLN H 195 15.31 -7.99 20.46
C GLN H 195 13.96 -7.64 19.85
N VAL H 196 13.31 -8.64 19.27
CA VAL H 196 12.02 -8.47 18.62
C VAL H 196 11.06 -9.52 19.16
N ASP H 197 9.78 -9.25 18.99
CA ASP H 197 8.72 -10.16 19.43
C ASP H 197 8.05 -10.80 18.22
N CYS H 198 7.93 -12.12 18.24
CA CYS H 198 7.29 -12.87 17.18
C CYS H 198 6.20 -13.76 17.78
N PHE H 199 5.14 -13.97 17.00
CA PHE H 199 3.96 -14.67 17.47
C PHE H 199 3.75 -15.94 16.66
N LEU H 200 3.51 -17.05 17.35
CA LEU H 200 3.36 -18.35 16.71
C LEU H 200 1.95 -18.48 16.14
N SER H 201 1.61 -19.68 15.66
CA SER H 201 0.30 -19.97 15.09
C SER H 201 -0.26 -21.22 15.75
N ARG H 202 -1.51 -21.14 16.20
CA ARG H 202 -2.20 -22.24 16.84
C ARG H 202 -1.38 -22.92 17.96
N PRO H 203 -0.96 -22.17 18.97
CA PRO H 203 -0.19 -22.81 20.06
C PRO H 203 -0.96 -23.88 20.81
N THR H 204 -2.26 -23.68 21.03
CA THR H 204 -3.01 -24.58 21.91
C THR H 204 -3.20 -25.95 21.28
N GLU H 205 -3.60 -25.99 20.01
CA GLU H 205 -3.76 -27.27 19.33
C GLU H 205 -2.45 -28.03 19.26
N LYS H 206 -1.35 -27.32 18.98
CA LYS H 206 -0.05 -27.98 18.90
C LYS H 206 0.36 -28.55 20.25
N THR H 207 0.13 -27.80 21.34
CA THR H 207 0.42 -28.32 22.67
C THR H 207 -0.41 -29.56 22.98
N ILE H 208 -1.70 -29.52 22.64
CA ILE H 208 -2.58 -30.65 22.92
C ILE H 208 -2.09 -31.89 22.16
N PHE H 209 -1.75 -31.71 20.88
CA PHE H 209 -1.32 -32.86 20.09
C PHE H 209 0.04 -33.38 20.54
N ILE H 210 0.94 -32.49 20.97
CA ILE H 210 2.22 -32.93 21.51
C ILE H 210 2.03 -33.77 22.76
N ILE H 211 1.15 -33.32 23.66
CA ILE H 211 0.88 -34.09 24.87
C ILE H 211 0.26 -35.44 24.52
N PHE H 212 -0.64 -35.45 23.54
CA PHE H 212 -1.27 -36.70 23.12
C PHE H 212 -0.23 -37.69 22.58
N MET H 213 0.68 -37.20 21.73
CA MET H 213 1.72 -38.06 21.18
C MET H 213 2.65 -38.57 22.26
N LEU H 214 2.98 -37.72 23.25
CA LEU H 214 3.80 -38.17 24.36
C LEU H 214 3.13 -39.29 25.13
N VAL H 215 1.82 -39.15 25.39
CA VAL H 215 1.09 -40.21 26.09
C VAL H 215 1.09 -41.49 25.28
N VAL H 216 0.88 -41.38 23.96
CA VAL H 216 0.87 -42.58 23.12
C VAL H 216 2.23 -43.27 23.14
N SER H 217 3.31 -42.49 23.06
CA SER H 217 4.64 -43.07 23.09
C SER H 217 4.91 -43.77 24.42
N LEU H 218 4.50 -43.16 25.53
CA LEU H 218 4.69 -43.82 26.83
C LEU H 218 3.89 -45.11 26.92
N VAL H 219 2.67 -45.11 26.39
CA VAL H 219 1.85 -46.33 26.41
C VAL H 219 2.52 -47.43 25.59
N SER H 220 3.06 -47.08 24.43
CA SER H 220 3.76 -48.07 23.60
C SER H 220 4.99 -48.62 24.32
N LEU H 221 5.73 -47.74 25.00
CA LEU H 221 6.90 -48.19 25.76
C LEU H 221 6.50 -49.19 26.83
N ALA H 222 5.44 -48.88 27.59
CA ALA H 222 4.98 -49.80 28.62
C ALA H 222 4.52 -51.11 28.01
N LEU H 223 3.84 -51.05 26.87
CA LEU H 223 3.35 -52.27 26.23
C LEU H 223 4.49 -53.18 25.81
N ASN H 224 5.55 -52.61 25.20
CA ASN H 224 6.65 -53.48 24.79
C ASN H 224 7.45 -53.96 25.98
N ILE H 225 7.51 -53.19 27.07
CA ILE H 225 8.14 -53.70 28.29
C ILE H 225 7.38 -54.91 28.82
N ILE H 226 6.05 -54.84 28.83
CA ILE H 226 5.23 -55.97 29.27
C ILE H 226 5.45 -57.17 28.35
N GLU H 227 5.52 -56.92 27.04
CA GLU H 227 5.76 -58.01 26.10
C GLU H 227 7.11 -58.68 26.36
N LEU H 228 8.15 -57.89 26.62
CA LEU H 228 9.46 -58.46 26.94
C LEU H 228 9.42 -59.29 28.20
N PHE H 229 8.74 -58.79 29.24
CA PHE H 229 8.66 -59.55 30.49
C PHE H 229 7.92 -60.87 30.26
N TYR H 230 6.82 -60.83 29.50
CA TYR H 230 6.05 -62.03 29.24
C TYR H 230 6.86 -63.05 28.44
N VAL H 231 7.60 -62.59 27.43
CA VAL H 231 8.38 -63.53 26.64
C VAL H 231 9.53 -64.11 27.46
N PHE H 232 10.12 -63.33 28.36
CA PHE H 232 11.14 -63.87 29.24
C PHE H 232 10.56 -64.94 30.16
N PHE H 233 9.37 -64.69 30.70
CA PHE H 233 8.72 -65.70 31.54
C PHE H 233 8.42 -66.97 30.74
N LYS H 234 7.95 -66.81 29.50
CA LYS H 234 7.68 -67.97 28.66
C LYS H 234 8.95 -68.76 28.38
N GLY H 235 10.07 -68.06 28.14
CA GLY H 235 11.33 -68.75 27.97
C GLY H 235 11.76 -69.50 29.21
N VAL H 236 11.56 -68.90 30.39
CA VAL H 236 11.89 -69.57 31.64
C VAL H 236 10.99 -70.80 31.84
N LYS H 237 9.77 -70.76 31.31
CA LYS H 237 8.84 -71.88 31.47
C LYS H 237 9.45 -73.20 30.99
N ASP H 238 10.19 -73.15 29.89
CA ASP H 238 10.82 -74.36 29.35
C ASP H 238 11.91 -74.87 30.28
N GLY I 2 -8.25 -38.99 2.47
CA GLY I 2 -7.84 -39.38 3.81
C GLY I 2 -7.08 -40.70 3.85
N ASP I 3 -7.05 -41.32 5.03
CA ASP I 3 -6.35 -42.58 5.24
C ASP I 3 -7.21 -43.57 6.01
N TRP I 4 -8.53 -43.43 5.94
CA TRP I 4 -9.46 -44.27 6.68
C TRP I 4 -9.59 -45.68 6.11
N SER I 5 -8.71 -46.07 5.19
CA SER I 5 -8.85 -47.37 4.53
C SER I 5 -8.65 -48.52 5.53
N ALA I 6 -7.66 -48.41 6.41
CA ALA I 6 -7.36 -49.52 7.32
C ALA I 6 -8.49 -49.73 8.33
N LEU I 7 -8.96 -48.64 8.95
CA LEU I 7 -10.05 -48.75 9.91
C LEU I 7 -11.33 -49.26 9.25
N GLY I 8 -11.61 -48.77 8.04
CA GLY I 8 -12.77 -49.26 7.31
C GLY I 8 -12.67 -50.73 6.98
N LYS I 9 -11.48 -51.19 6.58
CA LYS I 9 -11.28 -52.61 6.31
C LYS I 9 -11.49 -53.45 7.56
N LEU I 10 -10.96 -52.99 8.70
CA LEU I 10 -11.11 -53.74 9.93
C LEU I 10 -12.57 -53.80 10.37
N LEU I 11 -13.31 -52.69 10.19
CA LEU I 11 -14.73 -52.69 10.53
C LEU I 11 -15.51 -53.60 9.57
N ASP I 12 -15.13 -53.63 8.30
CA ASP I 12 -15.75 -54.56 7.36
C ASP I 12 -15.48 -56.00 7.76
N LYS I 13 -14.28 -56.27 8.29
CA LYS I 13 -13.98 -57.60 8.80
C LYS I 13 -14.83 -57.94 10.02
N VAL I 14 -15.02 -56.98 10.93
CA VAL I 14 -15.73 -57.28 12.18
C VAL I 14 -17.24 -57.34 12.00
N GLN I 15 -17.80 -56.67 10.98
CA GLN I 15 -19.26 -56.63 10.87
C GLN I 15 -19.86 -57.98 10.47
N ALA I 16 -19.05 -58.97 10.10
CA ALA I 16 -19.58 -60.24 9.64
C ALA I 16 -20.39 -60.94 10.74
N TYR I 17 -19.89 -60.95 11.97
CA TYR I 17 -20.55 -61.60 13.09
C TYR I 17 -20.88 -60.55 14.14
N SER I 18 -22.12 -60.05 14.09
CA SER I 18 -22.58 -59.06 15.05
C SER I 18 -24.11 -59.08 15.08
N THR I 19 -24.66 -58.49 16.12
CA THR I 19 -26.11 -58.38 16.25
C THR I 19 -26.65 -57.34 15.27
N ALA I 20 -27.97 -57.36 15.09
CA ALA I 20 -28.59 -56.42 14.15
C ALA I 20 -28.37 -54.98 14.56
N GLY I 21 -28.50 -54.69 15.86
CA GLY I 21 -28.23 -53.34 16.34
C GLY I 21 -26.80 -52.91 16.08
N GLY I 22 -25.86 -53.82 16.28
CA GLY I 22 -24.47 -53.52 15.97
C GLY I 22 -24.24 -53.24 14.50
N LYS I 23 -24.90 -54.01 13.63
CA LYS I 23 -24.77 -53.77 12.20
C LYS I 23 -25.35 -52.42 11.81
N VAL I 24 -26.50 -52.06 12.37
CA VAL I 24 -27.08 -50.75 12.08
C VAL I 24 -26.17 -49.63 12.58
N TRP I 25 -25.59 -49.80 13.77
CA TRP I 25 -24.67 -48.80 14.29
C TRP I 25 -23.44 -48.66 13.40
N LEU I 26 -22.90 -49.79 12.92
CA LEU I 26 -21.77 -49.72 12.01
C LEU I 26 -22.14 -49.02 10.71
N SER I 27 -23.33 -49.30 10.20
CA SER I 27 -23.77 -48.66 8.96
C SER I 27 -23.91 -47.15 9.12
N VAL I 28 -24.53 -46.71 10.22
CA VAL I 28 -24.71 -45.27 10.42
C VAL I 28 -23.36 -44.60 10.67
N LEU I 29 -22.45 -45.29 11.38
CA LEU I 29 -21.11 -44.75 11.58
C LEU I 29 -20.38 -44.58 10.25
N PHE I 30 -20.50 -45.58 9.36
CA PHE I 30 -19.86 -45.49 8.06
C PHE I 30 -20.46 -44.38 7.20
N ILE I 31 -21.78 -44.23 7.24
CA ILE I 31 -22.45 -43.30 6.34
C ILE I 31 -22.32 -41.86 6.84
N PHE I 32 -22.84 -41.58 8.03
CA PHE I 32 -22.95 -40.21 8.49
C PHE I 32 -21.68 -39.70 9.17
N ARG I 33 -21.03 -40.53 9.98
CA ARG I 33 -19.86 -40.06 10.72
C ARG I 33 -18.64 -39.90 9.83
N ILE I 34 -18.38 -40.87 8.94
CA ILE I 34 -17.15 -40.90 8.17
C ILE I 34 -17.34 -40.25 6.81
N LEU I 35 -18.29 -40.78 6.03
CA LEU I 35 -18.46 -40.32 4.65
C LEU I 35 -18.83 -38.84 4.58
N LEU I 36 -19.79 -38.43 5.40
CA LEU I 36 -20.25 -37.04 5.36
C LEU I 36 -19.14 -36.08 5.77
N LEU I 37 -18.40 -36.41 6.83
CA LEU I 37 -17.31 -35.54 7.28
C LEU I 37 -16.23 -35.40 6.22
N GLY I 38 -15.85 -36.51 5.59
CA GLY I 38 -14.81 -36.46 4.58
C GLY I 38 -15.23 -35.73 3.32
N THR I 39 -16.49 -35.90 2.91
CA THR I 39 -16.92 -35.38 1.62
C THR I 39 -17.05 -33.86 1.64
N ALA I 40 -17.90 -33.33 2.52
CA ALA I 40 -18.25 -31.92 2.43
C ALA I 40 -18.02 -31.14 3.71
N VAL I 41 -18.13 -31.79 4.86
CA VAL I 41 -18.05 -31.08 6.13
C VAL I 41 -16.66 -30.49 6.33
N GLU I 42 -15.62 -31.26 6.04
CA GLU I 42 -14.26 -30.79 6.30
C GLU I 42 -13.85 -29.63 5.39
N SER I 43 -14.54 -29.44 4.27
CA SER I 43 -14.20 -28.34 3.38
C SER I 43 -14.64 -27.00 3.95
N ALA I 44 -15.66 -26.99 4.81
CA ALA I 44 -16.10 -25.74 5.41
C ALA I 44 -15.01 -25.11 6.27
N TRP I 45 -14.32 -25.93 7.06
CA TRP I 45 -13.20 -25.45 7.86
C TRP I 45 -11.93 -25.42 7.05
N GLY I 46 -11.96 -24.75 5.89
CA GLY I 46 -10.81 -24.69 5.02
C GLY I 46 -10.04 -23.40 5.14
N ASP I 47 -10.73 -22.33 5.53
CA ASP I 47 -10.11 -21.02 5.68
C ASP I 47 -10.56 -20.35 6.97
N GLU I 48 -10.70 -21.13 8.04
CA GLU I 48 -11.07 -20.56 9.32
C GLU I 48 -9.96 -19.71 9.93
N GLN I 49 -8.75 -19.77 9.37
CA GLN I 49 -7.62 -18.97 9.84
C GLN I 49 -7.34 -17.77 8.97
N SER I 50 -7.42 -17.92 7.64
CA SER I 50 -7.11 -16.81 6.75
C SER I 50 -8.25 -15.80 6.69
N ALA I 51 -9.50 -16.26 6.78
CA ALA I 51 -10.64 -15.35 6.74
C ALA I 51 -10.89 -14.66 8.07
N PHE I 52 -10.29 -15.15 9.16
CA PHE I 52 -10.43 -14.50 10.46
C PHE I 52 -9.69 -13.17 10.47
N ARG I 53 -10.36 -12.12 10.94
CA ARG I 53 -9.75 -10.81 10.98
C ARG I 53 -10.33 -10.02 12.15
N CYS I 54 -9.56 -9.06 12.64
CA CYS I 54 -9.94 -8.24 13.77
C CYS I 54 -9.87 -6.77 13.39
N ASN I 55 -10.51 -5.93 14.21
CA ASN I 55 -10.58 -4.49 13.96
C ASN I 55 -9.50 -3.77 14.77
N THR I 56 -8.25 -3.99 14.35
CA THR I 56 -7.12 -3.32 14.97
C THR I 56 -5.92 -3.37 14.03
N GLN I 57 -4.94 -2.52 14.31
CA GLN I 57 -3.68 -2.53 13.58
C GLN I 57 -2.50 -2.84 14.48
N GLN I 58 -2.75 -3.38 15.67
CA GLN I 58 -1.69 -3.82 16.55
C GLN I 58 -1.09 -5.13 16.04
N PRO I 59 0.21 -5.19 15.77
CA PRO I 59 0.79 -6.43 15.24
C PRO I 59 0.66 -7.58 16.22
N GLY I 60 0.33 -8.76 15.68
CA GLY I 60 0.26 -9.98 16.45
C GLY I 60 -1.02 -10.19 17.24
N CYS I 61 -1.96 -9.27 17.19
CA CYS I 61 -3.19 -9.44 17.96
C CYS I 61 -4.13 -10.46 17.32
N GLU I 62 -4.10 -10.57 15.99
CA GLU I 62 -4.99 -11.50 15.30
C GLU I 62 -4.69 -12.95 15.68
N ASN I 63 -3.41 -13.32 15.70
CA ASN I 63 -3.06 -14.69 16.07
C ASN I 63 -3.47 -15.02 17.50
N VAL I 64 -3.23 -14.08 18.42
CA VAL I 64 -3.58 -14.30 19.82
C VAL I 64 -5.09 -14.45 19.96
N CYS I 65 -5.85 -13.59 19.28
CA CYS I 65 -7.31 -13.66 19.39
C CYS I 65 -7.85 -14.95 18.78
N TYR I 66 -7.29 -15.39 17.65
CA TYR I 66 -7.72 -16.66 17.08
C TYR I 66 -7.41 -17.83 18.01
N ASP I 67 -6.21 -17.84 18.60
CA ASP I 67 -5.87 -18.91 19.54
C ASP I 67 -6.80 -18.90 20.74
N LYS I 68 -7.19 -17.70 21.20
CA LYS I 68 -8.14 -17.60 22.30
C LYS I 68 -9.51 -18.12 21.89
N SER I 69 -9.93 -17.85 20.67
CA SER I 69 -11.29 -18.17 20.26
C SER I 69 -11.47 -19.66 20.02
N PHE I 70 -10.51 -20.31 19.36
CA PHE I 70 -10.62 -21.72 18.98
C PHE I 70 -9.48 -22.51 19.61
N PRO I 71 -9.68 -23.04 20.82
CA PRO I 71 -8.65 -23.92 21.41
C PRO I 71 -8.36 -25.14 20.57
N ILE I 72 -9.36 -25.71 19.92
CA ILE I 72 -9.18 -26.88 19.06
C ILE I 72 -10.29 -26.90 18.02
N SER I 73 -9.93 -27.12 16.77
CA SER I 73 -10.91 -27.10 15.69
C SER I 73 -11.92 -28.23 15.84
N HIS I 74 -13.14 -27.98 15.34
CA HIS I 74 -14.19 -28.97 15.45
C HIS I 74 -13.88 -30.22 14.64
N VAL I 75 -13.27 -30.07 13.48
CA VAL I 75 -12.99 -31.22 12.62
C VAL I 75 -12.04 -32.19 13.32
N ARG I 76 -10.98 -31.66 13.93
CA ARG I 76 -10.04 -32.50 14.65
C ARG I 76 -10.71 -33.15 15.86
N PHE I 77 -11.58 -32.41 16.55
CA PHE I 77 -12.31 -32.97 17.68
C PHE I 77 -13.19 -34.14 17.23
N TRP I 78 -13.87 -33.98 16.11
CA TRP I 78 -14.74 -35.06 15.60
C TRP I 78 -13.93 -36.25 15.14
N VAL I 79 -12.76 -36.02 14.54
CA VAL I 79 -11.89 -37.12 14.14
C VAL I 79 -11.43 -37.89 15.37
N LEU I 80 -11.02 -37.18 16.41
CA LEU I 80 -10.61 -37.85 17.65
C LEU I 80 -11.76 -38.63 18.26
N GLN I 81 -12.96 -38.07 18.23
CA GLN I 81 -14.13 -38.78 18.75
C GLN I 81 -14.38 -40.06 17.97
N ILE I 82 -14.34 -39.97 16.65
CA ILE I 82 -14.56 -41.15 15.80
C ILE I 82 -13.52 -42.21 16.11
N ILE I 83 -12.26 -41.82 16.28
CA ILE I 83 -11.22 -42.78 16.62
C ILE I 83 -11.49 -43.42 17.98
N PHE I 84 -11.90 -42.61 18.96
CA PHE I 84 -12.09 -43.09 20.32
C PHE I 84 -13.40 -43.85 20.53
N VAL I 85 -14.29 -43.89 19.54
CA VAL I 85 -15.52 -44.66 19.68
C VAL I 85 -15.50 -45.82 18.69
N SER I 86 -14.31 -46.38 18.46
CA SER I 86 -14.17 -47.54 17.60
C SER I 86 -13.28 -48.65 18.16
N VAL I 87 -12.51 -48.38 19.22
CA VAL I 87 -11.60 -49.40 19.76
C VAL I 87 -12.34 -50.62 20.31
N PRO I 88 -13.37 -50.49 21.15
CA PRO I 88 -13.97 -51.69 21.75
C PRO I 88 -14.51 -52.69 20.74
N THR I 89 -14.98 -52.23 19.57
CA THR I 89 -15.36 -53.16 18.53
C THR I 89 -14.17 -54.00 18.07
N LEU I 90 -13.00 -53.36 17.94
CA LEU I 90 -11.80 -54.09 17.58
C LEU I 90 -11.40 -55.08 18.69
N LEU I 91 -11.61 -54.69 19.95
CA LEU I 91 -11.36 -55.63 21.05
C LEU I 91 -12.26 -56.85 20.96
N TYR I 92 -13.54 -56.63 20.66
CA TYR I 92 -14.46 -57.74 20.47
C TYR I 92 -14.02 -58.62 19.30
N LEU I 93 -13.56 -58.00 18.22
CA LEU I 93 -13.04 -58.75 17.08
C LEU I 93 -11.86 -59.61 17.48
N ALA I 94 -10.94 -59.05 18.29
CA ALA I 94 -9.79 -59.82 18.75
C ALA I 94 -10.22 -61.00 19.61
N HIS I 95 -11.20 -60.79 20.49
CA HIS I 95 -11.68 -61.90 21.32
C HIS I 95 -12.34 -62.98 20.46
N VAL I 96 -13.08 -62.58 19.44
CA VAL I 96 -13.69 -63.55 18.52
C VAL I 96 -12.60 -64.35 17.80
N PHE I 97 -11.54 -63.68 17.38
CA PHE I 97 -10.44 -64.39 16.72
C PHE I 97 -9.76 -65.36 17.67
N TYR I 98 -9.62 -64.98 18.95
CA TYR I 98 -9.08 -65.89 19.94
C TYR I 98 -9.98 -67.12 20.10
N VAL I 99 -11.29 -66.91 20.12
CA VAL I 99 -12.23 -68.03 20.19
C VAL I 99 -12.08 -68.93 18.97
N MET I 100 -11.89 -68.33 17.79
CA MET I 100 -11.68 -69.11 16.57
C MET I 100 -10.41 -69.95 16.66
N ARG I 101 -9.33 -69.37 17.20
CA ARG I 101 -8.10 -70.12 17.36
C ARG I 101 -8.30 -71.31 18.31
N LYS I 102 -8.99 -71.07 19.42
CA LYS I 102 -9.26 -72.16 20.36
C LYS I 102 -10.10 -73.25 19.69
N GLU I 103 -11.08 -72.85 18.87
CA GLU I 103 -11.89 -73.81 18.16
C GLU I 103 -11.05 -74.64 17.20
N GLU I 104 -10.14 -74.01 16.48
CA GLU I 104 -9.31 -74.73 15.53
C GLU I 104 -8.41 -75.73 16.25
N LYS I 105 -7.81 -75.31 17.38
CA LYS I 105 -6.95 -76.23 18.12
C LYS I 105 -7.75 -77.40 18.68
N LEU I 106 -8.94 -77.15 19.22
CA LEU I 106 -9.75 -78.23 19.75
C LEU I 106 -10.21 -79.17 18.65
N ASN I 107 -10.54 -78.64 17.48
CA ASN I 107 -10.89 -79.49 16.34
C ASN I 107 -9.72 -80.36 15.93
N LYS I 108 -8.51 -79.79 15.91
CA LYS I 108 -7.33 -80.58 15.59
C LYS I 108 -7.13 -81.71 16.59
N LYS I 109 -7.29 -81.42 17.89
CA LYS I 109 -7.13 -82.45 18.90
C LYS I 109 -8.19 -83.55 18.76
N GLU I 110 -9.43 -83.17 18.47
CA GLU I 110 -10.45 -84.21 18.36
C GLU I 110 -10.25 -85.03 17.10
N GLU I 111 -9.85 -84.39 16.00
CA GLU I 111 -9.54 -85.15 14.79
C GLU I 111 -8.41 -86.13 15.06
N GLU I 112 -7.44 -85.72 15.89
CA GLU I 112 -6.39 -86.64 16.30
C GLU I 112 -6.95 -87.82 17.07
N LEU I 113 -7.89 -87.56 17.98
CA LEU I 113 -8.46 -88.63 18.80
C LEU I 113 -9.18 -89.66 17.94
N LYS I 114 -9.96 -89.21 16.96
CA LYS I 114 -10.74 -90.12 16.13
C LYS I 114 -9.86 -90.91 15.18
N MET I 125 -13.78 -90.83 27.51
CA MET I 125 -14.19 -89.63 28.25
C MET I 125 -13.63 -88.37 27.61
N HIS I 126 -12.64 -88.54 26.73
CA HIS I 126 -12.07 -87.39 26.04
C HIS I 126 -13.09 -86.73 25.12
N LEU I 127 -13.95 -87.53 24.48
CA LEU I 127 -15.02 -86.96 23.67
C LEU I 127 -15.95 -86.12 24.51
N LYS I 128 -16.25 -86.57 25.74
CA LYS I 128 -17.14 -85.83 26.62
C LYS I 128 -16.57 -84.45 26.93
N GLN I 129 -15.29 -84.39 27.30
CA GLN I 129 -14.70 -83.11 27.66
C GLN I 129 -14.53 -82.22 26.43
N ILE I 130 -14.22 -82.81 25.28
CA ILE I 130 -14.15 -82.02 24.05
C ILE I 130 -15.49 -81.39 23.73
N GLU I 131 -16.57 -82.17 23.85
CA GLU I 131 -17.90 -81.64 23.57
C GLU I 131 -18.31 -80.59 24.59
N ILE I 132 -17.98 -80.80 25.87
CA ILE I 132 -18.35 -79.80 26.87
C ILE I 132 -17.57 -78.51 26.67
N LYS I 133 -16.31 -78.59 26.22
CA LYS I 133 -15.56 -77.38 25.95
C LYS I 133 -16.07 -76.69 24.69
N LYS I 134 -16.56 -77.47 23.72
CA LYS I 134 -17.08 -76.86 22.49
C LYS I 134 -18.42 -76.20 22.74
N PHE I 135 -19.21 -76.74 23.67
CA PHE I 135 -20.47 -76.12 24.04
C PHE I 135 -20.25 -74.90 24.93
N LYS I 136 -19.25 -74.96 25.82
CA LYS I 136 -19.02 -73.84 26.73
C LYS I 136 -18.65 -72.57 25.98
N TYR I 137 -17.81 -72.70 24.95
CA TYR I 137 -17.43 -71.57 24.12
C TYR I 137 -18.44 -71.30 23.01
N GLY I 138 -19.50 -72.09 22.92
CA GLY I 138 -20.51 -71.90 21.88
C GLY I 138 -20.02 -72.19 20.48
N ILE I 139 -19.17 -73.21 20.32
CA ILE I 139 -18.62 -73.58 19.01
C ILE I 139 -19.08 -75.00 18.73
N GLU I 140 -20.16 -75.13 17.96
CA GLU I 140 -20.74 -76.42 17.63
C GLU I 140 -20.77 -76.70 16.13
N GLU I 141 -21.17 -75.73 15.33
CA GLU I 141 -21.41 -75.94 13.90
C GLU I 141 -20.22 -75.59 13.04
N HIS I 142 -19.07 -75.26 13.65
CA HIS I 142 -17.86 -74.89 12.91
C HIS I 142 -18.11 -73.70 12.00
N GLY I 143 -18.43 -72.56 12.62
CA GLY I 143 -18.70 -71.35 11.88
C GLY I 143 -19.97 -70.64 12.32
N LYS I 144 -20.53 -71.07 13.45
CA LYS I 144 -21.75 -70.51 14.01
C LYS I 144 -21.53 -70.15 15.47
N VAL I 145 -20.44 -69.42 15.74
CA VAL I 145 -20.09 -69.05 17.11
C VAL I 145 -21.22 -68.26 17.75
N LYS I 146 -21.64 -68.69 18.93
CA LYS I 146 -22.71 -68.06 19.68
C LYS I 146 -22.15 -67.28 20.86
N MET I 147 -22.94 -66.34 21.35
CA MET I 147 -22.53 -65.50 22.48
C MET I 147 -23.00 -66.15 23.78
N ARG I 148 -22.05 -66.56 24.61
CA ARG I 148 -22.37 -67.22 25.87
C ARG I 148 -21.17 -67.17 26.79
N GLY I 149 -21.36 -66.65 27.99
CA GLY I 149 -20.33 -66.67 29.02
C GLY I 149 -19.32 -65.55 28.94
N GLY I 150 -18.39 -65.63 28.00
CA GLY I 150 -17.33 -64.65 27.91
C GLY I 150 -17.55 -63.63 26.81
N LEU I 151 -18.02 -64.09 25.66
CA LEU I 151 -18.31 -63.19 24.56
C LEU I 151 -19.40 -62.19 24.94
N LEU I 152 -20.43 -62.66 25.66
CA LEU I 152 -21.49 -61.76 26.11
C LEU I 152 -20.94 -60.70 27.05
N ARG I 153 -20.07 -61.09 27.98
CA ARG I 153 -19.47 -60.13 28.91
C ARG I 153 -18.64 -59.10 28.16
N THR I 154 -17.82 -59.56 27.21
CA THR I 154 -17.01 -58.64 26.42
C THR I 154 -17.88 -57.69 25.61
N TYR I 155 -18.96 -58.20 25.03
CA TYR I 155 -19.86 -57.36 24.25
C TYR I 155 -20.51 -56.29 25.13
N ILE I 156 -20.95 -56.67 26.32
CA ILE I 156 -21.60 -55.72 27.23
C ILE I 156 -20.61 -54.64 27.66
N ILE I 157 -19.39 -55.05 28.04
CA ILE I 157 -18.43 -54.06 28.50
C ILE I 157 -18.00 -53.15 27.35
N SER I 158 -17.92 -53.68 26.12
CA SER I 158 -17.61 -52.85 24.96
C SER I 158 -18.70 -51.82 24.72
N ILE I 159 -19.97 -52.23 24.82
CA ILE I 159 -21.07 -51.30 24.63
C ILE I 159 -21.02 -50.19 25.68
N LEU I 160 -20.79 -50.57 26.95
CA LEU I 160 -20.73 -49.58 28.01
C LEU I 160 -19.57 -48.61 27.80
N PHE I 161 -18.40 -49.12 27.41
CA PHE I 161 -17.26 -48.25 27.16
C PHE I 161 -17.54 -47.28 26.02
N LYS I 162 -18.14 -47.77 24.94
CA LYS I 162 -18.48 -46.88 23.83
C LYS I 162 -19.44 -45.78 24.28
N SER I 163 -20.47 -46.15 25.04
CA SER I 163 -21.44 -45.16 25.48
C SER I 163 -20.80 -44.11 26.38
N ILE I 164 -19.96 -44.53 27.32
CA ILE I 164 -19.36 -43.57 28.24
C ILE I 164 -18.37 -42.67 27.51
N PHE I 165 -17.62 -43.22 26.55
CA PHE I 165 -16.73 -42.36 25.75
C PHE I 165 -17.52 -41.32 24.98
N GLU I 166 -18.63 -41.72 24.36
CA GLU I 166 -19.42 -40.76 23.59
C GLU I 166 -20.00 -39.67 24.48
N VAL I 167 -20.53 -40.05 25.64
CA VAL I 167 -21.13 -39.04 26.52
C VAL I 167 -20.05 -38.10 27.07
N ALA I 168 -18.86 -38.63 27.36
CA ALA I 168 -17.77 -37.79 27.85
C ALA I 168 -17.35 -36.78 26.79
N PHE I 169 -17.21 -37.22 25.54
CA PHE I 169 -16.85 -36.30 24.48
C PHE I 169 -17.93 -35.23 24.28
N LEU I 170 -19.20 -35.64 24.35
CA LEU I 170 -20.28 -34.67 24.21
C LEU I 170 -20.23 -33.64 25.33
N LEU I 171 -20.00 -34.07 26.57
CA LEU I 171 -19.92 -33.13 27.69
C LEU I 171 -18.74 -32.17 27.52
N ILE I 172 -17.60 -32.69 27.06
CA ILE I 172 -16.44 -31.82 26.85
C ILE I 172 -16.75 -30.76 25.81
N GLN I 173 -17.38 -31.17 24.70
CA GLN I 173 -17.72 -30.20 23.66
C GLN I 173 -18.71 -29.17 24.18
N TRP I 174 -19.70 -29.61 24.97
CA TRP I 174 -20.66 -28.66 25.52
C TRP I 174 -19.98 -27.64 26.43
N TYR I 175 -19.04 -28.10 27.27
CA TYR I 175 -18.36 -27.18 28.18
C TYR I 175 -17.47 -26.20 27.42
N ILE I 176 -16.77 -26.66 26.39
CA ILE I 176 -15.77 -25.81 25.74
C ILE I 176 -16.45 -24.76 24.88
N TYR I 177 -17.17 -25.20 23.84
CA TYR I 177 -17.72 -24.30 22.84
C TYR I 177 -19.18 -23.95 23.07
N GLY I 178 -20.02 -24.95 23.28
CA GLY I 178 -21.46 -24.75 23.25
C GLY I 178 -22.06 -25.44 22.05
N PHE I 179 -23.06 -24.85 21.44
CA PHE I 179 -23.63 -25.43 20.22
C PHE I 179 -23.98 -24.37 19.18
N SER I 180 -23.31 -23.21 19.22
CA SER I 180 -23.51 -22.19 18.21
C SER I 180 -22.30 -21.27 18.20
N LEU I 181 -22.12 -20.57 17.09
CA LEU I 181 -21.00 -19.65 16.89
C LEU I 181 -21.57 -18.27 16.57
N SER I 182 -21.35 -17.31 17.46
CA SER I 182 -21.79 -15.94 17.22
C SER I 182 -20.93 -15.30 16.14
N ALA I 183 -21.54 -14.41 15.36
CA ALA I 183 -20.85 -13.77 14.25
C ALA I 183 -19.75 -12.82 14.71
N VAL I 184 -19.83 -12.31 15.93
CA VAL I 184 -18.84 -11.36 16.45
C VAL I 184 -18.30 -11.91 17.75
N TYR I 185 -16.97 -11.87 17.89
CA TYR I 185 -16.29 -12.36 19.09
C TYR I 185 -15.52 -11.22 19.74
N THR I 186 -15.55 -11.18 21.06
CA THR I 186 -14.84 -10.16 21.83
C THR I 186 -13.55 -10.75 22.38
N CYS I 187 -12.44 -10.08 22.10
CA CYS I 187 -11.11 -10.57 22.44
C CYS I 187 -10.46 -9.62 23.44
N LYS I 188 -9.91 -10.17 24.52
CA LYS I 188 -9.22 -9.38 25.55
C LYS I 188 -8.03 -10.19 26.03
N ARG I 189 -6.87 -9.94 25.42
CA ARG I 189 -5.64 -10.65 25.75
C ARG I 189 -4.48 -9.89 25.14
N ASP I 190 -3.33 -9.94 25.82
CA ASP I 190 -2.17 -9.21 25.36
C ASP I 190 -1.70 -9.79 24.02
N PRO I 191 -1.10 -8.96 23.15
CA PRO I 191 -0.82 -7.53 23.30
C PRO I 191 -1.93 -6.62 22.81
N CYS I 192 -3.14 -7.13 22.59
CA CYS I 192 -4.24 -6.30 22.11
C CYS I 192 -4.60 -5.25 23.15
N PRO I 193 -4.58 -3.96 22.81
CA PRO I 193 -4.91 -2.93 23.80
C PRO I 193 -6.40 -2.89 24.08
N HIS I 194 -6.75 -2.93 25.37
CA HIS I 194 -8.14 -2.87 25.86
C HIS I 194 -8.89 -4.04 25.22
N GLN I 195 -10.06 -3.83 24.64
CA GLN I 195 -10.83 -4.89 23.99
C GLN I 195 -10.95 -4.60 22.50
N VAL I 196 -10.95 -5.66 21.71
CA VAL I 196 -11.03 -5.55 20.26
C VAL I 196 -12.16 -6.46 19.77
N ASP I 197 -12.62 -6.17 18.55
CA ASP I 197 -13.68 -6.95 17.91
C ASP I 197 -13.11 -7.76 16.77
N CYS I 198 -13.41 -9.05 16.75
CA CYS I 198 -12.97 -9.95 15.71
C CYS I 198 -14.18 -10.67 15.12
N PHE I 199 -14.10 -10.97 13.83
CA PHE I 199 -15.22 -11.55 13.09
C PHE I 199 -14.85 -12.92 12.57
N LEU I 200 -15.75 -13.89 12.78
CA LEU I 200 -15.50 -15.27 12.39
C LEU I 200 -15.76 -15.44 10.89
N SER I 201 -15.73 -16.69 10.43
CA SER I 201 -15.97 -17.03 9.03
C SER I 201 -17.02 -18.12 8.94
N ARG I 202 -18.02 -17.90 8.10
CA ARG I 202 -19.11 -18.86 7.89
C ARG I 202 -19.75 -19.36 9.19
N PRO I 203 -20.26 -18.46 10.04
CA PRO I 203 -20.89 -18.93 11.28
C PRO I 203 -22.10 -19.83 11.06
N THR I 204 -22.92 -19.54 10.05
CA THR I 204 -24.19 -20.24 9.89
C THR I 204 -23.99 -21.69 9.49
N GLU I 205 -23.12 -21.94 8.50
CA GLU I 205 -22.84 -23.31 8.09
C GLU I 205 -22.25 -24.12 9.23
N LYS I 206 -21.34 -23.51 9.99
CA LYS I 206 -20.73 -24.22 11.11
C LYS I 206 -21.76 -24.56 12.17
N THR I 207 -22.67 -23.63 12.49
CA THR I 207 -23.72 -23.93 13.44
C THR I 207 -24.61 -25.06 12.95
N ILE I 208 -24.99 -25.03 11.67
CA ILE I 208 -25.85 -26.06 11.12
C ILE I 208 -25.18 -27.42 11.22
N PHE I 209 -23.90 -27.49 10.85
CA PHE I 209 -23.20 -28.77 10.89
C PHE I 209 -22.98 -29.26 12.32
N ILE I 210 -22.74 -28.34 13.26
CA ILE I 210 -22.61 -28.72 14.66
C ILE I 210 -23.91 -29.33 15.17
N ILE I 211 -25.04 -28.70 14.85
CA ILE I 211 -26.33 -29.24 15.27
C ILE I 211 -26.58 -30.60 14.64
N PHE I 212 -26.21 -30.75 13.36
CA PHE I 212 -26.39 -32.02 12.68
C PHE I 212 -25.57 -33.12 13.36
N MET I 213 -24.31 -32.82 13.68
CA MET I 213 -23.47 -33.81 14.34
C MET I 213 -23.99 -34.17 15.73
N LEU I 214 -24.50 -33.17 16.45
CA LEU I 214 -25.11 -33.45 17.75
C LEU I 214 -26.29 -34.39 17.63
N VAL I 215 -27.15 -34.16 16.63
CA VAL I 215 -28.29 -35.04 16.41
C VAL I 215 -27.82 -36.45 16.07
N VAL I 216 -26.80 -36.57 15.22
CA VAL I 216 -26.30 -37.89 14.84
C VAL I 216 -25.75 -38.62 16.07
N SER I 217 -24.99 -37.91 16.92
CA SER I 217 -24.44 -38.53 18.12
C SER I 217 -25.54 -39.00 19.06
N LEU I 218 -26.59 -38.19 19.23
CA LEU I 218 -27.70 -38.60 20.09
C LEU I 218 -28.40 -39.84 19.51
N VAL I 219 -28.57 -39.88 18.19
CA VAL I 219 -29.22 -41.03 17.57
C VAL I 219 -28.37 -42.30 17.80
N SER I 220 -27.05 -42.17 17.65
CA SER I 220 -26.18 -43.32 17.88
C SER I 220 -26.25 -43.78 19.34
N LEU I 221 -26.29 -42.83 20.27
CA LEU I 221 -26.41 -43.19 21.69
C LEU I 221 -27.70 -43.96 21.94
N ALA I 222 -28.81 -43.48 21.40
CA ALA I 222 -30.08 -44.19 21.57
C ALA I 222 -30.03 -45.58 20.95
N LEU I 223 -29.40 -45.69 19.78
CA LEU I 223 -29.32 -46.98 19.10
C LEU I 223 -28.53 -47.99 19.93
N ASN I 224 -27.39 -47.58 20.49
CA ASN I 224 -26.62 -48.54 21.28
C ASN I 224 -27.30 -48.85 22.60
N ILE I 225 -28.06 -47.90 23.16
CA ILE I 225 -28.86 -48.22 24.34
C ILE I 225 -29.89 -49.29 24.03
N ILE I 226 -30.57 -49.15 22.88
CA ILE I 226 -31.54 -50.15 22.46
C ILE I 226 -30.86 -51.50 22.25
N GLU I 227 -29.68 -51.49 21.64
CA GLU I 227 -28.95 -52.75 21.43
C GLU I 227 -28.60 -53.41 22.76
N LEU I 228 -28.16 -52.63 23.74
CA LEU I 228 -27.84 -53.19 25.06
C LEU I 228 -29.09 -53.78 25.71
N PHE I 229 -30.22 -53.08 25.64
CA PHE I 229 -31.44 -53.61 26.22
C PHE I 229 -31.86 -54.91 25.55
N TYR I 230 -31.77 -54.97 24.22
CA TYR I 230 -32.14 -56.17 23.50
C TYR I 230 -31.23 -57.34 23.84
N VAL I 231 -29.93 -57.09 23.94
CA VAL I 231 -29.02 -58.19 24.26
C VAL I 231 -29.22 -58.66 25.69
N PHE I 232 -29.55 -57.74 26.62
CA PHE I 232 -29.86 -58.17 27.97
C PHE I 232 -31.11 -59.04 28.00
N PHE I 233 -32.14 -58.66 27.24
CA PHE I 233 -33.35 -59.47 27.17
C PHE I 233 -33.04 -60.84 26.57
N LYS I 234 -32.21 -60.89 25.53
CA LYS I 234 -31.83 -62.17 24.93
C LYS I 234 -31.08 -63.04 25.93
N GLY I 235 -30.19 -62.45 26.73
CA GLY I 235 -29.52 -63.21 27.76
C GLY I 235 -30.48 -63.74 28.81
N VAL I 236 -31.47 -62.93 29.20
CA VAL I 236 -32.47 -63.39 30.15
C VAL I 236 -33.31 -64.52 29.56
N LYS I 237 -33.48 -64.54 28.23
CA LYS I 237 -34.29 -65.57 27.58
C LYS I 237 -33.79 -66.97 27.93
N ASP I 238 -32.47 -67.16 28.00
CA ASP I 238 -31.90 -68.46 28.34
C ASP I 238 -32.22 -68.84 29.77
N GLY J 2 -12.90 -37.61 -3.66
CA GLY J 2 -13.89 -37.77 -2.62
C GLY J 2 -13.76 -39.09 -1.87
N ASP J 3 -14.85 -39.50 -1.22
CA ASP J 3 -14.88 -40.73 -0.43
C ASP J 3 -16.15 -41.53 -0.72
N TRP J 4 -16.73 -41.36 -1.90
CA TRP J 4 -17.97 -42.02 -2.27
C TRP J 4 -17.80 -43.50 -2.60
N SER J 5 -16.64 -44.08 -2.29
CA SER J 5 -16.38 -45.47 -2.66
C SER J 5 -17.31 -46.43 -1.93
N ALA J 6 -17.53 -46.21 -0.64
CA ALA J 6 -18.34 -47.16 0.14
C ALA J 6 -19.79 -47.14 -0.30
N LEU J 7 -20.37 -45.94 -0.46
CA LEU J 7 -21.76 -45.85 -0.90
C LEU J 7 -21.93 -46.41 -2.31
N GLY J 8 -20.98 -46.13 -3.20
CA GLY J 8 -21.03 -46.69 -4.53
C GLY J 8 -20.96 -48.20 -4.53
N LYS J 9 -20.09 -48.77 -3.68
CA LYS J 9 -19.99 -50.22 -3.57
C LYS J 9 -21.31 -50.82 -3.06
N LEU J 10 -21.91 -50.19 -2.05
CA LEU J 10 -23.17 -50.70 -1.52
C LEU J 10 -24.29 -50.63 -2.56
N LEU J 11 -24.32 -49.54 -3.34
CA LEU J 11 -25.33 -49.43 -4.39
C LEU J 11 -25.08 -50.45 -5.50
N ASP J 12 -23.81 -50.73 -5.81
CA ASP J 12 -23.50 -51.78 -6.77
C ASP J 12 -23.94 -53.14 -6.24
N LYS J 13 -23.82 -53.36 -4.94
CA LYS J 13 -24.33 -54.59 -4.34
C LYS J 13 -25.84 -54.68 -4.45
N VAL J 14 -26.54 -53.57 -4.19
CA VAL J 14 -28.01 -53.62 -4.15
C VAL J 14 -28.64 -53.65 -5.54
N GLN J 15 -27.95 -53.15 -6.58
CA GLN J 15 -28.58 -53.07 -7.89
C GLN J 15 -28.79 -54.44 -8.53
N ALA J 16 -28.24 -55.51 -7.96
CA ALA J 16 -28.34 -56.82 -8.59
C ALA J 16 -29.79 -57.28 -8.69
N TYR J 17 -30.57 -57.10 -7.63
CA TYR J 17 -31.97 -57.52 -7.59
C TYR J 17 -32.84 -56.28 -7.42
N SER J 18 -33.35 -55.76 -8.52
CA SER J 18 -34.22 -54.59 -8.50
C SER J 18 -35.03 -54.55 -9.78
N THR J 19 -36.10 -53.77 -9.77
CA THR J 19 -36.92 -53.58 -10.95
C THR J 19 -36.19 -52.71 -11.97
N ALA J 20 -36.71 -52.71 -13.19
CA ALA J 20 -36.08 -51.93 -14.26
C ALA J 20 -36.06 -50.45 -13.94
N GLY J 21 -37.18 -49.92 -13.42
CA GLY J 21 -37.21 -48.52 -13.02
C GLY J 21 -36.20 -48.20 -11.94
N GLY J 22 -36.04 -49.11 -10.96
CA GLY J 22 -35.02 -48.91 -9.95
C GLY J 22 -33.63 -48.91 -10.52
N LYS J 23 -33.36 -49.79 -11.49
CA LYS J 23 -32.03 -49.81 -12.11
C LYS J 23 -31.77 -48.52 -12.88
N VAL J 24 -32.77 -48.02 -13.60
CA VAL J 24 -32.60 -46.77 -14.33
C VAL J 24 -32.37 -45.61 -13.36
N TRP J 25 -33.10 -45.60 -12.24
CA TRP J 25 -32.90 -44.56 -11.24
C TRP J 25 -31.50 -44.62 -10.64
N LEU J 26 -31.02 -45.83 -10.36
CA LEU J 26 -29.66 -45.97 -9.84
C LEU J 26 -28.63 -45.49 -10.87
N SER J 27 -28.86 -45.81 -12.15
CA SER J 27 -27.92 -45.39 -13.19
C SER J 27 -27.88 -43.87 -13.30
N VAL J 28 -29.04 -43.22 -13.31
CA VAL J 28 -29.05 -41.76 -13.44
C VAL J 28 -28.47 -41.10 -12.19
N LEU J 29 -28.71 -41.69 -11.01
CA LEU J 29 -28.11 -41.18 -9.78
C LEU J 29 -26.60 -41.28 -9.84
N PHE J 30 -26.07 -42.41 -10.34
CA PHE J 30 -24.63 -42.58 -10.46
C PHE J 30 -24.03 -41.61 -11.46
N ILE J 31 -24.71 -41.40 -12.59
CA ILE J 31 -24.12 -40.61 -13.67
C ILE J 31 -24.24 -39.12 -13.39
N PHE J 32 -25.47 -38.62 -13.25
CA PHE J 32 -25.67 -37.18 -13.19
C PHE J 32 -25.51 -36.61 -11.78
N ARG J 33 -26.01 -37.31 -10.75
CA ARG J 33 -25.96 -36.76 -9.41
C ARG J 33 -24.56 -36.81 -8.81
N ILE J 34 -23.85 -37.93 -8.99
CA ILE J 34 -22.57 -38.15 -8.32
C ILE J 34 -21.41 -37.74 -9.21
N LEU J 35 -21.32 -38.36 -10.40
CA LEU J 35 -20.16 -38.14 -11.27
C LEU J 35 -20.05 -36.68 -11.70
N LEU J 36 -21.16 -36.09 -12.13
CA LEU J 36 -21.12 -34.72 -12.62
C LEU J 36 -20.74 -33.74 -11.52
N LEU J 37 -21.30 -33.92 -10.33
CA LEU J 37 -20.99 -33.02 -9.22
C LEU J 37 -19.53 -33.11 -8.83
N GLY J 38 -18.99 -34.33 -8.76
CA GLY J 38 -17.60 -34.49 -8.38
C GLY J 38 -16.63 -33.99 -9.42
N THR J 39 -16.95 -34.17 -10.70
CA THR J 39 -15.99 -33.87 -11.76
C THR J 39 -15.81 -32.36 -11.94
N ALA J 40 -16.89 -31.65 -12.26
CA ALA J 40 -16.76 -30.27 -12.69
C ALA J 40 -17.59 -29.29 -11.87
N VAL J 41 -18.73 -29.72 -11.35
CA VAL J 41 -19.63 -28.80 -10.68
C VAL J 41 -19.00 -28.24 -9.41
N GLU J 42 -18.36 -29.10 -8.61
CA GLU J 42 -17.81 -28.63 -7.34
C GLU J 42 -16.63 -27.67 -7.52
N SER J 43 -16.01 -27.65 -8.69
CA SER J 43 -14.89 -26.74 -8.91
C SER J 43 -15.37 -25.31 -9.08
N ALA J 44 -16.61 -25.10 -9.52
CA ALA J 44 -17.13 -23.75 -9.67
C ALA J 44 -17.19 -23.03 -8.33
N TRP J 45 -17.65 -23.72 -7.29
CA TRP J 45 -17.68 -23.15 -5.95
C TRP J 45 -16.33 -23.31 -5.27
N GLY J 46 -15.26 -22.86 -5.92
CA GLY J 46 -13.93 -22.99 -5.38
C GLY J 46 -13.42 -21.73 -4.72
N ASP J 47 -13.92 -20.58 -5.17
CA ASP J 47 -13.51 -19.29 -4.64
C ASP J 47 -14.70 -18.39 -4.41
N GLU J 48 -15.82 -18.97 -3.95
CA GLU J 48 -16.99 -18.17 -3.65
C GLU J 48 -16.80 -17.27 -2.43
N GLN J 49 -15.72 -17.48 -1.67
CA GLN J 49 -15.41 -16.65 -0.50
C GLN J 49 -14.31 -15.63 -0.78
N SER J 50 -13.27 -16.02 -1.51
CA SER J 50 -12.17 -15.09 -1.76
C SER J 50 -12.52 -14.05 -2.83
N ALA J 51 -13.31 -14.44 -3.83
CA ALA J 51 -13.71 -13.51 -4.88
C ALA J 51 -14.84 -12.59 -4.46
N PHE J 52 -15.53 -12.90 -3.36
CA PHE J 52 -16.59 -12.04 -2.86
C PHE J 52 -16.00 -10.75 -2.29
N ARG J 53 -16.56 -9.61 -2.68
CA ARG J 53 -16.07 -8.33 -2.21
C ARG J 53 -17.21 -7.33 -2.16
N CYS J 54 -17.07 -6.34 -1.31
CA CYS J 54 -18.08 -5.31 -1.11
C CYS J 54 -17.47 -3.93 -1.32
N ASN J 55 -18.35 -2.95 -1.51
CA ASN J 55 -17.92 -1.57 -1.77
C ASN J 55 -17.93 -0.76 -0.47
N THR J 56 -16.99 -1.10 0.41
CA THR J 56 -16.82 -0.37 1.66
C THR J 56 -15.43 -0.64 2.20
N GLN J 57 -15.02 0.21 3.16
CA GLN J 57 -13.76 0.02 3.86
C GLN J 57 -13.97 -0.17 5.36
N GLN J 58 -15.19 -0.49 5.76
CA GLN J 58 -15.47 -0.80 7.16
C GLN J 58 -14.96 -2.20 7.48
N PRO J 59 -14.09 -2.36 8.48
CA PRO J 59 -13.55 -3.70 8.77
C PRO J 59 -14.64 -4.65 9.21
N GLY J 60 -14.56 -5.89 8.72
CA GLY J 60 -15.45 -6.96 9.13
C GLY J 60 -16.80 -6.98 8.44
N CYS J 61 -17.08 -6.04 7.55
CA CYS J 61 -18.39 -6.03 6.90
C CYS J 61 -18.49 -7.11 5.82
N GLU J 62 -17.38 -7.45 5.18
CA GLU J 62 -17.40 -8.45 4.11
C GLU J 62 -17.81 -9.82 4.64
N ASN J 63 -17.25 -10.23 5.78
CA ASN J 63 -17.61 -11.53 6.34
C ASN J 63 -19.08 -11.58 6.72
N VAL J 64 -19.58 -10.52 7.36
CA VAL J 64 -20.98 -10.47 7.76
C VAL J 64 -21.89 -10.53 6.55
N CYS J 65 -21.56 -9.78 5.50
CA CYS J 65 -22.40 -9.77 4.32
C CYS J 65 -22.38 -11.12 3.61
N TYR J 66 -21.22 -11.78 3.55
CA TYR J 66 -21.17 -13.11 2.94
C TYR J 66 -22.00 -14.11 3.75
N ASP J 67 -21.89 -14.06 5.08
CA ASP J 67 -22.69 -14.96 5.91
C ASP J 67 -24.17 -14.71 5.73
N LYS J 68 -24.55 -13.44 5.56
CA LYS J 68 -25.95 -13.10 5.30
C LYS J 68 -26.40 -13.64 3.94
N SER J 69 -25.52 -13.56 2.93
CA SER J 69 -25.92 -13.90 1.58
C SER J 69 -26.07 -15.40 1.38
N PHE J 70 -25.14 -16.19 1.91
CA PHE J 70 -25.11 -17.65 1.71
C PHE J 70 -25.20 -18.36 3.06
N PRO J 71 -26.42 -18.66 3.53
CA PRO J 71 -26.53 -19.46 4.76
C PRO J 71 -25.88 -20.82 4.65
N ILE J 72 -25.94 -21.45 3.49
CA ILE J 72 -25.32 -22.76 3.27
C ILE J 72 -25.02 -22.91 1.79
N SER J 73 -23.82 -23.36 1.48
CA SER J 73 -23.39 -23.50 0.10
C SER J 73 -24.23 -24.54 -0.64
N HIS J 74 -24.38 -24.34 -1.96
CA HIS J 74 -25.19 -25.25 -2.76
C HIS J 74 -24.56 -26.64 -2.83
N VAL J 75 -23.23 -26.72 -2.89
CA VAL J 75 -22.57 -28.00 -3.02
C VAL J 75 -22.84 -28.88 -1.80
N ARG J 76 -22.71 -28.29 -0.61
CA ARG J 76 -23.00 -29.03 0.61
C ARG J 76 -24.46 -29.43 0.68
N PHE J 77 -25.37 -28.54 0.24
CA PHE J 77 -26.79 -28.88 0.22
C PHE J 77 -27.06 -30.07 -0.69
N TRP J 78 -26.44 -30.08 -1.87
CA TRP J 78 -26.63 -31.19 -2.81
C TRP J 78 -26.02 -32.48 -2.27
N VAL J 79 -24.88 -32.40 -1.59
CA VAL J 79 -24.29 -33.59 -0.98
C VAL J 79 -25.23 -34.15 0.08
N LEU J 80 -25.78 -33.29 0.93
CA LEU J 80 -26.72 -33.74 1.94
C LEU J 80 -27.95 -34.36 1.30
N GLN J 81 -28.46 -33.76 0.22
CA GLN J 81 -29.61 -34.33 -0.47
C GLN J 81 -29.30 -35.71 -1.02
N ILE J 82 -28.13 -35.86 -1.66
CA ILE J 82 -27.74 -37.16 -2.21
C ILE J 82 -27.65 -38.19 -1.10
N ILE J 83 -27.08 -37.82 0.05
CA ILE J 83 -27.00 -38.75 1.17
C ILE J 83 -28.40 -39.13 1.66
N PHE J 84 -29.30 -38.15 1.76
CA PHE J 84 -30.62 -38.37 2.31
C PHE J 84 -31.59 -39.04 1.34
N VAL J 85 -31.22 -39.22 0.07
CA VAL J 85 -32.10 -39.90 -0.87
C VAL J 85 -31.44 -41.22 -1.29
N SER J 86 -30.74 -41.85 -0.35
CA SER J 86 -30.14 -43.15 -0.61
C SER J 86 -30.35 -44.18 0.51
N VAL J 87 -30.81 -43.76 1.69
CA VAL J 87 -30.97 -44.70 2.79
C VAL J 87 -32.02 -45.77 2.53
N PRO J 88 -33.23 -45.46 2.04
CA PRO J 88 -34.25 -46.51 1.90
C PRO J 88 -33.84 -47.66 0.98
N THR J 89 -33.01 -47.39 -0.04
CA THR J 89 -32.49 -48.47 -0.85
C THR J 89 -31.63 -49.42 -0.01
N LEU J 90 -30.82 -48.86 0.89
CA LEU J 90 -30.04 -49.69 1.80
C LEU J 90 -30.94 -50.48 2.75
N LEU J 91 -32.04 -49.88 3.19
CA LEU J 91 -33.00 -50.61 4.02
C LEU J 91 -33.59 -51.79 3.27
N TYR J 92 -33.95 -51.58 1.99
CA TYR J 92 -34.45 -52.67 1.18
C TYR J 92 -33.39 -53.76 1.01
N LEU J 93 -32.13 -53.36 0.82
CA LEU J 93 -31.04 -54.32 0.72
C LEU J 93 -30.91 -55.14 2.01
N ALA J 94 -31.03 -54.48 3.16
CA ALA J 94 -30.97 -55.21 4.43
C ALA J 94 -32.11 -56.20 4.56
N HIS J 95 -33.32 -55.80 4.16
CA HIS J 95 -34.45 -56.72 4.22
C HIS J 95 -34.25 -57.91 3.29
N VAL J 96 -33.69 -57.66 2.10
CA VAL J 96 -33.39 -58.76 1.18
C VAL J 96 -32.37 -59.71 1.78
N PHE J 97 -31.35 -59.17 2.45
CA PHE J 97 -30.36 -60.03 3.10
C PHE J 97 -30.98 -60.84 4.22
N TYR J 98 -31.92 -60.25 4.97
CA TYR J 98 -32.65 -60.99 5.98
C TYR J 98 -33.44 -62.14 5.36
N VAL J 99 -34.09 -61.88 4.23
CA VAL J 99 -34.82 -62.93 3.52
C VAL J 99 -33.87 -64.03 3.09
N MET J 100 -32.67 -63.66 2.62
CA MET J 100 -31.68 -64.65 2.22
C MET J 100 -31.24 -65.51 3.40
N ARG J 101 -31.05 -64.89 4.56
CA ARG J 101 -30.68 -65.64 5.76
C ARG J 101 -31.79 -66.64 6.14
N LYS J 102 -33.04 -66.18 6.10
CA LYS J 102 -34.16 -67.08 6.38
C LYS J 102 -34.20 -68.23 5.39
N GLU J 103 -33.95 -67.95 4.12
CA GLU J 103 -33.92 -68.99 3.09
C GLU J 103 -32.83 -70.00 3.38
N GLU J 104 -31.64 -69.54 3.77
CA GLU J 104 -30.54 -70.45 4.05
C GLU J 104 -30.85 -71.34 5.25
N LYS J 105 -31.43 -70.76 6.29
CA LYS J 105 -31.78 -71.57 7.47
C LYS J 105 -32.86 -72.59 7.14
N LEU J 106 -33.88 -72.19 6.37
CA LEU J 106 -34.93 -73.14 6.00
C LEU J 106 -34.39 -74.24 5.10
N ASN J 107 -33.48 -73.91 4.19
CA ASN J 107 -32.84 -74.93 3.35
C ASN J 107 -32.03 -75.90 4.20
N LYS J 108 -31.32 -75.39 5.21
CA LYS J 108 -30.58 -76.27 6.10
C LYS J 108 -31.52 -77.22 6.85
N LYS J 109 -32.64 -76.70 7.35
CA LYS J 109 -33.59 -77.54 8.06
C LYS J 109 -34.20 -78.60 7.14
N GLU J 110 -34.52 -78.24 5.89
CA GLU J 110 -35.12 -79.24 5.02
C GLU J 110 -34.10 -80.28 4.60
N GLU J 111 -32.86 -79.86 4.35
CA GLU J 111 -31.80 -80.83 4.05
C GLU J 111 -31.62 -81.79 5.21
N GLU J 112 -31.76 -81.28 6.45
CA GLU J 112 -31.73 -82.15 7.61
C GLU J 112 -32.87 -83.15 7.58
N LEU J 113 -34.07 -82.70 7.21
CA LEU J 113 -35.22 -83.59 7.21
C LEU J 113 -35.04 -84.73 6.21
N LYS J 114 -34.54 -84.42 5.03
CA LYS J 114 -34.40 -85.43 3.97
C LYS J 114 -33.28 -86.41 4.30
N MET J 125 -45.66 -84.02 7.18
CA MET J 125 -46.29 -82.70 7.12
C MET J 125 -45.25 -81.59 7.21
N HIS J 126 -44.03 -81.95 7.63
CA HIS J 126 -42.96 -80.97 7.71
C HIS J 126 -42.59 -80.43 6.33
N LEU J 127 -42.63 -81.30 5.31
CA LEU J 127 -42.39 -80.85 3.95
C LEU J 127 -43.44 -79.83 3.52
N LYS J 128 -44.70 -80.05 3.91
CA LYS J 128 -45.77 -79.12 3.55
C LYS J 128 -45.52 -77.74 4.12
N GLN J 129 -45.16 -77.66 5.41
CA GLN J 129 -44.95 -76.35 6.03
C GLN J 129 -43.67 -75.71 5.50
N ILE J 130 -42.64 -76.50 5.21
CA ILE J 130 -41.43 -75.95 4.62
C ILE J 130 -41.74 -75.33 3.26
N GLU J 131 -42.52 -76.03 2.44
CA GLU J 131 -42.87 -75.51 1.12
C GLU J 131 -43.76 -74.28 1.23
N ILE J 132 -44.71 -74.28 2.17
CA ILE J 132 -45.58 -73.11 2.31
C ILE J 132 -44.79 -71.90 2.80
N LYS J 133 -43.79 -72.11 3.66
CA LYS J 133 -42.96 -71.00 4.10
C LYS J 133 -42.05 -70.52 2.98
N LYS J 134 -41.60 -71.44 2.12
CA LYS J 134 -40.73 -71.03 1.02
C LYS J 134 -41.51 -70.28 -0.05
N PHE J 135 -42.79 -70.62 -0.22
CA PHE J 135 -43.64 -69.90 -1.16
C PHE J 135 -44.06 -68.55 -0.59
N LYS J 136 -44.32 -68.49 0.72
CA LYS J 136 -44.79 -67.24 1.32
C LYS J 136 -43.74 -66.14 1.19
N TYR J 137 -42.47 -66.48 1.41
CA TYR J 137 -41.39 -65.51 1.23
C TYR J 137 -40.92 -65.41 -0.21
N GLY J 138 -41.52 -66.16 -1.12
CA GLY J 138 -41.12 -66.13 -2.52
C GLY J 138 -39.74 -66.67 -2.80
N ILE J 139 -39.34 -67.73 -2.10
CA ILE J 139 -38.02 -68.35 -2.26
C ILE J 139 -38.26 -69.78 -2.72
N GLU J 140 -38.19 -70.00 -4.04
CA GLU J 140 -38.41 -71.31 -4.62
C GLU J 140 -37.22 -71.84 -5.39
N GLU J 141 -36.57 -71.01 -6.20
CA GLU J 141 -35.54 -71.45 -7.12
C GLU J 141 -34.14 -71.30 -6.56
N HIS J 142 -34.00 -70.92 -5.28
CA HIS J 142 -32.71 -70.73 -4.63
C HIS J 142 -31.86 -69.71 -5.37
N GLY J 143 -32.36 -68.47 -5.40
CA GLY J 143 -31.66 -67.39 -6.08
C GLY J 143 -32.56 -66.57 -6.98
N LYS J 144 -33.87 -66.78 -6.86
CA LYS J 144 -34.87 -66.08 -7.66
C LYS J 144 -35.94 -65.47 -6.75
N VAL J 145 -35.48 -64.76 -5.72
CA VAL J 145 -36.39 -64.16 -4.74
C VAL J 145 -37.37 -63.24 -5.44
N LYS J 146 -38.66 -63.43 -5.17
CA LYS J 146 -39.73 -62.64 -5.75
C LYS J 146 -40.30 -61.69 -4.71
N MET J 147 -40.97 -60.64 -5.20
CA MET J 147 -41.57 -59.64 -4.33
C MET J 147 -43.00 -60.03 -4.03
N ARG J 148 -43.30 -60.33 -2.76
CA ARG J 148 -44.64 -60.75 -2.37
C ARG J 148 -44.79 -60.59 -0.86
N GLY J 149 -45.82 -59.86 -0.45
CA GLY J 149 -46.16 -59.74 0.96
C GLY J 149 -45.39 -58.69 1.73
N GLY J 150 -44.14 -58.97 2.07
CA GLY J 150 -43.35 -58.06 2.87
C GLY J 150 -42.37 -57.24 2.05
N LEU J 151 -41.71 -57.88 1.09
CA LEU J 151 -40.78 -57.17 0.23
C LEU J 151 -41.49 -56.08 -0.56
N LEU J 152 -42.69 -56.38 -1.05
CA LEU J 152 -43.46 -55.37 -1.78
C LEU J 152 -43.79 -54.18 -0.90
N ARG J 153 -44.21 -54.44 0.34
CA ARG J 153 -44.52 -53.35 1.27
C ARG J 153 -43.29 -52.51 1.55
N THR J 154 -42.14 -53.16 1.80
CA THR J 154 -40.91 -52.41 2.05
C THR J 154 -40.52 -51.58 0.84
N TYR J 155 -40.66 -52.15 -0.36
CA TYR J 155 -40.33 -51.43 -1.58
C TYR J 155 -41.21 -50.20 -1.75
N ILE J 156 -42.51 -50.35 -1.50
CA ILE J 156 -43.43 -49.22 -1.66
C ILE J 156 -43.12 -48.12 -0.65
N ILE J 157 -42.88 -48.51 0.61
CA ILE J 157 -42.61 -47.49 1.62
C ILE J 157 -41.27 -46.82 1.35
N SER J 158 -40.28 -47.56 0.84
CA SER J 158 -39.01 -46.96 0.47
C SER J 158 -39.18 -45.94 -0.66
N ILE J 159 -39.98 -46.28 -1.68
CA ILE J 159 -40.23 -45.35 -2.77
C ILE J 159 -40.90 -44.08 -2.25
N LEU J 160 -41.91 -44.24 -1.39
CA LEU J 160 -42.61 -43.08 -0.85
C LEU J 160 -41.68 -42.20 -0.02
N PHE J 161 -40.84 -42.83 0.82
CA PHE J 161 -39.90 -42.06 1.62
C PHE J 161 -38.91 -41.29 0.75
N LYS J 162 -38.40 -41.93 -0.29
CA LYS J 162 -37.48 -41.25 -1.19
C LYS J 162 -38.16 -40.05 -1.86
N SER J 163 -39.39 -40.24 -2.33
CA SER J 163 -40.10 -39.15 -3.00
C SER J 163 -40.34 -37.98 -2.04
N ILE J 164 -40.78 -38.26 -0.81
CA ILE J 164 -41.08 -37.19 0.11
C ILE J 164 -39.82 -36.47 0.53
N PHE J 165 -38.71 -37.20 0.72
CA PHE J 165 -37.44 -36.53 1.03
C PHE J 165 -37.02 -35.61 -0.09
N GLU J 166 -37.13 -36.07 -1.34
CA GLU J 166 -36.71 -35.23 -2.46
C GLU J 166 -37.57 -33.98 -2.56
N VAL J 167 -38.90 -34.12 -2.42
CA VAL J 167 -39.76 -32.94 -2.54
C VAL J 167 -39.53 -31.98 -1.38
N ALA J 168 -39.25 -32.50 -0.18
CA ALA J 168 -38.97 -31.63 0.95
C ALA J 168 -37.69 -30.83 0.73
N PHE J 169 -36.63 -31.49 0.24
CA PHE J 169 -35.39 -30.78 -0.05
C PHE J 169 -35.60 -29.73 -1.13
N LEU J 170 -36.36 -30.06 -2.17
CA LEU J 170 -36.65 -29.09 -3.22
C LEU J 170 -37.38 -27.88 -2.68
N LEU J 171 -38.39 -28.11 -1.82
CA LEU J 171 -39.12 -26.99 -1.24
C LEU J 171 -38.22 -26.12 -0.37
N ILE J 172 -37.34 -26.75 0.42
CA ILE J 172 -36.43 -25.98 1.26
C ILE J 172 -35.52 -25.11 0.40
N GLN J 173 -34.97 -25.68 -0.67
CA GLN J 173 -34.11 -24.89 -1.55
C GLN J 173 -34.88 -23.74 -2.20
N TRP J 174 -36.12 -24.00 -2.62
CA TRP J 174 -36.92 -22.94 -3.22
C TRP J 174 -37.16 -21.81 -2.23
N TYR J 175 -37.46 -22.14 -0.97
CA TYR J 175 -37.74 -21.11 0.01
C TYR J 175 -36.49 -20.31 0.34
N ILE J 176 -35.33 -20.97 0.46
CA ILE J 176 -34.14 -20.29 0.94
C ILE J 176 -33.57 -19.38 -0.14
N TYR J 177 -33.14 -19.96 -1.27
CA TYR J 177 -32.41 -19.23 -2.30
C TYR J 177 -33.30 -18.78 -3.46
N GLY J 178 -34.07 -19.71 -4.02
CA GLY J 178 -34.74 -19.45 -5.28
C GLY J 178 -34.15 -20.32 -6.36
N PHE J 179 -34.05 -19.80 -7.58
CA PHE J 179 -33.41 -20.57 -8.64
C PHE J 179 -32.52 -19.70 -9.53
N SER J 180 -32.03 -18.57 -9.01
CA SER J 180 -31.10 -17.73 -9.75
C SER J 180 -30.32 -16.88 -8.75
N LEU J 181 -29.17 -16.39 -9.20
CA LEU J 181 -28.28 -15.56 -8.40
C LEU J 181 -28.06 -14.24 -9.13
N SER J 182 -28.54 -13.15 -8.54
CA SER J 182 -28.33 -11.83 -9.12
C SER J 182 -26.87 -11.41 -8.96
N ALA J 183 -26.38 -10.65 -9.94
CA ALA J 183 -24.98 -10.25 -9.94
C ALA J 183 -24.64 -9.28 -8.81
N VAL J 184 -25.61 -8.56 -8.28
CA VAL J 184 -25.40 -7.57 -7.23
C VAL J 184 -26.32 -7.90 -6.07
N TYR J 185 -25.76 -7.89 -4.86
CA TYR J 185 -26.50 -8.19 -3.64
C TYR J 185 -26.46 -6.99 -2.71
N THR J 186 -27.59 -6.71 -2.07
CA THR J 186 -27.70 -5.60 -1.13
C THR J 186 -27.61 -6.14 0.30
N CYS J 187 -26.70 -5.57 1.07
CA CYS J 187 -26.39 -6.04 2.42
C CYS J 187 -26.73 -4.96 3.43
N LYS J 188 -27.46 -5.34 4.48
CA LYS J 188 -27.84 -4.41 5.54
C LYS J 188 -27.78 -5.17 6.87
N ARG J 189 -26.64 -5.07 7.54
CA ARG J 189 -26.40 -5.77 8.80
C ARG J 189 -25.18 -5.16 9.45
N ASP J 190 -25.18 -5.14 10.78
CA ASP J 190 -24.06 -4.56 11.51
C ASP J 190 -22.79 -5.38 11.27
N PRO J 191 -21.61 -4.74 11.29
CA PRO J 191 -21.36 -3.31 11.54
C PRO J 191 -21.35 -2.45 10.27
N CYS J 192 -21.86 -2.95 9.16
CA CYS J 192 -21.88 -2.18 7.92
C CYS J 192 -22.77 -0.95 8.08
N PRO J 193 -22.25 0.26 7.85
CA PRO J 193 -23.08 1.46 8.01
C PRO J 193 -24.08 1.61 6.87
N HIS J 194 -25.35 1.80 7.23
CA HIS J 194 -26.44 2.01 6.28
C HIS J 194 -26.49 0.77 5.37
N GLN J 195 -26.57 0.93 4.05
CA GLN J 195 -26.59 -0.20 3.13
C GLN J 195 -25.34 -0.17 2.26
N VAL J 196 -24.85 -1.35 1.91
CA VAL J 196 -23.65 -1.49 1.10
C VAL J 196 -23.96 -2.43 -0.07
N ASP J 197 -23.12 -2.34 -1.10
CA ASP J 197 -23.26 -3.17 -2.29
C ASP J 197 -22.14 -4.20 -2.33
N CYS J 198 -22.50 -5.45 -2.53
CA CYS J 198 -21.54 -6.55 -2.63
C CYS J 198 -21.78 -7.31 -3.92
N PHE J 199 -20.71 -7.83 -4.50
CA PHE J 199 -20.75 -8.48 -5.81
C PHE J 199 -20.36 -9.94 -5.68
N LEU J 200 -21.15 -10.82 -6.29
CA LEU J 200 -20.93 -12.26 -6.20
C LEU J 200 -19.83 -12.68 -7.17
N SER J 201 -19.64 -13.99 -7.31
CA SER J 201 -18.64 -14.55 -8.20
C SER J 201 -19.29 -15.60 -9.09
N ARG J 202 -19.06 -15.51 -10.40
CA ARG J 202 -19.58 -16.43 -11.38
C ARG J 202 -21.10 -16.67 -11.24
N PRO J 203 -21.92 -15.63 -11.31
CA PRO J 203 -23.36 -15.84 -11.19
C PRO J 203 -23.95 -16.72 -12.28
N THR J 204 -23.45 -16.58 -13.52
CA THR J 204 -24.09 -17.24 -14.66
C THR J 204 -23.90 -18.75 -14.61
N GLU J 205 -22.66 -19.20 -14.36
CA GLU J 205 -22.41 -20.63 -14.25
C GLU J 205 -23.21 -21.25 -13.12
N LYS J 206 -23.28 -20.56 -11.98
CA LYS J 206 -24.03 -21.09 -10.84
C LYS J 206 -25.52 -21.19 -11.17
N THR J 207 -26.08 -20.18 -11.84
CA THR J 207 -27.49 -20.27 -12.24
C THR J 207 -27.71 -21.43 -13.21
N ILE J 208 -26.81 -21.61 -14.17
CA ILE J 208 -26.96 -22.69 -15.14
C ILE J 208 -26.94 -24.04 -14.43
N PHE J 209 -25.99 -24.22 -13.51
CA PHE J 209 -25.88 -25.50 -12.82
C PHE J 209 -27.06 -25.74 -11.89
N ILE J 210 -27.58 -24.68 -11.26
CA ILE J 210 -28.76 -24.82 -10.40
C ILE J 210 -29.95 -25.28 -11.23
N ILE J 211 -30.15 -24.67 -12.40
CA ILE J 211 -31.26 -25.07 -13.27
C ILE J 211 -31.08 -26.52 -13.72
N PHE J 212 -29.84 -26.90 -14.05
CA PHE J 212 -29.57 -28.26 -14.47
C PHE J 212 -29.91 -29.26 -13.37
N MET J 213 -29.49 -28.96 -12.14
CA MET J 213 -29.78 -29.85 -11.02
C MET J 213 -31.28 -29.93 -10.74
N LEU J 214 -31.99 -28.80 -10.88
CA LEU J 214 -33.44 -28.83 -10.72
C LEU J 214 -34.09 -29.74 -11.75
N VAL J 215 -33.65 -29.65 -13.00
CA VAL J 215 -34.20 -30.52 -14.05
C VAL J 215 -33.92 -31.97 -13.74
N VAL J 216 -32.69 -32.28 -13.29
CA VAL J 216 -32.35 -33.66 -12.97
C VAL J 216 -33.22 -34.18 -11.83
N SER J 217 -33.44 -33.37 -10.80
CA SER J 217 -34.27 -33.79 -9.68
C SER J 217 -35.70 -34.05 -10.13
N LEU J 218 -36.25 -33.18 -10.98
CA LEU J 218 -37.61 -33.39 -11.48
C LEU J 218 -37.69 -34.68 -12.29
N VAL J 219 -36.67 -34.95 -13.12
CA VAL J 219 -36.66 -36.17 -13.92
C VAL J 219 -36.65 -37.40 -13.02
N SER J 220 -35.82 -37.35 -11.96
CA SER J 220 -35.77 -38.48 -11.03
C SER J 220 -37.11 -38.67 -10.32
N LEU J 221 -37.76 -37.57 -9.94
CA LEU J 221 -39.07 -37.68 -9.31
C LEU J 221 -40.08 -38.34 -10.24
N ALA J 222 -40.11 -37.92 -11.50
CA ALA J 222 -41.02 -38.54 -12.46
C ALA J 222 -40.70 -40.01 -12.66
N LEU J 223 -39.41 -40.36 -12.70
CA LEU J 223 -39.02 -41.75 -12.90
C LEU J 223 -39.48 -42.63 -11.75
N ASN J 224 -39.30 -42.16 -10.51
CA ASN J 224 -39.74 -43.00 -9.39
C ASN J 224 -41.27 -43.05 -9.29
N ILE J 225 -41.96 -41.99 -9.71
CA ILE J 225 -43.42 -42.05 -9.78
C ILE J 225 -43.86 -43.13 -10.77
N ILE J 226 -43.22 -43.17 -11.94
CA ILE J 226 -43.53 -44.19 -12.94
C ILE J 226 -43.23 -45.58 -12.38
N GLU J 227 -42.11 -45.73 -11.67
CA GLU J 227 -41.78 -47.02 -11.08
C GLU J 227 -42.83 -47.46 -10.07
N LEU J 228 -43.31 -46.54 -9.23
CA LEU J 228 -44.35 -46.87 -8.27
C LEU J 228 -45.64 -47.29 -8.97
N PHE J 229 -46.03 -46.57 -10.02
CA PHE J 229 -47.24 -46.94 -10.75
C PHE J 229 -47.10 -48.32 -11.37
N TYR J 230 -45.94 -48.61 -11.97
CA TYR J 230 -45.73 -49.90 -12.60
C TYR J 230 -45.75 -51.03 -11.56
N VAL J 231 -45.13 -50.82 -10.40
CA VAL J 231 -45.12 -51.88 -9.40
C VAL J 231 -46.52 -52.09 -8.82
N PHE J 232 -47.30 -51.01 -8.68
CA PHE J 232 -48.69 -51.19 -8.25
C PHE J 232 -49.49 -51.99 -9.26
N PHE J 233 -49.31 -51.70 -10.55
CA PHE J 233 -50.00 -52.47 -11.58
C PHE J 233 -49.58 -53.93 -11.54
N LYS J 234 -48.28 -54.19 -11.35
CA LYS J 234 -47.80 -55.57 -11.26
C LYS J 234 -48.41 -56.29 -10.06
N GLY J 235 -48.53 -55.59 -8.92
CA GLY J 235 -49.19 -56.18 -7.77
C GLY J 235 -50.65 -56.50 -8.05
N VAL J 236 -51.34 -55.59 -8.74
CA VAL J 236 -52.75 -55.84 -9.10
C VAL J 236 -52.85 -57.02 -10.05
N LYS J 237 -51.83 -57.26 -10.87
CA LYS J 237 -51.86 -58.36 -11.83
C LYS J 237 -52.14 -59.69 -11.15
N ASP J 238 -51.56 -59.92 -9.97
CA ASP J 238 -51.78 -61.16 -9.24
C ASP J 238 -53.23 -61.27 -8.76
N GLY K 2 -9.86 -37.14 -10.86
CA GLY K 2 -11.28 -37.08 -11.17
C GLY K 2 -12.06 -38.25 -10.61
N ASP K 3 -13.24 -38.50 -11.19
CA ASP K 3 -14.13 -39.57 -10.75
C ASP K 3 -14.66 -40.36 -11.94
N TRP K 4 -13.93 -40.37 -13.05
CA TRP K 4 -14.37 -41.04 -14.27
C TRP K 4 -14.25 -42.56 -14.20
N SER K 5 -14.02 -43.12 -13.01
CA SER K 5 -13.82 -44.56 -12.90
C SER K 5 -15.07 -45.34 -13.28
N ALA K 6 -16.24 -44.89 -12.83
CA ALA K 6 -17.46 -45.66 -13.07
C ALA K 6 -17.82 -45.66 -14.55
N LEU K 7 -17.78 -44.49 -15.20
CA LEU K 7 -18.10 -44.41 -16.61
C LEU K 7 -17.10 -45.21 -17.45
N GLY K 8 -15.82 -45.12 -17.09
CA GLY K 8 -14.81 -45.90 -17.78
C GLY K 8 -15.03 -47.40 -17.63
N LYS K 9 -15.39 -47.84 -16.43
CA LYS K 9 -15.70 -49.25 -16.21
C LYS K 9 -16.89 -49.70 -17.04
N LEU K 10 -17.94 -48.88 -17.09
CA LEU K 10 -19.11 -49.24 -17.87
C LEU K 10 -18.80 -49.31 -19.36
N LEU K 11 -17.98 -48.37 -19.85
CA LEU K 11 -17.58 -48.41 -21.26
C LEU K 11 -16.69 -49.62 -21.54
N ASP K 12 -15.84 -49.99 -20.60
CA ASP K 12 -15.03 -51.21 -20.75
C ASP K 12 -15.94 -52.44 -20.80
N LYS K 13 -17.02 -52.43 -20.02
CA LYS K 13 -17.99 -53.52 -20.08
C LYS K 13 -18.70 -53.56 -21.44
N VAL K 14 -19.08 -52.41 -21.97
CA VAL K 14 -19.85 -52.38 -23.21
C VAL K 14 -19.01 -52.63 -24.46
N GLN K 15 -17.70 -52.34 -24.41
CA GLN K 15 -16.91 -52.47 -25.63
C GLN K 15 -16.70 -53.92 -26.06
N ALA K 16 -17.08 -54.90 -25.23
CA ALA K 16 -16.83 -56.30 -25.56
C ALA K 16 -17.56 -56.71 -26.84
N TYR K 17 -18.81 -56.32 -26.98
CA TYR K 17 -19.64 -56.67 -28.14
C TYR K 17 -20.02 -55.39 -28.87
N SER K 18 -19.25 -55.04 -29.90
CA SER K 18 -19.52 -53.86 -30.70
C SER K 18 -18.84 -54.01 -32.04
N THR K 19 -19.27 -53.19 -33.00
CA THR K 19 -18.65 -53.18 -34.32
C THR K 19 -17.27 -52.54 -34.25
N ALA K 20 -16.50 -52.72 -35.33
CA ALA K 20 -15.14 -52.17 -35.37
C ALA K 20 -15.16 -50.65 -35.27
N GLY K 21 -16.08 -50.00 -35.99
CA GLY K 21 -16.19 -48.56 -35.90
C GLY K 21 -16.53 -48.09 -34.49
N GLY K 22 -17.43 -48.82 -33.82
CA GLY K 22 -17.74 -48.49 -32.44
C GLY K 22 -16.54 -48.64 -31.53
N LYS K 23 -15.74 -49.69 -31.73
CA LYS K 23 -14.54 -49.87 -30.92
C LYS K 23 -13.54 -48.75 -31.15
N VAL K 24 -13.35 -48.34 -32.41
CA VAL K 24 -12.44 -47.24 -32.70
C VAL K 24 -12.95 -45.95 -32.07
N TRP K 25 -14.26 -45.70 -32.13
CA TRP K 25 -14.83 -44.51 -31.51
C TRP K 25 -14.62 -44.53 -30.00
N LEU K 26 -14.83 -45.69 -29.37
CA LEU K 26 -14.59 -45.80 -27.93
C LEU K 26 -13.13 -45.55 -27.60
N SER K 27 -12.22 -46.07 -28.42
CA SER K 27 -10.79 -45.86 -28.18
C SER K 27 -10.41 -44.40 -28.28
N VAL K 28 -10.89 -43.71 -29.32
CA VAL K 28 -10.54 -42.29 -29.48
C VAL K 28 -11.19 -41.45 -28.37
N LEU K 29 -12.41 -41.82 -27.96
CA LEU K 29 -13.05 -41.13 -26.85
C LEU K 29 -12.24 -41.30 -25.56
N PHE K 30 -11.75 -42.51 -25.30
CA PHE K 30 -10.94 -42.75 -24.11
C PHE K 30 -9.62 -42.00 -24.16
N ILE K 31 -8.98 -41.96 -25.33
CA ILE K 31 -7.64 -41.40 -25.42
C ILE K 31 -7.68 -39.88 -25.46
N PHE K 32 -8.34 -39.32 -26.47
CA PHE K 32 -8.26 -37.88 -26.69
C PHE K 32 -9.26 -37.08 -25.88
N ARG K 33 -10.49 -37.57 -25.74
CA ARG K 33 -11.52 -36.80 -25.05
C ARG K 33 -11.31 -36.81 -23.54
N ILE K 34 -10.99 -37.96 -22.96
CA ILE K 34 -10.94 -38.10 -21.51
C ILE K 34 -9.52 -37.90 -20.98
N LEU K 35 -8.59 -38.72 -21.47
CA LEU K 35 -7.23 -38.71 -20.93
C LEU K 35 -6.56 -37.36 -21.13
N LEU K 36 -6.66 -36.80 -22.34
CA LEU K 36 -5.98 -35.53 -22.63
C LEU K 36 -6.55 -34.40 -21.80
N LEU K 37 -7.88 -34.34 -21.67
CA LEU K 37 -8.50 -33.27 -20.89
C LEU K 37 -8.11 -33.35 -19.43
N GLY K 38 -8.11 -34.56 -18.86
CA GLY K 38 -7.74 -34.72 -17.47
C GLY K 38 -6.28 -34.43 -17.19
N THR K 39 -5.39 -34.83 -18.10
CA THR K 39 -3.96 -34.75 -17.83
C THR K 39 -3.46 -33.31 -17.85
N ALA K 40 -3.63 -32.63 -18.99
CA ALA K 40 -2.96 -31.35 -19.16
C ALA K 40 -3.90 -30.20 -19.52
N VAL K 41 -5.00 -30.49 -20.22
CA VAL K 41 -5.88 -29.43 -20.70
C VAL K 41 -6.52 -28.68 -19.55
N GLU K 42 -7.02 -29.41 -18.53
CA GLU K 42 -7.72 -28.76 -17.44
C GLU K 42 -6.82 -27.90 -16.59
N SER K 43 -5.50 -28.10 -16.64
CA SER K 43 -4.60 -27.28 -15.84
C SER K 43 -4.45 -25.88 -16.42
N ALA K 44 -4.68 -25.71 -17.72
CA ALA K 44 -4.59 -24.39 -18.32
C ALA K 44 -5.63 -23.44 -17.73
N TRP K 45 -6.86 -23.92 -17.56
CA TRP K 45 -7.91 -23.12 -16.93
C TRP K 45 -7.82 -23.22 -15.42
N GLY K 46 -6.64 -22.93 -14.86
CA GLY K 46 -6.45 -23.02 -13.43
C GLY K 46 -6.54 -21.68 -12.73
N ASP K 47 -6.21 -20.61 -13.45
CA ASP K 47 -6.23 -19.26 -12.89
C ASP K 47 -6.88 -18.29 -13.86
N GLU K 48 -7.94 -18.74 -14.55
CA GLU K 48 -8.65 -17.85 -15.45
C GLU K 48 -9.43 -16.76 -14.71
N GLN K 49 -9.56 -16.87 -13.40
CA GLN K 49 -10.24 -15.87 -12.58
C GLN K 49 -9.28 -14.95 -11.84
N SER K 50 -8.20 -15.50 -11.28
CA SER K 50 -7.27 -14.67 -10.52
C SER K 50 -6.37 -13.83 -11.43
N ALA K 51 -5.99 -14.36 -12.59
CA ALA K 51 -5.15 -13.61 -13.51
C ALA K 51 -5.93 -12.58 -14.32
N PHE K 52 -7.26 -12.67 -14.35
CA PHE K 52 -8.07 -11.69 -15.05
C PHE K 52 -8.03 -10.35 -14.32
N ARG K 53 -7.78 -9.28 -15.07
CA ARG K 53 -7.72 -7.96 -14.48
C ARG K 53 -8.16 -6.92 -15.49
N CYS K 54 -8.66 -5.80 -14.99
CA CYS K 54 -9.17 -4.71 -15.81
C CYS K 54 -8.45 -3.42 -15.48
N ASN K 55 -8.56 -2.45 -16.38
CA ASN K 55 -7.89 -1.15 -16.23
C ASN K 55 -8.86 -0.13 -15.63
N THR K 56 -9.17 -0.35 -14.35
CA THR K 56 -10.02 0.58 -13.61
C THR K 56 -9.82 0.36 -12.12
N GLN K 57 -10.26 1.34 -11.33
CA GLN K 57 -10.25 1.23 -9.88
C GLN K 57 -11.66 1.31 -9.29
N GLN K 58 -12.68 1.12 -10.12
CA GLN K 58 -14.05 1.06 -9.63
C GLN K 58 -14.30 -0.28 -8.95
N PRO K 59 -14.72 -0.29 -7.69
CA PRO K 59 -14.92 -1.58 -7.00
C PRO K 59 -16.01 -2.40 -7.66
N GLY K 60 -15.76 -3.71 -7.77
CA GLY K 60 -16.73 -4.66 -8.26
C GLY K 60 -16.85 -4.74 -9.77
N CYS K 61 -16.09 -3.96 -10.53
CA CYS K 61 -16.19 -4.01 -11.98
C CYS K 61 -15.53 -5.26 -12.55
N GLU K 62 -14.47 -5.75 -11.90
CA GLU K 62 -13.76 -6.92 -12.41
C GLU K 62 -14.65 -8.16 -12.42
N ASN K 63 -15.39 -8.39 -11.34
CA ASN K 63 -16.26 -9.55 -11.29
C ASN K 63 -17.34 -9.48 -12.35
N VAL K 64 -17.96 -8.30 -12.52
CA VAL K 64 -19.01 -8.13 -13.51
C VAL K 64 -18.45 -8.36 -14.91
N CYS K 65 -17.27 -7.82 -15.21
CA CYS K 65 -16.69 -7.99 -16.54
C CYS K 65 -16.32 -9.44 -16.80
N TYR K 66 -15.79 -10.14 -15.79
CA TYR K 66 -15.49 -11.55 -15.98
C TYR K 66 -16.76 -12.37 -16.23
N ASP K 67 -17.81 -12.09 -15.47
CA ASP K 67 -19.07 -12.80 -15.68
C ASP K 67 -19.63 -12.53 -17.07
N LYS K 68 -19.47 -11.29 -17.55
CA LYS K 68 -19.90 -10.95 -18.90
C LYS K 68 -19.08 -11.70 -19.94
N SER K 69 -17.77 -11.83 -19.71
CA SER K 69 -16.89 -12.39 -20.73
C SER K 69 -17.05 -13.89 -20.87
N PHE K 70 -17.16 -14.62 -19.75
CA PHE K 70 -17.22 -16.08 -19.75
C PHE K 70 -18.52 -16.54 -19.11
N PRO K 71 -19.58 -16.71 -19.89
CA PRO K 71 -20.82 -17.27 -19.32
C PRO K 71 -20.63 -18.66 -18.73
N ILE K 72 -19.78 -19.48 -19.35
CA ILE K 72 -19.51 -20.83 -18.85
C ILE K 72 -18.13 -21.25 -19.33
N SER K 73 -17.33 -21.80 -18.42
CA SER K 73 -15.97 -22.19 -18.76
C SER K 73 -15.96 -23.31 -19.79
N HIS K 74 -14.89 -23.34 -20.60
CA HIS K 74 -14.78 -24.34 -21.66
C HIS K 74 -14.64 -25.74 -21.07
N VAL K 75 -13.92 -25.88 -19.95
CA VAL K 75 -13.68 -27.21 -19.38
C VAL K 75 -15.00 -27.83 -18.94
N ARG K 76 -15.85 -27.05 -18.27
CA ARG K 76 -17.15 -27.56 -17.86
C ARG K 76 -18.03 -27.88 -19.06
N PHE K 77 -17.96 -27.05 -20.10
CA PHE K 77 -18.72 -27.33 -21.31
C PHE K 77 -18.29 -28.65 -21.94
N TRP K 78 -16.99 -28.89 -22.01
CA TRP K 78 -16.48 -30.14 -22.58
C TRP K 78 -16.84 -31.34 -21.72
N VAL K 79 -16.83 -31.18 -20.40
CA VAL K 79 -17.24 -32.27 -19.52
C VAL K 79 -18.70 -32.60 -19.75
N LEU K 80 -19.55 -31.58 -19.84
CA LEU K 80 -20.97 -31.81 -20.11
C LEU K 80 -21.16 -32.49 -21.46
N GLN K 81 -20.40 -32.07 -22.47
CA GLN K 81 -20.50 -32.70 -23.79
C GLN K 81 -20.11 -34.17 -23.72
N ILE K 82 -19.01 -34.48 -23.03
CA ILE K 82 -18.57 -35.86 -22.90
C ILE K 82 -19.63 -36.69 -22.22
N ILE K 83 -20.24 -36.14 -21.16
CA ILE K 83 -21.31 -36.87 -20.47
C ILE K 83 -22.49 -37.10 -21.40
N PHE K 84 -22.87 -36.08 -22.18
CA PHE K 84 -24.05 -36.15 -23.02
C PHE K 84 -23.84 -36.94 -24.32
N VAL K 85 -22.61 -37.35 -24.63
CA VAL K 85 -22.37 -38.15 -25.82
C VAL K 85 -21.91 -39.55 -25.40
N SER K 86 -22.45 -40.04 -24.29
CA SER K 86 -22.15 -41.40 -23.82
C SER K 86 -23.37 -42.19 -23.38
N VAL K 87 -24.53 -41.56 -23.20
CA VAL K 87 -25.71 -42.28 -22.72
C VAL K 87 -26.20 -43.34 -23.70
N PRO K 88 -26.36 -43.07 -25.00
CA PRO K 88 -26.93 -44.09 -25.89
C PRO K 88 -26.14 -45.39 -25.94
N THR K 89 -24.82 -45.34 -25.77
CA THR K 89 -24.04 -46.57 -25.67
C THR K 89 -24.49 -47.39 -24.46
N LEU K 90 -24.74 -46.71 -23.33
CA LEU K 90 -25.24 -47.40 -22.15
C LEU K 90 -26.63 -47.98 -22.40
N LEU K 91 -27.47 -47.26 -23.16
CA LEU K 91 -28.78 -47.81 -23.51
C LEU K 91 -28.64 -49.07 -24.34
N TYR K 92 -27.72 -49.07 -25.31
CA TYR K 92 -27.46 -50.27 -26.09
C TYR K 92 -26.98 -51.41 -25.20
N LEU K 93 -26.11 -51.10 -24.24
CA LEU K 93 -25.64 -52.10 -23.29
C LEU K 93 -26.79 -52.69 -22.49
N ALA K 94 -27.71 -51.84 -22.05
CA ALA K 94 -28.88 -52.33 -21.31
C ALA K 94 -29.74 -53.24 -22.17
N HIS K 95 -29.94 -52.87 -23.43
CA HIS K 95 -30.73 -53.73 -24.32
C HIS K 95 -30.04 -55.06 -24.55
N VAL K 96 -28.71 -55.05 -24.69
CA VAL K 96 -27.97 -56.30 -24.85
C VAL K 96 -28.11 -57.17 -23.61
N PHE K 97 -28.07 -56.56 -22.42
CA PHE K 97 -28.25 -57.33 -21.19
C PHE K 97 -29.67 -57.91 -21.11
N TYR K 98 -30.66 -57.16 -21.58
CA TYR K 98 -32.03 -57.69 -21.64
C TYR K 98 -32.10 -58.90 -22.57
N VAL K 99 -31.43 -58.81 -23.73
CA VAL K 99 -31.38 -59.94 -24.66
C VAL K 99 -30.71 -61.14 -23.98
N MET K 100 -29.65 -60.90 -23.22
CA MET K 100 -28.97 -61.98 -22.52
C MET K 100 -29.90 -62.64 -21.49
N ARG K 101 -30.67 -61.83 -20.77
CA ARG K 101 -31.63 -62.38 -19.80
C ARG K 101 -32.67 -63.24 -20.50
N LYS K 102 -33.20 -62.76 -21.63
CA LYS K 102 -34.16 -63.55 -22.40
C LYS K 102 -33.55 -64.86 -22.88
N GLU K 103 -32.29 -64.81 -23.32
CA GLU K 103 -31.59 -66.01 -23.76
C GLU K 103 -31.45 -67.00 -22.61
N GLU K 104 -31.09 -66.52 -21.42
CA GLU K 104 -30.93 -67.42 -20.28
C GLU K 104 -32.25 -68.07 -19.90
N LYS K 105 -33.33 -67.29 -19.89
CA LYS K 105 -34.64 -67.87 -19.55
C LYS K 105 -35.08 -68.89 -20.59
N LEU K 106 -34.88 -68.59 -21.88
CA LEU K 106 -35.26 -69.55 -22.92
C LEU K 106 -34.41 -70.81 -22.84
N ASN K 107 -33.12 -70.68 -22.54
CA ASN K 107 -32.28 -71.85 -22.35
C ASN K 107 -32.75 -72.69 -21.18
N LYS K 108 -33.14 -72.04 -20.08
CA LYS K 108 -33.67 -72.78 -18.95
C LYS K 108 -34.94 -73.55 -19.32
N LYS K 109 -35.84 -72.90 -20.06
CA LYS K 109 -37.07 -73.57 -20.47
C LYS K 109 -36.78 -74.76 -21.40
N GLU K 110 -35.84 -74.60 -22.33
CA GLU K 110 -35.57 -75.71 -23.23
C GLU K 110 -34.87 -76.85 -22.51
N GLU K 111 -33.95 -76.53 -21.59
CA GLU K 111 -33.34 -77.57 -20.79
C GLU K 111 -34.39 -78.32 -19.99
N GLU K 112 -35.41 -77.60 -19.51
CA GLU K 112 -36.53 -78.25 -18.84
C GLU K 112 -37.25 -79.20 -19.78
N LEU K 113 -37.48 -78.77 -21.02
CA LEU K 113 -38.21 -79.60 -21.97
C LEU K 113 -37.47 -80.91 -22.26
N LYS K 114 -36.15 -80.83 -22.45
CA LYS K 114 -35.37 -82.01 -22.80
C LYS K 114 -35.24 -82.97 -21.62
N MET K 125 -43.57 -79.62 -30.94
CA MET K 125 -43.62 -78.32 -31.58
C MET K 125 -42.98 -77.24 -30.70
N HIS K 126 -42.77 -77.57 -29.42
CA HIS K 126 -42.12 -76.63 -28.51
C HIS K 126 -40.68 -76.36 -28.94
N LEU K 127 -39.99 -77.39 -29.43
CA LEU K 127 -38.64 -77.20 -29.94
C LEU K 127 -38.65 -76.23 -31.12
N LYS K 128 -39.65 -76.33 -31.99
CA LYS K 128 -39.72 -75.44 -33.14
C LYS K 128 -39.85 -73.99 -32.72
N GLN K 129 -40.75 -73.70 -31.76
CA GLN K 129 -40.94 -72.31 -31.33
C GLN K 129 -39.72 -71.82 -30.54
N ILE K 130 -39.09 -72.70 -29.76
CA ILE K 130 -37.88 -72.30 -29.05
C ILE K 130 -36.80 -71.91 -30.04
N GLU K 131 -36.61 -72.72 -31.09
CA GLU K 131 -35.60 -72.42 -32.09
C GLU K 131 -35.93 -71.16 -32.87
N ILE K 132 -37.20 -70.95 -33.20
CA ILE K 132 -37.57 -69.74 -33.95
C ILE K 132 -37.38 -68.50 -33.09
N LYS K 133 -37.63 -68.60 -31.77
CA LYS K 133 -37.39 -67.46 -30.90
C LYS K 133 -35.89 -67.22 -30.71
N LYS K 134 -35.09 -68.29 -30.72
CA LYS K 134 -33.65 -68.12 -30.55
C LYS K 134 -33.02 -67.53 -31.80
N PHE K 135 -33.58 -67.85 -32.97
CA PHE K 135 -33.10 -67.27 -34.22
C PHE K 135 -33.57 -65.82 -34.37
N LYS K 136 -34.80 -65.53 -33.93
CA LYS K 136 -35.33 -64.17 -34.10
C LYS K 136 -34.50 -63.15 -33.33
N TYR K 137 -34.09 -63.50 -32.10
CA TYR K 137 -33.24 -62.62 -31.31
C TYR K 137 -31.75 -62.79 -31.65
N GLY K 138 -31.41 -63.67 -32.58
CA GLY K 138 -30.03 -63.89 -32.95
C GLY K 138 -29.19 -64.53 -31.87
N ILE K 139 -29.76 -65.46 -31.12
CA ILE K 139 -29.05 -66.15 -30.04
C ILE K 139 -29.02 -67.63 -30.40
N GLU K 140 -27.92 -68.08 -30.98
CA GLU K 140 -27.76 -69.46 -31.40
C GLU K 140 -26.59 -70.17 -30.74
N GLU K 141 -25.44 -69.51 -30.63
CA GLU K 141 -24.21 -70.15 -30.19
C GLU K 141 -23.95 -69.96 -28.70
N HIS K 142 -24.90 -69.36 -27.97
CA HIS K 142 -24.75 -69.12 -26.53
C HIS K 142 -23.51 -68.28 -26.24
N GLY K 143 -23.55 -67.04 -26.75
CA GLY K 143 -22.43 -66.13 -26.56
C GLY K 143 -21.99 -65.44 -27.83
N LYS K 144 -22.79 -65.57 -28.89
CA LYS K 144 -22.51 -64.98 -30.19
C LYS K 144 -23.71 -64.19 -30.68
N VAL K 145 -24.23 -63.32 -29.80
CA VAL K 145 -25.42 -62.53 -30.12
C VAL K 145 -25.17 -61.70 -31.37
N LYS K 146 -26.08 -61.80 -32.33
CA LYS K 146 -26.01 -61.08 -33.59
C LYS K 146 -27.02 -59.94 -33.60
N MET K 147 -26.77 -58.97 -34.48
CA MET K 147 -27.64 -57.81 -34.61
C MET K 147 -28.69 -58.09 -35.68
N ARG K 148 -29.95 -58.15 -35.28
CA ARG K 148 -31.04 -58.44 -36.20
C ARG K 148 -32.35 -58.01 -35.58
N GLY K 149 -33.11 -57.18 -36.29
CA GLY K 149 -34.45 -56.81 -35.87
C GLY K 149 -34.53 -55.67 -34.89
N GLY K 150 -34.21 -55.94 -33.62
CA GLY K 150 -34.34 -54.93 -32.58
C GLY K 150 -33.02 -54.30 -32.20
N LEU K 151 -31.99 -55.12 -32.09
CA LEU K 151 -30.66 -54.61 -31.76
C LEU K 151 -30.17 -53.65 -32.84
N LEU K 152 -30.41 -53.98 -34.10
CA LEU K 152 -30.02 -53.09 -35.20
C LEU K 152 -30.73 -51.75 -35.10
N ARG K 153 -32.03 -51.77 -34.81
CA ARG K 153 -32.79 -50.53 -34.67
C ARG K 153 -32.26 -49.70 -33.51
N THR K 154 -31.99 -50.34 -32.37
CA THR K 154 -31.45 -49.61 -31.23
C THR K 154 -30.09 -49.02 -31.54
N TYR K 155 -29.24 -49.78 -32.25
CA TYR K 155 -27.92 -49.30 -32.61
C TYR K 155 -28.03 -48.08 -33.53
N ILE K 156 -28.92 -48.13 -34.52
CA ILE K 156 -29.07 -47.01 -35.45
C ILE K 156 -29.57 -45.78 -34.72
N ILE K 157 -30.58 -45.95 -33.86
CA ILE K 157 -31.12 -44.78 -33.18
C ILE K 157 -30.10 -44.21 -32.19
N SER K 158 -29.28 -45.07 -31.57
CA SER K 158 -28.22 -44.59 -30.69
C SER K 158 -27.19 -43.78 -31.47
N ILE K 159 -26.80 -44.26 -32.65
CA ILE K 159 -25.83 -43.53 -33.47
C ILE K 159 -26.40 -42.16 -33.86
N LEU K 160 -27.68 -42.13 -34.28
CA LEU K 160 -28.28 -40.87 -34.67
C LEU K 160 -28.36 -39.90 -33.50
N PHE K 161 -28.74 -40.40 -32.32
CA PHE K 161 -28.83 -39.53 -31.14
C PHE K 161 -27.45 -38.97 -30.78
N LYS K 162 -26.42 -39.81 -30.83
CA LYS K 162 -25.07 -39.32 -30.55
C LYS K 162 -24.66 -38.23 -31.53
N SER K 163 -24.92 -38.45 -32.82
CA SER K 163 -24.52 -37.47 -33.82
C SER K 163 -25.26 -36.15 -33.61
N ILE K 164 -26.56 -36.19 -33.35
CA ILE K 164 -27.32 -34.96 -33.21
C ILE K 164 -26.91 -34.23 -31.94
N PHE K 165 -26.62 -34.96 -30.85
CA PHE K 165 -26.14 -34.30 -29.64
C PHE K 165 -24.81 -33.60 -29.89
N GLU K 166 -23.89 -34.27 -30.59
CA GLU K 166 -22.59 -33.65 -30.86
C GLU K 166 -22.73 -32.41 -31.72
N VAL K 167 -23.54 -32.47 -32.77
CA VAL K 167 -23.69 -31.31 -33.65
C VAL K 167 -24.38 -30.16 -32.92
N ALA K 168 -25.34 -30.47 -32.04
CA ALA K 168 -26.01 -29.43 -31.26
C ALA K 168 -25.03 -28.73 -30.32
N PHE K 169 -24.19 -29.51 -29.63
CA PHE K 169 -23.20 -28.91 -28.75
C PHE K 169 -22.21 -28.05 -29.53
N LEU K 170 -21.79 -28.53 -30.70
CA LEU K 170 -20.87 -27.75 -31.53
C LEU K 170 -21.50 -26.44 -31.96
N LEU K 171 -22.77 -26.47 -32.37
CA LEU K 171 -23.45 -25.24 -32.77
C LEU K 171 -23.58 -24.27 -31.60
N ILE K 172 -23.90 -24.79 -30.42
CA ILE K 172 -24.02 -23.92 -29.24
C ILE K 172 -22.67 -23.24 -28.95
N GLN K 173 -21.59 -24.01 -28.99
CA GLN K 173 -20.27 -23.43 -28.73
C GLN K 173 -19.93 -22.38 -29.79
N TRP K 174 -20.24 -22.66 -31.06
CA TRP K 174 -19.97 -21.69 -32.11
C TRP K 174 -20.73 -20.39 -31.88
N TYR K 175 -22.00 -20.49 -31.48
CA TYR K 175 -22.80 -19.29 -31.27
C TYR K 175 -22.30 -18.50 -30.06
N ILE K 176 -21.93 -19.17 -28.99
CA ILE K 176 -21.60 -18.46 -27.75
C ILE K 176 -20.25 -17.78 -27.86
N TYR K 177 -19.18 -18.56 -28.03
CA TYR K 177 -17.82 -18.05 -27.97
C TYR K 177 -17.22 -17.78 -29.34
N GLY K 178 -17.29 -18.76 -30.24
CA GLY K 178 -16.53 -18.70 -31.48
C GLY K 178 -15.46 -19.78 -31.47
N PHE K 179 -14.29 -19.47 -32.02
CA PHE K 179 -13.19 -20.44 -31.98
C PHE K 179 -11.85 -19.77 -31.70
N SER K 180 -11.86 -18.59 -31.08
CA SER K 180 -10.61 -17.93 -30.71
C SER K 180 -10.90 -16.95 -29.58
N LEU K 181 -9.86 -16.59 -28.84
CA LEU K 181 -9.94 -15.67 -27.72
C LEU K 181 -9.00 -14.51 -27.97
N SER K 182 -9.56 -13.31 -28.15
CA SER K 182 -8.73 -12.13 -28.33
C SER K 182 -8.04 -11.74 -27.02
N ALA K 183 -6.85 -11.18 -27.14
CA ALA K 183 -6.06 -10.84 -25.95
C ALA K 183 -6.67 -9.71 -25.15
N VAL K 184 -7.49 -8.86 -25.76
CA VAL K 184 -8.10 -7.71 -25.09
C VAL K 184 -9.61 -7.80 -25.27
N TYR K 185 -10.35 -7.61 -24.18
CA TYR K 185 -11.81 -7.66 -24.18
C TYR K 185 -12.36 -6.32 -23.74
N THR K 186 -13.43 -5.89 -24.40
CA THR K 186 -14.09 -4.63 -24.09
C THR K 186 -15.34 -4.91 -23.25
N CYS K 187 -15.44 -4.25 -22.10
CA CYS K 187 -16.50 -4.49 -21.13
C CYS K 187 -17.34 -3.24 -20.97
N LYS K 188 -18.65 -3.40 -21.05
CA LYS K 188 -19.60 -2.28 -20.89
C LYS K 188 -20.80 -2.80 -20.12
N ARG K 189 -20.78 -2.63 -18.80
CA ARG K 189 -21.84 -3.11 -17.93
C ARG K 189 -21.66 -2.44 -16.57
N ASP K 190 -22.78 -2.19 -15.90
CA ASP K 190 -22.73 -1.53 -14.60
C ASP K 190 -22.02 -2.44 -13.58
N PRO K 191 -21.33 -1.85 -12.60
CA PRO K 191 -21.16 -0.41 -12.34
C PRO K 191 -19.94 0.21 -13.02
N CYS K 192 -19.35 -0.45 -14.00
CA CYS K 192 -18.18 0.10 -14.68
C CYS K 192 -18.56 1.37 -15.43
N PRO K 193 -17.90 2.50 -15.17
CA PRO K 193 -18.26 3.74 -15.87
C PRO K 193 -17.77 3.72 -17.31
N HIS K 194 -18.69 4.03 -18.23
CA HIS K 194 -18.41 4.11 -19.67
C HIS K 194 -17.88 2.73 -20.10
N GLN K 195 -16.78 2.66 -20.84
CA GLN K 195 -16.20 1.39 -21.27
C GLN K 195 -14.83 1.22 -20.64
N VAL K 196 -14.48 -0.02 -20.33
CA VAL K 196 -13.21 -0.35 -19.70
C VAL K 196 -12.55 -1.46 -20.51
N ASP K 197 -11.23 -1.59 -20.32
CA ASP K 197 -10.44 -2.61 -21.00
C ASP K 197 -10.01 -3.67 -19.99
N CYS K 198 -10.24 -4.94 -20.34
CA CYS K 198 -9.85 -6.06 -19.50
C CYS K 198 -9.01 -7.03 -20.32
N PHE K 199 -8.07 -7.69 -19.66
CA PHE K 199 -7.09 -8.55 -20.32
C PHE K 199 -7.25 -9.98 -19.83
N LEU K 200 -7.30 -10.91 -20.79
CA LEU K 200 -7.50 -12.33 -20.47
C LEU K 200 -6.19 -12.95 -19.99
N SER K 201 -6.20 -14.27 -19.82
CA SER K 201 -5.02 -15.02 -19.39
C SER K 201 -4.79 -16.18 -20.33
N ARG K 202 -3.55 -16.32 -20.81
CA ARG K 202 -3.15 -17.39 -21.71
C ARG K 202 -4.08 -17.54 -22.92
N PRO K 203 -4.26 -16.49 -23.72
CA PRO K 203 -5.14 -16.63 -24.89
C PRO K 203 -4.66 -17.67 -25.90
N THR K 204 -3.34 -17.76 -26.11
CA THR K 204 -2.82 -18.58 -27.20
C THR K 204 -3.02 -20.06 -26.92
N GLU K 205 -2.69 -20.51 -25.71
CA GLU K 205 -2.88 -21.91 -25.35
C GLU K 205 -4.35 -22.29 -25.43
N LYS K 206 -5.24 -21.40 -24.95
CA LYS K 206 -6.65 -21.70 -25.00
C LYS K 206 -7.16 -21.80 -26.44
N THR K 207 -6.71 -20.90 -27.31
CA THR K 207 -7.10 -21.00 -28.72
C THR K 207 -6.60 -22.31 -29.34
N ILE K 208 -5.35 -22.68 -29.05
CA ILE K 208 -4.80 -23.91 -29.61
C ILE K 208 -5.61 -25.12 -29.15
N PHE K 209 -5.94 -25.17 -27.86
CA PHE K 209 -6.67 -26.31 -27.34
C PHE K 209 -8.11 -26.34 -27.87
N ILE K 210 -8.73 -25.17 -28.06
CA ILE K 210 -10.06 -25.12 -28.63
C ILE K 210 -10.05 -25.66 -30.05
N ILE K 211 -9.06 -25.26 -30.85
CA ILE K 211 -8.97 -25.76 -32.21
C ILE K 211 -8.73 -27.27 -32.21
N PHE K 212 -7.90 -27.75 -31.30
CA PHE K 212 -7.63 -29.18 -31.20
C PHE K 212 -8.91 -29.96 -30.88
N MET K 213 -9.68 -29.46 -29.91
CA MET K 213 -10.93 -30.13 -29.54
C MET K 213 -11.93 -30.10 -30.69
N LEU K 214 -11.99 -28.99 -31.42
CA LEU K 214 -12.87 -28.93 -32.60
C LEU K 214 -12.49 -29.97 -33.63
N VAL K 215 -11.18 -30.13 -33.89
CA VAL K 215 -10.72 -31.14 -34.84
C VAL K 215 -11.10 -32.53 -34.36
N VAL K 216 -10.91 -32.79 -33.07
CA VAL K 216 -11.24 -34.12 -32.52
C VAL K 216 -12.73 -34.41 -32.67
N SER K 217 -13.56 -33.40 -32.38
CA SER K 217 -15.01 -33.59 -32.50
C SER K 217 -15.41 -33.87 -33.94
N LEU K 218 -14.82 -33.14 -34.90
CA LEU K 218 -15.12 -33.39 -36.30
C LEU K 218 -14.69 -34.79 -36.72
N VAL K 219 -13.52 -35.24 -36.25
CA VAL K 219 -13.06 -36.58 -36.57
C VAL K 219 -14.02 -37.63 -36.04
N SER K 220 -14.48 -37.44 -34.79
CA SER K 220 -15.43 -38.39 -34.21
C SER K 220 -16.74 -38.40 -35.00
N LEU K 221 -17.22 -37.22 -35.43
CA LEU K 221 -18.43 -37.16 -36.23
C LEU K 221 -18.28 -37.94 -37.52
N ALA K 222 -17.15 -37.74 -38.21
CA ALA K 222 -16.91 -38.49 -39.45
C ALA K 222 -16.83 -39.99 -39.19
N LEU K 223 -16.20 -40.38 -38.08
CA LEU K 223 -16.06 -41.80 -37.77
C LEU K 223 -17.42 -42.45 -37.54
N ASN K 224 -18.30 -41.79 -36.79
CA ASN K 224 -19.61 -42.39 -36.55
C ASN K 224 -20.47 -42.37 -37.80
N ILE K 225 -20.29 -41.37 -38.68
CA ILE K 225 -20.99 -41.39 -39.95
C ILE K 225 -20.57 -42.60 -40.78
N ILE K 226 -19.25 -42.86 -40.83
CA ILE K 226 -18.74 -44.03 -41.53
C ILE K 226 -19.30 -45.32 -40.93
N GLU K 227 -19.36 -45.38 -39.59
CA GLU K 227 -19.90 -46.57 -38.92
C GLU K 227 -21.36 -46.78 -39.30
N LEU K 228 -22.15 -45.70 -39.33
CA LEU K 228 -23.56 -45.82 -39.73
C LEU K 228 -23.69 -46.31 -41.17
N PHE K 229 -22.88 -45.77 -42.07
CA PHE K 229 -22.95 -46.21 -43.46
C PHE K 229 -22.58 -47.68 -43.58
N TYR K 230 -21.54 -48.12 -42.87
CA TYR K 230 -21.12 -49.51 -42.93
C TYR K 230 -22.19 -50.44 -42.37
N VAL K 231 -22.83 -50.05 -41.25
CA VAL K 231 -23.84 -50.92 -40.69
C VAL K 231 -25.09 -50.97 -41.58
N PHE K 232 -25.42 -49.86 -42.24
CA PHE K 232 -26.52 -49.89 -43.21
C PHE K 232 -26.20 -50.83 -44.36
N PHE K 233 -24.97 -50.78 -44.87
CA PHE K 233 -24.58 -51.69 -45.94
C PHE K 233 -24.65 -53.14 -45.48
N LYS K 234 -24.20 -53.41 -44.26
CA LYS K 234 -24.27 -54.77 -43.71
C LYS K 234 -25.72 -55.24 -43.60
N GLY K 235 -26.60 -54.36 -43.16
CA GLY K 235 -28.02 -54.71 -43.11
C GLY K 235 -28.59 -55.01 -44.49
N VAL K 236 -28.20 -54.21 -45.50
CA VAL K 236 -28.66 -54.46 -46.85
C VAL K 236 -28.10 -55.79 -47.38
N LYS K 237 -26.93 -56.21 -46.89
CA LYS K 237 -26.32 -57.45 -47.35
C LYS K 237 -27.27 -58.64 -47.17
N ASP K 238 -28.01 -58.67 -46.06
CA ASP K 238 -28.95 -59.77 -45.81
C ASP K 238 -30.10 -59.73 -46.80
N GLY L 2 -2.16 -38.05 -11.91
CA GLY L 2 -2.61 -37.99 -13.30
C GLY L 2 -3.69 -39.00 -13.62
N ASP L 3 -3.84 -39.30 -14.91
CA ASP L 3 -4.84 -40.26 -15.39
C ASP L 3 -4.24 -41.21 -16.41
N TRP L 4 -2.94 -41.44 -16.34
CA TRP L 4 -2.24 -42.30 -17.30
C TRP L 4 -2.50 -43.79 -17.08
N SER L 5 -3.48 -44.15 -16.25
CA SER L 5 -3.71 -45.55 -15.93
C SER L 5 -4.17 -46.34 -17.16
N ALA L 6 -5.07 -45.78 -17.95
CA ALA L 6 -5.61 -46.52 -19.10
C ALA L 6 -4.55 -46.76 -20.16
N LEU L 7 -3.79 -45.73 -20.52
CA LEU L 7 -2.74 -45.89 -21.52
C LEU L 7 -1.66 -46.86 -21.03
N GLY L 8 -1.29 -46.76 -19.75
CA GLY L 8 -0.33 -47.69 -19.19
C GLY L 8 -0.82 -49.12 -19.22
N LYS L 9 -2.10 -49.33 -18.90
CA LYS L 9 -2.68 -50.67 -18.97
C LYS L 9 -2.66 -51.21 -20.39
N LEU L 10 -3.01 -50.37 -21.36
CA LEU L 10 -3.02 -50.82 -22.75
C LEU L 10 -1.60 -51.15 -23.24
N LEU L 11 -0.62 -50.35 -22.82
CA LEU L 11 0.76 -50.65 -23.19
C LEU L 11 1.25 -51.93 -22.51
N ASP L 12 0.83 -52.16 -21.27
CA ASP L 12 1.16 -53.42 -20.60
C ASP L 12 0.53 -54.60 -21.32
N LYS L 13 -0.68 -54.41 -21.87
CA LYS L 13 -1.30 -55.46 -22.67
C LYS L 13 -0.53 -55.71 -23.95
N VAL L 14 -0.07 -54.64 -24.62
CA VAL L 14 0.58 -54.81 -25.92
C VAL L 14 2.02 -55.30 -25.81
N GLN L 15 2.70 -55.07 -24.68
CA GLN L 15 4.11 -55.44 -24.61
C GLN L 15 4.33 -56.95 -24.57
N ALA L 16 3.27 -57.75 -24.41
CA ALA L 16 3.44 -59.19 -24.29
C ALA L 16 4.07 -59.79 -25.54
N TYR L 17 3.62 -59.38 -26.72
CA TYR L 17 4.13 -59.90 -27.99
C TYR L 17 4.76 -58.75 -28.76
N SER L 18 6.08 -58.62 -28.64
CA SER L 18 6.82 -57.58 -29.35
C SER L 18 8.28 -57.99 -29.43
N THR L 19 9.00 -57.34 -30.33
CA THR L 19 10.44 -57.59 -30.47
C THR L 19 11.19 -56.99 -29.29
N ALA L 20 12.46 -57.39 -29.17
CA ALA L 20 13.28 -56.91 -28.06
C ALA L 20 13.45 -55.40 -28.10
N GLY L 21 13.70 -54.85 -29.29
CA GLY L 21 13.81 -53.41 -29.42
C GLY L 21 12.53 -52.69 -29.03
N GLY L 22 11.38 -53.25 -29.41
CA GLY L 22 10.11 -52.67 -28.99
C GLY L 22 9.92 -52.71 -27.50
N LYS L 23 10.32 -53.81 -26.85
CA LYS L 23 10.22 -53.89 -25.40
C LYS L 23 11.12 -52.87 -24.72
N VAL L 24 12.34 -52.69 -25.23
CA VAL L 24 13.24 -51.70 -24.65
C VAL L 24 12.67 -50.29 -24.83
N TRP L 25 12.10 -50.01 -26.01
CA TRP L 25 11.49 -48.71 -26.25
C TRP L 25 10.31 -48.48 -25.31
N LEU L 26 9.48 -49.50 -25.10
CA LEU L 26 8.37 -49.35 -24.16
C LEU L 26 8.88 -49.11 -22.75
N SER L 27 9.94 -49.81 -22.35
CA SER L 27 10.50 -49.62 -21.01
C SER L 27 11.02 -48.20 -20.82
N VAL L 28 11.78 -47.69 -21.80
CA VAL L 28 12.33 -46.34 -21.65
C VAL L 28 11.21 -45.30 -21.70
N LEU L 29 10.18 -45.54 -22.51
CA LEU L 29 9.03 -44.64 -22.54
C LEU L 29 8.33 -44.61 -21.19
N PHE L 30 8.16 -45.78 -20.57
CA PHE L 30 7.52 -45.83 -19.25
C PHE L 30 8.36 -45.16 -18.19
N ILE L 31 9.68 -45.36 -18.23
CA ILE L 31 10.53 -44.87 -17.15
C ILE L 31 10.80 -43.38 -17.29
N PHE L 32 11.40 -42.97 -18.41
CA PHE L 32 11.89 -41.60 -18.52
C PHE L 32 10.83 -40.63 -19.02
N ARG L 33 10.00 -41.05 -19.98
CA ARG L 33 9.03 -40.12 -20.55
C ARG L 33 7.86 -39.87 -19.61
N ILE L 34 7.33 -40.92 -18.98
CA ILE L 34 6.10 -40.81 -18.20
C ILE L 34 6.41 -40.58 -16.72
N LEU L 35 7.17 -41.49 -16.12
CA LEU L 35 7.41 -41.45 -14.68
C LEU L 35 8.15 -40.18 -14.27
N LEU L 36 9.22 -39.84 -15.00
CA LEU L 36 10.01 -38.67 -14.65
C LEU L 36 9.21 -37.39 -14.78
N LEU L 37 8.44 -37.26 -15.86
CA LEU L 37 7.65 -36.05 -16.06
C LEU L 37 6.60 -35.89 -14.96
N GLY L 38 5.92 -36.98 -14.60
CA GLY L 38 4.90 -36.90 -13.58
C GLY L 38 5.45 -36.62 -12.19
N THR L 39 6.61 -37.21 -11.88
CA THR L 39 7.13 -37.14 -10.51
C THR L 39 7.64 -35.75 -10.18
N ALA L 40 8.63 -35.26 -10.93
CA ALA L 40 9.34 -34.06 -10.52
C ALA L 40 9.36 -32.96 -11.57
N VAL L 41 9.32 -33.33 -12.85
CA VAL L 41 9.48 -32.34 -13.91
C VAL L 41 8.30 -31.37 -13.93
N GLU L 42 7.07 -31.90 -13.79
CA GLU L 42 5.90 -31.03 -13.89
C GLU L 42 5.79 -30.07 -12.72
N SER L 43 6.47 -30.34 -11.60
CA SER L 43 6.40 -29.43 -10.46
C SER L 43 7.19 -28.15 -10.71
N ALA L 44 8.21 -28.20 -11.58
CA ALA L 44 8.98 -27.00 -11.88
C ALA L 44 8.11 -25.93 -12.53
N TRP L 45 7.26 -26.33 -13.47
CA TRP L 45 6.34 -25.39 -14.10
C TRP L 45 5.08 -25.23 -13.25
N GLY L 46 5.26 -24.89 -11.98
CA GLY L 46 4.13 -24.74 -11.07
C GLY L 46 3.74 -23.30 -10.87
N ASP L 47 4.69 -22.38 -11.01
CA ASP L 47 4.43 -20.96 -10.82
C ASP L 47 5.09 -20.15 -11.93
N GLU L 48 5.05 -20.65 -13.16
CA GLU L 48 5.60 -19.91 -14.29
C GLU L 48 4.77 -18.68 -14.64
N GLN L 49 3.57 -18.56 -14.07
CA GLN L 49 2.71 -17.41 -14.31
C GLN L 49 2.72 -16.41 -13.15
N SER L 50 2.71 -16.89 -11.91
CA SER L 50 2.69 -15.99 -10.77
C SER L 50 4.04 -15.35 -10.51
N ALA L 51 5.13 -16.08 -10.74
CA ALA L 51 6.47 -15.54 -10.53
C ALA L 51 6.94 -14.64 -11.67
N PHE L 52 6.26 -14.69 -12.81
CA PHE L 52 6.60 -13.81 -13.93
C PHE L 52 6.24 -12.37 -13.60
N ARG L 53 7.17 -11.45 -13.83
CA ARG L 53 6.94 -10.05 -13.54
C ARG L 53 7.75 -9.19 -14.50
N CYS L 54 7.26 -7.97 -14.73
CA CYS L 54 7.88 -7.04 -15.65
C CYS L 54 8.18 -5.72 -14.93
N ASN L 55 9.05 -4.92 -15.54
CA ASN L 55 9.48 -3.66 -14.96
C ASN L 55 8.65 -2.51 -15.54
N THR L 56 7.38 -2.49 -15.15
CA THR L 56 6.48 -1.41 -15.56
C THR L 56 5.29 -1.37 -14.61
N GLN L 57 4.56 -0.25 -14.66
CA GLN L 57 3.33 -0.11 -13.90
C GLN L 57 2.13 0.13 -14.82
N GLN L 58 2.27 -0.16 -16.11
CA GLN L 58 1.15 -0.08 -17.03
C GLN L 58 0.23 -1.27 -16.82
N PRO L 59 -1.06 -1.05 -16.54
CA PRO L 59 -1.96 -2.19 -16.30
C PRO L 59 -2.09 -3.07 -17.53
N GLY L 60 -2.09 -4.39 -17.29
CA GLY L 60 -2.33 -5.37 -18.33
C GLY L 60 -1.14 -5.71 -19.19
N CYS L 61 0.03 -5.10 -18.96
CA CYS L 61 1.19 -5.40 -19.79
C CYS L 61 1.79 -6.76 -19.43
N GLU L 62 1.70 -7.16 -18.17
CA GLU L 62 2.29 -8.43 -17.74
C GLU L 62 1.64 -9.62 -18.44
N ASN L 63 0.31 -9.63 -18.52
CA ASN L 63 -0.38 -10.73 -19.19
C ASN L 63 -0.02 -10.80 -20.66
N VAL L 64 0.01 -9.65 -21.33
CA VAL L 64 0.35 -9.61 -22.75
C VAL L 64 1.77 -10.11 -22.98
N CYS L 65 2.71 -9.67 -22.14
CA CYS L 65 4.10 -10.09 -22.30
C CYS L 65 4.27 -11.58 -22.03
N TYR L 66 3.57 -12.12 -21.03
CA TYR L 66 3.64 -13.55 -20.78
C TYR L 66 3.07 -14.34 -21.96
N ASP L 67 1.93 -13.90 -22.49
CA ASP L 67 1.34 -14.59 -23.64
C ASP L 67 2.28 -14.53 -24.84
N LYS L 68 2.98 -13.41 -25.02
CA LYS L 68 3.96 -13.30 -26.10
C LYS L 68 5.13 -14.24 -25.87
N SER L 69 5.58 -14.39 -24.62
CA SER L 69 6.79 -15.14 -24.34
C SER L 69 6.57 -16.64 -24.47
N PHE L 70 5.44 -17.15 -23.96
CA PHE L 70 5.16 -18.59 -23.93
C PHE L 70 3.88 -18.89 -24.69
N PRO L 71 3.97 -19.14 -26.00
CA PRO L 71 2.78 -19.55 -26.74
C PRO L 71 2.14 -20.82 -26.21
N ILE L 72 2.94 -21.77 -25.74
CA ILE L 72 2.43 -23.02 -25.18
C ILE L 72 3.48 -23.58 -24.22
N SER L 73 3.03 -23.98 -23.04
CA SER L 73 3.93 -24.48 -22.02
C SER L 73 4.63 -25.77 -22.46
N HIS L 74 5.84 -25.97 -21.95
CA HIS L 74 6.62 -27.15 -22.34
C HIS L 74 5.96 -28.43 -21.84
N VAL L 75 5.36 -28.41 -20.65
CA VAL L 75 4.77 -29.60 -20.09
C VAL L 75 3.63 -30.10 -20.96
N ARG L 76 2.75 -29.18 -21.39
CA ARG L 76 1.66 -29.56 -22.27
C ARG L 76 2.17 -30.05 -23.62
N PHE L 77 3.22 -29.42 -24.13
CA PHE L 77 3.82 -29.87 -25.38
C PHE L 77 4.34 -31.30 -25.26
N TRP L 78 5.02 -31.60 -24.16
CA TRP L 78 5.55 -32.95 -23.94
C TRP L 78 4.43 -33.96 -23.75
N VAL L 79 3.35 -33.58 -23.07
CA VAL L 79 2.21 -34.48 -22.92
C VAL L 79 1.60 -34.79 -24.28
N LEU L 80 1.43 -33.77 -25.12
CA LEU L 80 0.90 -33.99 -26.46
C LEU L 80 1.82 -34.88 -27.27
N GLN L 81 3.13 -34.67 -27.16
CA GLN L 81 4.09 -35.52 -27.87
C GLN L 81 3.98 -36.97 -27.42
N ILE L 82 3.91 -37.20 -26.11
CA ILE L 82 3.79 -38.56 -25.58
C ILE L 82 2.52 -39.21 -26.10
N ILE L 83 1.41 -38.46 -26.13
CA ILE L 83 0.16 -39.01 -26.65
C ILE L 83 0.30 -39.36 -28.13
N PHE L 84 0.94 -38.48 -28.90
CA PHE L 84 1.05 -38.65 -30.35
C PHE L 84 2.12 -39.66 -30.76
N VAL L 85 2.93 -40.16 -29.85
CA VAL L 85 3.93 -41.17 -30.21
C VAL L 85 3.56 -42.48 -29.51
N SER L 86 2.27 -42.75 -29.39
CA SER L 86 1.79 -44.02 -28.82
C SER L 86 0.67 -44.67 -29.61
N VAL L 87 0.03 -43.97 -30.54
CA VAL L 87 -1.09 -44.56 -31.27
C VAL L 87 -0.70 -45.77 -32.14
N PRO L 88 0.37 -45.71 -32.94
CA PRO L 88 0.65 -46.85 -33.83
C PRO L 88 0.88 -48.17 -33.11
N THR L 89 1.42 -48.14 -31.88
CA THR L 89 1.51 -49.35 -31.09
C THR L 89 0.12 -49.93 -30.81
N LEU L 90 -0.84 -49.07 -30.50
CA LEU L 90 -2.21 -49.52 -30.30
C LEU L 90 -2.81 -50.07 -31.59
N LEU L 91 -2.47 -49.47 -32.72
CA LEU L 91 -2.92 -50.01 -34.01
C LEU L 91 -2.38 -51.41 -34.23
N TYR L 92 -1.09 -51.61 -33.94
CA TYR L 92 -0.51 -52.95 -34.05
C TYR L 92 -1.19 -53.93 -33.10
N LEU L 93 -1.51 -53.48 -31.89
CA LEU L 93 -2.24 -54.32 -30.95
C LEU L 93 -3.60 -54.72 -31.51
N ALA L 94 -4.31 -53.77 -32.12
CA ALA L 94 -5.60 -54.08 -32.71
C ALA L 94 -5.47 -55.09 -33.84
N HIS L 95 -4.45 -54.94 -34.68
CA HIS L 95 -4.25 -55.90 -35.76
C HIS L 95 -3.93 -57.29 -35.21
N VAL L 96 -3.14 -57.35 -34.14
CA VAL L 96 -2.83 -58.64 -33.50
C VAL L 96 -4.10 -59.27 -32.95
N PHE L 97 -4.97 -58.47 -32.34
CA PHE L 97 -6.24 -59.00 -31.84
C PHE L 97 -7.12 -59.50 -32.98
N TYR L 98 -7.11 -58.81 -34.12
CA TYR L 98 -7.83 -59.29 -35.29
C TYR L 98 -7.30 -60.63 -35.76
N VAL L 99 -5.97 -60.78 -35.78
CA VAL L 99 -5.35 -62.05 -36.14
C VAL L 99 -5.77 -63.15 -35.16
N MET L 100 -5.84 -62.81 -33.87
CA MET L 100 -6.28 -63.78 -32.87
C MET L 100 -7.72 -64.21 -33.11
N ARG L 101 -8.59 -63.26 -33.45
CA ARG L 101 -9.98 -63.60 -33.75
C ARG L 101 -10.07 -64.53 -34.96
N LYS L 102 -9.30 -64.23 -36.01
CA LYS L 102 -9.29 -65.10 -37.19
C LYS L 102 -8.79 -66.49 -36.82
N GLU L 103 -7.76 -66.57 -35.97
CA GLU L 103 -7.25 -67.86 -35.52
C GLU L 103 -8.31 -68.64 -34.76
N GLU L 104 -9.05 -67.98 -33.88
CA GLU L 104 -10.08 -68.66 -33.11
C GLU L 104 -11.19 -69.18 -34.02
N LYS L 105 -11.61 -68.38 -35.00
CA LYS L 105 -12.65 -68.84 -35.90
C LYS L 105 -12.18 -70.00 -36.76
N LEU L 106 -10.94 -69.95 -37.26
CA LEU L 106 -10.42 -71.05 -38.06
C LEU L 106 -10.27 -72.32 -37.23
N ASN L 107 -9.84 -72.18 -35.97
CA ASN L 107 -9.76 -73.33 -35.08
C ASN L 107 -11.14 -73.94 -34.83
N LYS L 108 -12.15 -73.09 -34.66
CA LYS L 108 -13.51 -73.60 -34.49
C LYS L 108 -13.96 -74.37 -35.73
N LYS L 109 -13.69 -73.83 -36.91
CA LYS L 109 -14.09 -74.52 -38.15
C LYS L 109 -13.36 -75.85 -38.30
N GLU L 110 -12.06 -75.89 -37.97
CA GLU L 110 -11.35 -77.15 -38.14
C GLU L 110 -11.81 -78.18 -37.10
N GLU L 111 -12.05 -77.73 -35.87
CA GLU L 111 -12.60 -78.65 -34.87
C GLU L 111 -13.93 -79.20 -35.33
N GLU L 112 -14.73 -78.37 -36.01
CA GLU L 112 -15.98 -78.85 -36.58
C GLU L 112 -15.73 -79.92 -37.64
N LEU L 113 -14.71 -79.71 -38.49
CA LEU L 113 -14.43 -80.67 -39.55
C LEU L 113 -14.04 -82.02 -38.99
N LYS L 114 -13.20 -82.04 -37.95
CA LYS L 114 -12.69 -83.29 -37.39
C LYS L 114 -13.78 -84.03 -36.63
N MET L 125 -9.59 -82.04 -48.71
CA MET L 125 -8.86 -80.86 -49.15
C MET L 125 -9.08 -79.68 -48.21
N HIS L 126 -10.12 -79.79 -47.37
CA HIS L 126 -10.39 -78.73 -46.40
C HIS L 126 -9.26 -78.60 -45.40
N LEU L 127 -8.67 -79.73 -44.99
CA LEU L 127 -7.51 -79.67 -44.10
C LEU L 127 -6.35 -78.92 -44.75
N LYS L 128 -6.15 -79.13 -46.06
CA LYS L 128 -5.06 -78.46 -46.75
C LYS L 128 -5.24 -76.95 -46.72
N GLN L 129 -6.45 -76.46 -47.03
CA GLN L 129 -6.68 -75.03 -47.05
C GLN L 129 -6.64 -74.44 -45.64
N ILE L 130 -7.13 -75.19 -44.64
CA ILE L 130 -7.05 -74.73 -43.26
C ILE L 130 -5.59 -74.56 -42.86
N GLU L 131 -4.75 -75.55 -43.18
CA GLU L 131 -3.34 -75.47 -42.84
C GLU L 131 -2.64 -74.34 -43.59
N ILE L 132 -2.97 -74.15 -44.86
CA ILE L 132 -2.31 -73.09 -45.62
C ILE L 132 -2.73 -71.71 -45.10
N LYS L 133 -3.98 -71.57 -44.64
CA LYS L 133 -4.41 -70.31 -44.04
C LYS L 133 -3.77 -70.10 -42.69
N LYS L 134 -3.54 -71.18 -41.94
CA LYS L 134 -2.92 -71.04 -40.62
C LYS L 134 -1.44 -70.70 -40.75
N PHE L 135 -0.79 -71.20 -41.81
CA PHE L 135 0.61 -70.86 -42.06
C PHE L 135 0.73 -69.45 -42.62
N LYS L 136 -0.21 -69.03 -43.47
CA LYS L 136 -0.11 -67.71 -44.09
C LYS L 136 -0.16 -66.61 -43.04
N TYR L 137 -1.05 -66.74 -42.05
CA TYR L 137 -1.13 -65.79 -40.96
C TYR L 137 -0.12 -66.06 -39.85
N GLY L 138 0.69 -67.11 -39.99
CA GLY L 138 1.67 -67.44 -38.97
C GLY L 138 1.08 -67.92 -37.66
N ILE L 139 -0.01 -68.68 -37.71
CA ILE L 139 -0.68 -69.19 -36.52
C ILE L 139 -0.61 -70.71 -36.60
N GLU L 140 0.37 -71.30 -35.91
CA GLU L 140 0.57 -72.74 -35.92
C GLU L 140 0.49 -73.36 -34.54
N GLU L 141 1.10 -72.74 -33.53
CA GLU L 141 1.24 -73.34 -32.21
C GLU L 141 0.14 -72.91 -31.24
N HIS L 142 -0.86 -72.15 -31.72
CA HIS L 142 -1.95 -71.67 -30.89
C HIS L 142 -1.42 -70.84 -29.71
N GLY L 143 -0.80 -69.71 -30.07
CA GLY L 143 -0.24 -68.82 -29.06
C GLY L 143 1.18 -68.39 -29.37
N LYS L 144 1.64 -68.67 -30.59
CA LYS L 144 2.99 -68.32 -31.04
C LYS L 144 2.92 -67.58 -32.36
N VAL L 145 2.06 -66.56 -32.41
CA VAL L 145 1.86 -65.80 -33.64
C VAL L 145 3.18 -65.20 -34.11
N LYS L 146 3.51 -65.42 -35.38
CA LYS L 146 4.73 -64.94 -35.99
C LYS L 146 4.42 -63.78 -36.92
N MET L 147 5.46 -62.99 -37.21
CA MET L 147 5.32 -61.84 -38.09
C MET L 147 5.65 -62.27 -39.53
N ARG L 148 4.64 -62.20 -40.40
CA ARG L 148 4.83 -62.60 -41.79
C ARG L 148 3.70 -62.02 -42.63
N GLY L 149 4.07 -61.30 -43.68
CA GLY L 149 3.09 -60.81 -44.65
C GLY L 149 2.41 -59.51 -44.27
N GLY L 150 1.46 -59.56 -43.35
CA GLY L 150 0.70 -58.39 -43.00
C GLY L 150 1.14 -57.75 -41.70
N LEU L 151 1.43 -58.58 -40.69
CA LEU L 151 1.92 -58.07 -39.42
C LEU L 151 3.24 -57.34 -39.60
N LEU L 152 4.14 -57.87 -40.44
CA LEU L 152 5.41 -57.21 -40.70
C LEU L 152 5.19 -55.84 -41.34
N ARG L 153 4.28 -55.76 -42.31
CA ARG L 153 3.97 -54.49 -42.96
C ARG L 153 3.41 -53.48 -41.97
N THR L 154 2.48 -53.93 -41.12
CA THR L 154 1.91 -53.04 -40.12
C THR L 154 2.97 -52.57 -39.14
N TYR L 155 3.87 -53.47 -38.73
CA TYR L 155 4.94 -53.10 -37.80
C TYR L 155 5.86 -52.06 -38.41
N ILE L 156 6.23 -52.25 -39.68
CA ILE L 156 7.13 -51.31 -40.35
C ILE L 156 6.47 -49.95 -40.49
N ILE L 157 5.21 -49.92 -40.91
CA ILE L 157 4.55 -48.63 -41.09
C ILE L 157 4.34 -47.94 -39.74
N SER L 158 4.08 -48.71 -38.69
CA SER L 158 3.97 -48.13 -37.34
C SER L 158 5.28 -47.50 -36.90
N ILE L 159 6.39 -48.19 -37.13
CA ILE L 159 7.70 -47.65 -36.76
C ILE L 159 7.98 -46.36 -37.53
N LEU L 160 7.68 -46.36 -38.83
CA LEU L 160 7.92 -45.16 -39.63
C LEU L 160 7.05 -43.99 -39.15
N PHE L 161 5.78 -44.26 -38.86
CA PHE L 161 4.90 -43.20 -38.37
C PHE L 161 5.38 -42.64 -37.05
N LYS L 162 5.80 -43.51 -36.14
CA LYS L 162 6.33 -43.04 -34.85
C LYS L 162 7.56 -42.15 -35.06
N SER L 163 8.47 -42.59 -35.93
CA SER L 163 9.69 -41.81 -36.15
C SER L 163 9.37 -40.44 -36.75
N ILE L 164 8.47 -40.40 -37.74
CA ILE L 164 8.18 -39.12 -38.38
C ILE L 164 7.44 -38.20 -37.42
N PHE L 165 6.54 -38.74 -36.59
CA PHE L 165 5.89 -37.90 -35.60
C PHE L 165 6.89 -37.31 -34.62
N GLU L 166 7.84 -38.12 -34.15
CA GLU L 166 8.82 -37.62 -33.20
C GLU L 166 9.69 -36.53 -33.83
N VAL L 167 10.15 -36.75 -35.06
CA VAL L 167 11.02 -35.75 -35.69
C VAL L 167 10.24 -34.46 -35.98
N ALA L 168 8.96 -34.59 -36.34
CA ALA L 168 8.15 -33.39 -36.58
C ALA L 168 7.97 -32.59 -35.31
N PHE L 169 7.67 -33.27 -34.19
CA PHE L 169 7.54 -32.55 -32.92
C PHE L 169 8.85 -31.89 -32.52
N LEU L 170 9.98 -32.58 -32.71
CA LEU L 170 11.27 -31.99 -32.40
C LEU L 170 11.53 -30.75 -33.22
N LEU L 171 11.23 -30.80 -34.53
CA LEU L 171 11.43 -29.63 -35.38
C LEU L 171 10.54 -28.47 -34.95
N ILE L 172 9.29 -28.76 -34.60
CA ILE L 172 8.39 -27.70 -34.15
C ILE L 172 8.94 -27.03 -32.89
N GLN L 173 9.40 -27.84 -31.93
CA GLN L 173 9.95 -27.27 -30.70
C GLN L 173 11.20 -26.45 -30.99
N TRP L 174 12.05 -26.92 -31.90
CA TRP L 174 13.25 -26.16 -32.25
C TRP L 174 12.88 -24.81 -32.87
N TYR L 175 11.89 -24.80 -33.75
CA TYR L 175 11.51 -23.54 -34.39
C TYR L 175 10.88 -22.58 -33.40
N ILE L 176 10.04 -23.07 -32.49
CA ILE L 176 9.29 -22.16 -31.63
C ILE L 176 10.19 -21.56 -30.56
N TYR L 177 10.74 -22.40 -29.69
CA TYR L 177 11.47 -21.94 -28.51
C TYR L 177 12.98 -21.94 -28.71
N GLY L 178 13.54 -23.06 -29.17
CA GLY L 178 14.97 -23.24 -29.14
C GLY L 178 15.32 -24.35 -28.16
N PHE L 179 16.44 -24.19 -27.45
CA PHE L 179 16.79 -25.17 -26.43
C PHE L 179 17.36 -24.52 -25.18
N SER L 180 17.04 -23.25 -24.93
CA SER L 180 17.47 -22.58 -23.71
C SER L 180 16.53 -21.41 -23.44
N LEU L 181 16.50 -20.97 -22.18
CA LEU L 181 15.67 -19.86 -21.74
C LEU L 181 16.55 -18.80 -21.11
N SER L 182 16.63 -17.63 -21.76
CA SER L 182 17.40 -16.53 -21.20
C SER L 182 16.70 -15.95 -19.97
N ALA L 183 17.52 -15.47 -19.03
CA ALA L 183 16.98 -14.96 -17.78
C ALA L 183 16.17 -13.67 -17.95
N VAL L 184 16.42 -12.92 -19.02
CA VAL L 184 15.74 -11.65 -19.28
C VAL L 184 15.10 -11.71 -20.65
N TYR L 185 13.85 -11.29 -20.74
CA TYR L 185 13.10 -11.29 -21.99
C TYR L 185 12.67 -9.87 -22.33
N THR L 186 12.75 -9.52 -23.61
CA THR L 186 12.36 -8.20 -24.09
C THR L 186 10.98 -8.28 -24.72
N CYS L 187 10.07 -7.43 -24.25
CA CYS L 187 8.67 -7.46 -24.66
C CYS L 187 8.32 -6.17 -25.37
N LYS L 188 7.68 -6.28 -26.54
CA LYS L 188 7.27 -5.12 -27.33
C LYS L 188 5.91 -5.46 -27.95
N ARG L 189 4.84 -5.06 -27.27
CA ARG L 189 3.49 -5.33 -27.71
C ARG L 189 2.54 -4.46 -26.91
N ASP L 190 1.45 -4.04 -27.54
CA ASP L 190 0.49 -3.17 -26.87
C ASP L 190 -0.16 -3.90 -25.70
N PRO L 191 -0.54 -3.18 -24.64
CA PRO L 191 -0.44 -1.72 -24.44
C PRO L 191 0.87 -1.28 -23.78
N CYS L 192 1.89 -2.13 -23.72
CA CYS L 192 3.15 -1.75 -23.09
C CYS L 192 3.80 -0.62 -23.87
N PRO L 193 4.12 0.51 -23.23
CA PRO L 193 4.73 1.63 -23.96
C PRO L 193 6.19 1.34 -24.28
N HIS L 194 6.56 1.51 -25.55
CA HIS L 194 7.93 1.33 -26.04
C HIS L 194 8.33 -0.12 -25.73
N GLN L 195 9.50 -0.37 -25.15
CA GLN L 195 9.94 -1.71 -24.81
C GLN L 195 10.08 -1.82 -23.29
N VAL L 196 9.78 -3.00 -22.77
CA VAL L 196 9.84 -3.27 -21.34
C VAL L 196 10.67 -4.53 -21.12
N ASP L 197 11.16 -4.67 -19.88
CA ASP L 197 11.96 -5.82 -19.49
C ASP L 197 11.15 -6.70 -18.55
N CYS L 198 11.10 -7.99 -18.85
CA CYS L 198 10.41 -8.98 -18.03
C CYS L 198 11.37 -10.11 -17.67
N PHE L 199 11.18 -10.67 -16.48
CA PHE L 199 12.09 -11.67 -15.94
C PHE L 199 11.35 -12.99 -15.75
N LEU L 200 11.96 -14.08 -16.21
CA LEU L 200 11.36 -15.39 -16.15
C LEU L 200 11.51 -15.98 -14.75
N SER L 201 11.14 -17.25 -14.59
CA SER L 201 11.25 -17.95 -13.32
C SER L 201 11.97 -19.28 -13.54
N ARG L 202 12.97 -19.54 -12.70
CA ARG L 202 13.75 -20.77 -12.75
C ARG L 202 14.28 -21.09 -14.16
N PRO L 203 15.05 -20.19 -14.78
CA PRO L 203 15.56 -20.50 -16.12
C PRO L 203 16.48 -21.71 -16.16
N THR L 204 17.31 -21.88 -15.13
CA THR L 204 18.36 -22.90 -15.19
C THR L 204 17.77 -24.31 -15.13
N GLU L 205 16.84 -24.56 -14.21
CA GLU L 205 16.21 -25.86 -14.12
C GLU L 205 15.45 -26.19 -15.40
N LYS L 206 14.76 -25.21 -15.97
CA LYS L 206 14.02 -25.44 -17.19
C LYS L 206 14.96 -25.77 -18.35
N THR L 207 16.08 -25.07 -18.45
CA THR L 207 17.06 -25.40 -19.50
C THR L 207 17.61 -26.81 -19.31
N ILE L 208 17.93 -27.18 -18.07
CA ILE L 208 18.48 -28.50 -17.81
C ILE L 208 17.48 -29.58 -18.21
N PHE L 209 16.21 -29.39 -17.84
CA PHE L 209 15.21 -30.40 -18.15
C PHE L 209 14.91 -30.46 -19.65
N ILE L 210 14.95 -29.31 -20.33
CA ILE L 210 14.77 -29.30 -21.77
C ILE L 210 15.88 -30.09 -22.46
N ILE L 211 17.13 -29.88 -22.03
CA ILE L 211 18.24 -30.62 -22.62
C ILE L 211 18.10 -32.11 -22.33
N PHE L 212 17.67 -32.45 -21.11
CA PHE L 212 17.48 -33.85 -20.76
C PHE L 212 16.43 -34.51 -21.65
N MET L 213 15.30 -33.82 -21.85
CA MET L 213 14.25 -34.36 -22.71
C MET L 213 14.71 -34.50 -24.15
N LEU L 214 15.50 -33.53 -24.63
CA LEU L 214 16.04 -33.65 -25.99
C LEU L 214 16.93 -34.87 -26.12
N VAL L 215 17.79 -35.12 -25.13
CA VAL L 215 18.65 -36.30 -25.16
C VAL L 215 17.81 -37.57 -25.15
N VAL L 216 16.78 -37.61 -24.32
CA VAL L 216 15.93 -38.80 -24.26
C VAL L 216 15.25 -39.05 -25.59
N SER L 217 14.74 -37.98 -26.22
CA SER L 217 14.08 -38.13 -27.52
C SER L 217 15.05 -38.64 -28.57
N LEU L 218 16.27 -38.11 -28.59
CA LEU L 218 17.27 -38.60 -29.55
C LEU L 218 17.60 -40.06 -29.32
N VAL L 219 17.72 -40.47 -28.06
CA VAL L 219 18.01 -41.86 -27.74
C VAL L 219 16.88 -42.76 -28.23
N SER L 220 15.63 -42.34 -28.01
CA SER L 220 14.49 -43.13 -28.49
C SER L 220 14.49 -43.23 -30.01
N LEU L 221 14.81 -42.13 -30.70
CA LEU L 221 14.88 -42.17 -32.15
C LEU L 221 15.92 -43.17 -32.64
N ALA L 222 17.11 -43.14 -32.02
CA ALA L 222 18.14 -44.09 -32.41
C ALA L 222 17.71 -45.52 -32.12
N LEU L 223 17.04 -45.74 -30.99
CA LEU L 223 16.60 -47.09 -30.64
C LEU L 223 15.60 -47.63 -31.65
N ASN L 224 14.63 -46.82 -32.06
CA ASN L 224 13.66 -47.33 -33.03
C ASN L 224 14.28 -47.48 -34.41
N ILE L 225 15.28 -46.66 -34.75
CA ILE L 225 16.01 -46.88 -36.00
C ILE L 225 16.71 -48.23 -35.98
N ILE L 226 17.37 -48.54 -34.86
CA ILE L 226 18.03 -49.85 -34.72
C ILE L 226 17.02 -50.98 -34.82
N GLU L 227 15.85 -50.80 -34.19
CA GLU L 227 14.81 -51.83 -34.26
C GLU L 227 14.34 -52.05 -35.69
N LEU L 228 14.15 -50.96 -36.45
CA LEU L 228 13.75 -51.09 -37.84
C LEU L 228 14.81 -51.82 -38.67
N PHE L 229 16.08 -51.48 -38.46
CA PHE L 229 17.14 -52.15 -39.20
C PHE L 229 17.18 -53.64 -38.87
N TYR L 230 17.04 -53.98 -37.58
CA TYR L 230 17.07 -55.38 -37.17
C TYR L 230 15.89 -56.15 -37.76
N VAL L 231 14.70 -55.55 -37.76
CA VAL L 231 13.55 -56.27 -38.29
C VAL L 231 13.66 -56.42 -39.81
N PHE L 232 14.25 -55.44 -40.50
CA PHE L 232 14.48 -55.59 -41.93
C PHE L 232 15.47 -56.73 -42.19
N PHE L 233 16.54 -56.82 -41.40
CA PHE L 233 17.48 -57.92 -41.57
C PHE L 233 16.81 -59.27 -41.30
N LYS L 234 15.96 -59.33 -40.28
CA LYS L 234 15.24 -60.57 -39.98
C LYS L 234 14.32 -60.95 -41.13
N GLY L 235 13.64 -59.97 -41.74
CA GLY L 235 12.83 -60.26 -42.90
C GLY L 235 13.65 -60.77 -44.08
N VAL L 236 14.83 -60.18 -44.29
CA VAL L 236 15.71 -60.65 -45.36
C VAL L 236 16.21 -62.07 -45.08
N LYS L 237 16.32 -62.43 -43.80
CA LYS L 237 16.80 -63.77 -43.45
C LYS L 237 15.97 -64.87 -44.10
N ASP L 238 14.65 -64.67 -44.17
CA ASP L 238 13.78 -65.67 -44.78
C ASP L 238 14.02 -65.76 -46.29
C1 PIO M . 36.59 59.74 24.91
O1 PIO M . 35.64 58.78 25.48
P1 PIO M . 34.57 57.96 24.60
C2 PIO M . 37.81 59.77 25.83
O2 PIO M . 38.41 58.47 25.88
C3 PIO M . 37.42 60.21 27.22
O3 PIO M . 36.50 59.28 27.78
C4 PIO M . 36.81 61.60 27.18
O4 PIO M . 37.79 62.54 26.64
P4 PIO M . 39.16 62.95 27.41
C5 PIO M . 35.59 61.62 26.27
O5 PIO M . 34.56 60.75 26.85
P5 PIO M . 33.77 61.06 28.23
C6 PIO M . 35.92 61.11 24.87
O6 PIO M . 36.80 62.04 24.23
O11 PIO M . 33.56 57.32 25.50
O12 PIO M . 34.07 58.81 23.45
O13 PIO M . 35.50 56.79 24.00
C1A PIO M . 38.83 55.91 22.78
O1A PIO M . 39.22 56.34 21.73
C1B PIO M . 37.69 51.79 23.98
O1B PIO M . 38.38 50.97 23.45
C1C PIO M . 36.39 56.08 24.90
C2A PIO M . 39.65 55.91 24.04
C2B PIO M . 37.50 51.89 25.48
C2C PIO M . 37.10 54.95 24.18
O2C PIO M . 37.59 55.38 22.89
C3A PIO M . 40.95 56.66 23.91
C3B PIO M . 38.72 52.39 26.22
C3C PIO M . 36.25 53.70 24.04
O3C PIO M . 36.99 52.70 23.30
O41 PIO M . 39.74 64.11 26.63
O42 PIO M . 38.74 63.36 28.82
O43 PIO M . 40.08 61.76 27.41
C4A PIO M . 42.13 55.77 23.55
C4B PIO M . 39.92 51.46 26.07
O51 PIO M . 32.64 60.06 28.30
O52 PIO M . 34.76 60.89 29.37
O53 PIO M . 33.26 62.49 28.12
C5A PIO M . 42.03 55.05 22.22
C5B PIO M . 41.18 51.99 26.69
C6A PIO M . 43.28 54.36 21.76
C6B PIO M . 42.37 51.06 26.55
C7A PIO M . 43.80 53.18 22.55
C7B PIO M . 42.72 50.72 25.12
C8A PIO M . 44.69 53.50 23.73
C8B PIO M . 43.90 49.80 24.99
C1 PIO N . 37.71 63.60 -7.81
O1 PIO N . 37.74 62.46 -6.89
P1 PIO N . 36.48 61.52 -6.57
C2 PIO N . 39.11 63.78 -8.37
O2 PIO N . 39.51 62.60 -9.07
C3 PIO N . 40.10 64.07 -7.25
O3 PIO N . 40.15 62.97 -6.36
C4 PIO N . 39.69 65.34 -6.51
O4 PIO N . 39.70 66.46 -7.46
P4 PIO N . 41.04 67.05 -8.14
C5 PIO N . 38.29 65.19 -5.95
O5 PIO N . 38.30 64.13 -4.93
P5 PIO N . 39.07 64.24 -3.52
C6 PIO N . 37.28 64.83 -7.03
O6 PIO N . 37.14 65.94 -7.93
O11 PIO N . 36.77 60.66 -5.38
O12 PIO N . 35.21 62.34 -6.59
O13 PIO N . 36.49 60.57 -7.87
C1A PIO N . 37.16 60.33 -11.44
O1A PIO N . 36.45 60.88 -12.23
C1B PIO N . 37.78 56.02 -10.60
O1B PIO N . 37.70 55.35 -11.59
C1C PIO N . 37.75 59.96 -8.29
C2A PIO N . 38.67 60.41 -11.51
C2B PIO N . 38.97 56.00 -9.66
C2C PIO N . 37.52 59.02 -9.44
O2C PIO N . 36.64 59.60 -10.45
C3A PIO N . 39.18 61.37 -12.54
C3B PIO N . 40.20 56.65 -10.23
C3C PIO N . 37.02 57.65 -9.02
O3C PIO N . 36.80 56.84 -10.19
O41 PIO N . 40.61 68.34 -8.83
O42 PIO N . 42.02 67.30 -7.01
O43 PIO N . 41.56 66.03 -9.13
C4A PIO N . 39.51 60.72 -13.87
C4B PIO N . 40.72 55.95 -11.47
O51 PIO N . 38.60 63.05 -2.69
O52 PIO N . 40.56 64.18 -3.79
O53 PIO N . 38.66 65.56 -2.90
C5A PIO N . 38.35 60.06 -14.58
C5B PIO N . 41.88 56.64 -12.13
C6A PIO N . 38.61 59.62 -16.01
C6B PIO N . 42.40 55.95 -13.38
C7A PIO N . 39.60 58.50 -16.24
C7B PIO N . 41.37 55.76 -14.44
C8A PIO N . 41.05 58.91 -16.33
C8B PIO N . 41.89 55.07 -15.68
C1 PIO O . 10.00 69.41 -24.68
O1 PIO O . 10.85 68.24 -24.43
P1 PIO O . 10.50 67.09 -23.37
C2 PIO O . 10.21 69.86 -26.12
O2 PIO O . 9.86 68.81 -27.01
C3 PIO O . 11.66 70.26 -26.33
O3 PIO O . 12.51 69.13 -26.10
C4 PIO O . 12.04 71.39 -25.39
O4 PIO O . 11.20 72.55 -25.67
P4 PIO O . 11.26 73.40 -27.04
C5 PIO O . 11.83 70.98 -23.94
O5 PIO O . 12.74 69.89 -23.61
P5 PIO O . 14.35 70.04 -23.54
C6 PIO O . 10.39 70.52 -23.71
O6 PIO O . 9.51 71.63 -23.86
O11 PIO O . 11.72 66.23 -23.16
O12 PIO O . 9.82 67.69 -22.17
O13 PIO O . 9.44 66.23 -24.21
C1A PIO O . 6.71 66.31 -26.63
O1A PIO O . 5.65 66.77 -26.33
C1B PIO O . 7.92 62.13 -27.47
O1B PIO O . 7.05 61.51 -28.03
C1C PIO O . 9.74 65.87 -25.58
C2A PIO O . 7.42 66.64 -27.92
C2B PIO O . 9.33 62.26 -28.00
C2C PIO O . 8.67 64.97 -26.15
O2C PIO O . 7.33 65.44 -25.81
C3A PIO O . 6.76 67.73 -28.70
C3B PIO O . 9.45 63.13 -29.22
C3C PIO O . 8.84 63.51 -25.74
O3C PIO O . 7.74 62.74 -26.30
O41 PIO O . 10.41 74.63 -26.82
O42 PIO O . 12.72 73.74 -27.26
O43 PIO O . 10.71 72.54 -28.17
C4A PIO O . 5.80 67.22 -29.78
C4B PIO O . 8.67 62.60 -30.42
O51 PIO O . 14.86 68.74 -22.94
O52 PIO O . 14.87 70.24 -24.95
O53 PIO O . 14.62 71.23 -22.65
C5A PIO O . 4.63 66.42 -29.27
C5B PIO O . 8.66 63.53 -31.61
C6A PIO O . 3.56 66.11 -30.29
C6B PIO O . 7.89 63.00 -32.80
C7A PIO O . 3.91 65.19 -31.44
C7B PIO O . 6.45 62.69 -32.50
C8A PIO O . 4.55 65.84 -32.65
C8B PIO O . 5.69 62.17 -33.68
C1 PIO P . -18.89 71.37 -8.84
O1 PIO P . -18.21 70.36 -9.64
P1 PIO P . -17.42 69.10 -9.01
C2 PIO P . -20.03 71.93 -9.68
O2 PIO P . -20.95 70.88 -10.02
C3 PIO P . -19.50 72.58 -10.95
O3 PIO P . -18.83 71.59 -11.74
C4 PIO P . -18.54 73.71 -10.59
O4 PIO P . -19.27 74.71 -9.82
P4 PIO P . -20.45 75.64 -10.42
C5 PIO P . -17.39 73.19 -9.74
O5 PIO P . -16.60 72.24 -10.54
P5 PIO P . -15.72 72.66 -11.84
C6 PIO P . -17.90 72.47 -8.50
O6 PIO P . -18.52 73.41 -7.62
O11 PIO P . -16.58 68.45 -10.09
O12 PIO P . -16.76 69.51 -7.73
O13 PIO P . -18.64 68.11 -8.69
C1A PIO P . -22.11 67.87 -7.61
O1A PIO P . -22.42 68.12 -6.47
C1B PIO P . -22.06 64.01 -9.78
O1B PIO P . -22.96 63.29 -9.43
C1C PIO P . -19.66 67.90 -9.71
C2A PIO P . -22.88 68.38 -8.80
C2B PIO P . -21.81 64.40 -11.22
C2C PIO P . -20.66 66.85 -9.24
O2C PIO P . -21.06 67.08 -7.87
C3A PIO P . -23.93 69.39 -8.45
C3B PIO P . -22.83 65.36 -11.78
C3C PIO P . -20.17 65.43 -9.43
O3C PIO P . -21.16 64.51 -8.93
O41 PIO P . -20.73 76.69 -9.37
O42 PIO P . -19.89 76.24 -11.70
O43 PIO P . -21.65 74.76 -10.67
C4A PIO P . -25.32 68.78 -8.27
C4B PIO P . -24.23 64.77 -11.82
O51 PIO P . -14.89 71.44 -12.19
O52 PIO P . -16.68 73.03 -12.95
O53 PIO P . -14.86 73.83 -11.41
C5A PIO P . -25.45 67.78 -7.15
C5B PIO P . -25.29 65.74 -12.26
C6A PIO P . -26.86 67.34 -6.83
C6B PIO P . -26.68 65.15 -12.30
C7A PIO P . -27.63 66.55 -7.88
C7B PIO P . -27.16 64.58 -10.99
C8A PIO P . -28.37 67.37 -8.91
C8B PIO P . -28.54 64.00 -11.04
C1 PIO Q . -19.99 67.51 23.90
O1 PIO Q . -20.30 66.67 22.72
P1 PIO Q . -19.30 65.54 22.16
C2 PIO Q . -21.31 67.90 24.53
O2 PIO Q . -22.03 66.75 24.94
C3 PIO Q . -22.15 68.71 23.55
O3 PIO Q . -22.47 67.90 22.41
C4 PIO Q . -21.41 69.96 23.11
O4 PIO Q . -21.14 70.79 24.29
P4 PIO Q . -22.31 71.53 25.14
C5 PIO Q . -20.07 69.60 22.47
O5 PIO Q . -20.32 68.84 21.24
P5 PIO Q . -21.00 69.48 19.93
C6 PIO Q . -19.23 68.74 23.42
O6 PIO Q . -18.83 69.52 24.55
O11 PIO Q . -19.77 65.09 20.80
O12 PIO Q . -17.88 65.97 22.33
O13 PIO Q . -19.60 64.34 23.19
C1A PIO Q . -20.44 63.44 26.63
O1A PIO Q . -19.63 63.58 27.51
C1B PIO Q . -22.13 59.78 24.80
O1B PIO Q . -22.26 58.89 25.61
C1C PIO Q . -20.98 64.00 23.49
C2A PIO Q . -21.87 63.89 26.76
C2B PIO Q . -23.25 60.29 23.93
C2C PIO Q . -21.06 62.79 24.39
O2C PIO Q . -20.09 62.86 25.47
C3A PIO Q . -22.15 64.68 28.01
C3B PIO Q . -24.29 61.08 24.68
C3C PIO Q . -20.91 61.48 23.63
O3C PIO Q . -20.96 60.38 24.57
O41 PIO Q . -21.58 72.46 26.10
O42 PIO Q . -23.15 72.29 24.13
O43 PIO Q . -23.10 70.47 25.88
C4A PIO Q . -22.68 63.84 29.15
C4B PIO Q . -25.01 60.27 25.73
O51 PIO Q . -20.83 68.44 18.83
O52 PIO Q . -22.47 69.75 20.23
O53 PIO Q . -20.24 70.76 19.63
C5A PIO Q . -21.74 62.76 29.65
C5B PIO Q . -25.97 61.07 26.58
C6A PIO Q . -22.17 62.07 30.93
C6B PIO Q . -26.69 60.26 27.62
C7A PIO Q . -23.43 61.24 30.92
C7B PIO Q . -25.78 59.55 28.59
C8A PIO Q . -24.72 61.97 31.16
C8B PIO Q . -26.50 58.75 29.64
C1 PIO R . 7.74 61.69 40.77
O1 PIO R . 6.61 60.88 40.29
P1 PIO R . 6.67 59.96 38.97
C2 PIO R . 7.60 61.82 42.28
O2 PIO R . 7.63 60.53 42.89
C3 PIO R . 6.29 62.52 42.63
O3 PIO R . 5.19 61.74 42.17
C4 PIO R . 6.25 63.91 42.00
O4 PIO R . 7.37 64.70 42.52
P4 PIO R . 7.47 65.19 44.06
C5 PIO R . 6.39 63.81 40.49
O5 PIO R . 5.23 63.10 39.94
P5 PIO R . 3.73 63.69 39.95
C6 PIO R . 7.66 63.06 40.10
O6 PIO R . 8.81 63.83 40.48
O11 PIO R . 5.28 59.52 38.60
O12 PIO R . 7.52 60.63 37.92
O13 PIO R . 7.45 58.68 39.53
C1A PIO R . 10.02 57.46 41.82
O1A PIO R . 11.18 57.69 41.61
C1B PIO R . 7.73 53.67 41.69
O1B PIO R . 8.40 52.73 42.05
C1C PIO R . 7.02 58.10 40.80
C2A PIO R . 9.38 57.66 43.18
C2B PIO R . 6.39 54.03 42.28
C2C PIO R . 7.79 56.84 41.10
O2C PIO R . 9.21 57.01 40.84
C3A PIO R . 10.28 58.32 44.18
C3B PIO R . 6.48 54.59 43.67
C3C PIO R . 7.28 55.61 40.36
O3C PIO R . 8.10 54.48 40.69
O41 PIO R . 8.63 66.17 44.10
O42 PIO R . 6.15 65.84 44.39
O43 PIO R . 7.74 63.97 44.92
C4A PIO R . 11.03 57.34 45.07
C4B PIO R . 7.04 53.61 44.67
O51 PIO R . 2.92 62.74 39.08
O52 PIO R . 3.23 63.68 41.39
O53 PIO R . 3.80 65.09 39.38
C5A PIO R . 11.98 56.40 44.34
C5B PIO R . 7.25 54.19 46.05
C6A PIO R . 12.90 55.58 45.23
C6B PIO R . 7.82 53.22 47.05
C7A PIO R . 12.28 54.54 46.14
C7B PIO R . 9.14 52.62 46.65
C8A PIO R . 11.80 55.03 47.49
C8B PIO R . 9.70 51.65 47.65
C1 PIO S . 15.76 -66.18 -29.99
O1 PIO S . 14.97 -65.01 -30.38
P1 PIO S . 14.32 -63.98 -29.33
C2 PIO S . 16.74 -66.48 -31.11
O2 PIO S . 17.61 -65.37 -31.30
C3 PIO S . 16.00 -66.80 -32.39
O3 PIO S . 15.24 -65.65 -32.79
C4 PIO S . 15.09 -67.99 -32.20
O4 PIO S . 15.91 -69.15 -31.84
P4 PIO S . 16.95 -69.87 -32.84
C5 PIO S . 14.10 -67.74 -31.09
O5 PIO S . 13.21 -66.63 -31.48
P5 PIO S . 12.13 -66.72 -32.67
C6 PIO S . 14.80 -67.36 -29.79
O6 PIO S . 15.53 -68.48 -29.30
O11 PIO S . 13.34 -63.10 -30.05
O12 PIO S . 13.86 -64.72 -28.10
O13 PIO S . 15.61 -63.09 -28.95
C1A PIO S . 19.21 -63.06 -28.41
O1A PIO S . 19.68 -63.59 -27.44
C1B PIO S . 18.89 -58.76 -29.46
O1B PIO S . 19.85 -58.15 -29.08
C1C PIO S . 16.45 -62.59 -30.03
C2A PIO S . 19.76 -63.23 -29.80
C2B PIO S . 18.40 -58.78 -30.89
C2C PIO S . 17.53 -61.68 -29.47
O2C PIO S . 18.14 -62.24 -28.28
C3A PIO S . 20.84 -64.27 -29.90
C3B PIO S . 19.31 -59.53 -31.84
C3C PIO S . 17.04 -60.27 -29.19
O3C PIO S . 18.13 -59.49 -28.64
O41 PIO S . 17.37 -71.15 -32.16
O42 PIO S . 16.20 -70.13 -34.13
O43 PIO S . 18.13 -68.92 -33.05
C4A PIO S . 22.25 -63.70 -29.78
C4B PIO S . 20.70 -58.93 -31.94
O51 PIO S . 11.28 -65.47 -32.56
O52 PIO S . 12.88 -66.77 -33.99
O53 PIO S . 11.33 -67.98 -32.44
C5A PIO S . 22.57 -63.02 -28.48
C5B PIO S . 21.66 -59.73 -32.78
C6A PIO S . 24.03 -62.65 -28.27
C6B PIO S . 23.04 -59.12 -32.88
C7A PIO S . 24.65 -61.61 -29.18
C7B PIO S . 23.72 -58.91 -31.56
C8A PIO S . 25.19 -62.11 -30.50
C8B PIO S . 25.10 -58.31 -31.67
C1 PIO T . 22.07 -70.96 2.01
O1 PIO T . 22.20 -69.85 1.08
P1 PIO T . 21.17 -68.62 0.99
C2 PIO T . 23.47 -71.49 2.31
O2 PIO T . 24.26 -70.46 2.90
C3 PIO T . 24.12 -71.99 1.04
O3 PIO T . 24.27 -70.91 0.12
C4 PIO T . 23.30 -73.10 0.41
O4 PIO T . 23.21 -74.21 1.37
P4 PIO T . 24.47 -75.13 1.79
C5 PIO T . 21.88 -72.61 0.11
O5 PIO T . 21.95 -71.56 -0.91
P5 PIO T . 22.40 -71.81 -2.44
C6 PIO T . 21.22 -72.05 1.37
O6 PIO T . 20.99 -73.10 2.30
O11 PIO T . 21.42 -67.84 -0.26
O12 PIO T . 19.76 -69.11 1.26
O13 PIO T . 21.65 -67.73 2.24
C1A PIO T . 23.02 -67.75 5.61
O1A PIO T . 22.35 -68.12 6.54
C1B PIO T . 24.48 -63.70 4.57
O1B PIO T . 24.75 -63.06 5.54
C1C PIO T . 23.07 -67.46 2.39
C2A PIO T . 24.45 -68.18 5.40
C2B PIO T . 25.44 -63.94 3.43
C2C PIO T . 23.31 -66.51 3.55
O2C PIO T . 22.51 -66.88 4.72
C3A PIO T . 24.91 -69.26 6.33
C3B PIO T . 26.57 -64.88 3.76
C3C PIO T . 23.07 -65.06 3.19
O3C PIO T . 23.28 -64.24 4.37
O41 PIO T . 23.89 -76.29 2.57
O42 PIO T . 25.13 -75.58 0.50
O43 PIO T . 25.40 -74.29 2.65
C4A PIO T . 25.63 -68.74 7.57
C4B PIO T . 27.47 -64.36 4.87
O51 PIO T . 22.08 -70.53 -3.18
O52 PIO T . 23.89 -72.12 -2.46
O53 PIO T . 21.58 -72.98 -2.94
C5A PIO T . 24.81 -67.85 8.46
C5B PIO T . 28.54 -65.33 5.31
C6A PIO T . 25.44 -67.51 9.80
C6B PIO T . 29.43 -64.81 6.41
C7A PIO T . 26.69 -66.68 9.81
C7B PIO T . 28.69 -64.40 7.66
C8A PIO T . 28.00 -67.41 9.64
C8B PIO T . 29.59 -63.87 8.75
C1 PIO U . -2.53 -70.33 23.96
O1 PIO U . -1.49 -69.40 23.55
P1 PIO U . -1.73 -68.17 22.54
C2 PIO U . -2.16 -70.86 25.35
O2 PIO U . -2.07 -69.77 26.28
C3 PIO U . -0.83 -71.60 25.30
O3 PIO U . 0.20 -70.70 24.89
C4 PIO U . -0.92 -72.77 24.33
O4 PIO U . -1.96 -73.68 24.79
P4 PIO U . -1.83 -74.57 26.15
C5 PIO U . -1.31 -72.28 22.93
O5 PIO U . -0.23 -71.43 22.41
P5 PIO U . 1.25 -71.96 22.04
C6 PIO U . -2.60 -71.48 22.97
O6 PIO U . -3.69 -72.34 23.30
O11 PIO U . -0.40 -67.63 22.07
O12 PIO U . -2.76 -68.56 21.50
O13 PIO U . -2.39 -67.10 23.53
C1A PIO U . -4.54 -66.58 26.43
O1A PIO U . -5.72 -66.76 26.35
C1B PIO U . -2.22 -62.84 26.93
O1B PIO U . -2.80 -62.04 27.63
C1C PIO U . -1.75 -66.86 24.82
C2A PIO U . -3.70 -67.10 27.57
C2B PIO U . -0.81 -63.31 27.19
C2C PIO U . -2.44 -65.73 25.56
O2C PIO U . -3.89 -65.87 25.49
C3A PIO U . -4.44 -68.03 28.49
C3B PIO U . -0.68 -64.22 28.38
C3C PIO U . -2.02 -64.36 25.10
O3C PIO U . -2.75 -63.35 25.83
O41 PIO U . -2.99 -75.55 26.11
O42 PIO U . -0.49 -75.26 26.09
O43 PIO U . -1.94 -73.62 27.33
C4A PIO U . -5.02 -67.32 29.72
C4B PIO U . -1.07 -63.54 29.69
O51 PIO U . 1.93 -70.81 21.32
O52 PIO U . 1.97 -72.32 23.33
O53 PIO U . 1.06 -73.16 21.14
C5A PIO U . -6.06 -66.25 29.42
C5B PIO U . -1.07 -64.46 30.88
C6A PIO U . -6.80 -65.71 30.61
C6B PIO U . -1.46 -63.80 32.18
C7A PIO U . -6.04 -64.93 31.66
C7B PIO U . -2.82 -63.14 32.15
C8A PIO U . -5.35 -65.75 32.74
C8B PIO U . -3.19 -62.47 33.45
C1 PIO V . -33.47 -64.92 13.91
O1 PIO V . -32.42 -64.12 14.54
P1 PIO V . -31.48 -63.07 13.74
C2 PIO V . -34.53 -65.21 14.95
O2 PIO V . -35.08 -63.98 15.44
C3 PIO V . -33.93 -66.00 16.11
O3 PIO V . -32.92 -65.22 16.74
C4 PIO V . -33.36 -67.31 15.61
O4 PIO V . -34.44 -68.09 15.01
P4 PIO V . -35.68 -68.73 15.84
C5 PIO V . -32.30 -67.06 14.54
O5 PIO V . -31.17 -66.36 15.16
P5 PIO V . -30.19 -67.00 16.27
C6 PIO V . -32.84 -66.22 13.40
O6 PIO V . -33.83 -66.96 12.69
O11 PIO V . -30.33 -62.67 14.62
O12 PIO V . -31.20 -63.59 12.36
O13 PIO V . -32.47 -61.81 13.63
C1A PIO V . -35.93 -60.72 13.22
O1A PIO V . -36.49 -60.86 12.18
C1B PIO V . -34.53 -57.04 15.25
O1B PIO V . -35.28 -56.11 15.07
C1C PIO V . -33.19 -61.38 14.81
C2A PIO V . -36.55 -61.06 14.55
C2B PIO V . -34.11 -57.51 16.63
C2C PIO V . -33.98 -60.12 14.53
O2C PIO V . -34.68 -60.20 13.26
C3A PIO V . -37.87 -61.77 14.43
C3B PIO V . -35.21 -58.21 17.39
C3C PIO V . -33.14 -58.86 14.58
O3C PIO V . -33.97 -57.72 14.27
O41 PIO V . -36.39 -69.65 14.89
O42 PIO V . -35.05 -69.47 17.01
O43 PIO V . -36.56 -67.59 16.31
C4A PIO V . -39.07 -60.85 14.51
C4B PIO V . -36.40 -57.30 17.68
O51 PIO V . -29.04 -66.03 16.43
O52 PIO V . -30.98 -67.16 17.56
O53 PIO V . -29.74 -68.34 15.72
C5A PIO V . -39.16 -59.82 13.41
C5B PIO V . -37.56 -57.99 18.34
C6A PIO V . -40.47 -59.04 13.35
C6B PIO V . -38.73 -57.10 18.63
C7A PIO V . -40.82 -58.13 14.50
C7B PIO V . -39.30 -56.40 17.41
C8A PIO V . -41.52 -58.76 15.67
C8B PIO V . -40.47 -55.50 17.71
C1 PIO W . -39.78 -60.14 -18.10
O1 PIO W . -39.66 -59.28 -16.93
P1 PIO W . -38.33 -58.42 -16.59
C2 PIO W . -41.26 -60.20 -18.47
O2 PIO W . -41.75 -58.88 -18.76
C3 PIO W . -42.08 -60.80 -17.33
O3 PIO W . -41.96 -59.96 -16.18
C4 PIO W . -41.58 -62.19 -17.01
O4 PIO W . -41.75 -63.03 -18.21
P4 PIO W . -43.20 -63.46 -18.81
C5 PIO W . -40.11 -62.18 -16.65
O5 PIO W . -39.93 -61.42 -15.41
P5 PIO W . -40.48 -61.90 -13.97
C6 PIO W . -39.28 -61.53 -17.76
O6 PIO W . -39.29 -62.35 -18.92
O11 PIO W . -38.42 -57.93 -15.17
O12 PIO W . -37.11 -59.19 -17.00
O13 PIO W . -38.53 -57.17 -17.57
C1A PIO W . -39.75 -56.03 -20.80
O1A PIO W . -39.18 -56.33 -21.81
C1B PIO W . -40.14 -52.10 -18.77
O1B PIO W . -40.20 -51.20 -19.56
C1C PIO W . -39.82 -56.51 -17.61
C2A PIO W . -41.25 -56.11 -20.65
C2B PIO W . -41.16 -52.35 -17.69
C2C PIO W . -39.77 -55.28 -18.50
O2C PIO W . -39.07 -55.56 -19.74
C3A PIO W . -41.94 -56.78 -21.80
C3B PIO W . -42.48 -52.86 -18.21
C3C PIO W . -39.16 -54.07 -17.81
O3C PIO W . -39.12 -52.97 -18.75
O41 PIO W . -42.92 -64.51 -19.86
O42 PIO W . -43.99 -64.02 -17.63
O43 PIO W . -43.85 -62.22 -19.40
C4A PIO W . -42.46 -55.81 -22.85
C4B PIO W . -43.18 -51.87 -19.13
O51 PIO W . -39.86 -60.96 -12.95
O52 PIO W . -41.99 -61.81 -13.98
O53 PIO W . -40.00 -63.33 -13.79
C5A PIO W . -41.41 -54.98 -23.54
C5B PIO W . -44.44 -52.39 -19.76
C6A PIO W . -41.88 -54.18 -24.73
C6B PIO W . -45.13 -51.40 -20.68
C7A PIO W . -42.88 -53.06 -24.50
C7B PIO W . -44.28 -50.91 -21.81
C8A PIO W . -44.33 -53.45 -24.48
C8B PIO W . -44.97 -49.93 -22.72
C1 PIO X . -15.18 -60.77 -40.04
O1 PIO X . -15.97 -59.73 -39.37
P1 PIO X . -15.45 -58.89 -38.11
C2 PIO X . -15.64 -60.83 -41.49
O2 PIO X . -15.42 -59.58 -42.13
C3 PIO X . -17.11 -61.19 -41.57
O3 PIO X . -17.89 -60.18 -40.94
C4 PIO X . -17.37 -62.54 -40.91
O4 PIO X . -16.60 -63.57 -41.62
P4 PIO X . -16.90 -64.03 -43.14
C5 PIO X . -16.92 -62.52 -39.46
O5 PIO X . -17.75 -61.56 -38.72
P5 PIO X . -19.33 -61.77 -38.43
C6 PIO X . -15.46 -62.10 -39.33
O6 PIO X . -14.63 -63.12 -39.91
O11 PIO X . -16.59 -58.14 -37.50
O12 PIO X . -14.59 -59.76 -37.23
O13 PIO X . -14.49 -57.81 -38.85
C1A PIO X . -12.20 -57.20 -41.61
O1A PIO X . -11.11 -57.70 -41.61
C1B PIO X . -13.43 -52.97 -41.13
O1B PIO X . -12.65 -52.21 -41.63
C1C PIO X . -15.00 -57.12 -40.02
C2A PIO X . -13.10 -57.19 -42.81
C2B PIO X . -14.91 -52.99 -41.45
C2C PIO X . -14.02 -56.06 -40.48
O2C PIO X . -12.66 -56.59 -40.50
C3A PIO X . -12.60 -58.04 -43.95
C3B PIO X . -15.23 -53.52 -42.82
C3C PIO X . -14.09 -54.78 -39.70
O3C PIO X . -13.08 -53.86 -40.19
O41 PIO X . -16.04 -65.27 -43.37
O42 PIO X . -18.38 -64.34 -43.20
O43 PIO X . -16.52 -62.89 -44.07
C4A PIO X . -11.80 -57.24 -44.98
C4B PIO X . -14.64 -52.68 -43.94
O51 PIO X . -19.70 -60.68 -37.44
O52 PIO X . -20.07 -61.61 -39.75
O53 PIO X . -19.48 -63.16 -37.85
C5A PIO X . -10.55 -56.58 -44.47
C5B PIO X . -14.84 -53.27 -45.31
C6A PIO X . -9.65 -55.98 -45.53
C6B PIO X . -14.26 -52.43 -46.43
C7A PIO X . -10.15 -54.81 -46.34
C7B PIO X . -12.78 -52.18 -46.29
C8A PIO X . -11.00 -55.14 -47.55
C8B PIO X . -12.19 -51.34 -47.41
#